data_3KLS
#
_entry.id   3KLS
#
_cell.length_a   143.875
_cell.length_b   143.875
_cell.length_c   241.240
_cell.angle_alpha   90.00
_cell.angle_beta   90.00
_cell.angle_gamma   120.00
#
_symmetry.space_group_name_H-M   'P 31'
#
loop_
_entity.id
_entity.type
_entity.pdbx_description
1 polymer 'Complement C5'
2 polymer 'Exotoxin 1'
3 branched 2-acetamido-2-deoxy-beta-D-glucopyranose-(1-4)-2-acetamido-2-deoxy-beta-D-glucopyranose
4 non-polymer 'CADMIUM ION'
5 non-polymer 2-acetamido-2-deoxy-beta-D-glucopyranose
#
loop_
_entity_poly.entity_id
_entity_poly.type
_entity_poly.pdbx_seq_one_letter_code
_entity_poly.pdbx_strand_id
1 'polypeptide(L)'
;MGLLGILCFLIFLGKTWGQEQTYVISAPKIFRVGASENIVIQVYGYTEAFDATISIKSYPDKKFSYSSGHVHLSSENKFQ
NSAILTIQPKQLPGGQNPVSYVYLEVVSKHFSKSKRMPITYDNGFLFIHTDKPVYTPDQSVKVRVYSLNDDLKPAKRETV
LTFIDPEGSEVDMVEEIDHIGIISFPDFKIPSNPRYGMWTIKAKYKEDFSTTGTAYFEVKEYVLPHFSVSIEPEYNFIGY
KNFKNFEITIKARYFYNKVVTEADVYITFGIREDLKDDQKEMMQTAMQNTMLINGIAQVTFDSETAVKELSYYSLEDLNN
KYLYIAVTVIESTGGFSEEAEIPGIKYVLSPYKLNLVATPLFLKPGIPYPIKVQVKDSLDQLVGGVPVTLNAQTIDVNQE
TSDLDPSKSVTRVDDGVASFVLNLPSGVTVLEFNVKTDAPDLPEENQAREGYRAIAYSSLSQSYLYIDWTDNHKALLVGE
HLNIIVTPKSPYIDKITHYNYLILSKGKIIHFGTREKFSDASYQSINIPVTQNMVPSSRLLVYYIVTGEQTAELVSDSVW
LNIEEKCGNQLQVHLSPDADAYSPGQTVSLNMATGMDSWVALAAVDSAVYGVQRGAKKPLERVFQFLEKSDLGCGAGGGL
NNANVFHLAGLTFLTNANADDSQENDEPCKEILRPRRTLQKKIEEIAAKYKHSVVKKCCYDGACVNNDETCEQRAARISL
GPRCIKAFTECCVVASQLRANISHKDMQLGRLHMKTLLPVSKPEIRSYFPESWLWEVHLVPRRKQLQFALPDSLTTWEIQ
GIGISNTGICVADTVKAKVFKDVFLEMNIPYSVVRGEQIQLKGTVYNYRTSGMQFCVKMSAVEGICTSESPVIDHQGTKS
SKCVRQKVEGSSSHLVTFTVLPLEIGLHNINFSLETWFGKEILVKTLRVVPEGVKRESYSGVTLDPRGIYGTISRRKEFP
YRIPLDLVPKTEIKRILSVKGLLVGEILSAVLSQEGINILTHLPKGSAEAELMSVVPVFYVFHYLETGNHWNIFHSDPLI
EKQKLKKKLKEGMLSIMSYRNADYSYSVWKGGSASTWLTAFALRVLGQVNKYVEQNQNSICNSLLWLVENYQLDNGSFKE
NSQYQPIKLQGTLPVEARENSLYLTAFTVIGIRKAFDICPLVKIDTALIKADNFLLENTLPAQSTFTLAISAYALSLGDK
THPQFRSIVSALKREALVKGNPPIYRFWKDNLQHKDSSVPNTGTARMVETTAYALLTSLNLKDINYVNPVIKWLSEEQRY
GGGFYSTQDTINAIEGLTEYSLLVKQLRLSMDIDVSYKHKGALHNYKMTDKNFLGRPVEVLLNDDLIVSTGFGSGLATVH
VTTVVHKTSTSEEVCSFYLKIDTQDIEASHYRGYGNSDYKRIVACASYKPSREESSSGSSHAVMDISLPTGISANEEDLK
ALVEGVDQLFTDYQIKDGHVILQLNSIPSSDFLCVRFRIFELFEVGFLSPATFTVYEYHRPDKQCTMFYSTSNIKIQKVC
EGAACKCVEADCGQMQEELDLTISAETRKQTACKPEIAYAYKVSITSITVENVFVKYKATLLDIYKTGEAVAEKDSEITF
IKKVTCTNAELVKGRQYLIMGKEALQIKYNFSFRYIYPLDSLTWIEYWPRDTTCSSCQAFLANLDEFAEDIFLNGC
;
A,B
2 'polypeptide(L)'
;MKLKTLAKATLALGLLTTGVITSEGQAVQAAEKQGRVQHLHDIRDLHRYYSSESFEYSNVSGKVENYNGSNVVRFNPKDQ
NHQLFLLGKDKEQYKEGLQGQNVFVVQELIDPNGRLSTVGGVTKKNNKTSETNTPLFVNKVNGEDLDASIDSFLIQKEEI
SLKELDFKIRQQLVNNYGLYKGTSKYGKIIINLKDENKVEIDLGDKLQFERMGDVLNSKDIRGISVTINQI
;
X,Y
#
# COMPACT_ATOMS: atom_id res chain seq x y z
N THR A 22 73.53 17.58 16.30
CA THR A 22 72.47 18.14 17.13
C THR A 22 71.76 17.06 17.93
N TYR A 23 71.02 17.46 18.96
CA TYR A 23 70.24 16.51 19.72
C TYR A 23 68.74 16.67 19.49
N VAL A 24 68.03 15.56 19.65
CA VAL A 24 66.58 15.49 19.59
C VAL A 24 66.10 14.69 20.80
N ILE A 25 65.11 15.27 21.46
CA ILE A 25 64.57 14.70 22.68
C ILE A 25 63.08 14.85 22.56
N SER A 26 62.43 13.80 22.08
CA SER A 26 61.02 13.91 21.79
C SER A 26 60.22 13.67 23.05
N ALA A 27 59.01 14.22 23.09
CA ALA A 27 58.07 13.89 24.15
C ALA A 27 56.70 14.49 23.89
N PRO A 28 55.67 13.93 24.56
CA PRO A 28 54.28 14.31 24.36
C PRO A 28 54.05 15.81 24.38
N LYS A 29 52.91 16.24 23.88
CA LYS A 29 52.52 17.64 23.93
C LYS A 29 52.13 18.01 25.40
N ILE A 30 51.63 17.01 26.13
CA ILE A 30 51.21 17.22 27.53
C ILE A 30 51.78 16.10 28.40
N PHE A 31 51.93 16.35 29.70
CA PHE A 31 52.13 15.27 30.63
C PHE A 31 50.87 14.94 31.41
N ARG A 32 50.93 13.82 32.10
CA ARG A 32 49.83 13.36 32.92
C ARG A 32 50.40 12.86 34.21
N VAL A 33 49.66 13.18 35.27
CA VAL A 33 49.93 12.70 36.59
C VAL A 33 49.71 11.21 36.64
N GLY A 34 50.54 10.49 37.38
CA GLY A 34 50.45 9.04 37.43
C GLY A 34 50.75 8.43 36.08
N ALA A 35 51.19 9.27 35.15
CA ALA A 35 51.45 8.79 33.82
C ALA A 35 52.93 8.54 33.63
N SER A 36 53.24 7.36 33.11
CA SER A 36 54.60 6.99 32.74
C SER A 36 54.92 7.70 31.47
N GLU A 37 55.54 8.87 31.57
CA GLU A 37 55.76 9.67 30.39
C GLU A 37 56.98 9.21 29.58
N ASN A 38 56.71 8.68 28.39
CA ASN A 38 57.75 8.20 27.49
C ASN A 38 58.50 9.33 26.79
N ILE A 39 59.83 9.27 26.87
CA ILE A 39 60.72 10.30 26.32
C ILE A 39 61.96 9.68 25.66
N VAL A 40 61.96 9.59 24.34
CA VAL A 40 63.17 9.13 23.63
C VAL A 40 64.18 10.26 23.56
N ILE A 41 65.44 9.85 23.53
CA ILE A 41 66.54 10.73 23.28
C ILE A 41 67.42 10.00 22.31
N GLN A 42 67.95 10.75 21.38
CA GLN A 42 68.67 10.20 20.27
C GLN A 42 69.39 11.40 19.77
N VAL A 43 70.60 11.24 19.22
CA VAL A 43 71.41 12.41 18.87
C VAL A 43 72.51 12.10 17.87
N TYR A 44 73.02 13.17 17.23
CA TYR A 44 74.05 13.08 16.19
C TYR A 44 75.51 13.29 16.71
N GLY A 45 75.73 13.15 18.01
CA GLY A 45 77.05 13.34 18.60
C GLY A 45 78.07 12.39 18.02
N TYR A 46 79.30 12.88 17.87
CA TYR A 46 80.43 12.09 17.40
C TYR A 46 80.69 10.82 18.23
N THR A 47 81.90 10.26 18.06
CA THR A 47 82.28 8.95 18.62
C THR A 47 82.18 8.88 20.14
N GLU A 48 82.56 9.95 20.79
CA GLU A 48 82.63 9.97 22.22
C GLU A 48 81.28 9.61 22.82
N ALA A 49 81.14 8.40 23.34
CA ALA A 49 79.94 8.06 24.11
C ALA A 49 79.67 9.23 25.07
N PHE A 50 78.47 9.25 25.69
CA PHE A 50 78.19 10.29 26.71
C PHE A 50 76.87 10.19 27.48
N ASP A 51 76.95 10.25 28.81
CA ASP A 51 75.79 10.09 29.69
C ASP A 51 74.65 11.05 29.40
N ALA A 52 73.45 10.65 29.81
CA ALA A 52 72.20 11.38 29.58
C ALA A 52 71.17 11.11 30.71
N THR A 53 70.92 12.12 31.54
CA THR A 53 69.93 12.03 32.62
C THR A 53 68.79 13.01 32.40
N ILE A 54 67.58 12.59 32.68
CA ILE A 54 66.43 13.46 32.45
C ILE A 54 65.68 13.50 33.76
N SER A 55 64.70 14.38 33.86
CA SER A 55 63.89 14.51 35.06
C SER A 55 62.85 15.61 34.97
N ILE A 56 61.97 15.65 35.96
CA ILE A 56 60.82 16.55 35.94
C ILE A 56 60.89 17.59 37.06
N LYS A 57 60.94 18.88 36.69
CA LYS A 57 61.21 19.97 37.65
C LYS A 57 60.28 21.20 37.49
N SER A 58 59.98 21.83 38.62
CA SER A 58 58.75 22.61 38.81
C SER A 58 58.74 24.09 38.47
N TYR A 59 57.96 24.48 37.47
CA TYR A 59 57.95 25.85 36.95
C TYR A 59 59.29 26.63 37.11
N PRO A 60 59.28 27.89 37.61
CA PRO A 60 60.57 28.60 37.45
C PRO A 60 61.70 28.22 38.44
N ASP A 61 61.39 27.49 39.50
CA ASP A 61 62.40 27.01 40.44
C ASP A 61 62.75 25.55 40.16
N LYS A 62 63.96 25.29 39.69
CA LYS A 62 64.35 23.89 39.43
C LYS A 62 64.67 23.12 40.73
N LYS A 63 63.86 23.34 41.76
CA LYS A 63 64.04 22.69 43.06
C LYS A 63 63.46 21.27 43.14
N PHE A 64 62.14 21.15 43.05
CA PHE A 64 61.54 19.83 43.09
C PHE A 64 61.88 19.05 41.82
N SER A 65 62.33 17.82 41.97
CA SER A 65 62.53 16.91 40.83
C SER A 65 61.95 15.53 41.16
N TYR A 66 60.72 15.31 40.67
CA TYR A 66 59.91 14.19 41.10
C TYR A 66 60.61 12.88 40.76
N SER A 67 61.07 12.79 39.51
CA SER A 67 61.85 11.65 39.08
C SER A 67 62.72 11.96 37.87
N SER A 68 63.50 10.96 37.47
CA SER A 68 64.59 11.14 36.53
C SER A 68 65.02 9.80 35.93
N GLY A 69 66.16 9.80 35.25
CA GLY A 69 66.66 8.56 34.67
C GLY A 69 68.06 8.67 34.10
N HIS A 70 68.92 7.76 34.51
CA HIS A 70 70.32 7.73 34.09
C HIS A 70 70.48 6.79 32.91
N VAL A 71 70.18 7.29 31.71
CA VAL A 71 70.16 6.46 30.51
C VAL A 71 71.29 6.80 29.53
N HIS A 72 72.35 6.00 29.57
CA HIS A 72 73.60 6.35 28.89
C HIS A 72 73.73 5.83 27.48
N LEU A 73 73.51 6.69 26.50
CA LEU A 73 73.70 6.30 25.11
C LEU A 73 75.17 6.14 24.76
N SER A 74 75.44 5.80 23.50
CA SER A 74 76.78 5.56 23.00
C SER A 74 76.66 5.21 21.53
N SER A 75 77.78 5.01 20.84
CA SER A 75 77.75 4.56 19.44
C SER A 75 77.15 3.15 19.32
N GLU A 76 76.97 2.51 20.46
CA GLU A 76 76.43 1.15 20.53
C GLU A 76 74.91 1.15 20.50
N ASN A 77 74.34 2.16 21.16
CA ASN A 77 72.90 2.42 21.21
C ASN A 77 72.55 3.47 20.18
N LYS A 78 73.37 3.59 19.14
CA LYS A 78 73.23 4.64 18.14
C LYS A 78 72.88 5.98 18.74
N PHE A 79 73.27 6.16 19.99
CA PHE A 79 73.01 7.40 20.71
C PHE A 79 71.54 7.62 20.69
N GLN A 80 70.83 6.76 21.41
CA GLN A 80 69.37 6.79 21.54
C GLN A 80 68.93 6.04 22.80
N ASN A 81 67.89 6.51 23.47
CA ASN A 81 67.50 5.87 24.73
C ASN A 81 66.15 6.33 25.26
N SER A 82 65.71 5.76 26.35
CA SER A 82 64.38 6.05 26.83
C SER A 82 64.28 6.06 28.34
N ALA A 83 63.33 6.82 28.86
CA ALA A 83 63.20 6.95 30.30
C ALA A 83 61.74 7.09 30.71
N ILE A 84 61.37 6.44 31.80
CA ILE A 84 60.04 6.63 32.37
C ILE A 84 60.05 7.63 33.56
N LEU A 85 60.04 8.91 33.21
CA LEU A 85 59.81 9.98 34.17
C LEU A 85 58.44 9.74 34.70
N THR A 86 57.95 10.62 35.56
CA THR A 86 56.60 10.44 36.04
C THR A 86 56.22 11.35 37.21
N ILE A 87 55.41 12.35 36.88
CA ILE A 87 54.93 13.32 37.84
C ILE A 87 53.81 12.73 38.67
N GLN A 88 54.10 12.37 39.91
CA GLN A 88 53.06 11.88 40.80
C GLN A 88 52.36 13.08 41.44
N PRO A 89 51.45 12.83 42.40
CA PRO A 89 50.84 13.84 43.30
C PRO A 89 51.78 14.67 44.24
N LYS A 90 51.73 16.00 44.06
CA LYS A 90 52.50 16.95 44.87
C LYS A 90 51.61 18.05 45.39
N GLN A 91 51.36 19.05 44.56
CA GLN A 91 50.44 20.12 44.93
C GLN A 91 49.00 19.65 45.00
N LEU A 92 48.47 19.55 46.22
CA LEU A 92 47.09 19.16 46.46
C LEU A 92 46.13 20.31 46.84
N PRO A 93 46.64 21.54 47.01
CA PRO A 93 45.73 22.57 47.54
C PRO A 93 44.59 22.88 46.58
N GLY A 94 43.37 22.54 46.98
CA GLY A 94 42.20 22.89 46.19
C GLY A 94 42.08 24.39 46.13
N GLY A 95 41.80 24.92 44.94
CA GLY A 95 41.72 26.36 44.76
C GLY A 95 42.98 26.92 44.12
N GLN A 96 44.13 26.71 44.76
CA GLN A 96 45.37 27.09 44.12
C GLN A 96 45.28 26.47 42.76
N ASN A 97 45.64 27.22 41.73
CA ASN A 97 45.75 26.64 40.40
C ASN A 97 47.09 25.91 40.35
N PRO A 98 47.13 24.71 40.94
CA PRO A 98 48.41 24.08 41.18
C PRO A 98 48.86 23.46 39.88
N VAL A 99 50.09 22.98 39.81
CA VAL A 99 50.42 22.02 38.79
C VAL A 99 50.41 22.61 37.37
N SER A 100 49.65 23.68 37.15
CA SER A 100 49.57 24.26 35.82
C SER A 100 50.97 24.62 35.35
N TYR A 101 51.51 23.85 34.41
CA TYR A 101 52.87 24.09 33.91
C TYR A 101 53.96 23.43 34.73
N VAL A 102 54.89 22.78 34.04
CA VAL A 102 56.09 22.25 34.67
C VAL A 102 57.24 22.33 33.70
N TYR A 103 58.39 21.81 34.14
CA TYR A 103 59.63 21.90 33.40
C TYR A 103 60.25 20.52 33.12
N LEU A 104 60.44 20.24 31.83
CA LEU A 104 61.11 19.04 31.38
C LEU A 104 62.57 19.41 31.35
N GLU A 105 63.41 18.48 31.77
CA GLU A 105 64.85 18.74 31.77
C GLU A 105 65.63 17.52 31.33
N VAL A 106 66.73 17.79 30.64
CA VAL A 106 67.64 16.74 30.23
C VAL A 106 69.05 17.21 30.57
N VAL A 107 69.95 16.26 30.75
CA VAL A 107 71.30 16.57 31.23
C VAL A 107 72.31 15.68 30.51
N SER A 108 73.51 16.20 30.28
CA SER A 108 74.57 15.44 29.63
C SER A 108 75.93 16.03 29.99
N LYS A 109 76.97 15.70 29.22
CA LYS A 109 78.27 16.38 29.39
C LYS A 109 78.37 17.62 28.48
N HIS A 110 77.63 17.59 27.37
CA HIS A 110 77.81 18.56 26.28
C HIS A 110 76.81 19.71 26.22
N PHE A 111 75.58 19.46 26.68
CA PHE A 111 74.60 20.54 26.79
C PHE A 111 73.61 20.26 27.92
N SER A 112 72.83 21.25 28.25
CA SER A 112 71.66 21.02 29.05
C SER A 112 70.55 21.92 28.57
N LYS A 113 69.33 21.36 28.50
CA LYS A 113 68.14 22.05 28.01
C LYS A 113 66.85 21.50 28.60
N SER A 114 65.84 22.36 28.63
CA SER A 114 64.60 22.06 29.32
C SER A 114 63.42 22.76 28.62
N LYS A 115 62.22 22.69 29.18
CA LYS A 115 61.04 23.24 28.51
C LYS A 115 59.88 23.56 29.44
N ARG A 116 59.17 24.65 29.14
CA ARG A 116 57.90 24.98 29.80
C ARG A 116 56.75 24.40 29.01
N MET A 117 55.96 23.52 29.60
CA MET A 117 54.95 22.81 28.83
C MET A 117 53.81 22.25 29.69
N PRO A 118 52.57 22.69 29.41
CA PRO A 118 51.38 22.40 30.20
C PRO A 118 51.17 20.91 30.53
N ILE A 119 50.48 20.65 31.63
CA ILE A 119 50.19 19.29 32.09
C ILE A 119 48.79 19.15 32.65
N THR A 120 48.35 17.90 32.84
CA THR A 120 46.96 17.63 33.20
C THR A 120 46.74 16.44 34.12
N TYR A 121 45.51 16.41 34.63
CA TYR A 121 45.09 15.53 35.72
C TYR A 121 44.25 14.40 35.23
N ASP A 122 44.03 14.34 33.93
CA ASP A 122 43.35 13.21 33.33
C ASP A 122 44.24 11.98 33.26
N ASN A 123 44.07 11.01 34.13
CA ASN A 123 44.84 9.79 33.99
C ASN A 123 43.92 8.59 33.89
N GLY A 124 43.91 7.96 32.71
CA GLY A 124 43.16 6.74 32.44
C GLY A 124 41.76 6.95 31.89
N PHE A 125 40.89 5.99 32.15
CA PHE A 125 39.60 5.89 31.50
C PHE A 125 38.57 5.23 32.43
N LEU A 126 37.40 5.86 32.63
CA LEU A 126 36.34 5.19 33.37
C LEU A 126 35.25 4.62 32.43
N PHE A 127 34.98 3.32 32.53
CA PHE A 127 34.06 2.63 31.62
C PHE A 127 32.83 2.10 32.36
N ILE A 128 31.68 2.75 32.21
CA ILE A 128 30.50 2.41 33.05
C ILE A 128 29.51 1.39 32.46
N HIS A 129 29.63 0.16 32.91
CA HIS A 129 28.86 -0.95 32.35
C HIS A 129 27.55 -1.22 33.09
N THR A 130 26.52 -0.47 32.71
CA THR A 130 25.20 -0.76 33.25
C THR A 130 24.76 -2.01 32.53
N ASP A 131 23.98 -2.87 33.17
CA ASP A 131 23.68 -4.14 32.54
C ASP A 131 22.84 -3.98 31.27
N LYS A 132 21.75 -3.23 31.35
CA LYS A 132 20.98 -2.94 30.14
C LYS A 132 20.62 -1.46 30.07
N PRO A 133 20.07 -0.99 28.94
CA PRO A 133 20.10 0.46 28.89
C PRO A 133 18.68 0.98 29.01
N VAL A 134 17.73 0.17 29.46
CA VAL A 134 16.40 0.71 29.72
C VAL A 134 15.69 -0.01 30.84
N TYR A 135 15.16 0.79 31.77
CA TYR A 135 14.48 0.26 32.95
C TYR A 135 13.09 0.79 33.17
N THR A 136 12.35 0.01 33.94
CA THR A 136 10.98 0.33 34.25
C THR A 136 10.86 0.34 35.74
N PRO A 137 9.98 1.21 36.27
CA PRO A 137 9.79 1.35 37.70
C PRO A 137 10.06 0.05 38.44
N ASP A 138 11.01 0.11 39.37
CA ASP A 138 11.26 -0.93 40.37
C ASP A 138 12.27 -1.99 39.99
N GLN A 139 12.79 -1.94 38.76
CA GLN A 139 13.84 -2.88 38.36
C GLN A 139 15.06 -2.47 39.16
N SER A 140 16.05 -3.36 39.25
CA SER A 140 17.29 -2.98 39.92
C SER A 140 18.42 -2.90 38.91
N VAL A 141 18.94 -1.70 38.72
CA VAL A 141 20.02 -1.46 37.77
C VAL A 141 21.27 -2.19 38.20
N LYS A 142 21.72 -3.16 37.41
CA LYS A 142 23.02 -3.75 37.68
C LYS A 142 24.08 -2.79 37.17
N VAL A 143 25.22 -2.69 37.84
CA VAL A 143 26.30 -1.81 37.39
C VAL A 143 27.70 -2.23 37.83
N ARG A 144 28.67 -1.98 36.95
CA ARG A 144 30.07 -2.07 37.32
C ARG A 144 30.88 -1.06 36.50
N VAL A 145 32.17 -0.96 36.81
CA VAL A 145 33.04 0.02 36.17
C VAL A 145 34.32 -0.70 35.79
N TYR A 146 34.68 -0.62 34.51
CA TYR A 146 35.99 -1.02 34.04
C TYR A 146 36.81 0.25 34.00
N SER A 147 37.93 0.26 34.71
CA SER A 147 38.77 1.45 34.79
C SER A 147 40.23 1.12 34.48
N LEU A 148 40.83 1.96 33.64
CA LEU A 148 42.21 1.77 33.23
C LEU A 148 42.98 3.07 33.42
N ASN A 149 44.28 2.94 33.50
CA ASN A 149 45.13 4.11 33.63
C ASN A 149 45.65 4.46 32.25
N ASP A 150 46.59 5.41 32.23
CA ASP A 150 47.26 5.89 31.02
C ASP A 150 47.90 4.79 30.21
N ASP A 151 48.17 3.70 30.91
CA ASP A 151 48.82 2.54 30.34
C ASP A 151 47.88 1.39 30.10
N LEU A 152 46.58 1.68 30.04
CA LEU A 152 45.58 0.65 29.75
C LEU A 152 45.79 -0.66 30.52
N LYS A 153 46.15 -0.53 31.79
CA LYS A 153 46.33 -1.71 32.67
C LYS A 153 45.41 -1.49 33.88
N PRO A 154 45.11 -2.57 34.62
CA PRO A 154 44.10 -2.59 35.68
C PRO A 154 43.78 -1.21 36.25
N ALA A 155 44.82 -0.48 36.65
CA ALA A 155 44.66 0.90 37.13
C ALA A 155 44.03 1.01 38.53
N LYS A 156 44.32 0.04 39.40
CA LYS A 156 43.62 -0.04 40.68
C LYS A 156 43.58 1.31 41.34
N ARG A 157 42.42 1.68 41.87
CA ARG A 157 42.21 2.97 42.49
C ARG A 157 40.86 2.92 43.15
N GLU A 158 40.52 3.91 43.97
CA GLU A 158 39.13 3.99 44.43
C GLU A 158 38.31 5.04 43.68
N THR A 159 37.18 4.60 43.12
CA THR A 159 36.37 5.40 42.21
C THR A 159 35.00 5.73 42.79
N VAL A 160 34.39 6.81 42.31
CA VAL A 160 33.11 7.22 42.87
C VAL A 160 32.09 7.78 41.91
N LEU A 161 30.98 7.06 41.79
CA LEU A 161 29.92 7.50 40.91
C LEU A 161 28.75 8.12 41.66
N THR A 162 27.83 8.66 40.88
CA THR A 162 26.82 9.58 41.38
C THR A 162 25.69 9.71 40.36
N PHE A 163 24.69 8.83 40.48
CA PHE A 163 23.51 8.86 39.60
C PHE A 163 22.78 10.19 39.55
N ILE A 164 22.32 10.57 38.37
CA ILE A 164 21.72 11.88 38.25
C ILE A 164 20.40 11.85 37.55
N ASP A 165 19.35 12.16 38.28
CA ASP A 165 18.01 11.98 37.75
C ASP A 165 17.83 12.77 36.46
N PRO A 166 16.80 12.44 35.71
CA PRO A 166 16.54 13.02 34.39
C PRO A 166 16.31 14.51 34.44
N GLU A 167 16.55 15.15 35.56
CA GLU A 167 16.35 16.57 35.62
C GLU A 167 17.64 17.22 35.99
N GLY A 168 18.60 16.41 36.39
CA GLY A 168 19.94 16.91 36.59
C GLY A 168 20.22 17.31 38.01
N SER A 169 19.48 16.74 38.94
CA SER A 169 19.92 16.78 40.32
C SER A 169 20.48 15.42 40.70
N GLU A 170 21.52 15.43 41.53
CA GLU A 170 22.10 14.19 42.00
C GLU A 170 21.00 13.42 42.71
N VAL A 171 21.24 12.17 43.05
CA VAL A 171 20.23 11.42 43.79
C VAL A 171 20.87 10.36 44.66
N ASP A 172 22.15 10.07 44.41
CA ASP A 172 22.83 9.04 45.20
C ASP A 172 24.34 9.25 45.04
N MET A 173 25.12 8.29 45.53
CA MET A 173 26.54 8.37 45.42
C MET A 173 27.05 7.11 46.07
N VAL A 174 28.23 6.67 45.66
CA VAL A 174 28.92 5.59 46.36
C VAL A 174 30.32 5.30 45.79
N GLU A 175 31.29 5.07 46.69
CA GLU A 175 32.63 4.71 46.30
C GLU A 175 32.82 3.21 46.49
N GLU A 176 33.94 2.66 46.00
CA GLU A 176 34.23 1.22 46.14
C GLU A 176 35.71 0.98 45.75
N ILE A 177 36.28 -0.14 46.20
CA ILE A 177 37.72 -0.40 46.04
C ILE A 177 38.05 -1.17 44.77
N ASP A 178 39.22 -0.90 44.17
CA ASP A 178 39.59 -1.52 42.89
C ASP A 178 40.58 -2.66 43.01
N HIS A 179 40.07 -3.86 43.25
CA HIS A 179 40.92 -5.01 43.46
C HIS A 179 41.53 -5.50 42.16
N ILE A 180 40.81 -5.37 41.04
CA ILE A 180 41.37 -5.86 39.78
C ILE A 180 41.20 -4.96 38.54
N GLY A 181 40.20 -4.10 38.56
CA GLY A 181 39.97 -3.19 37.44
C GLY A 181 38.50 -3.25 37.09
N ILE A 182 37.83 -4.25 37.66
CA ILE A 182 36.40 -4.44 37.49
C ILE A 182 35.65 -4.06 38.76
N ILE A 183 35.78 -2.80 39.16
CA ILE A 183 35.03 -2.26 40.28
C ILE A 183 33.55 -2.65 40.23
N SER A 184 33.08 -3.31 41.28
CA SER A 184 31.69 -3.82 41.31
C SER A 184 30.78 -3.09 42.33
N PHE A 185 29.95 -2.18 41.81
CA PHE A 185 29.09 -1.35 42.64
C PHE A 185 27.78 -2.02 42.99
N PRO A 186 26.99 -1.37 43.86
CA PRO A 186 25.78 -2.00 44.35
C PRO A 186 24.61 -1.56 43.50
N ASP A 187 23.72 -2.51 43.20
CA ASP A 187 22.52 -2.27 42.40
C ASP A 187 21.73 -1.03 42.89
N PHE A 188 21.14 -0.31 41.93
CA PHE A 188 20.44 0.94 42.18
C PHE A 188 19.01 0.75 41.80
N LYS A 189 18.16 0.59 42.81
CA LYS A 189 16.75 0.24 42.63
C LYS A 189 15.95 1.43 42.09
N ILE A 190 15.37 1.26 40.92
CA ILE A 190 14.52 2.29 40.35
C ILE A 190 13.29 2.49 41.27
N PRO A 191 12.99 3.75 41.64
CA PRO A 191 11.86 4.13 42.48
C PRO A 191 10.51 3.48 42.11
N SER A 192 9.64 3.33 43.11
CA SER A 192 8.31 2.75 42.92
C SER A 192 7.60 3.50 41.80
N ASN A 193 7.79 4.81 41.82
CA ASN A 193 7.23 5.70 40.83
C ASN A 193 8.24 6.79 40.55
N PRO A 194 9.21 6.51 39.65
CA PRO A 194 10.39 7.32 39.43
C PRO A 194 10.13 8.56 38.62
N ARG A 195 11.20 9.33 38.47
CA ARG A 195 11.25 10.52 37.63
C ARG A 195 11.63 9.99 36.24
N TYR A 196 10.67 9.92 35.33
CA TYR A 196 10.84 9.13 34.13
C TYR A 196 11.65 9.86 33.10
N GLY A 197 12.65 9.19 32.56
CA GLY A 197 13.45 9.80 31.51
C GLY A 197 14.94 9.49 31.48
N MET A 198 15.73 10.43 31.00
CA MET A 198 17.14 10.17 30.73
C MET A 198 18.02 10.24 31.99
N TRP A 199 18.39 9.09 32.53
CA TRP A 199 19.31 9.06 33.68
C TRP A 199 20.76 9.26 33.24
N THR A 200 21.64 9.62 34.15
CA THR A 200 23.03 9.79 33.80
C THR A 200 23.84 9.25 34.94
N ILE A 201 24.78 8.37 34.70
CA ILE A 201 25.70 8.00 35.76
C ILE A 201 27.09 8.56 35.48
N LYS A 202 27.56 9.51 36.28
CA LYS A 202 28.95 9.97 36.12
C LYS A 202 29.90 9.23 37.08
N ALA A 203 31.19 9.23 36.79
CA ALA A 203 32.15 8.59 37.71
C ALA A 203 33.51 9.28 37.69
N LYS A 204 34.06 9.54 38.89
CA LYS A 204 35.34 10.25 39.06
C LYS A 204 36.25 9.53 40.03
N TYR A 205 37.55 9.78 39.91
CA TYR A 205 38.48 9.05 40.74
C TYR A 205 38.44 9.68 42.11
N LYS A 206 38.23 8.89 43.16
CA LYS A 206 38.07 9.47 44.50
C LYS A 206 39.23 10.43 44.74
N GLU A 207 40.42 9.85 44.79
CA GLU A 207 41.64 10.60 44.94
C GLU A 207 41.90 11.58 43.78
N ASP A 208 43.14 12.03 43.63
CA ASP A 208 43.48 12.98 42.59
C ASP A 208 43.36 12.29 41.27
N PHE A 209 43.31 13.09 40.21
CA PHE A 209 43.00 12.65 38.85
C PHE A 209 41.62 13.17 38.41
N SER A 210 41.58 13.93 37.31
CA SER A 210 40.33 14.54 36.84
C SER A 210 39.46 13.63 35.97
N THR A 211 39.99 12.46 35.67
CA THR A 211 39.40 11.54 34.71
C THR A 211 37.93 11.23 34.99
N THR A 212 37.13 11.25 33.94
CA THR A 212 35.67 11.20 34.04
C THR A 212 35.06 10.05 33.28
N GLY A 213 34.18 9.32 33.93
CA GLY A 213 33.35 8.40 33.21
C GLY A 213 31.95 8.96 33.11
N THR A 214 31.25 8.61 32.06
CA THR A 214 29.83 8.92 31.98
C THR A 214 29.15 7.81 31.23
N ALA A 215 27.89 7.61 31.57
CA ALA A 215 27.10 6.55 30.99
C ALA A 215 25.67 7.04 31.00
N TYR A 216 24.75 6.31 30.41
CA TYR A 216 23.36 6.65 30.62
C TYR A 216 22.48 5.42 30.68
N PHE A 217 21.25 5.64 31.13
CA PHE A 217 20.16 4.70 30.99
C PHE A 217 18.84 5.47 31.01
N GLU A 218 17.81 4.88 30.42
CA GLU A 218 16.54 5.57 30.36
C GLU A 218 15.50 4.83 31.18
N VAL A 219 14.84 5.57 32.05
CA VAL A 219 13.79 5.00 32.86
C VAL A 219 12.54 5.35 32.15
N LYS A 220 11.89 4.31 31.63
CA LYS A 220 10.57 4.47 31.02
C LYS A 220 9.50 3.73 31.84
N GLU A 221 8.28 4.23 31.70
CA GLU A 221 7.12 3.73 32.44
C GLU A 221 6.35 2.64 31.73
N TYR A 222 6.48 1.41 32.23
CA TYR A 222 5.84 0.28 31.60
C TYR A 222 4.31 0.33 31.68
N VAL A 223 3.67 -0.01 30.56
CA VAL A 223 2.21 -0.07 30.47
C VAL A 223 1.84 -1.38 29.81
N LEU A 224 0.80 -2.00 30.34
CA LEU A 224 0.28 -3.25 29.79
C LEU A 224 -0.37 -2.97 28.44
N PRO A 225 -0.02 -3.79 27.43
CA PRO A 225 -0.51 -3.61 26.06
C PRO A 225 -1.82 -4.35 25.86
N HIS A 226 -2.77 -3.71 25.19
CA HIS A 226 -4.06 -4.34 24.91
C HIS A 226 -4.06 -5.17 23.63
N PHE A 227 -3.30 -4.72 22.64
CA PHE A 227 -3.22 -5.38 21.35
C PHE A 227 -2.05 -4.84 20.61
N SER A 228 -1.36 -5.72 19.92
CA SER A 228 -0.14 -5.33 19.23
C SER A 228 -0.36 -4.27 18.12
N VAL A 229 0.16 -3.06 18.31
CA VAL A 229 0.18 -2.07 17.24
C VAL A 229 1.59 -2.00 16.68
N SER A 230 1.70 -2.24 15.37
CA SER A 230 2.96 -2.14 14.61
C SER A 230 2.92 -0.94 13.67
N ILE A 231 4.09 -0.40 13.35
CA ILE A 231 4.12 0.73 12.45
C ILE A 231 5.38 0.69 11.59
N GLU A 232 5.18 0.63 10.27
CA GLU A 232 6.25 0.43 9.31
C GLU A 232 6.25 1.51 8.23
N PRO A 233 7.42 2.07 7.97
CA PRO A 233 7.56 3.29 7.19
C PRO A 233 7.96 2.94 5.78
N GLU A 234 7.61 3.77 4.78
CA GLU A 234 7.92 3.38 3.41
C GLU A 234 9.36 2.89 3.25
N TYR A 235 10.34 3.72 3.60
CA TYR A 235 11.72 3.25 3.67
C TYR A 235 12.38 3.79 4.94
N ASN A 236 13.65 3.47 5.11
CA ASN A 236 14.37 3.78 6.35
C ASN A 236 15.05 5.14 6.41
N PHE A 237 15.10 5.82 5.28
CA PHE A 237 15.54 7.19 5.30
C PHE A 237 14.66 7.89 4.33
N ILE A 238 14.58 9.21 4.44
CA ILE A 238 13.91 9.97 3.43
C ILE A 238 14.90 10.70 2.53
N GLY A 239 14.62 10.62 1.23
CA GLY A 239 15.57 10.98 0.18
C GLY A 239 14.83 11.69 -0.93
N TYR A 240 15.52 12.46 -1.76
CA TYR A 240 14.77 13.45 -2.54
C TYR A 240 13.60 12.77 -3.21
N LYS A 241 13.80 11.50 -3.58
CA LYS A 241 12.80 10.73 -4.32
C LYS A 241 11.40 10.87 -3.69
N ASN A 242 11.26 10.43 -2.45
CA ASN A 242 10.03 10.68 -1.69
C ASN A 242 10.25 11.77 -0.66
N PHE A 243 9.31 12.70 -0.61
CA PHE A 243 9.47 13.92 0.16
C PHE A 243 8.31 14.76 -0.24
N LYS A 244 7.59 14.26 -1.24
CA LYS A 244 6.24 14.69 -1.44
C LYS A 244 5.36 13.51 -1.03
N ASN A 245 6.01 12.40 -0.67
CA ASN A 245 5.27 11.26 -0.12
C ASN A 245 6.15 10.17 0.56
N PHE A 246 5.52 9.38 1.46
CA PHE A 246 6.16 8.37 2.32
C PHE A 246 5.14 7.39 2.88
N GLU A 247 4.89 6.25 2.23
CA GLU A 247 3.76 5.32 2.58
C GLU A 247 4.03 4.63 3.96
N ILE A 248 3.49 5.21 5.05
CA ILE A 248 3.62 4.66 6.40
C ILE A 248 2.46 3.72 6.66
N THR A 249 2.74 2.43 6.80
CA THR A 249 1.68 1.43 7.00
C THR A 249 1.57 0.95 8.46
N ILE A 250 0.43 1.18 9.12
CA ILE A 250 0.27 0.70 10.48
C ILE A 250 -0.68 -0.50 10.56
N LYS A 251 -0.38 -1.47 11.41
CA LYS A 251 -1.12 -2.75 11.41
C LYS A 251 -1.48 -3.28 12.81
N ALA A 252 -2.78 -3.25 13.12
CA ALA A 252 -3.29 -3.52 14.46
C ALA A 252 -3.96 -4.90 14.60
N ARG A 253 -3.73 -5.56 15.74
CA ARG A 253 -4.17 -6.93 15.91
C ARG A 253 -4.10 -7.40 17.37
N TYR A 254 -5.11 -8.13 17.81
CA TYR A 254 -5.12 -8.67 19.18
C TYR A 254 -4.23 -9.89 19.32
N PHE A 255 -3.90 -10.25 20.55
CA PHE A 255 -2.91 -11.30 20.80
C PHE A 255 -3.50 -12.64 20.47
N TYR A 256 -4.82 -12.66 20.29
CA TYR A 256 -5.53 -13.89 19.99
C TYR A 256 -5.62 -14.21 18.50
N ASN A 257 -4.56 -13.88 17.76
CA ASN A 257 -4.46 -14.10 16.31
C ASN A 257 -5.64 -13.61 15.45
N LYS A 258 -6.15 -12.44 15.79
CA LYS A 258 -7.34 -11.92 15.15
C LYS A 258 -7.30 -10.41 15.05
N VAL A 259 -7.08 -9.90 13.85
CA VAL A 259 -6.80 -8.48 13.64
C VAL A 259 -7.89 -7.55 14.17
N VAL A 260 -7.48 -6.36 14.55
CA VAL A 260 -8.42 -5.31 14.89
C VAL A 260 -9.34 -5.13 13.72
N THR A 261 -10.57 -4.67 13.95
CA THR A 261 -11.46 -4.37 12.84
C THR A 261 -11.54 -2.88 12.61
N GLU A 262 -12.58 -2.23 13.11
CA GLU A 262 -12.60 -0.79 13.07
C GLU A 262 -11.70 -0.33 14.20
N ALA A 263 -11.08 0.83 14.01
CA ALA A 263 -10.21 1.40 15.02
C ALA A 263 -10.05 2.86 14.70
N ASP A 264 -9.71 3.65 15.71
CA ASP A 264 -9.44 5.06 15.50
C ASP A 264 -7.92 5.29 15.56
N VAL A 265 -7.31 5.78 14.47
CA VAL A 265 -5.87 6.00 14.40
C VAL A 265 -5.46 7.45 14.51
N TYR A 266 -4.46 7.73 15.34
CA TYR A 266 -3.98 9.10 15.50
C TYR A 266 -2.45 9.23 15.40
N ILE A 267 -1.99 9.62 14.22
CA ILE A 267 -0.55 9.76 13.97
C ILE A 267 -0.05 11.19 13.91
N THR A 268 0.96 11.49 14.72
CA THR A 268 1.52 12.83 14.81
C THR A 268 3.01 12.73 14.56
N PHE A 269 3.54 13.65 13.74
CA PHE A 269 4.96 13.62 13.38
C PHE A 269 5.78 14.67 14.06
N GLY A 270 7.08 14.65 13.78
CA GLY A 270 7.97 15.62 14.38
C GLY A 270 9.42 15.46 13.97
N ILE A 271 10.18 16.55 14.03
CA ILE A 271 11.58 16.53 13.64
C ILE A 271 12.41 16.07 14.79
N ARG A 272 13.72 16.12 14.67
CA ARG A 272 14.56 15.55 15.72
C ARG A 272 16.04 15.74 15.44
N GLU A 273 16.77 16.29 16.40
CA GLU A 273 18.20 16.46 16.23
C GLU A 273 18.89 15.10 16.11
N ASP A 274 18.58 14.21 17.04
CA ASP A 274 19.29 12.94 17.15
C ASP A 274 18.48 11.87 17.88
N LEU A 275 19.15 10.80 18.25
CA LEU A 275 18.48 9.77 19.04
C LEU A 275 18.98 9.69 20.51
N LYS A 276 19.65 10.74 20.99
CA LYS A 276 19.92 10.90 22.43
C LYS A 276 19.12 12.10 22.95
N ASP A 277 18.25 12.62 22.08
CA ASP A 277 17.43 13.80 22.37
C ASP A 277 16.03 13.36 22.80
N ASP A 278 15.76 13.47 24.10
CA ASP A 278 14.45 13.12 24.66
C ASP A 278 13.35 14.00 24.08
N GLN A 279 13.75 15.09 23.41
CA GLN A 279 12.81 16.10 22.93
C GLN A 279 12.90 16.36 21.45
N LYS A 280 11.76 16.67 20.87
CA LYS A 280 11.67 16.82 19.45
C LYS A 280 10.46 17.67 19.12
N GLU A 281 10.69 18.70 18.31
CA GLU A 281 9.65 19.64 17.97
C GLU A 281 8.57 19.02 17.10
N MET A 282 7.47 18.60 17.70
CA MET A 282 6.38 18.05 16.93
C MET A 282 5.94 19.03 15.86
N MET A 283 4.84 18.72 15.18
CA MET A 283 4.42 19.56 14.07
C MET A 283 2.91 19.46 13.93
N GLN A 284 2.26 20.63 13.90
CA GLN A 284 0.82 20.71 13.68
C GLN A 284 0.39 19.97 12.43
N THR A 285 -0.92 19.92 12.21
CA THR A 285 -1.42 19.34 10.99
C THR A 285 -0.69 18.01 10.75
N ALA A 286 -0.68 17.19 11.81
CA ALA A 286 -0.28 15.79 11.72
C ALA A 286 -1.53 14.93 11.58
N MET A 287 -1.74 14.42 10.36
CA MET A 287 -2.96 13.73 9.97
C MET A 287 -3.66 12.99 11.09
N GLN A 288 -4.98 13.12 11.09
CA GLN A 288 -5.84 12.42 12.02
C GLN A 288 -6.68 11.39 11.29
N ASN A 289 -7.01 10.31 11.99
CA ASN A 289 -7.95 9.33 11.52
C ASN A 289 -7.79 8.96 10.05
N THR A 290 -7.26 7.77 9.81
CA THR A 290 -7.59 7.04 8.61
C THR A 290 -8.00 5.74 9.22
N MET A 291 -8.99 5.85 10.11
CA MET A 291 -9.49 4.73 10.89
C MET A 291 -8.92 3.41 10.39
N LEU A 292 -8.18 2.73 11.25
CA LEU A 292 -7.69 1.40 10.94
C LEU A 292 -8.88 0.61 10.44
N ILE A 293 -8.64 -0.30 9.51
CA ILE A 293 -9.73 -1.01 8.90
C ILE A 293 -9.25 -2.37 8.46
N ASN A 294 -9.72 -3.39 9.16
CA ASN A 294 -9.30 -4.77 8.90
C ASN A 294 -7.80 -5.05 9.08
N GLY A 295 -7.18 -4.33 10.01
CA GLY A 295 -5.85 -4.65 10.46
C GLY A 295 -4.81 -3.78 9.81
N ILE A 296 -5.28 -2.83 9.01
CA ILE A 296 -4.41 -1.89 8.30
C ILE A 296 -5.02 -0.49 8.12
N ALA A 297 -4.12 0.49 8.08
CA ALA A 297 -4.40 1.82 7.59
C ALA A 297 -3.08 2.35 7.07
N GLN A 298 -3.14 3.43 6.31
CA GLN A 298 -1.98 3.94 5.61
C GLN A 298 -2.18 5.44 5.42
N VAL A 299 -1.11 6.18 5.36
CA VAL A 299 -1.19 7.54 4.86
C VAL A 299 0.19 7.83 4.38
N THR A 300 0.29 8.64 3.33
CA THR A 300 1.58 9.12 2.86
C THR A 300 1.81 10.50 3.43
N PHE A 301 3.07 10.85 3.62
CA PHE A 301 3.38 12.04 4.40
C PHE A 301 4.21 13.00 3.53
N ASP A 302 3.57 14.08 3.07
CA ASP A 302 4.24 15.11 2.28
C ASP A 302 5.10 15.92 3.23
N SER A 303 6.39 15.60 3.26
CA SER A 303 7.33 16.23 4.16
C SER A 303 7.55 17.71 3.81
N GLU A 304 7.44 18.05 2.53
CA GLU A 304 7.70 19.41 2.08
C GLU A 304 6.75 20.38 2.77
N THR A 305 5.46 20.18 2.52
CA THR A 305 4.40 20.84 3.24
C THR A 305 4.70 20.82 4.73
N ALA A 306 4.65 19.61 5.25
CA ALA A 306 4.60 19.34 6.68
C ALA A 306 5.80 19.79 7.50
N VAL A 307 6.56 20.77 7.01
CA VAL A 307 7.71 21.25 7.76
C VAL A 307 7.82 22.75 7.57
N LYS A 308 7.63 23.17 6.33
CA LYS A 308 7.87 24.56 5.95
C LYS A 308 7.40 25.49 7.05
N GLU A 309 6.16 25.97 6.95
CA GLU A 309 5.66 26.94 7.93
C GLU A 309 5.63 26.33 9.32
N LEU A 310 5.85 25.03 9.39
CA LEU A 310 5.73 24.33 10.66
C LEU A 310 7.07 24.20 11.39
N SER A 311 8.11 24.86 10.88
CA SER A 311 9.41 24.89 11.54
C SER A 311 10.39 25.74 10.73
N TYR A 312 11.61 25.90 11.22
CA TYR A 312 12.66 26.62 10.47
C TYR A 312 13.03 25.94 9.12
N TYR A 313 12.37 24.82 8.81
CA TYR A 313 12.75 23.98 7.66
C TYR A 313 11.94 24.16 6.36
N SER A 314 12.53 24.93 5.43
CA SER A 314 11.90 25.33 4.17
C SER A 314 12.54 24.67 2.94
N LEU A 315 13.86 24.48 2.99
CA LEU A 315 14.51 23.65 2.00
C LEU A 315 14.74 22.27 2.64
N GLU A 316 14.50 21.18 1.90
CA GLU A 316 14.80 19.84 2.38
C GLU A 316 16.30 19.74 2.63
N ASP A 317 17.07 20.33 1.71
CA ASP A 317 18.48 20.67 1.90
C ASP A 317 18.73 20.76 3.40
N LEU A 318 18.30 21.89 3.97
CA LEU A 318 18.19 22.21 5.41
C LEU A 318 17.50 21.12 6.22
N ASN A 319 18.15 19.99 6.41
CA ASN A 319 17.50 18.88 7.06
C ASN A 319 18.27 17.60 6.81
N ASN A 320 19.21 17.26 7.68
CA ASN A 320 19.86 15.96 7.60
C ASN A 320 19.84 15.31 8.96
N LYS A 321 18.74 15.66 9.65
CA LYS A 321 18.30 15.16 10.96
C LYS A 321 17.12 14.21 10.80
N TYR A 322 16.41 13.94 11.89
CA TYR A 322 15.47 12.83 11.92
C TYR A 322 14.00 13.17 11.70
N LEU A 323 13.21 12.19 11.28
CA LEU A 323 11.76 12.34 11.23
C LEU A 323 11.13 11.38 12.24
N TYR A 324 10.33 11.90 13.18
CA TYR A 324 9.71 11.09 14.26
C TYR A 324 8.23 10.77 14.03
N ILE A 325 7.89 9.48 14.10
CA ILE A 325 6.52 9.02 13.86
C ILE A 325 6.04 8.22 15.05
N ALA A 326 4.77 8.43 15.40
CA ALA A 326 4.18 7.80 16.56
C ALA A 326 2.67 7.82 16.41
N VAL A 327 2.13 6.62 16.33
CA VAL A 327 0.73 6.39 16.10
C VAL A 327 0.05 6.15 17.43
N THR A 328 -1.24 6.48 17.52
CA THR A 328 -2.11 5.98 18.60
C THR A 328 -3.40 5.35 18.03
N VAL A 329 -3.54 4.04 18.20
CA VAL A 329 -4.60 3.25 17.61
C VAL A 329 -5.59 2.88 18.67
N ILE A 330 -6.72 3.58 18.75
CA ILE A 330 -7.73 3.26 19.76
C ILE A 330 -8.83 2.33 19.22
N GLU A 331 -8.94 1.16 19.83
CA GLU A 331 -9.82 0.14 19.30
C GLU A 331 -11.26 0.58 19.37
N SER A 332 -11.99 0.39 18.27
CA SER A 332 -13.36 0.89 18.16
C SER A 332 -14.38 0.12 19.00
N THR A 333 -14.23 -1.20 19.04
CA THR A 333 -15.15 -2.03 19.80
C THR A 333 -15.06 -1.82 21.32
N GLY A 334 -13.95 -2.25 21.92
CA GLY A 334 -13.79 -2.14 23.36
C GLY A 334 -13.59 -0.72 23.89
N GLY A 335 -13.07 0.16 23.05
CA GLY A 335 -12.75 1.52 23.47
C GLY A 335 -11.39 1.62 24.14
N PHE A 336 -10.62 0.54 24.07
CA PHE A 336 -9.30 0.48 24.66
C PHE A 336 -8.47 1.60 24.11
N SER A 337 -7.15 1.42 24.18
CA SER A 337 -6.23 2.31 23.48
C SER A 337 -4.80 1.79 23.50
N GLU A 338 -4.12 2.03 22.40
CA GLU A 338 -2.78 1.52 22.21
C GLU A 338 -1.94 2.50 21.44
N GLU A 339 -0.73 2.74 21.93
CA GLU A 339 0.20 3.66 21.32
C GLU A 339 1.41 2.90 20.81
N ALA A 340 2.07 3.51 19.81
CA ALA A 340 3.30 2.99 19.19
C ALA A 340 4.07 4.14 18.56
N GLU A 341 5.40 4.02 18.52
CA GLU A 341 6.23 5.06 17.90
C GLU A 341 7.46 4.57 17.07
N ILE A 342 7.90 5.35 16.10
CA ILE A 342 9.21 5.16 15.49
C ILE A 342 10.08 6.31 15.90
N PRO A 343 11.23 6.02 16.50
CA PRO A 343 12.03 7.05 17.17
C PRO A 343 12.40 8.14 16.20
N GLY A 344 13.04 7.71 15.12
CA GLY A 344 13.45 8.62 14.06
C GLY A 344 13.77 7.88 12.77
N ILE A 345 13.91 8.65 11.69
CA ILE A 345 14.08 8.11 10.35
C ILE A 345 14.92 9.20 9.76
N LYS A 346 16.18 8.91 9.46
CA LYS A 346 17.10 9.98 9.06
C LYS A 346 16.66 10.62 7.74
N TYR A 347 16.65 11.94 7.62
CA TYR A 347 16.43 12.56 6.28
C TYR A 347 17.78 12.56 5.56
N VAL A 348 17.76 12.47 4.23
CA VAL A 348 19.03 12.47 3.50
C VAL A 348 19.01 13.30 2.23
N LEU A 349 19.98 14.18 2.08
CA LEU A 349 20.07 14.92 0.84
C LEU A 349 20.52 13.96 -0.26
N SER A 350 21.65 13.30 -0.02
CA SER A 350 22.33 12.52 -1.03
C SER A 350 22.70 11.16 -0.48
N PRO A 351 22.38 10.12 -1.22
CA PRO A 351 22.49 8.83 -0.57
C PRO A 351 23.91 8.30 -0.50
N TYR A 352 24.89 9.05 -0.99
CA TYR A 352 26.29 8.71 -0.70
C TYR A 352 26.90 9.73 0.25
N LYS A 353 28.06 9.41 0.83
CA LYS A 353 28.83 10.34 1.64
C LYS A 353 30.35 10.14 1.46
N LEU A 354 30.99 11.16 0.88
CA LEU A 354 32.43 11.14 0.65
C LEU A 354 33.20 11.52 1.90
N ASN A 355 34.38 10.95 2.04
CA ASN A 355 35.29 11.37 3.07
C ASN A 355 36.67 10.92 2.69
N LEU A 356 37.59 11.87 2.64
CA LEU A 356 38.97 11.59 2.28
C LEU A 356 39.47 10.44 3.13
N VAL A 357 40.51 9.74 2.68
CA VAL A 357 41.00 8.58 3.41
C VAL A 357 42.50 8.56 3.48
N ALA A 358 43.04 8.67 4.69
CA ALA A 358 44.49 8.77 4.84
C ALA A 358 45.12 9.52 3.64
N THR A 359 44.63 10.75 3.46
CA THR A 359 45.23 11.69 2.52
C THR A 359 45.44 13.08 3.12
N PRO A 360 46.65 13.29 3.70
CA PRO A 360 47.18 14.43 4.43
C PRO A 360 46.90 15.69 3.70
N LEU A 361 46.62 16.77 4.43
CA LEU A 361 46.13 17.98 3.79
C LEU A 361 47.14 19.08 3.57
N PHE A 362 48.38 18.64 3.40
CA PHE A 362 49.50 19.53 3.21
C PHE A 362 50.29 19.02 2.05
N LEU A 363 50.61 19.91 1.14
CA LEU A 363 51.44 19.54 0.02
C LEU A 363 52.91 19.85 0.29
N LYS A 364 53.73 18.84 0.14
CA LYS A 364 55.15 19.00 -0.08
C LYS A 364 55.23 19.37 -1.55
N PRO A 365 56.14 20.29 -1.93
CA PRO A 365 56.23 20.68 -3.35
C PRO A 365 57.18 19.79 -4.14
N GLY A 366 56.98 19.78 -5.45
CA GLY A 366 57.71 18.86 -6.29
C GLY A 366 57.18 17.45 -6.16
N ILE A 367 56.53 17.15 -5.03
CA ILE A 367 55.93 15.85 -4.91
C ILE A 367 54.51 15.92 -5.43
N PRO A 368 54.02 14.83 -6.05
CA PRO A 368 52.67 14.95 -6.58
C PRO A 368 51.67 14.65 -5.46
N TYR A 369 50.65 15.50 -5.31
CA TYR A 369 49.69 15.37 -4.23
C TYR A 369 48.64 14.35 -4.63
N PRO A 370 48.45 13.29 -3.82
CA PRO A 370 47.44 12.20 -3.80
C PRO A 370 46.13 12.56 -3.11
N ILE A 371 44.97 12.09 -3.56
CA ILE A 371 43.71 12.49 -2.90
C ILE A 371 42.67 11.35 -2.86
N LYS A 372 42.97 10.19 -2.26
CA LYS A 372 41.96 9.08 -2.19
C LYS A 372 40.63 9.40 -1.49
N VAL A 373 39.57 9.78 -2.20
CA VAL A 373 38.27 9.98 -1.56
C VAL A 373 37.57 8.63 -1.35
N GLN A 374 36.48 8.56 -0.60
CA GLN A 374 35.91 7.26 -0.31
C GLN A 374 34.39 7.32 -0.15
N VAL A 375 33.63 6.71 -1.06
CA VAL A 375 32.17 6.85 -1.05
C VAL A 375 31.50 5.85 -0.13
N LYS A 376 30.42 6.29 0.51
CA LYS A 376 29.66 5.48 1.47
C LYS A 376 28.18 5.76 1.29
N ASP A 377 27.34 4.80 1.65
CA ASP A 377 25.90 4.98 1.51
C ASP A 377 25.30 5.39 2.82
N SER A 378 24.10 5.92 2.69
CA SER A 378 23.31 6.33 3.83
C SER A 378 23.31 5.25 4.95
N LEU A 379 24.06 4.17 4.76
CA LEU A 379 24.21 3.12 5.78
C LEU A 379 25.66 2.88 6.12
N ASP A 380 26.50 3.83 5.78
CA ASP A 380 27.92 3.72 6.05
C ASP A 380 28.62 2.39 5.68
N GLN A 381 28.15 1.67 4.66
CA GLN A 381 29.03 0.67 4.02
C GLN A 381 29.75 1.33 2.86
N LEU A 382 30.84 0.70 2.43
CA LEU A 382 31.60 1.24 1.35
C LEU A 382 30.81 0.95 0.10
N VAL A 383 30.84 1.85 -0.88
CA VAL A 383 30.17 1.56 -2.14
C VAL A 383 31.05 1.87 -3.32
N GLY A 384 31.30 0.84 -4.13
CA GLY A 384 32.22 0.98 -5.24
C GLY A 384 31.50 1.27 -6.53
N GLY A 385 32.27 1.66 -7.55
CA GLY A 385 31.72 1.89 -8.87
C GLY A 385 30.93 3.18 -8.96
N VAL A 386 31.20 4.14 -8.07
CA VAL A 386 30.59 5.45 -8.22
C VAL A 386 31.60 6.34 -8.91
N PRO A 387 31.14 7.12 -9.86
CA PRO A 387 32.13 8.02 -10.43
C PRO A 387 32.24 9.21 -9.47
N VAL A 388 33.42 9.81 -9.37
CA VAL A 388 33.67 10.93 -8.44
C VAL A 388 34.53 12.03 -9.10
N THR A 389 33.94 13.20 -9.42
CA THR A 389 34.78 14.30 -9.99
C THR A 389 35.61 15.04 -8.94
N LEU A 390 36.73 15.63 -9.35
CA LEU A 390 37.57 16.32 -8.39
C LEU A 390 38.04 17.67 -8.93
N ASN A 391 37.27 18.73 -8.70
CA ASN A 391 37.69 20.04 -9.16
C ASN A 391 38.61 20.63 -8.13
N ALA A 392 39.69 21.28 -8.54
CA ALA A 392 40.65 21.81 -7.57
C ALA A 392 41.20 23.14 -8.01
N GLN A 393 41.75 23.90 -7.09
CA GLN A 393 42.05 25.30 -7.40
C GLN A 393 43.21 25.85 -6.57
N THR A 394 43.99 26.72 -7.20
CA THR A 394 45.36 26.91 -6.81
C THR A 394 45.91 28.32 -7.01
N ILE A 395 46.74 28.79 -6.06
CA ILE A 395 47.49 30.01 -6.31
C ILE A 395 48.98 29.84 -6.09
N ASP A 396 49.74 30.64 -6.84
CA ASP A 396 51.18 30.58 -6.92
C ASP A 396 51.74 31.25 -5.69
N VAL A 397 53.01 31.00 -5.40
CA VAL A 397 53.65 31.84 -4.40
C VAL A 397 53.74 33.24 -4.99
N ASN A 398 53.72 33.29 -6.32
CA ASN A 398 53.76 34.52 -7.09
C ASN A 398 52.42 35.23 -7.04
N GLN A 399 51.49 34.69 -6.26
CA GLN A 399 50.17 35.28 -6.08
C GLN A 399 49.28 35.23 -7.34
N GLU A 400 49.57 34.25 -8.20
CA GLU A 400 48.77 33.96 -9.39
C GLU A 400 47.86 32.74 -9.14
N THR A 401 46.66 32.69 -9.71
CA THR A 401 45.80 31.52 -9.53
C THR A 401 45.84 30.56 -10.70
N SER A 402 45.05 29.52 -10.56
CA SER A 402 44.93 28.49 -11.57
C SER A 402 43.63 27.71 -11.34
N ASP A 403 42.76 27.72 -12.33
CA ASP A 403 41.55 26.91 -12.24
C ASP A 403 41.74 25.59 -12.97
N LEU A 404 42.27 24.63 -12.23
CA LEU A 404 42.48 23.28 -12.69
C LEU A 404 41.39 22.73 -13.61
N ASP A 405 41.81 21.75 -14.39
CA ASP A 405 40.88 20.94 -15.15
C ASP A 405 40.42 19.82 -14.23
N PRO A 406 39.13 19.48 -14.32
CA PRO A 406 38.44 18.60 -13.39
C PRO A 406 38.75 17.22 -13.76
N SER A 407 39.01 16.38 -12.78
CA SER A 407 39.36 15.01 -13.08
C SER A 407 38.20 14.20 -12.60
N LYS A 408 38.12 12.95 -13.07
CA LYS A 408 37.07 12.06 -12.61
C LYS A 408 37.65 10.70 -12.56
N SER A 409 37.36 9.98 -11.49
CA SER A 409 37.78 8.59 -11.44
C SER A 409 36.58 7.86 -10.97
N VAL A 410 36.76 6.60 -10.64
CA VAL A 410 35.65 5.88 -10.11
C VAL A 410 36.05 5.05 -8.92
N THR A 411 35.07 4.81 -8.06
CA THR A 411 35.36 4.35 -6.73
C THR A 411 35.63 2.89 -6.88
N ARG A 412 36.76 2.41 -6.36
CA ARG A 412 37.11 1.00 -6.51
C ARG A 412 36.03 0.09 -5.96
N VAL A 413 36.07 -1.19 -6.31
CA VAL A 413 34.99 -2.11 -5.93
C VAL A 413 35.19 -2.77 -4.57
N ASP A 414 36.44 -3.15 -4.31
CA ASP A 414 36.85 -3.84 -3.09
C ASP A 414 37.23 -2.81 -2.08
N ASP A 415 37.43 -1.59 -2.57
CA ASP A 415 38.14 -0.57 -1.83
C ASP A 415 37.15 0.43 -1.25
N GLY A 416 36.13 0.72 -2.04
CA GLY A 416 35.24 1.84 -1.82
C GLY A 416 35.95 3.16 -2.10
N VAL A 417 37.21 3.12 -2.52
CA VAL A 417 37.97 4.35 -2.64
C VAL A 417 38.07 4.87 -4.05
N ALA A 418 37.91 6.16 -4.21
CA ALA A 418 38.16 6.76 -5.50
C ALA A 418 39.44 7.59 -5.42
N SER A 419 40.55 7.07 -5.91
CA SER A 419 41.87 7.70 -5.71
C SER A 419 42.24 8.73 -6.78
N PHE A 420 42.64 9.93 -6.39
CA PHE A 420 43.22 10.84 -7.39
C PHE A 420 44.70 11.19 -7.23
N VAL A 421 45.20 12.02 -8.14
CA VAL A 421 46.50 12.66 -8.00
C VAL A 421 46.62 13.78 -8.99
N LEU A 422 47.05 14.94 -8.49
CA LEU A 422 47.30 16.09 -9.34
C LEU A 422 48.74 16.47 -9.10
N ASN A 423 49.40 16.88 -10.18
CA ASN A 423 50.81 17.21 -10.13
C ASN A 423 50.99 18.70 -9.98
N LEU A 424 51.57 19.08 -8.85
CA LEU A 424 51.50 20.47 -8.45
C LEU A 424 52.74 21.32 -8.72
N PRO A 425 52.53 22.44 -9.42
CA PRO A 425 53.63 23.30 -9.82
C PRO A 425 54.38 23.72 -8.59
N SER A 426 55.59 23.19 -8.39
CA SER A 426 56.43 23.60 -7.26
C SER A 426 56.00 24.89 -6.51
N GLY A 427 55.87 26.00 -7.24
CA GLY A 427 55.42 27.25 -6.65
C GLY A 427 53.98 27.30 -6.17
N VAL A 428 53.42 26.15 -5.81
CA VAL A 428 52.06 26.13 -5.30
C VAL A 428 52.09 26.19 -3.79
N THR A 429 50.94 26.54 -3.21
CA THR A 429 50.87 27.16 -1.89
C THR A 429 49.71 26.64 -1.04
N VAL A 430 48.53 27.15 -1.37
CA VAL A 430 47.26 26.64 -0.95
C VAL A 430 46.66 26.08 -2.23
N LEU A 431 46.22 24.82 -2.12
CA LEU A 431 45.32 24.15 -3.05
C LEU A 431 43.93 24.01 -2.37
N GLU A 432 42.88 24.41 -3.07
CA GLU A 432 41.53 24.21 -2.57
C GLU A 432 40.72 23.16 -3.37
N PHE A 433 40.33 22.02 -2.79
CA PHE A 433 39.50 21.11 -3.58
C PHE A 433 38.06 20.80 -3.14
N ASN A 434 37.18 20.68 -4.12
CA ASN A 434 35.83 20.13 -3.97
C ASN A 434 35.79 18.77 -4.63
N VAL A 435 34.94 17.89 -4.12
CA VAL A 435 35.00 16.51 -4.52
C VAL A 435 33.58 16.06 -4.55
N LYS A 436 33.13 15.50 -5.66
CA LYS A 436 31.78 14.99 -5.63
C LYS A 436 31.55 13.69 -6.36
N THR A 437 30.39 13.09 -6.07
CA THR A 437 29.87 11.95 -6.82
C THR A 437 29.18 12.41 -8.08
N ASP A 438 29.42 11.68 -9.16
CA ASP A 438 28.68 11.92 -10.37
C ASP A 438 27.69 10.80 -10.76
N ALA A 439 27.09 10.17 -9.77
CA ALA A 439 25.89 9.39 -10.00
C ALA A 439 25.19 9.94 -11.23
N PRO A 440 24.99 9.06 -12.21
CA PRO A 440 24.48 9.49 -13.51
C PRO A 440 22.97 9.61 -13.40
N ASP A 441 22.43 8.87 -12.44
CA ASP A 441 21.01 8.81 -12.13
C ASP A 441 20.71 9.60 -10.87
N LEU A 442 21.73 10.12 -10.19
CA LEU A 442 21.45 11.13 -9.16
C LEU A 442 21.32 12.53 -9.75
N PRO A 443 20.25 13.25 -9.34
CA PRO A 443 20.03 14.58 -9.87
C PRO A 443 21.07 15.49 -9.23
N GLU A 444 21.36 16.63 -9.84
CA GLU A 444 22.56 17.36 -9.45
C GLU A 444 22.54 17.68 -7.97
N GLU A 445 21.47 18.31 -7.54
CA GLU A 445 21.24 18.63 -6.13
C GLU A 445 21.73 17.53 -5.19
N ASN A 446 21.02 16.42 -5.21
CA ASN A 446 21.27 15.34 -4.29
C ASN A 446 22.55 14.55 -4.53
N GLN A 447 23.39 15.00 -5.45
CA GLN A 447 24.75 14.49 -5.52
C GLN A 447 25.57 14.80 -4.26
N ALA A 448 26.41 13.87 -3.83
CA ALA A 448 27.12 14.10 -2.59
C ALA A 448 28.46 14.85 -2.72
N ARG A 449 28.69 15.89 -1.90
CA ARG A 449 29.91 16.70 -2.00
C ARG A 449 30.61 17.07 -0.69
N GLU A 450 31.89 17.41 -0.80
CA GLU A 450 32.75 17.73 0.32
C GLU A 450 33.84 18.58 -0.24
N GLY A 451 34.44 19.41 0.62
CA GLY A 451 35.50 20.31 0.19
C GLY A 451 36.63 20.28 1.21
N TYR A 452 37.83 20.58 0.75
CA TYR A 452 39.01 20.49 1.60
C TYR A 452 40.05 21.54 1.15
N ARG A 453 41.10 21.77 1.97
CA ARG A 453 42.16 22.74 1.62
C ARG A 453 43.55 22.26 2.03
N ALA A 454 44.55 22.43 1.17
CA ALA A 454 45.86 21.89 1.48
C ALA A 454 46.91 22.95 1.36
N ILE A 455 47.96 22.86 2.19
CA ILE A 455 48.93 23.97 2.32
C ILE A 455 50.38 23.48 2.43
N ALA A 456 51.31 24.22 1.87
CA ALA A 456 52.66 23.69 1.70
C ALA A 456 53.54 23.73 2.95
N TYR A 457 54.22 22.61 3.22
CA TYR A 457 55.27 22.53 4.21
C TYR A 457 56.28 23.57 3.81
N SER A 458 56.10 24.74 4.37
CA SER A 458 56.98 25.86 4.13
C SER A 458 58.32 25.61 4.87
N SER A 459 59.44 25.64 4.13
CA SER A 459 60.77 25.49 4.73
C SER A 459 61.81 26.22 3.89
N LEU A 460 62.48 27.19 4.51
CA LEU A 460 63.35 28.11 3.79
C LEU A 460 64.59 27.42 3.25
N SER A 461 64.95 26.29 3.86
CA SER A 461 66.02 25.46 3.30
C SER A 461 65.59 24.90 1.95
N GLN A 462 64.39 25.26 1.53
CA GLN A 462 63.80 24.72 0.31
C GLN A 462 63.67 23.22 0.47
N SER A 463 63.94 22.75 1.68
CA SER A 463 64.00 21.34 1.99
C SER A 463 62.63 20.82 2.43
N TYR A 464 62.23 19.64 1.97
CA TYR A 464 61.01 19.03 2.50
C TYR A 464 61.18 17.55 2.65
N LEU A 465 60.12 16.88 3.10
CA LEU A 465 60.13 15.41 3.19
C LEU A 465 58.73 14.80 3.00
N TYR A 466 58.69 13.61 2.40
CA TYR A 466 57.45 12.88 2.08
C TYR A 466 57.53 11.38 2.32
N ILE A 467 56.78 10.85 3.27
CA ILE A 467 56.74 9.39 3.41
C ILE A 467 55.38 8.74 3.21
N ASP A 468 55.38 7.56 2.63
CA ASP A 468 54.13 6.92 2.36
C ASP A 468 54.46 5.48 2.48
N TRP A 469 53.52 4.63 2.09
CA TRP A 469 53.71 3.19 2.15
C TRP A 469 52.50 2.62 1.46
N THR A 470 52.57 1.41 0.90
CA THR A 470 51.30 0.78 0.52
C THR A 470 51.03 -0.63 1.02
N ASP A 471 49.75 -0.94 1.09
CA ASP A 471 49.20 -2.19 1.58
C ASP A 471 47.74 -2.18 1.09
N ASN A 472 47.31 -3.22 0.40
CA ASN A 472 45.99 -3.23 -0.25
C ASN A 472 44.74 -3.35 0.65
N HIS A 473 44.92 -3.65 1.93
CA HIS A 473 43.78 -3.78 2.84
C HIS A 473 43.65 -2.70 3.93
N LYS A 474 42.41 -2.47 4.32
CA LYS A 474 42.05 -1.32 5.14
C LYS A 474 42.65 -1.34 6.55
N ALA A 475 43.36 -2.41 6.90
CA ALA A 475 43.88 -2.47 8.25
C ALA A 475 45.16 -3.24 8.25
N LEU A 476 46.17 -2.74 8.94
CA LEU A 476 47.45 -3.43 9.00
C LEU A 476 47.34 -4.48 10.08
N LEU A 477 47.46 -5.74 9.68
CA LEU A 477 47.41 -6.81 10.64
C LEU A 477 48.69 -6.77 11.43
N VAL A 478 48.58 -6.95 12.73
CA VAL A 478 49.73 -7.03 13.59
C VAL A 478 50.46 -8.27 13.19
N GLY A 479 51.78 -8.24 13.23
CA GLY A 479 52.57 -9.31 12.65
C GLY A 479 53.10 -8.94 11.27
N GLU A 480 52.39 -8.06 10.56
CA GLU A 480 52.81 -7.64 9.22
C GLU A 480 54.04 -6.76 9.27
N HIS A 481 54.53 -6.33 8.12
CA HIS A 481 55.76 -5.54 8.06
C HIS A 481 55.57 -4.41 7.09
N LEU A 482 55.64 -3.19 7.62
CA LEU A 482 55.31 -1.99 6.88
C LEU A 482 56.50 -1.43 6.07
N ASN A 483 56.47 -1.63 4.75
CA ASN A 483 57.48 -1.00 3.92
C ASN A 483 57.04 0.41 3.56
N ILE A 484 57.80 1.40 4.02
CA ILE A 484 57.37 2.80 3.97
C ILE A 484 58.42 3.70 3.33
N ILE A 485 58.00 4.44 2.30
CA ILE A 485 58.91 5.08 1.35
C ILE A 485 59.33 6.52 1.63
N VAL A 486 60.61 6.68 1.97
CA VAL A 486 61.13 7.94 2.43
C VAL A 486 61.69 8.70 1.26
N THR A 487 60.93 9.64 0.74
CA THR A 487 61.38 10.49 -0.37
C THR A 487 61.64 11.93 0.12
N PRO A 488 62.93 12.30 0.27
CA PRO A 488 63.40 13.61 0.76
C PRO A 488 63.33 14.71 -0.27
N LYS A 489 63.00 14.35 -1.51
CA LYS A 489 62.81 15.30 -2.60
C LYS A 489 62.89 16.78 -2.19
N SER A 490 63.61 17.54 -3.02
CA SER A 490 63.69 19.00 -2.96
C SER A 490 64.95 19.54 -2.28
N PRO A 491 65.12 19.30 -0.97
CA PRO A 491 66.27 19.84 -0.25
C PRO A 491 67.39 20.16 -1.18
N TYR A 492 67.69 21.44 -1.21
CA TYR A 492 68.68 21.93 -2.11
C TYR A 492 69.75 20.91 -2.09
N ILE A 493 69.94 20.19 -1.00
CA ILE A 493 70.91 19.11 -1.05
C ILE A 493 70.62 17.77 -0.35
N ASP A 494 71.48 16.80 -0.69
CA ASP A 494 71.39 15.38 -0.35
C ASP A 494 72.36 14.94 0.74
N LYS A 495 72.94 15.87 1.49
CA LYS A 495 73.95 15.53 2.49
C LYS A 495 73.35 14.88 3.73
N ILE A 496 72.35 14.05 3.50
CA ILE A 496 71.65 13.39 4.58
C ILE A 496 72.48 12.25 5.19
N THR A 497 72.64 12.32 6.50
CA THR A 497 73.34 11.28 7.24
C THR A 497 72.42 10.09 7.50
N HIS A 498 71.44 10.29 8.37
CA HIS A 498 70.53 9.23 8.79
C HIS A 498 69.08 9.71 8.70
N TYR A 499 68.19 8.80 8.31
CA TYR A 499 66.76 9.01 8.50
C TYR A 499 66.41 8.52 9.89
N ASN A 500 65.57 9.27 10.60
CA ASN A 500 65.10 8.88 11.93
C ASN A 500 63.57 8.91 12.04
N TYR A 501 63.00 7.81 12.52
CA TYR A 501 61.55 7.76 12.72
C TYR A 501 61.20 7.78 14.19
N LEU A 502 59.90 7.69 14.45
CA LEU A 502 59.35 7.95 15.78
C LEU A 502 57.86 7.56 15.77
N ILE A 503 57.49 6.52 16.51
CA ILE A 503 56.14 5.96 16.45
C ILE A 503 55.43 6.02 17.78
N LEU A 504 54.32 6.75 17.82
CA LEU A 504 53.47 6.92 19.01
C LEU A 504 52.25 6.02 18.92
N SER A 505 51.54 5.85 20.03
CA SER A 505 50.29 5.10 20.06
C SER A 505 49.60 5.11 21.41
N LYS A 506 48.35 5.55 21.42
CA LYS A 506 47.69 5.80 22.68
C LYS A 506 48.54 6.77 23.42
N GLY A 507 48.72 7.96 22.83
CA GLY A 507 49.36 9.09 23.47
C GLY A 507 50.83 8.96 23.84
N LYS A 508 51.44 7.84 23.45
CA LYS A 508 52.80 7.50 23.86
C LYS A 508 53.69 7.03 22.72
N ILE A 509 54.89 7.60 22.64
CA ILE A 509 55.95 7.08 21.81
C ILE A 509 56.32 5.69 22.28
N ILE A 510 56.45 4.73 21.36
CA ILE A 510 56.74 3.35 21.73
C ILE A 510 57.88 2.75 20.90
N HIS A 511 58.16 3.37 19.78
CA HIS A 511 59.30 2.95 18.97
C HIS A 511 59.99 4.19 18.44
N PHE A 512 61.25 4.02 18.08
CA PHE A 512 62.04 5.11 17.51
C PHE A 512 63.36 4.49 17.08
N GLY A 513 63.99 5.08 16.07
CA GLY A 513 65.18 4.46 15.52
C GLY A 513 65.83 5.20 14.38
N THR A 514 66.79 4.54 13.73
CA THR A 514 67.55 5.19 12.67
C THR A 514 68.04 4.22 11.60
N ARG A 515 67.77 4.56 10.34
CA ARG A 515 68.36 3.85 9.22
C ARG A 515 69.42 4.73 8.58
N GLU A 516 70.55 4.15 8.22
CA GLU A 516 71.57 4.92 7.54
C GLU A 516 71.05 5.25 6.15
N LYS A 517 71.33 6.45 5.67
CA LYS A 517 70.87 6.87 4.34
C LYS A 517 71.74 6.31 3.23
N PHE A 518 71.10 5.75 2.21
CA PHE A 518 71.84 5.18 1.09
C PHE A 518 72.56 6.24 0.27
N SER A 519 73.87 6.33 0.51
CA SER A 519 74.71 7.42 0.03
C SER A 519 74.36 7.83 -1.39
N ASP A 520 74.30 6.84 -2.27
CA ASP A 520 73.93 7.09 -3.65
C ASP A 520 72.51 7.66 -3.74
N ALA A 521 71.54 6.79 -4.04
CA ALA A 521 70.21 7.22 -4.50
C ALA A 521 69.39 8.05 -3.51
N SER A 522 68.31 8.61 -4.04
CA SER A 522 67.37 9.43 -3.30
C SER A 522 66.68 8.69 -2.14
N TYR A 523 65.56 8.04 -2.46
CA TYR A 523 64.71 7.42 -1.46
C TYR A 523 65.09 6.02 -1.14
N GLN A 524 64.84 5.61 0.09
CA GLN A 524 64.82 4.19 0.36
C GLN A 524 63.57 3.76 1.14
N SER A 525 63.59 2.52 1.59
CA SER A 525 62.47 1.99 2.33
C SER A 525 62.91 1.85 3.77
N ILE A 526 61.97 2.08 4.70
CA ILE A 526 62.19 1.77 6.12
C ILE A 526 61.22 0.68 6.50
N ASN A 527 61.70 -0.44 6.98
CA ASN A 527 60.76 -1.50 7.27
C ASN A 527 60.45 -1.72 8.74
N ILE A 528 59.32 -1.18 9.17
CA ILE A 528 58.88 -1.34 10.55
C ILE A 528 57.91 -2.50 10.68
N PRO A 529 58.24 -3.47 11.53
CA PRO A 529 57.22 -4.41 11.97
C PRO A 529 56.03 -3.65 12.57
N VAL A 530 54.81 -4.14 12.35
CA VAL A 530 53.67 -3.62 13.12
C VAL A 530 53.63 -4.45 14.40
N THR A 531 53.76 -3.79 15.56
CA THR A 531 53.72 -4.50 16.83
C THR A 531 52.41 -4.36 17.59
N GLN A 532 52.14 -5.36 18.42
CA GLN A 532 50.95 -5.40 19.23
C GLN A 532 50.79 -4.14 20.07
N ASN A 533 51.87 -3.39 20.28
CA ASN A 533 51.77 -2.14 21.02
C ASN A 533 51.12 -1.04 20.19
N MET A 534 51.06 -1.23 18.87
CA MET A 534 50.50 -0.24 17.97
C MET A 534 49.00 -0.43 17.82
N VAL A 535 48.48 -1.42 18.54
CA VAL A 535 47.19 -2.07 18.23
C VAL A 535 45.94 -1.25 17.89
N PRO A 536 45.69 -0.14 18.57
CA PRO A 536 44.43 0.43 18.05
C PRO A 536 44.68 1.28 16.81
N SER A 537 45.82 1.94 16.82
CA SER A 537 46.31 2.78 15.74
C SER A 537 47.64 3.27 16.29
N SER A 538 48.29 4.18 15.55
CA SER A 538 49.56 4.74 15.95
C SER A 538 49.81 5.90 15.01
N ARG A 539 50.83 6.71 15.27
CA ARG A 539 51.35 7.57 14.21
C ARG A 539 52.84 7.43 14.16
N LEU A 540 53.40 7.64 12.98
CA LEU A 540 54.83 7.78 12.88
C LEU A 540 55.22 9.05 12.14
N LEU A 541 56.42 9.51 12.45
CA LEU A 541 56.94 10.74 11.92
C LEU A 541 58.43 10.46 11.70
N VAL A 542 58.96 11.04 10.63
CA VAL A 542 60.27 10.66 10.16
C VAL A 542 60.98 11.95 9.82
N TYR A 543 62.21 12.07 10.32
CA TYR A 543 63.00 13.27 10.06
C TYR A 543 64.46 12.99 9.75
N TYR A 544 64.99 13.73 8.78
CA TYR A 544 66.43 13.85 8.58
C TYR A 544 66.85 15.24 9.07
N ILE A 545 68.09 15.33 9.56
CA ILE A 545 68.62 16.62 10.02
C ILE A 545 69.52 17.21 8.94
N VAL A 546 69.10 18.34 8.37
CA VAL A 546 69.74 18.96 7.20
C VAL A 546 70.63 20.17 7.49
N THR A 547 71.91 20.06 7.18
CA THR A 547 72.83 21.16 7.47
C THR A 547 72.85 22.24 6.39
N GLY A 548 71.81 23.06 6.33
CA GLY A 548 71.87 24.27 5.53
C GLY A 548 73.06 25.08 6.06
N GLU A 549 73.76 25.77 5.17
CA GLU A 549 74.95 26.52 5.58
C GLU A 549 74.65 27.57 6.66
N GLN A 550 73.47 28.18 6.57
CA GLN A 550 73.07 29.24 7.50
C GLN A 550 72.68 28.74 8.88
N THR A 551 71.90 27.66 8.93
CA THR A 551 71.32 27.16 10.19
C THR A 551 70.82 25.73 10.07
N ALA A 552 71.00 24.94 11.12
CA ALA A 552 70.59 23.53 11.11
C ALA A 552 69.07 23.38 10.97
N GLU A 553 68.64 22.64 9.94
CA GLU A 553 67.21 22.30 9.70
C GLU A 553 66.77 20.88 10.04
N LEU A 554 65.85 20.78 11.00
CA LEU A 554 65.10 19.55 11.19
C LEU A 554 64.00 19.61 10.19
N VAL A 555 63.71 18.46 9.61
CA VAL A 555 62.65 18.39 8.62
C VAL A 555 62.02 17.02 8.71
N SER A 556 60.70 16.96 8.61
CA SER A 556 60.04 15.68 8.72
C SER A 556 58.59 15.78 8.26
N ASP A 557 58.04 14.63 7.89
CA ASP A 557 56.63 14.47 7.58
C ASP A 557 56.16 13.31 8.47
N SER A 558 54.89 12.98 8.42
CA SER A 558 54.29 11.99 9.32
C SER A 558 52.94 11.47 8.79
N VAL A 559 52.52 10.29 9.25
CA VAL A 559 51.32 9.62 8.72
C VAL A 559 50.55 8.83 9.79
N TRP A 560 49.23 8.88 9.75
CA TRP A 560 48.44 8.21 10.76
C TRP A 560 48.25 6.78 10.34
N LEU A 561 48.55 5.83 11.21
CA LEU A 561 48.47 4.40 10.81
C LEU A 561 47.34 3.62 11.43
N ASN A 562 46.19 3.49 10.75
CA ASN A 562 45.09 2.70 11.34
C ASN A 562 45.38 1.22 11.28
N ILE A 563 45.32 0.55 12.42
CA ILE A 563 45.64 -0.85 12.37
C ILE A 563 44.56 -1.68 13.02
N GLU A 564 44.70 -2.98 12.86
CA GLU A 564 43.66 -3.95 13.20
C GLU A 564 43.32 -3.95 14.68
N GLU A 565 42.03 -4.00 14.99
CA GLU A 565 41.62 -4.14 16.38
C GLU A 565 41.89 -5.53 16.97
N LYS A 566 43.11 -6.01 16.79
CA LYS A 566 43.54 -7.20 17.52
C LYS A 566 43.57 -6.86 18.99
N CYS A 567 42.98 -7.74 19.80
CA CYS A 567 42.99 -7.61 21.26
C CYS A 567 44.38 -7.91 21.83
N GLY A 568 44.56 -7.74 23.14
CA GLY A 568 45.76 -8.22 23.82
C GLY A 568 45.51 -9.61 24.41
N ASN A 569 44.35 -9.77 25.04
CA ASN A 569 43.91 -11.07 25.56
C ASN A 569 42.68 -11.58 24.84
N GLN A 570 42.86 -12.47 23.87
CA GLN A 570 41.70 -12.96 23.14
C GLN A 570 40.85 -13.70 24.14
N LEU A 571 39.79 -13.06 24.61
CA LEU A 571 38.79 -13.75 25.39
C LEU A 571 37.68 -14.21 24.46
N GLN A 572 37.33 -15.49 24.54
CA GLN A 572 36.25 -15.99 23.71
C GLN A 572 35.37 -16.92 24.51
N VAL A 573 34.08 -16.56 24.56
CA VAL A 573 33.10 -17.34 25.28
C VAL A 573 32.26 -18.27 24.36
N HIS A 574 31.95 -19.48 24.84
CA HIS A 574 31.16 -20.44 24.05
C HIS A 574 30.18 -21.25 24.88
N LEU A 575 29.01 -21.54 24.31
CA LEU A 575 28.02 -22.40 24.96
C LEU A 575 28.23 -23.88 24.62
N SER A 576 28.02 -24.76 25.61
CA SER A 576 28.31 -26.19 25.45
C SER A 576 27.52 -26.86 24.32
N PRO A 577 26.19 -26.89 24.45
CA PRO A 577 25.45 -27.24 23.25
C PRO A 577 25.46 -26.03 22.31
N ASP A 578 26.25 -26.06 21.24
CA ASP A 578 26.34 -24.87 20.38
C ASP A 578 25.05 -24.67 19.59
N ALA A 579 24.02 -25.47 19.87
CA ALA A 579 22.75 -25.34 19.16
C ALA A 579 22.19 -23.92 19.25
N ASP A 580 21.46 -23.51 18.22
CA ASP A 580 21.03 -22.11 18.07
C ASP A 580 19.65 -21.89 18.65
N ALA A 581 19.23 -22.82 19.50
CA ALA A 581 17.98 -22.68 20.23
C ALA A 581 18.03 -23.64 21.42
N TYR A 582 17.55 -23.19 22.57
CA TYR A 582 17.63 -23.98 23.80
C TYR A 582 16.28 -24.16 24.45
N SER A 583 16.19 -25.20 25.26
CA SER A 583 14.99 -25.49 26.02
C SER A 583 14.90 -24.61 27.26
N PRO A 584 13.68 -24.09 27.55
CA PRO A 584 13.47 -23.19 28.68
C PRO A 584 13.74 -23.88 29.99
N GLY A 585 14.98 -24.25 30.28
CA GLY A 585 15.29 -24.82 31.57
C GLY A 585 16.54 -25.66 31.48
N GLN A 586 17.04 -25.82 30.26
CA GLN A 586 18.21 -26.65 30.04
C GLN A 586 19.38 -26.26 30.93
N THR A 587 19.97 -27.26 31.54
CA THR A 587 21.25 -27.12 32.17
C THR A 587 22.24 -27.03 31.02
N VAL A 588 23.22 -26.14 31.10
CA VAL A 588 24.17 -25.93 30.01
C VAL A 588 25.47 -25.24 30.42
N SER A 589 26.59 -25.82 30.04
CA SER A 589 27.89 -25.32 30.44
C SER A 589 28.42 -24.21 29.52
N LEU A 590 28.84 -23.09 30.10
CA LEU A 590 29.47 -22.02 29.33
C LEU A 590 30.99 -22.03 29.53
N ASN A 591 31.73 -21.75 28.47
CA ASN A 591 33.21 -21.74 28.51
C ASN A 591 33.87 -20.35 28.36
N MET A 592 34.89 -20.07 29.16
CA MET A 592 35.73 -18.91 28.94
C MET A 592 37.02 -19.30 28.22
N ALA A 593 37.71 -18.33 27.62
CA ALA A 593 38.93 -18.61 26.85
C ALA A 593 39.89 -17.41 26.79
N THR A 594 41.18 -17.69 26.93
CA THR A 594 42.22 -16.65 26.83
C THR A 594 43.59 -17.21 26.56
N GLY A 595 44.40 -16.43 25.84
CA GLY A 595 45.77 -16.80 25.55
C GLY A 595 46.68 -16.45 26.70
N MET A 596 46.10 -15.85 27.73
CA MET A 596 46.87 -15.46 28.90
C MET A 596 45.88 -15.31 30.04
N ASP A 597 46.29 -15.74 31.22
CA ASP A 597 45.46 -15.60 32.41
C ASP A 597 44.75 -14.25 32.39
N SER A 598 43.47 -14.23 32.75
CA SER A 598 42.69 -13.00 32.63
C SER A 598 41.45 -12.90 33.52
N TRP A 599 41.01 -11.66 33.74
CA TRP A 599 39.72 -11.40 34.36
C TRP A 599 38.62 -11.33 33.29
N VAL A 600 37.47 -11.94 33.59
CA VAL A 600 36.34 -11.98 32.69
C VAL A 600 35.32 -11.02 33.27
N ALA A 601 34.12 -10.96 32.71
CA ALA A 601 32.98 -10.29 33.37
C ALA A 601 31.68 -10.51 32.60
N LEU A 602 31.02 -11.63 32.88
CA LEU A 602 29.81 -12.01 32.16
C LEU A 602 28.62 -11.08 32.42
N ALA A 603 27.54 -11.33 31.67
CA ALA A 603 26.31 -10.58 31.73
C ALA A 603 25.41 -11.25 30.71
N ALA A 604 24.11 -11.27 30.99
CA ALA A 604 23.16 -11.92 30.10
C ALA A 604 21.94 -11.05 30.06
N VAL A 605 21.87 -10.22 29.04
CA VAL A 605 20.80 -9.26 28.90
C VAL A 605 19.72 -9.85 28.03
N ASP A 606 18.45 -9.55 28.32
CA ASP A 606 17.44 -9.86 27.33
C ASP A 606 17.83 -9.03 26.14
N SER A 607 18.40 -9.69 25.15
CA SER A 607 18.84 -9.02 23.93
C SER A 607 17.86 -8.01 23.34
N ALA A 608 16.61 -8.04 23.78
CA ALA A 608 15.58 -7.23 23.13
C ALA A 608 15.64 -5.72 23.37
N VAL A 609 16.32 -5.29 24.42
CA VAL A 609 16.41 -3.86 24.69
C VAL A 609 16.91 -3.10 23.46
N TYR A 610 18.20 -3.27 23.14
CA TYR A 610 18.78 -2.79 21.91
C TYR A 610 17.89 -3.12 20.68
N GLY A 611 17.91 -4.38 20.29
CA GLY A 611 17.00 -4.93 19.29
C GLY A 611 16.77 -4.12 18.04
N VAL A 612 15.67 -3.37 18.00
CA VAL A 612 15.17 -2.73 16.77
C VAL A 612 16.30 -1.99 16.04
N GLN A 613 16.64 -2.46 14.84
CA GLN A 613 17.86 -2.06 14.16
C GLN A 613 18.96 -1.70 15.16
N ARG A 614 19.69 -2.71 15.61
CA ARG A 614 20.86 -2.46 16.43
C ARG A 614 21.91 -1.84 15.55
N GLY A 615 21.88 -0.51 15.45
CA GLY A 615 22.72 0.22 14.52
C GLY A 615 24.08 -0.43 14.38
N ALA A 616 24.51 -0.59 13.14
CA ALA A 616 25.76 -1.27 12.84
C ALA A 616 26.89 -0.75 13.75
N LYS A 617 27.16 0.55 13.68
CA LYS A 617 28.27 1.15 14.43
C LYS A 617 29.35 0.11 14.65
N LYS A 618 29.42 -0.43 15.87
CA LYS A 618 30.27 -1.57 16.21
C LYS A 618 30.02 -2.00 17.65
N PRO A 619 30.40 -3.25 18.00
CA PRO A 619 30.33 -3.74 19.39
C PRO A 619 31.60 -3.43 20.23
N LEU A 620 32.73 -4.06 19.89
CA LEU A 620 34.05 -3.85 20.54
C LEU A 620 34.79 -2.58 20.09
N GLU A 621 34.37 -2.03 18.95
CA GLU A 621 34.86 -0.74 18.45
C GLU A 621 34.21 0.40 19.26
N ARG A 622 33.06 0.15 19.86
CA ARG A 622 32.43 1.11 20.77
C ARG A 622 33.50 1.58 21.76
N VAL A 623 34.15 0.63 22.45
CA VAL A 623 35.21 0.98 23.37
C VAL A 623 36.48 1.51 22.66
N PHE A 624 36.98 0.79 21.68
CA PHE A 624 38.19 1.24 20.99
C PHE A 624 38.09 2.69 20.52
N GLN A 625 36.91 3.07 20.03
CA GLN A 625 36.74 4.42 19.51
C GLN A 625 37.09 5.40 20.60
N PHE A 626 36.31 5.33 21.68
CA PHE A 626 36.52 6.13 22.86
C PHE A 626 37.97 6.04 23.36
N LEU A 627 38.36 4.85 23.78
CA LEU A 627 39.61 4.62 24.50
C LEU A 627 40.88 5.05 23.75
N GLU A 628 40.71 5.69 22.60
CA GLU A 628 41.85 6.19 21.85
C GLU A 628 41.57 7.61 21.40
N LYS A 629 40.98 8.38 22.29
CA LYS A 629 40.97 9.82 22.14
C LYS A 629 42.08 10.38 23.04
N SER A 630 42.85 9.45 23.59
CA SER A 630 44.08 9.76 24.25
C SER A 630 45.15 9.90 23.19
N ASP A 631 44.75 9.75 21.94
CA ASP A 631 45.64 10.08 20.81
C ASP A 631 45.71 11.60 20.80
N LEU A 632 46.82 12.12 21.28
CA LEU A 632 47.04 13.54 21.42
C LEU A 632 47.04 14.22 20.04
N GLY A 633 47.71 13.57 19.07
CA GLY A 633 47.85 14.09 17.71
C GLY A 633 46.59 14.50 16.96
N CYS A 634 46.64 14.44 15.64
CA CYS A 634 45.53 14.87 14.82
C CYS A 634 45.86 14.79 13.33
N GLY A 635 44.83 14.65 12.49
CA GLY A 635 45.03 14.62 11.04
C GLY A 635 45.45 13.30 10.41
N ALA A 636 45.62 13.31 9.08
CA ALA A 636 46.02 12.12 8.33
C ALA A 636 47.52 11.99 8.44
N GLY A 637 48.13 13.11 8.80
CA GLY A 637 49.55 13.17 9.06
C GLY A 637 50.11 14.52 8.65
N GLY A 638 51.42 14.67 8.82
CA GLY A 638 52.18 15.75 8.22
C GLY A 638 51.78 17.13 8.65
N GLY A 639 52.76 17.90 9.08
CA GLY A 639 52.55 19.27 9.51
C GLY A 639 52.64 20.33 8.42
N LEU A 640 53.47 21.35 8.69
CA LEU A 640 53.44 22.63 7.99
C LEU A 640 54.74 23.37 8.25
N ASN A 641 55.31 23.07 9.41
CA ASN A 641 56.66 23.39 9.83
C ASN A 641 57.09 22.10 10.44
N ASN A 642 58.39 21.88 10.61
CA ASN A 642 58.85 20.71 11.35
C ASN A 642 58.22 20.76 12.74
N ALA A 643 57.89 21.98 13.14
CA ALA A 643 57.11 22.15 14.34
C ALA A 643 55.77 21.48 14.09
N ASN A 644 54.86 22.19 13.43
CA ASN A 644 53.52 21.68 13.12
C ASN A 644 53.56 20.17 12.98
N VAL A 645 54.31 19.66 11.99
CA VAL A 645 54.51 18.21 11.79
C VAL A 645 54.66 17.43 13.10
N PHE A 646 55.60 17.86 13.94
CA PHE A 646 55.78 17.27 15.25
C PHE A 646 54.57 17.52 16.15
N HIS A 647 53.94 18.68 15.99
CA HIS A 647 52.77 19.05 16.80
C HIS A 647 51.62 18.07 16.60
N LEU A 648 50.95 18.18 15.47
CA LEU A 648 49.89 17.24 15.09
C LEU A 648 50.24 15.77 15.36
N ALA A 649 51.52 15.47 15.44
CA ALA A 649 51.94 14.14 15.80
C ALA A 649 51.48 13.82 17.21
N GLY A 650 51.20 14.85 17.98
CA GLY A 650 50.91 14.70 19.40
C GLY A 650 52.09 15.06 20.29
N LEU A 651 53.16 15.52 19.64
CA LEU A 651 54.41 15.78 20.32
C LEU A 651 54.76 17.25 20.43
N THR A 652 55.53 17.58 21.45
CA THR A 652 56.47 18.68 21.32
C THR A 652 57.86 18.20 21.73
N PHE A 653 58.85 18.72 21.05
CA PHE A 653 60.14 18.09 21.09
C PHE A 653 61.17 19.03 21.65
N LEU A 654 62.38 18.51 21.83
CA LEU A 654 63.38 19.15 22.63
C LEU A 654 64.71 19.13 21.93
N THR A 655 64.93 20.06 21.00
CA THR A 655 66.03 19.98 20.03
C THR A 655 66.60 21.35 19.64
N ASN A 656 67.76 21.68 20.16
CA ASN A 656 68.28 23.00 19.84
C ASN A 656 68.86 23.05 18.44
N ALA A 657 68.10 23.73 17.59
CA ALA A 657 68.34 23.88 16.17
C ALA A 657 67.08 24.52 15.62
N ASN A 658 66.03 23.71 15.52
CA ASN A 658 64.72 24.20 15.12
C ASN A 658 63.86 24.61 16.31
N ALA A 659 63.06 25.66 16.09
CA ALA A 659 62.12 26.08 17.10
C ALA A 659 61.18 24.93 17.41
N ASP A 660 61.37 24.29 18.57
CA ASP A 660 60.49 23.18 18.97
C ASP A 660 59.07 23.62 19.31
N ASP A 661 58.80 24.90 19.02
CA ASP A 661 57.59 25.60 19.41
C ASP A 661 56.27 24.90 19.05
N SER A 662 55.16 25.51 19.48
CA SER A 662 53.85 24.88 19.39
C SER A 662 52.77 25.94 19.46
N GLN A 663 52.80 26.82 18.46
CA GLN A 663 51.98 28.03 18.43
C GLN A 663 50.81 28.08 19.43
N GLU A 664 51.04 28.81 20.51
CA GLU A 664 50.05 29.17 21.54
C GLU A 664 48.94 28.18 21.86
N ASN A 665 48.68 27.97 23.14
CA ASN A 665 47.53 27.15 23.53
C ASN A 665 47.70 25.81 22.83
N ASP A 666 46.61 25.10 22.55
CA ASP A 666 46.71 23.89 21.71
C ASP A 666 45.44 23.35 21.03
N GLU A 667 45.34 23.63 19.73
CA GLU A 667 44.64 22.79 18.75
C GLU A 667 43.51 21.89 19.22
N PRO A 668 42.32 22.45 19.54
CA PRO A 668 41.20 21.58 19.94
C PRO A 668 40.73 20.59 18.86
N CYS A 669 41.66 20.09 18.04
CA CYS A 669 41.38 19.17 16.92
C CYS A 669 40.07 18.39 17.05
N LYS A 670 39.43 18.16 15.92
CA LYS A 670 38.11 17.53 15.89
C LYS A 670 37.83 16.91 14.53
N GLU A 671 38.03 15.59 14.43
CA GLU A 671 37.60 14.81 13.26
C GLU A 671 38.18 15.22 11.88
N ILE A 672 39.49 15.46 11.80
CA ILE A 672 40.21 15.69 10.53
C ILE A 672 41.10 14.48 10.14
N LEU A 673 41.39 13.62 11.10
CA LEU A 673 42.30 12.50 10.86
C LEU A 673 41.78 11.63 9.74
N LEU A 679 -9.41 19.65 11.36
CA LEU A 679 -10.39 20.27 12.24
C LEU A 679 -9.82 20.51 13.64
N GLN A 680 -8.82 19.71 14.01
CA GLN A 680 -8.08 19.94 15.25
C GLN A 680 -6.93 20.93 14.99
N LYS A 681 -6.65 21.19 13.72
CA LYS A 681 -5.64 22.17 13.32
C LYS A 681 -6.16 23.58 13.57
N LYS A 682 -7.48 23.74 13.52
CA LYS A 682 -8.17 25.02 13.76
C LYS A 682 -8.00 25.50 15.20
N ILE A 683 -7.79 24.56 16.11
CA ILE A 683 -7.46 24.92 17.49
C ILE A 683 -5.94 25.13 17.60
N GLU A 684 -5.17 24.29 16.89
CA GLU A 684 -3.70 24.28 17.02
C GLU A 684 -3.02 25.56 16.55
N GLU A 685 -3.79 26.42 15.90
CA GLU A 685 -3.31 27.73 15.50
C GLU A 685 -3.33 28.67 16.69
N ILE A 686 -4.23 28.40 17.63
CA ILE A 686 -4.40 29.22 18.83
C ILE A 686 -3.31 28.98 19.90
N ALA A 687 -2.15 28.49 19.45
CA ALA A 687 -0.91 28.53 20.24
C ALA A 687 -0.41 29.96 20.12
N ALA A 688 -1.22 30.75 19.40
CA ALA A 688 -0.99 32.16 19.19
C ALA A 688 -1.06 32.93 20.50
N LYS A 689 -1.50 32.28 21.55
CA LYS A 689 -1.42 32.87 22.88
C LYS A 689 -0.32 32.24 23.72
N TYR A 690 0.78 31.88 23.07
CA TYR A 690 1.98 31.53 23.79
C TYR A 690 2.49 32.77 24.55
N LYS A 691 2.93 32.54 25.79
CA LYS A 691 3.40 33.58 26.70
C LYS A 691 3.87 32.82 27.92
N HIS A 692 3.95 31.50 27.73
CA HIS A 692 4.39 30.54 28.73
C HIS A 692 3.95 29.16 28.25
N SER A 693 4.73 28.13 28.60
CA SER A 693 4.36 26.78 28.23
C SER A 693 2.98 26.46 28.76
N VAL A 694 2.81 26.65 30.08
CA VAL A 694 1.65 26.20 30.84
C VAL A 694 0.31 26.68 30.23
N VAL A 695 0.34 27.74 29.45
CA VAL A 695 -0.87 28.16 28.75
C VAL A 695 -1.07 27.27 27.53
N LYS A 696 0.01 26.86 26.88
CA LYS A 696 -0.11 25.91 25.77
C LYS A 696 -0.92 24.72 26.25
N LYS A 697 -0.34 24.00 27.21
CA LYS A 697 -1.03 22.89 27.87
C LYS A 697 -2.43 23.32 28.28
N CYS A 698 -2.56 24.58 28.72
CA CYS A 698 -3.87 25.10 29.09
C CYS A 698 -4.89 24.95 27.95
N CYS A 699 -4.60 25.47 26.77
CA CYS A 699 -5.55 25.31 25.68
C CYS A 699 -5.59 23.89 25.19
N TYR A 700 -4.41 23.33 24.99
CA TYR A 700 -4.26 21.99 24.42
C TYR A 700 -5.18 20.98 25.12
N ASP A 701 -4.84 20.62 26.36
CA ASP A 701 -5.71 19.76 27.19
C ASP A 701 -6.96 20.53 27.59
N GLY A 702 -6.98 21.79 27.20
CA GLY A 702 -8.11 22.66 27.45
C GLY A 702 -9.33 22.24 26.66
N ALA A 703 -9.14 21.95 25.39
CA ALA A 703 -10.27 21.53 24.57
C ALA A 703 -10.52 20.06 24.83
N CYS A 704 -9.47 19.36 25.22
CA CYS A 704 -9.41 17.91 25.11
C CYS A 704 -10.78 17.33 24.74
N VAL A 705 -11.61 17.00 25.72
CA VAL A 705 -12.88 16.33 25.43
C VAL A 705 -13.75 16.17 26.64
N ASN A 706 -14.49 17.19 27.04
CA ASN A 706 -15.27 17.01 28.26
C ASN A 706 -16.71 17.45 28.17
N ASN A 707 -17.57 16.47 27.96
CA ASN A 707 -18.97 16.74 27.68
C ASN A 707 -19.90 16.61 28.88
N ASP A 708 -19.35 16.28 30.04
CA ASP A 708 -20.19 16.13 31.21
C ASP A 708 -20.28 17.41 32.04
N GLU A 709 -19.48 18.39 31.66
CA GLU A 709 -19.58 19.71 32.27
C GLU A 709 -19.24 20.81 31.27
N THR A 710 -19.79 22.00 31.51
CA THR A 710 -19.58 23.17 30.64
C THR A 710 -18.11 23.52 30.49
N CYS A 711 -17.79 24.45 29.61
CA CYS A 711 -16.42 24.91 29.55
C CYS A 711 -16.08 25.62 30.84
N GLU A 712 -16.90 26.59 31.23
CA GLU A 712 -16.60 27.35 32.43
C GLU A 712 -16.84 26.60 33.75
N GLN A 713 -17.42 25.40 33.69
CA GLN A 713 -17.48 24.53 34.87
C GLN A 713 -16.10 23.97 35.09
N ARG A 714 -15.47 23.57 33.99
CA ARG A 714 -14.10 23.10 34.02
C ARG A 714 -13.14 24.23 34.39
N ALA A 715 -13.33 25.39 33.79
CA ALA A 715 -12.44 26.53 34.04
C ALA A 715 -12.44 26.86 35.51
N ALA A 716 -13.59 26.68 36.15
CA ALA A 716 -13.67 26.94 37.58
C ALA A 716 -12.55 26.20 38.29
N ARG A 717 -12.46 24.90 38.05
CA ARG A 717 -11.52 24.03 38.76
C ARG A 717 -10.07 24.39 38.44
N ILE A 718 -9.87 25.38 37.58
CA ILE A 718 -8.52 25.77 37.17
C ILE A 718 -7.86 26.59 38.25
N SER A 719 -6.63 26.23 38.57
CA SER A 719 -5.87 27.00 39.53
C SER A 719 -4.73 27.73 38.86
N LEU A 720 -4.00 26.99 38.03
CA LEU A 720 -2.71 27.43 37.46
C LEU A 720 -2.54 28.94 37.22
N GLY A 721 -3.62 29.64 36.92
CA GLY A 721 -3.55 31.08 36.75
C GLY A 721 -4.52 31.64 35.74
N PRO A 722 -5.37 32.58 36.18
CA PRO A 722 -6.31 33.29 35.29
C PRO A 722 -5.66 33.75 33.99
N ARG A 723 -4.34 33.56 33.91
CA ARG A 723 -3.58 33.85 32.72
C ARG A 723 -3.95 32.89 31.59
N CYS A 724 -4.30 31.66 31.95
CA CYS A 724 -4.61 30.63 30.97
C CYS A 724 -6.08 30.22 30.96
N ILE A 725 -6.85 30.72 31.91
CA ILE A 725 -8.27 30.40 31.93
C ILE A 725 -8.94 30.72 30.61
N LYS A 726 -8.54 31.85 30.02
CA LYS A 726 -9.02 32.25 28.69
C LYS A 726 -8.57 31.22 27.68
N ALA A 727 -7.27 30.93 27.71
CA ALA A 727 -6.70 29.93 26.81
C ALA A 727 -7.47 28.61 26.90
N PHE A 728 -8.11 28.40 28.04
CA PHE A 728 -8.89 27.19 28.29
C PHE A 728 -10.32 27.28 27.72
N THR A 729 -11.07 28.29 28.16
CA THR A 729 -12.46 28.48 27.70
C THR A 729 -12.51 28.79 26.20
N GLU A 730 -11.53 29.55 25.72
CA GLU A 730 -11.44 29.85 24.31
C GLU A 730 -11.39 28.55 23.53
N CYS A 731 -10.23 27.91 23.59
CA CYS A 731 -9.95 26.73 22.79
C CYS A 731 -10.99 25.65 23.05
N CYS A 732 -11.57 25.65 24.25
CA CYS A 732 -12.55 24.63 24.59
C CYS A 732 -13.83 24.80 23.79
N VAL A 733 -14.37 26.01 23.79
CA VAL A 733 -15.58 26.29 23.02
C VAL A 733 -15.31 25.97 21.56
N VAL A 734 -14.21 26.51 21.04
CA VAL A 734 -13.80 26.23 19.67
C VAL A 734 -13.95 24.75 19.32
N ALA A 735 -13.47 23.88 20.21
CA ALA A 735 -13.49 22.45 19.95
C ALA A 735 -14.83 21.81 20.32
N SER A 736 -15.69 22.56 20.99
CA SER A 736 -16.98 22.02 21.41
C SER A 736 -18.06 22.19 20.34
N GLN A 737 -18.06 23.37 19.70
CA GLN A 737 -18.98 23.65 18.60
C GLN A 737 -18.54 22.79 17.40
N LEU A 738 -17.24 22.57 17.31
CA LEU A 738 -16.69 21.80 16.21
C LEU A 738 -17.19 20.37 16.21
N ARG A 739 -17.47 19.81 17.39
CA ARG A 739 -17.88 18.40 17.42
C ARG A 739 -19.34 18.25 16.95
N ALA A 740 -20.03 19.38 16.85
CA ALA A 740 -21.39 19.37 16.33
C ALA A 740 -21.37 19.27 14.81
N ASN A 741 -20.21 19.55 14.22
CA ASN A 741 -20.08 19.70 12.77
C ASN A 741 -19.31 18.60 12.03
N ILE A 742 -18.35 17.96 12.69
CA ILE A 742 -17.62 16.85 12.07
C ILE A 742 -18.56 15.66 11.94
N SER A 743 -19.67 15.72 12.69
CA SER A 743 -20.64 14.65 12.78
C SER A 743 -22.01 15.18 13.15
N LEU A 749 -25.42 5.93 13.66
CA LEU A 749 -24.78 5.53 14.92
C LEU A 749 -24.52 6.74 15.79
N GLY A 750 -23.90 6.51 16.95
CA GLY A 750 -23.66 7.56 17.92
C GLY A 750 -22.22 7.63 18.35
N ARG A 751 -21.32 7.26 17.44
CA ARG A 751 -19.88 7.31 17.70
C ARG A 751 -19.22 8.64 17.27
N LEU A 752 -18.92 9.49 18.27
CA LEU A 752 -18.11 10.71 18.06
C LEU A 752 -17.18 10.97 19.25
N HIS A 753 -15.91 11.23 18.94
CA HIS A 753 -14.88 11.40 19.95
C HIS A 753 -13.77 12.29 19.40
N MET A 754 -13.80 13.57 19.75
CA MET A 754 -12.77 14.49 19.29
C MET A 754 -11.44 14.02 19.81
N LYS A 755 -10.37 14.72 19.42
CA LYS A 755 -9.04 14.51 20.03
C LYS A 755 -8.00 15.51 19.49
N THR A 756 -6.85 15.49 20.15
CA THR A 756 -5.62 16.14 19.67
C THR A 756 -4.46 15.56 20.45
N LEU A 757 -3.94 14.43 19.95
CA LEU A 757 -2.96 13.64 20.68
C LEU A 757 -1.72 14.43 21.10
N LEU A 758 -1.18 14.05 22.25
CA LEU A 758 0.13 14.51 22.71
C LEU A 758 0.39 13.77 24.00
N PRO A 759 1.17 12.67 23.91
CA PRO A 759 1.52 11.86 25.07
C PRO A 759 2.12 12.69 26.21
N VAL A 760 2.16 14.01 26.03
CA VAL A 760 2.70 14.94 27.02
C VAL A 760 4.21 14.76 27.18
N SER A 761 4.81 14.03 26.25
CA SER A 761 6.25 13.78 26.25
C SER A 761 6.68 12.77 27.32
N LYS A 762 5.77 11.87 27.70
CA LYS A 762 6.07 10.84 28.70
C LYS A 762 6.62 9.56 28.07
N PRO A 763 7.76 9.08 28.60
CA PRO A 763 8.33 7.82 28.12
C PRO A 763 7.55 6.62 28.64
N GLU A 764 6.54 6.18 27.89
CA GLU A 764 5.87 4.91 28.18
C GLU A 764 6.51 3.85 27.33
N ILE A 765 6.28 2.58 27.65
CA ILE A 765 6.97 1.51 26.94
C ILE A 765 6.26 0.17 27.09
N ARG A 766 5.48 -0.25 26.08
CA ARG A 766 4.57 -1.38 26.24
C ARG A 766 5.20 -2.78 26.21
N SER A 767 6.49 -2.88 26.49
CA SER A 767 7.12 -4.19 26.56
C SER A 767 8.12 -4.28 27.70
N TYR A 768 8.05 -5.36 28.45
CA TYR A 768 8.91 -5.51 29.63
C TYR A 768 10.21 -6.14 29.21
N PHE A 769 11.26 -5.90 30.00
CA PHE A 769 12.54 -6.56 29.77
C PHE A 769 13.06 -7.11 31.07
N PRO A 770 13.17 -8.44 31.17
CA PRO A 770 13.52 -9.25 32.34
C PRO A 770 14.82 -8.88 32.99
N GLU A 771 14.87 -8.99 34.31
CA GLU A 771 16.12 -8.73 35.00
C GLU A 771 17.21 -9.59 34.35
N SER A 772 18.42 -9.04 34.24
CA SER A 772 19.59 -9.73 33.66
C SER A 772 20.27 -10.71 34.62
N TRP A 773 21.26 -11.46 34.14
CA TRP A 773 21.90 -12.50 34.95
C TRP A 773 23.26 -12.96 34.42
N LEU A 774 23.92 -13.85 35.16
CA LEU A 774 25.32 -14.20 34.86
C LEU A 774 26.24 -12.98 35.02
N TRP A 775 25.85 -12.07 35.91
CA TRP A 775 26.52 -10.81 36.19
C TRP A 775 27.74 -10.98 37.10
N GLU A 776 28.27 -12.20 37.15
CA GLU A 776 29.46 -12.53 37.96
C GLU A 776 30.79 -12.20 37.29
N VAL A 777 31.82 -11.86 38.09
CA VAL A 777 33.21 -11.81 37.60
C VAL A 777 33.80 -13.20 37.76
N HIS A 778 34.94 -13.47 37.13
CA HIS A 778 35.56 -14.78 37.26
C HIS A 778 37.04 -14.67 36.99
N LEU A 779 37.81 -15.61 37.50
CA LEU A 779 39.24 -15.68 37.21
C LEU A 779 39.58 -16.81 36.26
N VAL A 780 39.64 -16.51 34.97
CA VAL A 780 39.88 -17.57 34.00
C VAL A 780 41.32 -17.63 33.49
N PRO A 781 42.06 -18.62 33.99
CA PRO A 781 43.41 -18.86 33.49
C PRO A 781 43.29 -19.67 32.24
N ARG A 782 43.18 -19.00 31.09
CA ARG A 782 43.16 -19.67 29.79
C ARG A 782 41.98 -20.63 29.60
N ARG A 783 41.24 -20.91 30.67
CA ARG A 783 40.10 -21.84 30.63
C ARG A 783 39.27 -21.75 31.89
N LYS A 784 37.98 -21.99 31.75
CA LYS A 784 37.08 -22.18 32.89
C LYS A 784 35.70 -22.43 32.34
N GLN A 785 34.99 -23.37 32.93
CA GLN A 785 33.69 -23.78 32.41
C GLN A 785 32.73 -23.88 33.58
N LEU A 786 31.52 -23.34 33.44
CA LEU A 786 30.67 -23.19 34.60
C LEU A 786 29.19 -23.39 34.32
N GLN A 787 28.79 -24.65 34.24
CA GLN A 787 27.41 -25.00 33.91
C GLN A 787 26.37 -24.25 34.75
N PHE A 788 25.13 -24.33 34.28
CA PHE A 788 23.94 -23.75 34.91
C PHE A 788 22.78 -23.95 33.92
N ALA A 789 21.55 -24.07 34.41
CA ALA A 789 20.42 -24.13 33.48
C ALA A 789 19.83 -22.74 33.30
N LEU A 790 19.54 -22.35 32.07
CA LEU A 790 19.07 -20.99 31.84
C LEU A 790 17.59 -20.82 32.21
N PRO A 791 17.17 -19.58 32.48
CA PRO A 791 15.91 -19.28 33.16
C PRO A 791 14.71 -19.69 32.36
N ASP A 792 13.70 -20.24 33.03
CA ASP A 792 12.43 -20.52 32.38
C ASP A 792 11.86 -19.20 31.86
N SER A 793 12.11 -18.87 30.59
CA SER A 793 11.52 -17.67 30.00
C SER A 793 11.83 -17.45 28.54
N LEU A 794 10.77 -17.14 27.78
CA LEU A 794 10.89 -16.78 26.38
C LEU A 794 11.70 -15.51 26.23
N THR A 795 13.01 -15.65 26.06
CA THR A 795 13.89 -14.48 25.88
C THR A 795 15.14 -14.84 25.05
N THR A 796 15.58 -13.97 24.15
CA THR A 796 16.86 -14.20 23.48
C THR A 796 17.98 -13.60 24.31
N TRP A 797 18.60 -14.45 25.10
CA TRP A 797 19.64 -14.00 26.02
C TRP A 797 20.90 -13.66 25.24
N GLU A 798 21.18 -12.38 25.04
CA GLU A 798 22.48 -12.06 24.52
C GLU A 798 23.46 -12.07 25.66
N ILE A 799 24.33 -13.05 25.72
CA ILE A 799 25.24 -13.14 26.85
C ILE A 799 26.65 -12.65 26.45
N GLN A 800 26.87 -11.36 26.67
CA GLN A 800 28.16 -10.72 26.45
C GLN A 800 29.13 -11.00 27.61
N GLY A 801 30.40 -10.67 27.41
CA GLY A 801 31.42 -10.93 28.42
C GLY A 801 32.77 -10.28 28.14
N ILE A 802 32.96 -9.08 28.66
CA ILE A 802 34.22 -8.35 28.54
C ILE A 802 35.26 -9.01 29.45
N GLY A 803 36.54 -8.77 29.15
CA GLY A 803 37.62 -9.19 30.04
C GLY A 803 38.69 -8.13 30.22
N ILE A 804 39.34 -8.09 31.38
CA ILE A 804 40.47 -7.19 31.53
C ILE A 804 41.59 -7.82 32.29
N SER A 805 42.79 -7.59 31.76
CA SER A 805 44.04 -8.10 32.30
C SER A 805 45.19 -7.20 31.88
N ASN A 806 46.41 -7.67 32.06
CA ASN A 806 47.59 -6.81 31.93
C ASN A 806 47.88 -6.36 30.51
N THR A 807 47.05 -6.82 29.59
CA THR A 807 47.17 -6.37 28.21
C THR A 807 46.28 -5.13 27.98
N GLY A 808 45.16 -5.07 28.71
CA GLY A 808 44.13 -4.06 28.52
C GLY A 808 42.69 -4.59 28.58
N ILE A 809 41.76 -3.88 27.95
CA ILE A 809 40.36 -4.29 27.88
C ILE A 809 40.02 -4.97 26.56
N CYS A 810 39.36 -6.13 26.61
CA CYS A 810 38.95 -6.88 25.39
C CYS A 810 37.55 -7.53 25.48
N VAL A 811 36.55 -6.77 25.06
CA VAL A 811 35.20 -7.30 24.88
C VAL A 811 35.21 -8.44 23.87
N ALA A 812 34.48 -9.49 24.17
CA ALA A 812 34.46 -10.62 23.26
C ALA A 812 33.24 -10.59 22.38
N ASP A 813 33.31 -11.39 21.32
CA ASP A 813 32.20 -11.52 20.42
C ASP A 813 31.10 -12.13 21.26
N THR A 814 29.95 -11.47 21.23
CA THR A 814 28.78 -11.84 22.03
C THR A 814 28.42 -13.29 21.84
N VAL A 815 27.41 -13.79 22.53
CA VAL A 815 26.87 -15.10 22.20
C VAL A 815 25.38 -15.22 22.53
N LYS A 816 24.54 -14.89 21.55
CA LYS A 816 23.07 -14.96 21.71
C LYS A 816 22.71 -16.38 22.13
N ALA A 817 21.68 -16.52 22.95
CA ALA A 817 21.28 -17.84 23.41
C ALA A 817 19.79 -17.87 23.70
N LYS A 818 18.98 -17.59 22.67
CA LYS A 818 17.53 -17.63 22.81
C LYS A 818 17.10 -19.00 23.31
N VAL A 819 16.30 -18.99 24.37
CA VAL A 819 15.63 -20.19 24.82
C VAL A 819 14.18 -20.03 24.43
N PHE A 820 13.47 -21.14 24.37
CA PHE A 820 12.08 -21.08 23.99
C PHE A 820 11.42 -22.45 23.81
N LYS A 821 10.19 -22.58 24.31
CA LYS A 821 9.40 -23.79 24.18
C LYS A 821 8.41 -23.68 23.01
N ASP A 822 8.31 -24.76 22.25
CA ASP A 822 7.65 -24.79 20.94
C ASP A 822 6.17 -24.42 20.99
N VAL A 823 5.41 -25.21 21.74
CA VAL A 823 4.01 -24.94 22.03
C VAL A 823 3.79 -24.96 23.52
N PHE A 824 3.01 -23.99 23.99
CA PHE A 824 2.74 -23.83 25.41
C PHE A 824 1.41 -23.09 25.65
N LEU A 825 0.70 -23.46 26.70
CA LEU A 825 -0.54 -22.78 27.03
C LEU A 825 -0.39 -21.85 28.23
N GLU A 826 -1.11 -20.75 28.17
CA GLU A 826 -1.29 -19.86 29.31
C GLU A 826 -2.79 -19.72 29.57
N MET A 827 -3.16 -19.67 30.86
CA MET A 827 -4.55 -19.44 31.25
C MET A 827 -4.63 -18.11 31.96
N ASN A 828 -5.63 -17.30 31.65
CA ASN A 828 -5.79 -16.06 32.37
C ASN A 828 -6.75 -16.16 33.58
N ILE A 829 -6.20 -16.38 34.77
CA ILE A 829 -6.98 -16.40 36.00
C ILE A 829 -7.11 -14.96 36.47
N PRO A 830 -8.24 -14.64 37.13
CA PRO A 830 -8.52 -13.29 37.61
C PRO A 830 -7.81 -13.11 38.92
N TYR A 831 -7.82 -11.90 39.44
CA TYR A 831 -7.40 -11.76 40.80
C TYR A 831 -8.39 -12.60 41.57
N SER A 832 -9.60 -12.13 41.70
CA SER A 832 -10.45 -12.77 42.67
C SER A 832 -11.85 -12.94 42.15
N VAL A 833 -12.54 -13.93 42.70
CA VAL A 833 -13.92 -14.24 42.37
C VAL A 833 -14.73 -14.42 43.64
N VAL A 834 -15.96 -13.93 43.64
CA VAL A 834 -16.88 -14.19 44.74
C VAL A 834 -17.46 -15.60 44.72
N ARG A 835 -17.76 -16.14 45.90
CA ARG A 835 -18.38 -17.46 46.01
C ARG A 835 -19.72 -17.49 45.29
N GLY A 836 -19.91 -18.50 44.45
CA GLY A 836 -21.17 -18.69 43.75
C GLY A 836 -21.45 -17.71 42.62
N GLU A 837 -20.38 -17.08 42.14
CA GLU A 837 -20.37 -16.26 40.92
C GLU A 837 -19.87 -17.28 39.91
N GLN A 838 -20.49 -17.35 38.72
CA GLN A 838 -20.07 -18.31 37.66
C GLN A 838 -19.03 -17.68 36.70
N ILE A 839 -17.80 -18.14 36.76
CA ILE A 839 -16.70 -17.44 36.13
C ILE A 839 -16.22 -18.07 34.81
N GLN A 840 -15.85 -17.25 33.83
CA GLN A 840 -15.29 -17.75 32.57
C GLN A 840 -13.77 -17.63 32.49
N LEU A 841 -13.11 -18.78 32.57
CA LEU A 841 -11.65 -18.83 32.66
C LEU A 841 -10.96 -18.99 31.33
N LYS A 842 -10.53 -17.88 30.73
CA LYS A 842 -9.89 -17.97 29.42
C LYS A 842 -8.40 -18.26 29.44
N GLY A 843 -7.81 -18.20 28.25
CA GLY A 843 -6.43 -18.55 28.03
C GLY A 843 -6.22 -18.72 26.53
N THR A 844 -4.96 -18.70 26.10
CA THR A 844 -4.66 -18.93 24.69
C THR A 844 -3.50 -19.96 24.57
N VAL A 845 -3.51 -20.82 23.55
CA VAL A 845 -2.50 -21.89 23.46
C VAL A 845 -1.53 -21.66 22.32
N TYR A 846 -0.25 -21.63 22.65
CA TYR A 846 0.74 -21.10 21.72
C TYR A 846 1.41 -22.14 20.84
N ASN A 847 1.16 -21.97 19.54
CA ASN A 847 1.86 -22.70 18.49
C ASN A 847 2.90 -21.79 17.86
N TYR A 848 4.12 -22.28 17.87
CA TYR A 848 5.26 -21.52 17.42
C TYR A 848 6.09 -22.39 16.50
N ARG A 849 5.69 -23.66 16.41
CA ARG A 849 6.21 -24.56 15.40
C ARG A 849 5.79 -23.97 14.04
N THR A 850 6.60 -24.18 13.01
CA THR A 850 6.36 -23.59 11.69
C THR A 850 5.08 -24.11 11.05
N SER A 851 4.77 -25.37 11.31
CA SER A 851 3.51 -25.99 10.90
C SER A 851 2.47 -25.93 12.03
N GLY A 852 1.22 -26.27 11.71
CA GLY A 852 0.17 -26.33 12.70
C GLY A 852 0.23 -27.64 13.45
N MET A 853 -0.69 -27.82 14.40
CA MET A 853 -0.83 -29.11 15.07
C MET A 853 -2.14 -29.29 15.84
N GLN A 854 -2.33 -30.47 16.40
CA GLN A 854 -3.51 -30.76 17.18
C GLN A 854 -3.18 -30.71 18.66
N PHE A 855 -4.02 -30.03 19.44
CA PHE A 855 -3.95 -30.08 20.90
C PHE A 855 -5.17 -30.72 21.56
N CYS A 856 -5.35 -30.47 22.86
CA CYS A 856 -6.48 -31.02 23.62
C CYS A 856 -6.35 -30.60 25.08
N VAL A 857 -6.77 -29.38 25.41
CA VAL A 857 -6.59 -28.86 26.77
C VAL A 857 -7.70 -29.28 27.71
N LYS A 858 -7.33 -29.80 28.88
CA LYS A 858 -8.32 -30.25 29.85
C LYS A 858 -8.01 -29.70 31.25
N MET A 859 -9.05 -29.26 31.94
CA MET A 859 -8.94 -28.66 33.26
C MET A 859 -9.32 -29.63 34.38
N SER A 860 -8.61 -29.54 35.49
CA SER A 860 -8.78 -30.48 36.58
C SER A 860 -9.84 -30.12 37.62
N ALA A 861 -10.87 -30.94 37.73
CA ALA A 861 -11.95 -30.77 38.71
C ALA A 861 -11.43 -30.82 40.15
N VAL A 862 -11.25 -29.65 40.76
CA VAL A 862 -10.81 -29.62 42.15
C VAL A 862 -11.98 -29.45 43.10
N GLU A 863 -11.94 -30.21 44.20
CA GLU A 863 -13.09 -30.46 45.07
C GLU A 863 -14.21 -29.40 45.07
N GLY A 864 -13.87 -28.15 45.29
CA GLY A 864 -14.88 -27.14 45.59
C GLY A 864 -15.43 -26.39 44.41
N ILE A 865 -15.11 -26.86 43.21
CA ILE A 865 -15.41 -26.10 42.01
C ILE A 865 -16.25 -26.87 41.01
N CYS A 866 -17.39 -26.29 40.67
CA CYS A 866 -18.30 -26.87 39.70
C CYS A 866 -17.74 -26.80 38.30
N THR A 867 -18.26 -27.65 37.43
CA THR A 867 -17.79 -27.75 36.06
C THR A 867 -18.68 -28.66 35.22
N SER A 868 -18.43 -28.65 33.92
CA SER A 868 -19.27 -29.34 32.95
C SER A 868 -18.99 -30.85 32.83
N GLU A 869 -17.83 -31.30 33.31
CA GLU A 869 -17.52 -32.73 33.33
C GLU A 869 -18.15 -33.39 34.55
N SER A 870 -18.48 -34.68 34.44
CA SER A 870 -19.18 -35.39 35.51
C SER A 870 -18.43 -35.35 36.83
N LYS A 882 -12.21 -33.56 30.07
CA LYS A 882 -12.57 -34.23 28.83
C LYS A 882 -11.66 -33.81 27.67
N CYS A 883 -11.32 -34.77 26.79
CA CYS A 883 -10.37 -34.49 25.70
C CYS A 883 -10.99 -33.87 24.44
N VAL A 884 -11.32 -32.59 24.52
CA VAL A 884 -11.82 -31.83 23.38
C VAL A 884 -10.66 -31.40 22.47
N ARG A 885 -10.28 -32.27 21.53
CA ARG A 885 -9.08 -32.03 20.73
C ARG A 885 -9.30 -31.12 19.53
N GLN A 886 -8.57 -30.02 19.54
CA GLN A 886 -8.72 -28.96 18.58
C GLN A 886 -7.54 -28.94 17.62
N LYS A 887 -7.48 -27.92 16.77
CA LYS A 887 -6.38 -27.77 15.81
C LYS A 887 -5.85 -26.34 15.85
N VAL A 888 -4.55 -26.19 16.14
CA VAL A 888 -3.91 -24.88 16.14
C VAL A 888 -3.16 -24.60 14.87
N GLU A 889 -3.61 -23.60 14.12
CA GLU A 889 -2.92 -23.20 12.91
C GLU A 889 -1.48 -22.76 13.22
N GLY A 890 -0.54 -23.12 12.34
CA GLY A 890 0.88 -22.94 12.59
C GLY A 890 1.28 -21.50 12.90
N SER A 891 2.24 -21.36 13.80
CA SER A 891 2.75 -20.04 14.19
C SER A 891 1.67 -19.09 14.68
N SER A 892 0.68 -19.64 15.38
CA SER A 892 -0.48 -18.89 15.84
C SER A 892 -0.90 -19.36 17.22
N SER A 893 -2.20 -19.22 17.51
CA SER A 893 -2.75 -19.62 18.80
C SER A 893 -4.26 -19.78 18.80
N HIS A 894 -4.74 -20.83 19.45
CA HIS A 894 -6.18 -21.07 19.55
C HIS A 894 -6.74 -20.78 20.94
N LEU A 895 -7.65 -19.82 21.00
CA LEU A 895 -8.32 -19.50 22.26
C LEU A 895 -8.80 -20.73 22.94
N VAL A 896 -8.76 -20.70 24.26
CA VAL A 896 -9.31 -21.76 25.05
C VAL A 896 -10.17 -21.05 26.06
N THR A 897 -11.10 -21.79 26.64
CA THR A 897 -11.89 -21.27 27.74
C THR A 897 -12.51 -22.42 28.51
N PHE A 898 -12.91 -22.09 29.74
CA PHE A 898 -13.64 -22.98 30.61
C PHE A 898 -14.54 -22.12 31.46
N THR A 899 -15.71 -22.63 31.79
CA THR A 899 -16.55 -21.99 32.77
C THR A 899 -16.47 -22.82 34.05
N VAL A 900 -16.35 -22.15 35.20
CA VAL A 900 -16.32 -22.74 36.55
C VAL A 900 -17.17 -21.93 37.52
N LEU A 901 -17.24 -22.37 38.76
CA LEU A 901 -18.05 -21.63 39.71
C LEU A 901 -17.86 -22.18 41.13
N PRO A 902 -17.08 -21.45 41.96
CA PRO A 902 -16.66 -22.02 43.23
C PRO A 902 -17.68 -21.73 44.31
N LEU A 903 -17.90 -22.69 45.21
CA LEU A 903 -18.77 -22.47 46.37
C LEU A 903 -17.90 -22.42 47.65
N GLU A 904 -16.78 -23.11 47.59
CA GLU A 904 -15.85 -23.07 48.71
C GLU A 904 -14.93 -21.86 48.62
N ILE A 905 -14.98 -21.03 49.67
CA ILE A 905 -14.26 -19.77 49.72
C ILE A 905 -12.79 -20.04 49.86
N GLY A 906 -11.97 -19.09 49.39
CA GLY A 906 -10.52 -19.18 49.47
C GLY A 906 -9.87 -20.26 48.64
N LEU A 907 -10.55 -21.39 48.54
CA LEU A 907 -10.12 -22.58 47.81
C LEU A 907 -9.43 -22.24 46.50
N HIS A 908 -8.43 -23.02 46.15
CA HIS A 908 -7.63 -22.63 45.03
C HIS A 908 -7.29 -23.86 44.21
N ASN A 909 -6.30 -23.71 43.33
CA ASN A 909 -5.76 -24.82 42.58
C ASN A 909 -6.67 -25.39 41.48
N ILE A 910 -6.15 -25.34 40.25
CA ILE A 910 -6.77 -25.97 39.11
C ILE A 910 -5.61 -26.37 38.21
N ASN A 911 -5.49 -27.67 37.94
CA ASN A 911 -4.46 -28.17 37.02
C ASN A 911 -4.99 -27.95 35.60
N PHE A 912 -4.13 -27.57 34.66
CA PHE A 912 -4.50 -27.46 33.26
C PHE A 912 -3.53 -28.31 32.47
N SER A 913 -4.03 -28.99 31.45
CA SER A 913 -3.22 -29.93 30.69
C SER A 913 -3.48 -29.74 29.19
N LEU A 914 -2.50 -30.03 28.35
CA LEU A 914 -2.76 -30.14 26.91
C LEU A 914 -2.00 -31.31 26.27
N GLU A 915 -2.51 -31.77 25.13
CA GLU A 915 -1.98 -32.96 24.48
C GLU A 915 -1.63 -32.73 23.01
N THR A 916 -0.37 -33.02 22.69
CA THR A 916 0.13 -32.93 21.33
C THR A 916 0.93 -34.19 21.04
N TRP A 917 0.90 -34.60 19.78
CA TRP A 917 1.54 -35.82 19.31
C TRP A 917 2.84 -36.12 20.07
N PHE A 918 3.70 -35.11 20.17
CA PHE A 918 4.98 -35.30 20.85
C PHE A 918 5.11 -34.53 22.16
N GLY A 919 3.98 -34.03 22.67
CA GLY A 919 4.01 -33.31 23.94
C GLY A 919 2.72 -33.36 24.74
N LYS A 920 2.86 -33.61 26.04
CA LYS A 920 1.76 -33.52 27.00
C LYS A 920 2.24 -32.79 28.26
N GLU A 921 1.66 -31.62 28.50
CA GLU A 921 2.25 -30.68 29.45
C GLU A 921 1.21 -30.24 30.48
N ILE A 922 1.64 -30.08 31.74
CA ILE A 922 0.71 -29.66 32.80
C ILE A 922 1.06 -28.35 33.51
N LEU A 923 0.12 -27.43 33.46
CA LEU A 923 0.25 -26.11 34.04
C LEU A 923 -0.70 -25.99 35.23
N VAL A 924 -0.17 -25.64 36.41
CA VAL A 924 -1.02 -25.38 37.58
C VAL A 924 -1.18 -23.90 37.93
N LYS A 925 -2.34 -23.60 38.48
CA LYS A 925 -2.86 -22.24 38.63
C LYS A 925 -3.60 -22.27 39.97
N THR A 926 -3.88 -21.11 40.59
CA THR A 926 -4.66 -21.09 41.87
C THR A 926 -5.67 -19.94 42.01
N LEU A 927 -6.88 -20.26 42.43
CA LEU A 927 -8.03 -19.36 42.28
C LEU A 927 -8.51 -18.69 43.58
N ARG A 928 -8.24 -17.39 43.72
CA ARG A 928 -8.73 -16.62 44.88
C ARG A 928 -10.25 -16.50 44.85
N VAL A 929 -10.92 -17.12 45.83
CA VAL A 929 -12.37 -16.98 45.98
C VAL A 929 -12.66 -16.20 47.26
N VAL A 930 -13.74 -15.40 47.26
CA VAL A 930 -13.99 -14.39 48.29
C VAL A 930 -15.45 -14.40 48.71
N PRO A 931 -15.82 -13.57 49.69
CA PRO A 931 -17.22 -13.27 49.99
C PRO A 931 -17.68 -11.83 49.61
N GLU A 932 -18.47 -11.13 50.45
CA GLU A 932 -19.16 -9.91 50.00
C GLU A 932 -19.37 -8.75 51.03
N GLY A 933 -18.53 -7.70 51.00
CA GLY A 933 -18.57 -6.54 51.92
C GLY A 933 -17.77 -6.64 53.23
N VAL A 934 -16.54 -6.15 53.25
CA VAL A 934 -15.56 -6.58 54.29
C VAL A 934 -15.08 -5.64 55.39
N LYS A 935 -15.65 -5.83 56.57
CA LYS A 935 -15.30 -5.04 57.71
C LYS A 935 -14.36 -5.86 58.63
N ARG A 936 -13.38 -5.21 59.26
CA ARG A 936 -12.59 -5.90 60.26
C ARG A 936 -12.52 -5.07 61.55
N GLU A 937 -12.93 -5.70 62.64
CA GLU A 937 -13.04 -5.07 63.96
C GLU A 937 -12.01 -5.66 64.93
N SER A 938 -11.06 -4.82 65.32
CA SER A 938 -9.83 -5.25 65.96
C SER A 938 -9.74 -4.83 67.40
N TYR A 939 -10.62 -3.92 67.79
CA TYR A 939 -10.50 -3.17 69.05
C TYR A 939 -10.06 -4.00 70.28
N SER A 940 -10.05 -5.32 70.12
CA SER A 940 -9.60 -6.20 71.18
C SER A 940 -8.09 -6.18 71.24
N GLY A 941 -7.58 -6.27 72.47
CA GLY A 941 -6.17 -6.25 72.77
C GLY A 941 -6.01 -6.21 74.28
N VAL A 942 -4.79 -6.40 74.77
CA VAL A 942 -4.47 -6.22 76.21
C VAL A 942 -3.06 -5.72 76.35
N THR A 943 -2.74 -5.12 77.48
CA THR A 943 -1.32 -5.07 77.79
C THR A 943 -1.00 -6.03 78.93
N LEU A 944 -0.27 -7.09 78.59
CA LEU A 944 0.09 -8.07 79.58
C LEU A 944 1.09 -7.40 80.49
N ASP A 945 0.75 -7.33 81.78
CA ASP A 945 1.57 -6.64 82.79
C ASP A 945 1.54 -7.45 84.04
N PRO A 946 2.50 -8.31 84.21
CA PRO A 946 2.28 -9.33 85.24
C PRO A 946 2.62 -8.72 86.61
N ARG A 947 3.36 -7.63 86.50
CA ARG A 947 4.09 -7.02 87.60
C ARG A 947 3.39 -5.71 87.89
N GLY A 948 2.15 -5.56 87.44
CA GLY A 948 1.38 -4.37 87.72
C GLY A 948 2.00 -2.99 87.44
N ILE A 949 3.25 -2.93 86.98
CA ILE A 949 3.91 -1.67 86.58
C ILE A 949 2.99 -0.53 86.16
N TYR A 950 1.94 -0.88 85.43
CA TYR A 950 1.16 0.11 84.67
C TYR A 950 -0.12 0.55 85.32
N GLY A 951 -0.41 0.00 86.49
CA GLY A 951 -1.50 0.50 87.30
C GLY A 951 -2.34 -0.61 87.85
N THR A 952 -2.14 -1.81 87.30
CA THR A 952 -2.77 -3.01 87.84
C THR A 952 -2.18 -4.23 87.20
N ILE A 953 -2.62 -5.38 87.66
CA ILE A 953 -2.05 -6.62 87.19
C ILE A 953 -2.88 -7.29 86.05
N SER A 954 -2.26 -7.33 84.87
CA SER A 954 -2.85 -7.90 83.66
C SER A 954 -2.28 -9.28 83.47
N ARG A 955 -2.96 -10.32 83.93
CA ARG A 955 -2.52 -11.66 83.56
C ARG A 955 -3.62 -12.44 82.89
N ARG A 956 -4.60 -11.72 82.35
CA ARG A 956 -5.64 -12.33 81.57
C ARG A 956 -6.41 -11.28 80.87
N LYS A 957 -6.81 -11.62 79.64
CA LYS A 957 -7.91 -10.99 78.91
C LYS A 957 -8.54 -12.10 78.15
N GLU A 958 -9.87 -12.11 78.15
CA GLU A 958 -10.65 -13.01 77.32
C GLU A 958 -11.15 -12.23 76.12
N PHE A 959 -10.86 -12.71 74.90
CA PHE A 959 -11.55 -12.23 73.71
C PHE A 959 -12.49 -13.35 73.30
N PRO A 960 -13.79 -13.02 73.12
CA PRO A 960 -14.75 -14.10 72.86
C PRO A 960 -15.22 -14.07 71.42
N TYR A 961 -16.22 -14.87 71.14
CA TYR A 961 -17.01 -14.75 69.93
C TYR A 961 -18.01 -13.62 70.04
N ARG A 962 -18.03 -12.76 69.03
CA ARG A 962 -19.18 -11.90 68.81
C ARG A 962 -19.48 -11.89 67.32
N ILE A 963 -20.56 -12.59 66.98
CA ILE A 963 -21.04 -12.67 65.61
C ILE A 963 -22.02 -11.58 65.39
N PRO A 964 -21.70 -10.68 64.47
CA PRO A 964 -22.52 -9.51 64.12
C PRO A 964 -23.69 -9.96 63.27
N LEU A 965 -24.91 -9.55 63.59
CA LEU A 965 -26.05 -10.16 62.90
C LEU A 965 -26.12 -9.77 61.41
N ASP A 966 -25.02 -9.21 60.89
CA ASP A 966 -24.91 -8.90 59.47
C ASP A 966 -23.94 -9.83 58.76
N LEU A 967 -23.52 -10.88 59.45
CA LEU A 967 -22.50 -11.76 58.91
C LEU A 967 -23.01 -12.50 57.68
N VAL A 968 -22.19 -12.51 56.62
CA VAL A 968 -22.49 -13.27 55.42
C VAL A 968 -22.51 -14.79 55.67
N PRO A 969 -23.67 -15.43 55.47
CA PRO A 969 -23.89 -16.86 55.66
C PRO A 969 -22.77 -17.76 55.15
N LYS A 970 -22.60 -18.88 55.83
CA LYS A 970 -21.56 -19.87 55.52
C LYS A 970 -20.20 -19.26 55.26
N THR A 971 -19.83 -18.30 56.09
CA THR A 971 -18.49 -17.72 56.09
C THR A 971 -17.99 -17.61 57.51
N GLU A 972 -16.85 -18.23 57.75
CA GLU A 972 -16.27 -18.32 59.09
C GLU A 972 -15.69 -16.98 59.52
N ILE A 973 -15.56 -16.77 60.83
CA ILE A 973 -14.99 -15.54 61.32
C ILE A 973 -13.52 -15.72 61.57
N LYS A 974 -12.73 -15.01 60.76
CA LYS A 974 -11.28 -14.98 60.88
C LYS A 974 -10.87 -13.94 61.93
N ARG A 975 -9.84 -14.24 62.70
CA ARG A 975 -9.23 -13.26 63.61
C ARG A 975 -7.85 -13.70 64.04
N ILE A 976 -6.94 -12.73 64.07
CA ILE A 976 -5.54 -13.00 64.31
C ILE A 976 -5.09 -12.47 65.65
N LEU A 977 -4.18 -13.20 66.28
CA LEU A 977 -3.64 -12.85 67.58
C LEU A 977 -2.16 -12.52 67.47
N SER A 978 -1.73 -11.33 67.87
CA SER A 978 -0.31 -10.95 67.76
C SER A 978 0.35 -10.52 69.09
N VAL A 979 0.91 -11.51 69.79
CA VAL A 979 1.51 -11.34 71.13
C VAL A 979 2.99 -10.99 71.08
N LYS A 980 3.39 -9.84 71.61
CA LYS A 980 4.84 -9.57 71.66
C LYS A 980 5.39 -8.80 72.87
N GLY A 981 6.64 -9.09 73.22
CA GLY A 981 7.26 -8.36 74.29
C GLY A 981 7.57 -6.97 73.80
N LEU A 982 7.62 -6.03 74.72
CA LEU A 982 7.98 -4.62 74.45
C LEU A 982 6.87 -3.75 73.87
N LEU A 983 6.80 -2.52 74.40
CA LEU A 983 5.79 -1.56 73.97
C LEU A 983 6.09 -1.23 72.54
N VAL A 984 7.35 -1.44 72.18
CA VAL A 984 7.86 -1.11 70.86
C VAL A 984 8.12 -2.42 70.05
N GLY A 985 7.35 -3.45 70.37
CA GLY A 985 7.48 -4.75 69.72
C GLY A 985 6.67 -5.02 68.45
N GLU A 986 5.49 -4.43 68.29
CA GLU A 986 4.86 -4.51 66.99
C GLU A 986 5.80 -3.80 66.08
N ILE A 987 6.15 -2.56 66.43
CA ILE A 987 6.90 -1.76 65.50
C ILE A 987 8.22 -2.38 65.16
N LEU A 988 8.63 -3.36 65.96
CA LEU A 988 9.86 -4.08 65.67
C LEU A 988 9.57 -5.26 64.78
N SER A 989 8.53 -6.04 65.09
CA SER A 989 8.19 -7.20 64.28
C SER A 989 7.85 -6.78 62.85
N ALA A 990 7.25 -5.61 62.71
CA ALA A 990 6.90 -5.15 61.38
C ALA A 990 8.13 -4.86 60.51
N VAL A 991 9.25 -4.48 61.10
CA VAL A 991 10.36 -4.13 60.26
C VAL A 991 11.34 -5.30 60.15
N LEU A 992 11.16 -6.29 61.00
CA LEU A 992 12.09 -7.40 60.95
C LEU A 992 11.34 -8.70 60.86
N SER A 993 10.39 -8.78 59.92
CA SER A 993 9.68 -10.04 59.65
C SER A 993 9.31 -10.07 58.18
N GLN A 994 9.18 -8.87 57.63
CA GLN A 994 8.96 -8.68 56.22
C GLN A 994 10.15 -7.94 55.66
N GLU A 995 10.60 -8.32 54.47
CA GLU A 995 11.66 -7.56 53.79
C GLU A 995 11.05 -6.38 53.05
N GLY A 996 11.90 -5.52 52.52
CA GLY A 996 11.45 -4.37 51.75
C GLY A 996 10.47 -3.49 52.50
N ILE A 997 10.79 -2.21 52.58
CA ILE A 997 10.00 -1.23 53.32
C ILE A 997 8.51 -1.24 52.89
N ASN A 998 7.62 -0.92 53.83
CA ASN A 998 6.18 -1.08 53.62
C ASN A 998 5.35 -0.13 54.48
N ILE A 999 4.22 0.36 53.94
CA ILE A 999 3.27 1.22 54.66
C ILE A 999 2.49 0.44 55.73
N LEU A 1000 2.01 1.16 56.73
CA LEU A 1000 1.48 0.49 57.90
C LEU A 1000 -0.04 0.50 57.97
N THR A 1001 -0.66 0.75 56.84
CA THR A 1001 -2.10 0.68 56.82
C THR A 1001 -2.60 0.14 55.49
N HIS A 1002 -3.88 0.22 55.25
CA HIS A 1002 -4.36 -0.05 53.91
C HIS A 1002 -4.26 1.22 53.03
N LEU A 1003 -3.74 2.31 53.59
CA LEU A 1003 -3.76 3.60 52.91
C LEU A 1003 -2.95 3.70 51.61
N PRO A 1004 -3.66 3.95 50.49
CA PRO A 1004 -3.34 4.10 49.06
C PRO A 1004 -2.15 4.99 48.76
N LYS A 1005 -1.31 4.56 47.82
CA LYS A 1005 0.02 5.16 47.69
C LYS A 1005 0.16 6.51 46.97
N GLY A 1006 -0.94 7.18 46.60
CA GLY A 1006 -0.82 8.34 45.73
C GLY A 1006 0.05 9.55 46.12
N SER A 1007 -0.14 9.96 47.36
CA SER A 1007 0.54 11.12 47.91
C SER A 1007 2.03 10.91 47.93
N ALA A 1008 2.75 12.02 48.03
CA ALA A 1008 4.15 12.00 48.41
C ALA A 1008 4.21 11.55 49.85
N GLU A 1009 3.14 11.85 50.58
CA GLU A 1009 3.08 11.51 51.99
C GLU A 1009 3.21 10.00 52.16
N ALA A 1010 2.72 9.21 51.20
CA ALA A 1010 2.75 7.78 51.42
C ALA A 1010 4.14 7.23 51.13
N GLU A 1011 4.87 8.00 50.36
CA GLU A 1011 6.19 7.57 49.98
C GLU A 1011 7.07 7.82 51.19
N LEU A 1012 6.80 8.93 51.89
CA LEU A 1012 7.54 9.32 53.08
C LEU A 1012 7.27 8.36 54.23
N MET A 1013 5.99 8.10 54.50
CA MET A 1013 5.56 7.22 55.58
C MET A 1013 6.14 5.81 55.50
N SER A 1014 6.82 5.51 54.41
CA SER A 1014 7.42 4.19 54.17
C SER A 1014 8.75 4.07 54.88
N VAL A 1015 9.53 5.15 54.81
CA VAL A 1015 10.79 5.20 55.49
C VAL A 1015 10.55 5.10 57.00
N VAL A 1016 9.39 5.57 57.47
CA VAL A 1016 9.11 5.75 58.92
C VAL A 1016 9.46 4.58 59.84
N PRO A 1017 8.73 3.45 59.75
CA PRO A 1017 8.91 2.31 60.65
C PRO A 1017 10.31 1.70 60.66
N VAL A 1018 11.04 1.88 59.59
CA VAL A 1018 12.43 1.50 59.67
C VAL A 1018 13.12 2.56 60.54
N PHE A 1019 12.94 3.83 60.20
CA PHE A 1019 13.66 4.88 60.93
C PHE A 1019 13.47 4.75 62.42
N TYR A 1020 12.21 4.70 62.87
CA TYR A 1020 11.98 4.52 64.29
C TYR A 1020 12.62 3.24 64.83
N VAL A 1021 12.44 2.13 64.11
CA VAL A 1021 13.10 0.90 64.54
C VAL A 1021 14.61 1.07 64.63
N PHE A 1022 15.21 1.62 63.60
CA PHE A 1022 16.65 1.80 63.63
C PHE A 1022 17.07 2.77 64.72
N HIS A 1023 16.20 3.71 65.05
CA HIS A 1023 16.49 4.70 66.09
C HIS A 1023 16.42 4.07 67.48
N TYR A 1024 15.31 3.38 67.76
CA TYR A 1024 15.25 2.59 68.96
C TYR A 1024 16.32 1.49 69.04
N LEU A 1025 16.71 0.94 67.91
CA LEU A 1025 17.66 -0.17 67.94
C LEU A 1025 19.04 0.32 68.30
N GLU A 1026 19.39 1.46 67.73
CA GLU A 1026 20.73 2.01 67.81
C GLU A 1026 20.86 2.91 69.02
N THR A 1027 19.91 3.80 69.18
CA THR A 1027 20.09 4.79 70.21
C THR A 1027 19.80 4.27 71.59
N GLY A 1028 19.40 3.01 71.69
CA GLY A 1028 19.25 2.41 73.01
C GLY A 1028 20.04 1.13 73.04
N ASN A 1029 21.17 1.11 72.34
CA ASN A 1029 21.77 -0.14 71.91
C ASN A 1029 20.96 -1.37 72.35
N HIS A 1030 20.33 -1.98 71.37
CA HIS A 1030 19.53 -3.19 71.53
C HIS A 1030 19.87 -4.21 70.43
N TRP A 1031 20.85 -3.84 69.62
CA TRP A 1031 21.31 -4.67 68.53
C TRP A 1031 21.59 -6.10 68.96
N ASN A 1032 21.69 -6.31 70.26
CA ASN A 1032 21.93 -7.67 70.73
C ASN A 1032 20.64 -8.45 70.79
N ILE A 1033 19.57 -7.92 70.22
CA ILE A 1033 18.34 -8.67 70.15
C ILE A 1033 18.64 -9.90 69.34
N PHE A 1034 19.53 -9.70 68.36
CA PHE A 1034 19.72 -10.64 67.26
C PHE A 1034 20.57 -11.81 67.61
N HIS A 1035 20.01 -12.99 67.38
CA HIS A 1035 20.73 -14.19 67.64
C HIS A 1035 21.78 -14.23 66.56
N SER A 1036 21.41 -13.70 65.39
CA SER A 1036 22.29 -13.66 64.21
C SER A 1036 23.43 -12.64 64.34
N ASP A 1037 24.06 -12.31 63.23
CA ASP A 1037 25.06 -11.28 63.25
C ASP A 1037 24.38 -9.93 63.18
N PRO A 1038 24.60 -9.11 64.20
CA PRO A 1038 23.92 -7.83 64.39
C PRO A 1038 24.47 -6.76 63.48
N LEU A 1039 25.76 -6.84 63.22
CA LEU A 1039 26.45 -5.82 62.43
C LEU A 1039 25.90 -5.76 61.00
N ILE A 1040 25.44 -6.92 60.52
CA ILE A 1040 24.92 -7.08 59.17
C ILE A 1040 23.41 -6.91 59.13
N GLU A 1041 22.76 -7.16 60.26
CA GLU A 1041 21.35 -6.87 60.40
C GLU A 1041 21.19 -5.37 60.42
N LYS A 1042 22.29 -4.69 60.77
CA LYS A 1042 22.32 -3.25 60.80
C LYS A 1042 22.56 -2.67 59.41
N GLN A 1043 23.40 -3.33 58.61
CA GLN A 1043 23.60 -2.92 57.22
C GLN A 1043 22.26 -2.87 56.54
N LYS A 1044 21.52 -3.96 56.68
CA LYS A 1044 20.21 -4.13 56.06
C LYS A 1044 19.34 -2.90 56.31
N LEU A 1045 19.29 -2.45 57.55
CA LEU A 1045 18.37 -1.39 57.92
C LEU A 1045 18.83 -0.04 57.41
N LYS A 1046 20.14 0.19 57.43
CA LYS A 1046 20.64 1.40 56.83
C LYS A 1046 20.09 1.41 55.40
N LYS A 1047 20.26 0.29 54.71
CA LYS A 1047 19.79 0.13 53.33
C LYS A 1047 18.32 0.47 53.20
N LYS A 1048 17.49 -0.37 53.82
CA LYS A 1048 16.02 -0.21 53.79
C LYS A 1048 15.70 1.23 53.97
N LEU A 1049 16.48 1.85 54.83
CA LEU A 1049 16.34 3.25 55.15
C LEU A 1049 16.71 4.14 53.96
N LYS A 1050 17.74 3.75 53.21
CA LYS A 1050 18.14 4.58 52.10
C LYS A 1050 17.24 4.35 50.91
N GLU A 1051 17.04 3.11 50.53
CA GLU A 1051 16.30 2.92 49.31
C GLU A 1051 14.97 3.63 49.53
N GLY A 1052 14.45 3.55 50.74
CA GLY A 1052 13.18 4.17 51.05
C GLY A 1052 13.24 5.68 51.03
N MET A 1053 14.42 6.23 51.26
CA MET A 1053 14.56 7.68 51.33
C MET A 1053 14.46 8.27 49.93
N LEU A 1054 15.11 7.61 48.97
CA LEU A 1054 15.09 8.06 47.58
C LEU A 1054 13.66 7.99 47.03
N SER A 1055 12.96 6.93 47.40
CA SER A 1055 11.57 6.72 47.02
C SER A 1055 10.85 8.04 46.88
N ILE A 1056 11.15 8.99 47.74
CA ILE A 1056 10.36 10.22 47.72
C ILE A 1056 10.79 11.21 46.61
N MET A 1057 12.05 11.14 46.22
CA MET A 1057 12.64 12.15 45.32
C MET A 1057 11.78 12.65 44.13
N SER A 1058 10.95 11.76 43.57
CA SER A 1058 10.11 12.08 42.41
C SER A 1058 9.22 13.27 42.75
N TYR A 1059 8.84 13.35 44.02
CA TYR A 1059 8.02 14.43 44.51
C TYR A 1059 8.90 15.59 44.97
N ARG A 1060 10.21 15.54 44.72
CA ARG A 1060 11.03 16.72 45.00
C ARG A 1060 11.03 17.62 43.79
N ASN A 1061 10.59 18.85 43.97
CA ASN A 1061 10.56 19.77 42.85
C ASN A 1061 11.95 20.34 42.53
N ALA A 1062 12.01 21.26 41.58
CA ALA A 1062 13.27 21.79 41.09
C ALA A 1062 13.90 22.76 42.07
N ASP A 1063 13.04 23.50 42.77
CA ASP A 1063 13.47 24.54 43.71
C ASP A 1063 13.83 23.94 45.08
N TYR A 1064 13.74 22.62 45.17
CA TYR A 1064 14.02 21.91 46.40
C TYR A 1064 12.76 21.81 47.24
N SER A 1065 11.70 22.45 46.77
CA SER A 1065 10.43 22.29 47.42
C SER A 1065 9.81 20.96 47.03
N TYR A 1066 9.46 20.15 48.02
CA TYR A 1066 8.72 18.92 47.74
C TYR A 1066 7.26 19.24 47.50
N SER A 1067 6.55 18.28 46.94
CA SER A 1067 5.18 18.54 46.56
C SER A 1067 4.29 17.32 46.69
N VAL A 1068 3.12 17.52 47.27
CA VAL A 1068 2.22 16.45 47.67
C VAL A 1068 2.11 15.29 46.67
N TRP A 1069 1.59 15.52 45.45
CA TRP A 1069 1.70 14.52 44.37
C TRP A 1069 2.59 14.99 43.20
N LYS A 1070 2.90 14.09 42.26
CA LYS A 1070 3.87 14.38 41.20
C LYS A 1070 3.48 15.50 40.27
N GLY A 1071 4.34 16.52 40.24
CA GLY A 1071 4.15 17.62 39.33
C GLY A 1071 3.13 18.58 39.87
N GLY A 1072 2.66 18.29 41.07
CA GLY A 1072 1.72 19.15 41.78
C GLY A 1072 2.39 20.34 42.42
N SER A 1073 1.71 21.48 42.36
CA SER A 1073 2.29 22.73 42.85
C SER A 1073 2.87 22.49 44.22
N ALA A 1074 3.98 23.17 44.51
CA ALA A 1074 4.73 22.95 45.74
C ALA A 1074 3.76 23.09 46.87
N SER A 1075 3.81 22.15 47.81
CA SER A 1075 3.01 22.28 49.03
C SER A 1075 3.95 22.63 50.13
N THR A 1076 3.62 23.71 50.82
CA THR A 1076 4.39 24.21 51.94
C THR A 1076 4.36 23.14 52.98
N TRP A 1077 3.25 22.42 53.02
CA TRP A 1077 3.00 21.37 54.01
C TRP A 1077 3.95 20.19 53.88
N LEU A 1078 3.92 19.57 52.71
CA LEU A 1078 4.68 18.37 52.51
C LEU A 1078 6.18 18.68 52.54
N THR A 1079 6.55 19.87 52.09
CA THR A 1079 7.94 20.30 52.23
C THR A 1079 8.38 20.22 53.72
N ALA A 1080 7.54 20.71 54.62
CA ALA A 1080 7.89 20.65 56.02
C ALA A 1080 8.06 19.18 56.35
N PHE A 1081 6.98 18.42 56.17
CA PHE A 1081 6.90 17.03 56.60
C PHE A 1081 8.03 16.22 56.01
N ALA A 1082 8.48 16.64 54.84
CA ALA A 1082 9.61 15.97 54.21
C ALA A 1082 10.86 16.29 54.99
N LEU A 1083 11.15 17.57 55.15
CA LEU A 1083 12.15 18.01 56.12
C LEU A 1083 12.08 17.26 57.45
N ARG A 1084 10.95 17.36 58.16
CA ARG A 1084 10.75 16.55 59.37
C ARG A 1084 11.28 15.11 59.24
N VAL A 1085 10.85 14.37 58.22
CA VAL A 1085 11.27 12.95 58.13
C VAL A 1085 12.71 12.79 57.66
N LEU A 1086 13.19 13.79 56.94
CA LEU A 1086 14.57 13.82 56.47
C LEU A 1086 15.49 14.10 57.64
N GLY A 1087 15.12 15.11 58.43
CA GLY A 1087 15.90 15.51 59.58
C GLY A 1087 16.05 14.29 60.45
N GLN A 1088 14.91 13.71 60.80
CA GLN A 1088 14.89 12.46 61.51
C GLN A 1088 15.91 11.40 61.01
N VAL A 1089 15.89 11.11 59.70
CA VAL A 1089 16.69 9.99 59.18
C VAL A 1089 18.15 10.41 58.93
N ASN A 1090 18.42 11.69 59.02
CA ASN A 1090 19.77 12.16 58.90
C ASN A 1090 20.67 11.65 60.02
N LYS A 1091 20.10 11.38 61.18
CA LYS A 1091 20.89 10.86 62.28
C LYS A 1091 21.68 9.70 61.76
N TYR A 1092 21.01 8.78 61.07
CA TYR A 1092 21.62 7.52 60.69
C TYR A 1092 21.98 7.39 59.22
N VAL A 1093 21.42 8.25 58.39
CA VAL A 1093 21.81 8.28 56.98
C VAL A 1093 21.95 9.74 56.51
N GLU A 1094 23.20 10.19 56.33
CA GLU A 1094 23.48 11.61 56.09
C GLU A 1094 22.68 12.04 54.89
N GLN A 1095 21.97 13.14 54.95
CA GLN A 1095 21.23 13.55 53.76
C GLN A 1095 21.96 14.73 53.20
N ASN A 1096 21.78 15.01 51.91
CA ASN A 1096 22.54 16.02 51.18
C ASN A 1096 22.38 17.39 51.83
N GLN A 1097 23.46 18.04 52.24
CA GLN A 1097 23.24 19.29 52.98
C GLN A 1097 22.57 20.35 52.11
N ASN A 1098 23.27 20.74 51.05
CA ASN A 1098 22.78 21.73 50.08
C ASN A 1098 21.27 21.60 49.69
N SER A 1099 20.82 20.40 49.37
CA SER A 1099 19.39 20.15 49.20
C SER A 1099 18.65 20.66 50.42
N ILE A 1100 18.89 20.04 51.57
CA ILE A 1100 18.13 20.35 52.78
C ILE A 1100 18.14 21.84 53.12
N CYS A 1101 19.22 22.53 52.75
CA CYS A 1101 19.30 23.97 53.00
C CYS A 1101 18.21 24.67 52.22
N ASN A 1102 18.25 24.49 50.90
CA ASN A 1102 17.28 25.11 49.99
C ASN A 1102 15.85 24.66 50.20
N SER A 1103 15.67 23.39 50.58
CA SER A 1103 14.33 22.89 50.94
C SER A 1103 13.85 23.72 52.11
N LEU A 1104 14.73 23.92 53.11
CA LEU A 1104 14.47 24.76 54.30
C LEU A 1104 14.28 26.22 53.91
N LEU A 1105 15.28 26.75 53.19
CA LEU A 1105 15.32 28.13 52.71
C LEU A 1105 14.14 28.48 51.81
N TRP A 1106 13.38 27.48 51.44
CA TRP A 1106 12.25 27.70 50.59
C TRP A 1106 11.06 28.14 51.42
N LEU A 1107 10.78 27.41 52.48
CA LEU A 1107 9.62 27.71 53.30
C LEU A 1107 9.76 29.09 53.84
N VAL A 1108 10.91 29.34 54.46
CA VAL A 1108 11.14 30.52 55.26
C VAL A 1108 11.26 31.81 54.45
N GLU A 1109 11.86 31.74 53.26
CA GLU A 1109 12.00 32.96 52.44
C GLU A 1109 10.75 33.36 51.68
N ASN A 1110 9.87 32.41 51.38
CA ASN A 1110 8.68 32.68 50.58
C ASN A 1110 7.37 32.54 51.35
N TYR A 1111 7.36 31.72 52.38
CA TYR A 1111 6.10 31.27 52.96
C TYR A 1111 5.94 31.50 54.46
N GLN A 1112 6.47 32.61 54.94
CA GLN A 1112 6.32 33.03 56.32
C GLN A 1112 5.83 34.45 56.31
N LEU A 1113 4.60 34.64 56.77
CA LEU A 1113 3.96 35.95 56.74
C LEU A 1113 4.66 36.94 57.66
N ASP A 1114 4.35 38.23 57.47
CA ASP A 1114 4.92 39.30 58.27
C ASP A 1114 4.39 39.29 59.69
N ASN A 1115 4.08 38.10 60.18
CA ASN A 1115 3.75 37.90 61.58
C ASN A 1115 4.52 36.70 62.10
N GLY A 1116 5.17 36.01 61.18
CA GLY A 1116 5.90 34.81 61.53
C GLY A 1116 5.17 33.52 61.26
N SER A 1117 3.88 33.57 60.93
CA SER A 1117 3.14 32.36 60.59
C SER A 1117 3.43 31.93 59.15
N PHE A 1118 3.12 30.69 58.79
CA PHE A 1118 3.45 30.18 57.46
C PHE A 1118 2.22 30.00 56.57
N LYS A 1119 2.27 30.47 55.33
CA LYS A 1119 1.15 30.25 54.39
C LYS A 1119 1.34 28.97 53.65
N GLU A 1120 0.26 28.23 53.41
CA GLU A 1120 0.38 27.11 52.49
C GLU A 1120 0.21 27.67 51.08
N ASN A 1121 0.95 27.08 50.15
CA ASN A 1121 0.96 27.50 48.75
C ASN A 1121 -0.17 26.89 47.91
N SER A 1122 -0.07 25.59 47.66
CA SER A 1122 -1.05 24.87 46.87
C SER A 1122 -2.38 24.79 47.59
N GLN A 1123 -3.34 24.16 46.95
CA GLN A 1123 -4.68 24.08 47.52
C GLN A 1123 -4.82 22.90 48.49
N TYR A 1124 -3.79 22.07 48.60
CA TYR A 1124 -3.90 20.84 49.39
C TYR A 1124 -4.44 21.11 50.77
N GLN A 1125 -5.63 20.58 51.05
CA GLN A 1125 -6.20 20.61 52.38
C GLN A 1125 -5.77 19.34 53.05
N PRO A 1126 -4.95 19.43 54.10
CA PRO A 1126 -4.45 18.20 54.70
C PRO A 1126 -5.45 17.74 55.74
N ILE A 1127 -5.82 18.64 56.67
CA ILE A 1127 -6.87 18.37 57.65
C ILE A 1127 -8.08 19.25 57.41
N LYS A 1128 -9.21 18.78 57.90
CA LYS A 1128 -10.40 19.60 58.03
C LYS A 1128 -10.47 19.91 59.51
N LEU A 1129 -10.37 21.19 59.87
CA LEU A 1129 -10.51 21.56 61.29
C LEU A 1129 -11.95 22.04 61.58
N GLN A 1130 -12.36 22.08 62.84
CA GLN A 1130 -13.67 22.61 63.18
C GLN A 1130 -13.57 24.11 63.28
N GLY A 1131 -14.70 24.80 63.15
CA GLY A 1131 -14.70 26.23 63.32
C GLY A 1131 -15.61 26.97 62.37
N THR A 1132 -15.71 28.28 62.55
CA THR A 1132 -16.46 29.14 61.66
C THR A 1132 -15.55 29.47 60.51
N LEU A 1133 -16.09 29.94 59.40
CA LEU A 1133 -15.19 30.25 58.29
C LEU A 1133 -13.97 31.06 58.69
N PRO A 1134 -14.14 32.00 59.65
CA PRO A 1134 -13.06 32.82 60.23
C PRO A 1134 -12.18 32.03 61.19
N VAL A 1135 -12.80 31.45 62.21
CA VAL A 1135 -12.14 30.55 63.16
C VAL A 1135 -11.20 29.62 62.42
N GLU A 1136 -11.78 28.78 61.57
CA GLU A 1136 -11.02 27.84 60.76
C GLU A 1136 -9.72 28.45 60.27
N ALA A 1137 -9.82 29.48 59.43
CA ALA A 1137 -8.61 30.09 58.87
C ALA A 1137 -7.63 30.44 59.99
N ARG A 1138 -8.14 30.94 61.09
CA ARG A 1138 -7.28 31.20 62.24
C ARG A 1138 -6.62 29.88 62.61
N GLU A 1139 -7.44 28.93 63.08
CA GLU A 1139 -7.00 27.58 63.45
C GLU A 1139 -6.05 27.00 62.42
N ASN A 1140 -6.55 26.92 61.20
CA ASN A 1140 -5.82 26.33 60.10
C ASN A 1140 -4.42 26.88 60.07
N SER A 1141 -4.31 28.20 60.23
CA SER A 1141 -3.01 28.86 60.24
C SER A 1141 -2.09 28.33 61.34
N LEU A 1142 -2.57 28.33 62.58
CA LEU A 1142 -1.82 27.74 63.69
C LEU A 1142 -1.32 26.41 63.15
N TYR A 1143 -2.27 25.56 62.77
CA TYR A 1143 -1.96 24.16 62.42
C TYR A 1143 -0.80 24.06 61.46
N LEU A 1144 -0.80 24.88 60.42
CA LEU A 1144 0.35 24.89 59.53
C LEU A 1144 1.61 25.39 60.26
N THR A 1145 1.56 26.61 60.77
CA THR A 1145 2.73 27.19 61.41
C THR A 1145 3.31 26.25 62.47
N ALA A 1146 2.48 25.64 63.31
CA ALA A 1146 3.02 24.68 64.27
C ALA A 1146 3.77 23.54 63.55
N PHE A 1147 3.08 22.92 62.60
CA PHE A 1147 3.57 21.81 61.77
C PHE A 1147 4.88 22.15 61.08
N THR A 1148 4.85 23.20 60.28
CA THR A 1148 6.05 23.63 59.59
C THR A 1148 7.19 24.03 60.58
N VAL A 1149 6.86 24.34 61.83
CA VAL A 1149 7.93 24.53 62.80
C VAL A 1149 8.59 23.15 63.04
N ILE A 1150 7.81 22.21 63.57
CA ILE A 1150 8.29 20.86 63.88
C ILE A 1150 9.19 20.33 62.79
N GLY A 1151 8.89 20.71 61.55
CA GLY A 1151 9.70 20.31 60.42
C GLY A 1151 11.07 20.99 60.44
N ILE A 1152 11.05 22.32 60.39
CA ILE A 1152 12.29 23.09 60.34
C ILE A 1152 13.09 22.76 61.57
N ARG A 1153 12.36 22.75 62.67
CA ARG A 1153 12.87 22.29 63.93
C ARG A 1153 13.49 20.92 63.78
N LYS A 1154 12.77 19.98 63.19
CA LYS A 1154 13.20 18.58 63.20
C LYS A 1154 14.52 18.39 62.47
N ALA A 1155 14.72 19.24 61.47
CA ALA A 1155 15.78 19.07 60.49
C ALA A 1155 16.81 20.18 60.59
N PHE A 1156 16.52 21.21 61.37
CA PHE A 1156 17.34 22.44 61.40
C PHE A 1156 18.80 22.12 61.53
N ASP A 1157 19.10 21.03 62.21
CA ASP A 1157 20.46 20.77 62.61
C ASP A 1157 21.49 20.52 61.48
N ILE A 1158 21.05 20.23 60.24
CA ILE A 1158 22.00 19.98 59.16
C ILE A 1158 22.23 21.24 58.41
N CYS A 1159 21.51 22.27 58.82
CA CYS A 1159 21.67 23.56 58.18
C CYS A 1159 21.40 24.71 59.15
N PRO A 1160 21.89 24.60 60.41
CA PRO A 1160 21.78 25.80 61.25
C PRO A 1160 22.25 26.98 60.42
N LEU A 1161 21.38 27.95 60.25
CA LEU A 1161 21.60 28.98 59.25
C LEU A 1161 21.04 30.24 59.85
N VAL A 1162 21.90 31.24 60.01
CA VAL A 1162 21.49 32.42 60.75
C VAL A 1162 20.09 32.74 60.28
N LYS A 1163 19.95 32.84 58.97
CA LYS A 1163 18.73 33.36 58.39
C LYS A 1163 17.50 32.57 58.81
N ILE A 1164 17.68 31.27 59.03
CA ILE A 1164 16.53 30.45 59.35
C ILE A 1164 16.35 30.25 60.84
N ASP A 1165 17.28 30.77 61.64
CA ASP A 1165 17.11 30.78 63.10
C ASP A 1165 16.16 31.90 63.48
N THR A 1166 16.44 33.09 62.95
CA THR A 1166 15.51 34.20 62.95
C THR A 1166 14.11 33.71 62.61
N ALA A 1167 13.96 33.13 61.42
CA ALA A 1167 12.67 32.62 60.97
C ALA A 1167 12.06 31.70 62.02
N LEU A 1168 12.86 30.77 62.53
CA LEU A 1168 12.35 29.79 63.50
C LEU A 1168 11.72 30.49 64.68
N ILE A 1169 12.32 31.61 65.06
CA ILE A 1169 11.86 32.40 66.19
C ILE A 1169 10.61 33.16 65.84
N LYS A 1170 10.68 34.03 64.82
CA LYS A 1170 9.52 34.76 64.34
C LYS A 1170 8.34 33.81 64.27
N ALA A 1171 8.64 32.58 63.91
CA ALA A 1171 7.64 31.53 63.86
C ALA A 1171 7.22 31.15 65.28
N ASP A 1172 8.18 30.65 66.05
CA ASP A 1172 7.95 30.27 67.45
C ASP A 1172 7.16 31.35 68.17
N ASN A 1173 7.48 32.60 67.86
CA ASN A 1173 6.85 33.78 68.46
C ASN A 1173 5.35 33.74 68.23
N PHE A 1174 4.94 33.75 66.97
CA PHE A 1174 3.53 33.69 66.62
C PHE A 1174 2.78 32.67 67.47
N LEU A 1175 3.35 31.49 67.61
CA LEU A 1175 2.67 30.41 68.33
C LEU A 1175 2.44 30.73 69.82
N LEU A 1176 3.49 31.16 70.51
CA LEU A 1176 3.34 31.64 71.86
C LEU A 1176 2.25 32.70 71.91
N GLU A 1177 2.41 33.67 71.02
CA GLU A 1177 1.55 34.84 70.99
C GLU A 1177 0.16 34.55 70.46
N ASN A 1178 -0.07 33.34 69.91
CA ASN A 1178 -1.33 33.04 69.20
C ASN A 1178 -2.06 31.72 69.42
N THR A 1179 -1.57 30.92 70.37
CA THR A 1179 -2.22 29.67 70.74
C THR A 1179 -3.35 29.90 71.73
N LEU A 1180 -2.99 30.56 72.84
CA LEU A 1180 -3.49 30.12 74.14
C LEU A 1180 -4.95 30.21 74.52
N PRO A 1181 -5.67 31.24 73.99
CA PRO A 1181 -7.14 31.11 74.00
C PRO A 1181 -7.42 29.97 73.05
N ALA A 1182 -7.19 28.74 73.54
CA ALA A 1182 -7.09 27.56 72.72
C ALA A 1182 -8.43 27.24 72.05
N GLN A 1183 -8.37 27.01 70.73
CA GLN A 1183 -9.57 26.78 69.92
C GLN A 1183 -9.89 25.30 69.73
N SER A 1184 -8.85 24.48 69.54
CA SER A 1184 -8.99 23.03 69.66
C SER A 1184 -7.83 22.33 70.38
N THR A 1185 -8.17 21.31 71.17
CA THR A 1185 -7.19 20.42 71.76
C THR A 1185 -6.13 19.94 70.75
N PHE A 1186 -6.59 19.49 69.59
CA PHE A 1186 -5.70 19.17 68.47
C PHE A 1186 -4.76 20.32 68.11
N THR A 1187 -5.33 21.47 67.75
CA THR A 1187 -4.53 22.67 67.49
C THR A 1187 -3.51 22.91 68.62
N LEU A 1188 -4.01 22.86 69.85
CA LEU A 1188 -3.22 23.14 71.03
C LEU A 1188 -2.03 22.24 71.05
N ALA A 1189 -2.33 20.96 71.04
CA ALA A 1189 -1.32 19.91 71.12
C ALA A 1189 -0.12 20.06 70.15
N ILE A 1190 -0.38 20.38 68.89
CA ILE A 1190 0.72 20.60 67.96
C ILE A 1190 1.44 21.85 68.42
N SER A 1191 0.71 22.95 68.50
CA SER A 1191 1.28 24.16 69.06
C SER A 1191 2.21 23.79 70.21
N ALA A 1192 1.70 23.02 71.16
CA ALA A 1192 2.50 22.58 72.30
C ALA A 1192 3.74 21.81 71.82
N TYR A 1193 3.55 20.65 71.20
CA TYR A 1193 4.69 19.82 70.79
C TYR A 1193 5.72 20.63 69.99
N ALA A 1194 5.27 21.65 69.28
CA ALA A 1194 6.16 22.40 68.40
C ALA A 1194 7.11 23.32 69.18
N LEU A 1195 6.61 23.87 70.27
CA LEU A 1195 7.38 24.77 71.12
C LEU A 1195 8.29 23.87 71.89
N SER A 1196 7.70 22.85 72.49
CA SER A 1196 8.43 21.73 73.08
C SER A 1196 9.80 21.50 72.43
N LEU A 1197 9.89 21.80 71.14
CA LEU A 1197 11.14 21.61 70.41
C LEU A 1197 11.91 22.92 70.22
N GLY A 1198 12.07 23.67 71.30
CA GLY A 1198 12.75 24.94 71.22
C GLY A 1198 13.18 25.35 72.61
N ASP A 1199 12.68 26.50 73.04
CA ASP A 1199 12.81 26.90 74.44
C ASP A 1199 11.60 26.42 75.23
N LYS A 1200 11.81 25.44 76.11
CA LYS A 1200 10.70 24.89 76.85
C LYS A 1200 10.69 25.50 78.25
N THR A 1201 10.99 26.79 78.35
CA THR A 1201 10.82 27.46 79.63
C THR A 1201 10.19 28.83 79.51
N HIS A 1202 10.02 29.32 78.30
CA HIS A 1202 9.25 30.53 78.15
C HIS A 1202 8.00 30.30 78.98
N PRO A 1203 7.69 31.27 79.83
CA PRO A 1203 6.60 31.24 80.81
C PRO A 1203 5.34 30.87 80.07
N GLN A 1204 5.13 31.60 78.97
CA GLN A 1204 4.06 31.38 78.03
C GLN A 1204 3.93 29.91 77.57
N PHE A 1205 5.01 29.32 77.07
CA PHE A 1205 5.01 27.88 76.77
C PHE A 1205 4.41 27.10 77.93
N ARG A 1206 4.93 27.31 79.15
CA ARG A 1206 4.41 26.62 80.33
C ARG A 1206 2.89 26.85 80.53
N SER A 1207 2.42 28.01 80.07
CA SER A 1207 1.00 28.34 80.10
C SER A 1207 0.32 27.33 79.19
N ILE A 1208 0.82 27.26 77.95
CA ILE A 1208 0.19 26.45 76.92
C ILE A 1208 0.16 24.99 77.34
N VAL A 1209 1.28 24.51 77.86
CA VAL A 1209 1.36 23.15 78.37
C VAL A 1209 0.39 22.98 79.52
N SER A 1210 0.18 24.06 80.27
CA SER A 1210 -0.89 24.08 81.27
C SER A 1210 -2.23 23.87 80.55
N ALA A 1211 -2.59 24.83 79.71
CA ALA A 1211 -3.74 24.68 78.84
C ALA A 1211 -3.94 23.23 78.47
N LEU A 1212 -2.99 22.72 77.69
CA LEU A 1212 -3.09 21.38 77.15
C LEU A 1212 -3.35 20.36 78.24
N LYS A 1213 -2.57 20.49 79.31
CA LYS A 1213 -2.49 19.44 80.29
C LYS A 1213 -3.78 19.41 81.05
N ARG A 1214 -4.47 20.54 80.99
CA ARG A 1214 -5.72 20.70 81.67
C ARG A 1214 -6.76 20.06 80.80
N GLU A 1215 -6.51 20.00 79.50
CA GLU A 1215 -7.55 19.54 78.59
C GLU A 1215 -7.83 18.04 78.62
N ALA A 1216 -6.84 17.27 79.09
CA ALA A 1216 -6.80 15.81 78.97
C ALA A 1216 -7.91 15.07 79.73
N LEU A 1217 -7.97 13.74 79.51
CA LEU A 1217 -8.96 12.88 80.17
C LEU A 1217 -8.35 11.55 80.65
N VAL A 1218 -9.07 10.86 81.53
CA VAL A 1218 -8.44 9.76 82.26
C VAL A 1218 -9.41 8.66 82.47
N LYS A 1219 -8.91 7.43 82.44
CA LYS A 1219 -9.78 6.30 82.62
C LYS A 1219 -9.38 5.62 83.92
N GLY A 1220 -10.38 5.43 84.80
CA GLY A 1220 -10.22 4.73 86.06
C GLY A 1220 -9.54 5.56 87.13
N ASN A 1221 -9.85 5.30 88.40
CA ASN A 1221 -9.21 6.08 89.46
C ASN A 1221 -8.25 5.29 90.35
N PRO A 1222 -6.99 5.73 90.38
CA PRO A 1222 -6.44 6.94 89.77
C PRO A 1222 -6.33 6.74 88.26
N PRO A 1223 -5.69 7.69 87.54
CA PRO A 1223 -5.42 7.44 86.13
C PRO A 1223 -4.81 6.09 85.96
N ILE A 1224 -5.46 5.22 85.19
CA ILE A 1224 -4.76 4.12 84.55
C ILE A 1224 -4.52 4.38 83.07
N TYR A 1225 -5.43 5.18 82.48
CA TYR A 1225 -5.32 5.64 81.10
C TYR A 1225 -5.52 7.12 81.05
N ARG A 1226 -4.72 7.79 80.25
CA ARG A 1226 -4.97 9.17 79.89
C ARG A 1226 -4.92 9.24 78.38
N PHE A 1227 -5.58 10.26 77.80
CA PHE A 1227 -5.48 10.61 76.37
C PHE A 1227 -6.22 11.91 76.21
N TRP A 1228 -6.01 12.60 75.09
CA TRP A 1228 -6.89 13.76 74.76
C TRP A 1228 -7.91 13.48 73.62
N LYS A 1229 -9.01 14.24 73.61
CA LYS A 1229 -10.03 14.10 72.62
C LYS A 1229 -9.81 15.30 71.74
N ASP A 1230 -10.27 15.25 70.50
CA ASP A 1230 -9.98 16.29 69.49
C ASP A 1230 -10.61 17.66 69.77
N ASN A 1231 -11.91 17.67 70.01
CA ASN A 1231 -12.65 18.82 70.53
C ASN A 1231 -11.83 19.62 71.54
N LEU A 1232 -12.45 20.63 72.14
CA LEU A 1232 -11.81 21.40 73.20
C LEU A 1232 -12.85 21.81 74.24
N GLN A 1233 -12.82 21.18 75.41
CA GLN A 1233 -13.77 21.46 76.51
C GLN A 1233 -15.27 21.62 76.14
N HIS A 1234 -15.66 21.19 74.94
CA HIS A 1234 -17.06 21.19 74.49
C HIS A 1234 -17.71 19.89 74.86
N LYS A 1235 -16.90 19.03 75.48
CA LYS A 1235 -17.37 17.91 76.28
C LYS A 1235 -18.72 17.33 75.90
N ASP A 1236 -18.93 17.04 74.62
CA ASP A 1236 -20.09 16.24 74.28
C ASP A 1236 -19.82 14.86 74.87
N SER A 1237 -18.53 14.58 75.09
CA SER A 1237 -18.05 13.37 75.77
C SER A 1237 -18.31 12.08 75.01
N SER A 1238 -18.74 12.19 73.77
CA SER A 1238 -18.81 11.03 72.90
C SER A 1238 -17.39 10.57 72.55
N VAL A 1239 -16.81 9.77 73.43
CA VAL A 1239 -15.56 9.08 73.13
C VAL A 1239 -15.92 7.65 72.81
N PRO A 1240 -17.02 7.48 72.04
CA PRO A 1240 -17.90 6.30 72.02
C PRO A 1240 -17.14 4.98 71.96
N ASN A 1241 -16.46 4.64 73.05
CA ASN A 1241 -15.73 3.38 73.09
C ASN A 1241 -14.87 3.22 71.84
N THR A 1242 -14.41 4.33 71.25
CA THR A 1242 -13.69 4.23 70.00
C THR A 1242 -12.68 5.32 69.74
N GLY A 1243 -11.48 4.87 69.38
CA GLY A 1243 -10.37 5.76 69.05
C GLY A 1243 -10.52 6.34 67.66
N THR A 1244 -9.49 7.02 67.19
CA THR A 1244 -9.67 7.86 66.04
C THR A 1244 -8.36 8.41 65.58
N ALA A 1245 -8.17 8.45 64.28
CA ALA A 1245 -6.97 9.05 63.69
C ALA A 1245 -6.53 10.35 64.38
N ARG A 1246 -7.48 11.26 64.61
CA ARG A 1246 -7.17 12.54 65.24
C ARG A 1246 -7.06 12.43 66.75
N MET A 1247 -7.91 11.62 67.35
CA MET A 1247 -7.70 11.28 68.73
C MET A 1247 -6.26 10.85 69.00
N VAL A 1248 -5.88 9.71 68.45
CA VAL A 1248 -4.50 9.22 68.59
C VAL A 1248 -3.49 10.27 68.15
N GLU A 1249 -3.88 11.15 67.24
CA GLU A 1249 -2.94 12.16 66.82
C GLU A 1249 -2.68 13.09 67.97
N THR A 1250 -3.75 13.73 68.49
CA THR A 1250 -3.56 14.79 69.48
C THR A 1250 -2.85 14.23 70.70
N THR A 1251 -3.33 13.11 71.23
CA THR A 1251 -2.72 12.54 72.41
C THR A 1251 -1.24 12.23 72.14
N ALA A 1252 -0.88 11.85 70.93
CA ALA A 1252 0.53 11.71 70.64
C ALA A 1252 1.21 13.08 70.77
N TYR A 1253 0.56 14.15 70.33
CA TYR A 1253 1.15 15.47 70.49
C TYR A 1253 1.37 15.86 71.95
N ALA A 1254 0.39 15.57 72.81
CA ALA A 1254 0.57 15.71 74.25
C ALA A 1254 1.71 14.81 74.72
N LEU A 1255 1.53 13.49 74.59
CA LEU A 1255 2.59 12.53 74.93
C LEU A 1255 3.97 12.94 74.44
N LEU A 1256 4.03 13.59 73.28
CA LEU A 1256 5.32 13.92 72.69
C LEU A 1256 5.88 15.17 73.35
N THR A 1257 4.99 16.13 73.65
CA THR A 1257 5.34 17.36 74.39
C THR A 1257 5.88 16.91 75.74
N SER A 1258 5.01 16.27 76.51
CA SER A 1258 5.42 15.66 77.77
C SER A 1258 6.73 14.86 77.71
N LEU A 1259 6.83 13.89 76.81
CA LEU A 1259 8.04 13.07 76.69
C LEU A 1259 9.29 13.96 76.56
N ASN A 1260 9.08 15.16 76.03
CA ASN A 1260 10.16 16.12 75.92
C ASN A 1260 10.58 16.67 77.29
N LEU A 1261 9.60 17.09 78.06
CA LEU A 1261 9.81 17.64 79.39
C LEU A 1261 10.02 16.53 80.44
N LYS A 1262 10.65 15.44 80.02
CA LYS A 1262 10.84 14.23 80.84
C LYS A 1262 9.76 14.06 81.90
N ASP A 1263 8.54 14.42 81.53
CA ASP A 1263 7.38 14.43 82.41
C ASP A 1263 6.97 13.05 82.87
N ILE A 1264 7.94 12.16 82.91
CA ILE A 1264 7.76 10.72 83.07
C ILE A 1264 6.53 10.07 83.69
N ASN A 1265 6.20 10.42 84.91
CA ASN A 1265 5.00 9.83 85.50
C ASN A 1265 3.71 10.14 84.75
N TYR A 1266 3.56 11.41 84.35
CA TYR A 1266 2.33 11.89 83.70
C TYR A 1266 1.97 10.95 82.59
N VAL A 1267 3.04 10.57 81.89
CA VAL A 1267 3.00 10.02 80.57
C VAL A 1267 2.65 8.56 80.60
N ASN A 1268 3.08 7.84 81.62
CA ASN A 1268 2.74 6.41 81.69
C ASN A 1268 1.36 6.03 81.15
N PRO A 1269 0.26 6.46 81.81
CA PRO A 1269 -1.10 6.07 81.42
C PRO A 1269 -1.46 6.52 80.00
N VAL A 1270 -0.74 7.54 79.57
CA VAL A 1270 -0.78 7.90 78.18
C VAL A 1270 -0.25 6.76 77.31
N ILE A 1271 0.99 6.34 77.49
CA ILE A 1271 1.40 5.22 76.66
C ILE A 1271 0.65 3.93 77.01
N LYS A 1272 0.14 3.75 78.20
CA LYS A 1272 -0.64 2.52 78.40
C LYS A 1272 -1.73 2.44 77.34
N TRP A 1273 -2.29 3.60 76.97
CA TRP A 1273 -3.42 3.73 76.05
C TRP A 1273 -2.99 3.75 74.57
N LEU A 1274 -1.88 4.37 74.21
CA LEU A 1274 -1.32 4.08 72.89
C LEU A 1274 -0.96 2.58 72.66
N SER A 1275 0.01 2.05 73.38
CA SER A 1275 0.37 0.62 73.28
C SER A 1275 -0.79 -0.36 73.50
N GLU A 1276 -2.00 0.13 73.26
CA GLU A 1276 -3.24 -0.65 73.41
C GLU A 1276 -4.26 -0.03 72.51
N GLU A 1277 -3.76 0.83 71.61
CA GLU A 1277 -4.57 1.54 70.62
C GLU A 1277 -4.17 1.10 69.23
N GLN A 1278 -2.89 1.36 68.93
CA GLN A 1278 -2.22 0.85 67.74
C GLN A 1278 -2.67 -0.60 67.50
N ARG A 1279 -2.83 -0.95 66.22
CA ARG A 1279 -3.47 -2.20 65.84
C ARG A 1279 -2.40 -3.16 65.52
N TYR A 1280 -2.70 -4.44 65.36
CA TYR A 1280 -1.68 -5.42 64.93
C TYR A 1280 -0.77 -4.95 63.77
N GLY A 1281 0.54 -5.01 63.92
CA GLY A 1281 1.38 -4.47 62.88
C GLY A 1281 1.84 -3.02 63.00
N GLY A 1282 0.95 -2.03 63.01
CA GLY A 1282 1.37 -0.63 63.20
C GLY A 1282 0.21 0.29 63.52
N GLY A 1283 0.45 1.60 63.48
CA GLY A 1283 -0.49 2.58 64.05
C GLY A 1283 -1.97 2.77 63.71
N PHE A 1284 -2.61 1.71 63.22
CA PHE A 1284 -3.91 1.76 62.53
C PHE A 1284 -4.49 3.09 62.03
N TYR A 1285 -4.81 4.05 62.89
CA TYR A 1285 -5.56 5.16 62.36
C TYR A 1285 -4.72 5.96 61.38
N SER A 1286 -5.05 5.94 60.09
CA SER A 1286 -4.37 6.81 59.12
C SER A 1286 -2.83 6.93 59.28
N THR A 1287 -2.28 8.06 58.84
CA THR A 1287 -0.85 8.19 58.73
C THR A 1287 -0.30 9.08 59.82
N GLN A 1288 -0.74 10.33 59.74
CA GLN A 1288 -0.15 11.41 60.49
C GLN A 1288 -0.09 11.16 61.99
N ASP A 1289 -1.14 10.58 62.56
CA ASP A 1289 -1.01 10.18 63.94
C ASP A 1289 0.06 9.10 64.01
N THR A 1290 -0.10 8.07 63.20
CA THR A 1290 0.78 6.92 63.32
C THR A 1290 2.28 7.25 63.35
N ILE A 1291 2.70 8.34 62.73
CA ILE A 1291 4.12 8.64 62.82
C ILE A 1291 4.42 9.18 64.20
N ASN A 1292 3.51 9.99 64.73
CA ASN A 1292 3.72 10.62 66.01
C ASN A 1292 3.62 9.61 67.10
N ALA A 1293 2.48 8.95 67.18
CA ALA A 1293 2.33 7.84 68.11
C ALA A 1293 3.49 6.85 68.05
N ILE A 1294 3.99 6.54 66.86
CA ILE A 1294 5.15 5.66 66.83
C ILE A 1294 6.31 6.37 67.48
N GLU A 1295 6.59 7.60 67.07
CA GLU A 1295 7.73 8.29 67.62
C GLU A 1295 7.59 8.27 69.12
N GLY A 1296 6.42 8.65 69.60
CA GLY A 1296 6.15 8.56 71.03
C GLY A 1296 6.53 7.21 71.65
N LEU A 1297 5.71 6.21 71.44
CA LEU A 1297 6.09 4.84 71.77
C LEU A 1297 7.61 4.52 71.70
N THR A 1298 8.32 5.04 70.70
CA THR A 1298 9.72 4.66 70.60
C THR A 1298 10.41 5.44 71.69
N GLU A 1299 10.31 6.76 71.52
CA GLU A 1299 11.06 7.76 72.27
C GLU A 1299 10.92 7.62 73.79
N TYR A 1300 9.72 7.26 74.23
CA TYR A 1300 9.48 6.85 75.61
C TYR A 1300 10.14 5.52 76.03
N SER A 1301 10.24 4.54 75.14
CA SER A 1301 10.79 3.24 75.56
C SER A 1301 12.28 3.41 75.63
N LEU A 1302 12.68 4.53 75.04
CA LEU A 1302 14.02 5.07 75.11
C LEU A 1302 14.28 5.86 76.37
N LEU A 1303 13.38 6.79 76.68
CA LEU A 1303 13.41 7.61 77.92
C LEU A 1303 13.24 6.83 79.25
N VAL A 1304 12.27 5.93 79.31
CA VAL A 1304 12.11 5.02 80.46
C VAL A 1304 12.92 3.71 80.27
N LYS A 1305 13.52 3.14 81.31
CA LYS A 1305 14.25 1.90 81.03
C LYS A 1305 13.44 0.68 80.54
N GLN A 1306 14.08 -0.22 79.78
CA GLN A 1306 13.38 -1.45 79.29
C GLN A 1306 13.07 -2.32 80.48
N LEU A 1307 12.45 -3.48 80.28
CA LEU A 1307 12.31 -4.39 81.42
C LEU A 1307 12.34 -5.86 81.00
N ARG A 1308 13.51 -6.44 81.17
CA ARG A 1308 13.75 -7.85 80.90
C ARG A 1308 12.49 -8.68 80.91
N LEU A 1309 12.09 -9.10 79.71
CA LEU A 1309 10.92 -9.94 79.49
C LEU A 1309 11.08 -11.37 80.00
N SER A 1310 10.06 -11.84 80.70
CA SER A 1310 10.06 -13.23 81.11
C SER A 1310 8.72 -13.68 81.63
N MET A 1311 7.68 -13.34 80.89
CA MET A 1311 6.41 -14.02 80.98
C MET A 1311 6.43 -15.47 80.49
N ASP A 1312 5.25 -16.06 80.49
CA ASP A 1312 5.05 -17.48 80.21
C ASP A 1312 3.65 -17.63 79.65
N ILE A 1313 3.44 -16.94 78.53
CA ILE A 1313 2.13 -16.74 77.99
C ILE A 1313 1.43 -18.01 77.63
N ASP A 1314 0.12 -17.94 77.61
CA ASP A 1314 -0.65 -19.09 77.23
C ASP A 1314 -1.91 -18.65 76.57
N VAL A 1315 -2.00 -18.92 75.28
CA VAL A 1315 -3.18 -18.61 74.50
C VAL A 1315 -3.97 -19.91 74.48
N SER A 1316 -5.30 -19.83 74.63
CA SER A 1316 -6.11 -21.02 74.89
C SER A 1316 -7.62 -20.81 74.66
N TYR A 1317 -8.31 -21.84 74.17
CA TYR A 1317 -9.74 -21.70 73.91
C TYR A 1317 -10.51 -21.94 75.18
N LYS A 1318 -11.48 -21.09 75.48
CA LYS A 1318 -12.29 -21.27 76.69
C LYS A 1318 -12.86 -22.68 76.93
N HIS A 1319 -13.42 -23.32 75.89
CA HIS A 1319 -13.93 -24.69 76.04
C HIS A 1319 -13.12 -25.76 75.29
N LYS A 1320 -12.66 -25.42 74.08
CA LYS A 1320 -11.78 -26.32 73.34
C LYS A 1320 -10.43 -26.50 74.03
N GLY A 1321 -9.81 -27.66 73.84
CA GLY A 1321 -8.49 -27.93 74.37
C GLY A 1321 -7.55 -26.76 74.20
N ALA A 1322 -6.46 -26.76 74.97
CA ALA A 1322 -5.49 -25.68 74.92
C ALA A 1322 -4.90 -25.53 73.53
N LEU A 1323 -4.85 -24.30 73.05
CA LEU A 1323 -4.00 -24.00 71.93
C LEU A 1323 -2.64 -23.64 72.52
N HIS A 1324 -1.74 -23.09 71.71
CA HIS A 1324 -0.35 -22.89 72.11
C HIS A 1324 -0.11 -21.98 73.34
N ASN A 1325 1.09 -22.10 73.91
CA ASN A 1325 1.47 -21.37 75.11
C ASN A 1325 2.97 -21.40 75.29
N TYR A 1326 3.60 -20.24 75.29
CA TYR A 1326 5.05 -20.20 75.17
C TYR A 1326 5.79 -19.28 76.10
N LYS A 1327 6.90 -19.78 76.64
CA LYS A 1327 7.81 -18.98 77.42
C LYS A 1327 8.40 -17.82 76.58
N MET A 1328 7.98 -16.60 76.90
CA MET A 1328 8.51 -15.35 76.32
C MET A 1328 9.75 -14.89 77.06
N THR A 1329 10.69 -14.28 76.34
CA THR A 1329 12.02 -13.94 76.89
C THR A 1329 12.70 -12.91 76.00
N ASP A 1330 13.81 -12.35 76.40
CA ASP A 1330 14.38 -11.40 75.47
C ASP A 1330 14.96 -12.12 74.24
N LYS A 1331 14.95 -13.45 74.26
CA LYS A 1331 15.46 -14.21 73.14
C LYS A 1331 14.53 -14.06 71.93
N ASN A 1332 13.37 -14.69 72.03
CA ASN A 1332 12.24 -14.39 71.16
C ASN A 1332 11.21 -13.55 71.88
N PHE A 1333 10.80 -12.42 71.32
CA PHE A 1333 9.56 -11.83 71.82
C PHE A 1333 8.69 -11.53 70.64
N LEU A 1334 9.33 -11.32 69.48
CA LEU A 1334 8.59 -11.00 68.28
C LEU A 1334 8.23 -12.28 67.56
N GLY A 1335 7.72 -13.23 68.34
CA GLY A 1335 7.11 -14.44 67.81
C GLY A 1335 6.10 -14.35 66.65
N ARG A 1336 5.65 -15.52 66.25
CA ARG A 1336 4.73 -15.70 65.14
C ARG A 1336 3.39 -15.10 65.53
N PRO A 1337 2.60 -14.65 64.53
CA PRO A 1337 1.17 -14.45 64.81
C PRO A 1337 0.51 -15.79 64.82
N VAL A 1338 -0.81 -15.82 64.95
CA VAL A 1338 -1.53 -17.09 65.07
C VAL A 1338 -2.99 -16.85 64.74
N GLU A 1339 -3.51 -17.55 63.72
CA GLU A 1339 -4.91 -17.38 63.38
C GLU A 1339 -5.70 -18.29 64.26
N VAL A 1340 -6.64 -17.70 64.98
CA VAL A 1340 -7.38 -18.44 65.95
C VAL A 1340 -8.45 -19.12 65.16
N LEU A 1341 -8.37 -20.45 65.07
CA LEU A 1341 -9.28 -21.15 64.18
C LEU A 1341 -10.63 -21.34 64.85
N LEU A 1342 -10.62 -22.06 65.96
CA LEU A 1342 -11.84 -22.67 66.42
C LEU A 1342 -12.92 -21.66 66.84
N ASN A 1343 -14.14 -22.17 66.93
CA ASN A 1343 -15.30 -21.37 67.32
C ASN A 1343 -15.50 -21.39 68.84
N ASP A 1344 -14.71 -20.57 69.55
CA ASP A 1344 -14.69 -20.58 71.01
C ASP A 1344 -14.19 -19.23 71.50
N ASP A 1345 -14.46 -18.89 72.74
CA ASP A 1345 -13.87 -17.70 73.30
C ASP A 1345 -12.37 -17.98 73.53
N LEU A 1346 -11.50 -17.04 73.12
CA LEU A 1346 -10.06 -17.18 73.34
C LEU A 1346 -9.59 -16.59 74.68
N ILE A 1347 -8.43 -17.04 75.20
CA ILE A 1347 -7.83 -16.47 76.42
C ILE A 1347 -6.31 -16.46 76.55
N VAL A 1348 -5.68 -15.32 76.22
CA VAL A 1348 -4.28 -15.04 76.56
C VAL A 1348 -4.13 -14.95 78.10
N SER A 1349 -3.03 -15.43 78.70
CA SER A 1349 -2.97 -15.49 80.17
C SER A 1349 -1.63 -15.86 80.84
N THR A 1350 -0.64 -14.98 80.66
CA THR A 1350 0.67 -15.06 81.32
C THR A 1350 0.69 -15.44 82.82
N GLY A 1351 1.72 -16.20 83.18
CA GLY A 1351 1.98 -16.59 84.55
C GLY A 1351 2.35 -15.41 85.40
N PHE A 1352 3.11 -15.64 86.46
CA PHE A 1352 3.65 -14.50 87.19
C PHE A 1352 4.67 -13.77 86.30
N GLY A 1353 5.96 -14.03 86.43
CA GLY A 1353 6.95 -13.43 85.53
C GLY A 1353 7.14 -11.92 85.56
N SER A 1354 7.53 -11.35 84.41
CA SER A 1354 8.05 -9.98 84.34
C SER A 1354 8.21 -9.45 82.92
N GLY A 1355 8.14 -8.13 82.77
CA GLY A 1355 8.25 -7.49 81.47
C GLY A 1355 6.91 -6.97 80.96
N LEU A 1356 6.83 -6.66 79.67
CA LEU A 1356 5.60 -6.14 79.11
C LEU A 1356 5.29 -6.71 77.72
N ALA A 1357 4.27 -7.54 77.62
CA ALA A 1357 3.94 -8.13 76.32
C ALA A 1357 2.61 -7.60 75.76
N THR A 1358 2.62 -7.04 74.54
CA THR A 1358 1.41 -6.55 73.92
C THR A 1358 0.62 -7.61 73.15
N VAL A 1359 -0.53 -7.99 73.68
CA VAL A 1359 -1.54 -8.74 72.93
C VAL A 1359 -2.43 -7.84 72.05
N HIS A 1360 -2.36 -7.99 70.73
CA HIS A 1360 -3.42 -7.51 69.83
C HIS A 1360 -4.09 -8.66 69.14
N VAL A 1361 -5.36 -8.46 68.78
CA VAL A 1361 -6.13 -9.54 68.18
C VAL A 1361 -7.11 -9.00 67.17
N THR A 1362 -6.64 -8.95 65.94
CA THR A 1362 -7.30 -8.19 64.89
C THR A 1362 -8.21 -9.08 64.07
N THR A 1363 -9.52 -8.86 64.23
CA THR A 1363 -10.56 -9.80 63.80
C THR A 1363 -11.39 -9.33 62.58
N VAL A 1364 -11.27 -10.06 61.47
CA VAL A 1364 -11.90 -9.73 60.20
C VAL A 1364 -13.20 -10.45 59.98
N VAL A 1365 -14.17 -9.74 59.44
CA VAL A 1365 -15.41 -10.43 59.16
C VAL A 1365 -16.07 -9.77 57.95
N HIS A 1366 -16.90 -10.51 57.22
CA HIS A 1366 -17.63 -9.96 56.09
C HIS A 1366 -19.08 -9.80 56.46
N LYS A 1367 -19.61 -8.60 56.28
CA LYS A 1367 -21.04 -8.42 56.50
C LYS A 1367 -21.80 -8.18 55.20
N THR A 1368 -23.13 -8.30 55.26
CA THR A 1368 -23.92 -8.13 54.06
C THR A 1368 -24.44 -6.71 53.89
N SER A 1369 -24.13 -5.83 54.84
CA SER A 1369 -24.79 -4.52 54.88
C SER A 1369 -24.02 -3.38 55.53
N THR A 1370 -24.40 -2.18 55.11
CA THR A 1370 -23.82 -0.99 55.68
C THR A 1370 -24.89 -0.28 56.49
N SER A 1371 -26.15 -0.59 56.22
CA SER A 1371 -27.26 0.12 56.84
C SER A 1371 -26.91 0.62 58.25
N GLU A 1372 -26.29 -0.25 59.04
CA GLU A 1372 -25.83 0.07 60.38
C GLU A 1372 -24.93 1.31 60.40
N GLU A 1373 -23.73 1.19 59.80
CA GLU A 1373 -22.64 2.16 59.89
C GLU A 1373 -23.00 3.65 59.76
N VAL A 1374 -22.03 4.51 60.08
CA VAL A 1374 -22.23 5.95 60.06
C VAL A 1374 -21.71 6.61 58.80
N CYS A 1375 -22.62 7.19 58.04
CA CYS A 1375 -22.22 7.82 56.77
C CYS A 1375 -21.82 9.31 56.87
N SER A 1376 -20.55 9.56 56.57
CA SER A 1376 -19.97 10.88 56.67
C SER A 1376 -19.94 11.57 55.28
N PHE A 1377 -20.34 10.81 54.26
CA PHE A 1377 -20.39 11.25 52.86
C PHE A 1377 -21.69 10.83 52.15
N TYR A 1378 -22.31 11.74 51.42
CA TYR A 1378 -23.52 11.41 50.66
C TYR A 1378 -23.08 10.80 49.34
N LEU A 1379 -23.56 9.60 49.03
CA LEU A 1379 -23.13 8.96 47.80
C LEU A 1379 -24.25 8.59 46.84
N LYS A 1380 -23.86 8.43 45.58
CA LYS A 1380 -24.72 7.87 44.57
C LYS A 1380 -23.78 7.26 43.54
N ILE A 1381 -24.25 6.19 42.92
CA ILE A 1381 -23.50 5.48 41.89
C ILE A 1381 -24.47 4.66 41.06
N ASP A 1382 -24.15 4.47 39.78
CA ASP A 1382 -24.87 3.51 38.93
C ASP A 1382 -24.18 3.31 37.59
N THR A 1383 -24.64 2.33 36.83
CA THR A 1383 -24.12 2.06 35.50
C THR A 1383 -25.00 2.62 34.36
N GLN A 1384 -24.44 3.58 33.64
CA GLN A 1384 -25.07 4.15 32.47
C GLN A 1384 -24.70 3.38 31.21
N ASP A 1385 -25.52 3.52 30.17
CA ASP A 1385 -25.23 2.89 28.89
C ASP A 1385 -24.64 3.88 27.86
N ILE A 1386 -25.06 5.15 27.95
CA ILE A 1386 -24.61 6.18 27.02
C ILE A 1386 -23.08 6.39 27.05
N TYR A 1399 -21.35 1.73 25.40
CA TYR A 1399 -21.44 0.32 25.78
C TYR A 1399 -21.98 0.27 27.22
N LYS A 1400 -21.14 0.65 28.19
CA LYS A 1400 -21.56 0.86 29.57
C LYS A 1400 -20.49 1.65 30.32
N ARG A 1401 -20.93 2.43 31.31
CA ARG A 1401 -20.03 3.35 32.04
C ARG A 1401 -20.50 3.65 33.48
N ILE A 1402 -19.56 3.81 34.41
CA ILE A 1402 -19.90 4.12 35.81
C ILE A 1402 -19.87 5.59 36.18
N VAL A 1403 -20.90 6.03 36.90
CA VAL A 1403 -20.97 7.42 37.33
C VAL A 1403 -21.14 7.48 38.84
N ALA A 1404 -20.00 7.60 39.53
CA ALA A 1404 -19.95 7.70 40.98
C ALA A 1404 -19.85 9.15 41.44
N CYS A 1405 -20.61 9.48 42.47
CA CYS A 1405 -20.60 10.83 43.04
C CYS A 1405 -20.51 10.76 44.54
N ALA A 1406 -20.28 11.93 45.13
CA ALA A 1406 -20.23 12.09 46.58
C ALA A 1406 -20.44 13.55 46.98
N SER A 1407 -20.92 13.76 48.20
CA SER A 1407 -20.84 15.07 48.82
C SER A 1407 -20.43 14.87 50.26
N TYR A 1408 -19.72 15.84 50.81
CA TYR A 1408 -19.24 15.72 52.18
C TYR A 1408 -20.30 16.22 53.14
N LYS A 1409 -20.69 15.38 54.11
CA LYS A 1409 -21.63 15.79 55.15
C LYS A 1409 -20.85 16.46 56.29
N PRO A 1410 -20.96 17.80 56.42
CA PRO A 1410 -20.17 18.40 57.50
C PRO A 1410 -20.65 18.00 58.89
N SER A 1411 -19.69 17.76 59.76
CA SER A 1411 -19.96 17.45 61.15
C SER A 1411 -20.30 18.76 61.81
N ARG A 1412 -21.08 18.71 62.87
CA ARG A 1412 -21.47 19.91 63.59
C ARG A 1412 -20.23 20.73 63.88
N GLU A 1413 -20.38 22.06 63.91
CA GLU A 1413 -19.27 22.97 64.17
C GLU A 1413 -18.41 23.18 62.93
N GLU A 1414 -18.61 22.33 61.92
CA GLU A 1414 -17.73 22.35 60.76
C GLU A 1414 -18.07 23.37 59.69
N SER A 1415 -17.03 23.79 58.98
CA SER A 1415 -17.15 24.75 57.89
C SER A 1415 -17.79 24.18 56.62
N SER A 1416 -18.47 25.03 55.87
CA SER A 1416 -19.18 24.61 54.66
C SER A 1416 -18.30 24.33 53.43
N SER A 1417 -16.99 24.39 53.60
CA SER A 1417 -16.06 24.34 52.47
C SER A 1417 -15.97 22.97 51.84
N GLY A 1418 -16.23 21.95 52.65
CA GLY A 1418 -16.10 20.57 52.21
C GLY A 1418 -14.83 19.90 52.71
N SER A 1419 -14.66 18.65 52.34
CA SER A 1419 -13.66 17.81 52.98
C SER A 1419 -12.21 18.19 52.82
N SER A 1420 -11.38 17.43 53.54
CA SER A 1420 -9.93 17.47 53.45
C SER A 1420 -9.49 16.48 52.40
N HIS A 1421 -8.19 16.40 52.16
CA HIS A 1421 -7.69 15.44 51.20
C HIS A 1421 -8.37 14.10 51.45
N ALA A 1422 -9.06 13.62 50.43
CA ALA A 1422 -9.86 12.39 50.55
C ALA A 1422 -9.78 11.50 49.34
N VAL A 1423 -10.20 10.24 49.51
CA VAL A 1423 -10.17 9.28 48.44
C VAL A 1423 -11.53 8.65 48.28
N MET A 1424 -11.87 8.32 47.02
CA MET A 1424 -13.00 7.46 46.62
C MET A 1424 -12.43 6.13 46.12
N ASP A 1425 -13.09 5.03 46.45
CA ASP A 1425 -12.53 3.71 46.20
C ASP A 1425 -13.65 2.82 45.67
N ILE A 1426 -13.63 2.60 44.35
CA ILE A 1426 -14.57 1.72 43.68
C ILE A 1426 -14.01 0.33 43.41
N SER A 1427 -14.59 -0.66 44.08
CA SER A 1427 -14.38 -2.07 43.80
C SER A 1427 -15.06 -2.31 42.45
N LEU A 1428 -14.37 -3.00 41.54
CA LEU A 1428 -14.99 -3.38 40.27
C LEU A 1428 -15.51 -4.78 40.41
N PRO A 1429 -16.72 -5.04 39.84
CA PRO A 1429 -17.37 -6.36 39.83
C PRO A 1429 -16.53 -7.36 39.07
N THR A 1430 -16.70 -8.62 39.40
CA THR A 1430 -15.74 -9.64 38.99
C THR A 1430 -15.65 -9.64 37.46
N GLY A 1431 -14.44 -9.40 36.96
CA GLY A 1431 -14.18 -9.27 35.54
C GLY A 1431 -14.91 -8.14 34.82
N ILE A 1432 -14.46 -6.90 35.00
CA ILE A 1432 -15.10 -5.72 34.43
C ILE A 1432 -14.09 -4.58 34.43
N SER A 1433 -13.00 -4.73 33.68
CA SER A 1433 -11.92 -3.72 33.61
C SER A 1433 -12.40 -2.27 33.49
N ALA A 1434 -11.71 -1.34 34.16
CA ALA A 1434 -12.12 0.06 34.01
C ALA A 1434 -11.34 0.70 32.89
N ASN A 1435 -11.74 1.91 32.51
CA ASN A 1435 -11.14 2.57 31.34
C ASN A 1435 -9.92 3.45 31.61
N GLU A 1436 -8.78 2.82 31.80
CA GLU A 1436 -7.59 3.53 32.20
C GLU A 1436 -7.54 4.93 31.60
N GLU A 1437 -7.84 5.04 30.33
CA GLU A 1437 -7.69 6.31 29.60
C GLU A 1437 -8.68 7.33 30.12
N ASP A 1438 -9.92 6.90 30.37
CA ASP A 1438 -10.94 7.80 30.88
C ASP A 1438 -10.45 8.50 32.14
N LEU A 1439 -9.81 7.74 33.03
CA LEU A 1439 -9.36 8.20 34.34
C LEU A 1439 -8.16 9.11 34.21
N LYS A 1440 -7.20 8.70 33.39
CA LYS A 1440 -6.07 9.54 33.02
C LYS A 1440 -6.63 10.89 32.63
N ALA A 1441 -7.78 10.86 31.98
CA ALA A 1441 -8.43 12.07 31.47
C ALA A 1441 -8.76 13.00 32.60
N LEU A 1442 -9.13 12.45 33.75
CA LEU A 1442 -9.62 13.24 34.84
C LEU A 1442 -8.54 13.94 35.60
N VAL A 1443 -7.45 13.24 35.90
CA VAL A 1443 -6.38 13.79 36.73
C VAL A 1443 -5.31 14.57 35.94
N GLU A 1444 -5.22 14.33 34.64
CA GLU A 1444 -4.03 14.70 33.89
C GLU A 1444 -4.11 16.08 33.28
N GLY A 1445 -5.12 16.84 33.65
CA GLY A 1445 -5.36 18.11 33.00
C GLY A 1445 -5.53 19.28 33.94
N VAL A 1446 -5.19 20.47 33.47
CA VAL A 1446 -5.37 21.69 34.27
C VAL A 1446 -6.78 21.77 34.83
N ASP A 1447 -7.72 21.15 34.15
CA ASP A 1447 -9.07 21.07 34.63
C ASP A 1447 -9.18 19.92 35.63
N GLN A 1448 -8.03 19.47 36.14
CA GLN A 1448 -8.02 18.24 36.89
C GLN A 1448 -9.13 18.21 37.92
N LEU A 1449 -9.97 17.19 37.80
CA LEU A 1449 -11.04 16.94 38.73
C LEU A 1449 -10.49 16.11 39.89
N PHE A 1450 -9.72 15.09 39.54
CA PHE A 1450 -8.99 14.33 40.54
C PHE A 1450 -7.51 14.63 40.42
N THR A 1451 -6.73 14.11 41.36
CA THR A 1451 -5.31 14.44 41.39
C THR A 1451 -4.59 13.13 41.33
N ASP A 1452 -5.34 12.04 41.46
CA ASP A 1452 -4.68 10.75 41.45
C ASP A 1452 -5.56 9.52 41.40
N TYR A 1453 -5.46 8.82 40.26
CA TYR A 1453 -6.12 7.54 40.03
C TYR A 1453 -5.13 6.38 40.11
N GLN A 1454 -5.67 5.18 40.30
CA GLN A 1454 -4.86 3.96 40.24
C GLN A 1454 -5.75 2.73 40.32
N ILE A 1455 -5.50 1.73 39.46
CA ILE A 1455 -6.22 0.47 39.56
C ILE A 1455 -5.37 -0.60 40.20
N LYS A 1456 -5.48 -0.72 41.52
CA LYS A 1456 -4.87 -1.81 42.24
C LYS A 1456 -5.91 -2.87 42.60
N ASP A 1457 -5.50 -4.13 42.47
CA ASP A 1457 -6.29 -5.25 42.92
C ASP A 1457 -7.81 -5.11 42.79
N GLY A 1458 -8.27 -4.74 41.60
CA GLY A 1458 -9.68 -4.80 41.32
C GLY A 1458 -10.41 -3.60 41.87
N HIS A 1459 -9.66 -2.52 42.11
CA HIS A 1459 -10.21 -1.31 42.69
C HIS A 1459 -9.71 -0.09 41.93
N VAL A 1460 -10.60 0.75 41.44
CA VAL A 1460 -10.19 2.07 40.97
C VAL A 1460 -10.14 2.98 42.19
N ILE A 1461 -9.10 3.79 42.30
CA ILE A 1461 -8.83 4.52 43.55
C ILE A 1461 -8.40 5.95 43.32
N LEU A 1462 -9.35 6.85 43.53
CA LEU A 1462 -9.15 8.26 43.25
C LEU A 1462 -8.85 9.05 44.52
N GLN A 1463 -8.12 10.16 44.37
CA GLN A 1463 -7.70 10.98 45.49
C GLN A 1463 -7.76 12.45 45.07
N LEU A 1464 -8.42 13.29 45.86
CA LEU A 1464 -8.41 14.75 45.67
C LEU A 1464 -8.38 15.47 47.02
N ASN A 1465 -8.13 16.77 46.97
CA ASN A 1465 -8.01 17.59 48.19
C ASN A 1465 -9.30 17.88 48.96
N SER A 1466 -10.46 17.65 48.35
CA SER A 1466 -11.75 17.98 48.93
C SER A 1466 -12.92 17.32 48.23
N ILE A 1467 -14.06 17.22 48.93
CA ILE A 1467 -15.26 16.72 48.30
C ILE A 1467 -16.46 17.64 48.56
N PRO A 1468 -16.35 18.91 48.12
CA PRO A 1468 -17.27 20.00 48.41
C PRO A 1468 -18.63 19.54 48.91
N SER A 1469 -19.19 20.25 49.88
CA SER A 1469 -20.53 19.95 50.34
C SER A 1469 -21.54 20.74 49.54
N SER A 1470 -21.07 21.80 48.89
CA SER A 1470 -21.92 22.64 48.06
C SER A 1470 -22.85 21.78 47.23
N ASP A 1471 -22.27 20.77 46.62
CA ASP A 1471 -23.01 19.85 45.77
C ASP A 1471 -22.24 18.55 45.71
N PHE A 1472 -22.47 17.78 44.64
CA PHE A 1472 -21.77 16.52 44.49
C PHE A 1472 -20.53 16.66 43.69
N LEU A 1473 -19.72 15.61 43.77
CA LEU A 1473 -18.52 15.55 42.97
C LEU A 1473 -18.53 14.18 42.32
N CYS A 1474 -18.41 14.17 40.98
CA CYS A 1474 -18.61 12.94 40.21
C CYS A 1474 -17.44 12.55 39.36
N VAL A 1475 -17.01 11.30 39.53
CA VAL A 1475 -16.10 10.67 38.59
C VAL A 1475 -17.01 9.88 37.67
N ARG A 1476 -16.62 9.80 36.39
CA ARG A 1476 -17.25 8.85 35.48
C ARG A 1476 -16.15 8.17 34.65
N PHE A 1477 -16.41 6.90 34.28
CA PHE A 1477 -15.44 6.10 33.52
C PHE A 1477 -16.07 4.80 33.00
N ARG A 1478 -15.56 4.30 31.88
CA ARG A 1478 -16.19 3.21 31.20
C ARG A 1478 -15.54 1.88 31.54
N ILE A 1479 -16.28 0.79 31.37
CA ILE A 1479 -15.85 -0.54 31.80
C ILE A 1479 -16.16 -1.65 30.80
N PHE A 1480 -15.17 -2.51 30.50
CA PHE A 1480 -15.38 -3.59 29.53
C PHE A 1480 -15.38 -5.01 30.10
N GLU A 1481 -16.50 -5.70 29.93
CA GLU A 1481 -16.66 -7.06 30.44
C GLU A 1481 -15.51 -7.97 30.03
N LEU A 1482 -14.42 -7.92 30.76
CA LEU A 1482 -13.23 -8.70 30.39
C LEU A 1482 -13.55 -10.16 30.13
N PHE A 1483 -14.45 -10.73 30.96
CA PHE A 1483 -14.92 -12.08 30.71
C PHE A 1483 -16.33 -12.25 31.23
N GLU A 1484 -16.91 -13.38 30.94
CA GLU A 1484 -18.29 -13.65 31.33
C GLU A 1484 -18.47 -14.19 32.74
N VAL A 1485 -19.00 -13.33 33.58
CA VAL A 1485 -19.28 -13.73 34.95
C VAL A 1485 -20.74 -14.14 35.07
N GLY A 1486 -21.15 -15.14 35.84
CA GLY A 1486 -22.58 -15.52 35.73
C GLY A 1486 -23.37 -15.68 37.03
N PHE A 1487 -23.93 -14.58 37.50
CA PHE A 1487 -24.66 -14.24 38.75
C PHE A 1487 -23.54 -13.66 39.56
N LEU A 1488 -23.33 -12.40 39.26
CA LEU A 1488 -22.32 -11.69 39.94
C LEU A 1488 -22.86 -10.94 41.15
N SER A 1489 -22.07 -11.01 42.23
CA SER A 1489 -22.36 -10.23 43.44
C SER A 1489 -21.65 -8.88 43.31
N PRO A 1490 -22.17 -7.86 44.01
CA PRO A 1490 -21.74 -6.46 43.86
C PRO A 1490 -20.47 -6.22 44.57
N ALA A 1491 -19.72 -5.31 43.98
CA ALA A 1491 -18.59 -4.73 44.63
C ALA A 1491 -19.15 -3.52 45.34
N THR A 1492 -18.24 -2.63 45.73
CA THR A 1492 -18.53 -1.59 46.69
C THR A 1492 -17.88 -0.27 46.34
N PHE A 1493 -18.59 0.80 46.68
CA PHE A 1493 -18.12 2.14 46.41
C PHE A 1493 -17.99 2.84 47.72
N THR A 1494 -16.76 2.89 48.20
CA THR A 1494 -16.45 3.50 49.49
C THR A 1494 -15.65 4.82 49.31
N VAL A 1495 -15.92 5.82 50.17
CA VAL A 1495 -15.18 7.08 50.16
C VAL A 1495 -15.06 7.67 51.57
N TYR A 1496 -13.80 7.73 52.04
CA TYR A 1496 -13.40 8.25 53.34
C TYR A 1496 -12.36 9.38 53.15
N GLU A 1497 -12.05 10.09 54.23
CA GLU A 1497 -11.04 11.14 54.27
C GLU A 1497 -9.67 10.58 54.64
N TYR A 1498 -8.65 10.94 53.87
CA TYR A 1498 -7.35 10.27 54.02
C TYR A 1498 -6.86 10.29 55.47
N HIS A 1499 -6.79 11.49 56.05
CA HIS A 1499 -6.24 11.66 57.38
C HIS A 1499 -7.23 11.32 58.49
N ARG A 1500 -8.51 11.22 58.16
CA ARG A 1500 -9.46 10.72 59.13
C ARG A 1500 -10.47 9.77 58.47
N PRO A 1501 -10.02 8.53 58.26
CA PRO A 1501 -10.72 7.32 57.82
C PRO A 1501 -11.95 7.03 58.65
N ASP A 1502 -12.22 7.86 59.65
CA ASP A 1502 -13.32 7.62 60.58
C ASP A 1502 -14.55 8.04 59.79
N LYS A 1503 -14.32 8.53 58.58
CA LYS A 1503 -15.38 9.04 57.72
C LYS A 1503 -15.82 8.13 56.52
N GLN A 1504 -15.82 6.81 56.75
CA GLN A 1504 -16.08 5.78 55.73
C GLN A 1504 -17.54 5.57 55.50
N CYS A 1505 -18.04 6.33 54.53
CA CYS A 1505 -19.30 5.96 53.88
C CYS A 1505 -19.08 4.88 52.81
N THR A 1506 -19.84 3.80 52.92
CA THR A 1506 -19.61 2.66 52.10
C THR A 1506 -20.94 2.28 51.57
N MET A 1507 -20.93 1.77 50.34
CA MET A 1507 -22.14 1.40 49.58
C MET A 1507 -21.92 0.25 48.59
N PHE A 1508 -22.79 -0.75 48.64
CA PHE A 1508 -22.80 -1.78 47.61
C PHE A 1508 -23.47 -1.20 46.38
N TYR A 1509 -23.06 -1.62 45.18
CA TYR A 1509 -23.78 -1.30 43.93
C TYR A 1509 -23.48 -2.45 42.99
N SER A 1510 -24.20 -2.51 41.89
CA SER A 1510 -23.92 -3.55 40.93
C SER A 1510 -23.78 -2.95 39.57
N THR A 1511 -23.12 -3.69 38.71
CA THR A 1511 -22.73 -3.19 37.42
C THR A 1511 -23.67 -3.72 36.38
N SER A 1512 -24.82 -4.22 36.82
CA SER A 1512 -25.82 -4.76 35.88
C SER A 1512 -27.19 -4.91 36.50
N ASN A 1513 -28.21 -4.79 35.67
CA ASN A 1513 -29.59 -4.86 36.12
C ASN A 1513 -30.20 -6.25 35.99
N ILE A 1514 -29.44 -7.21 35.47
CA ILE A 1514 -29.96 -8.53 35.08
C ILE A 1514 -30.69 -9.29 36.19
N LYS A 1515 -31.99 -9.49 35.97
CA LYS A 1515 -32.84 -10.31 36.81
C LYS A 1515 -32.88 -11.72 36.22
N ILE A 1516 -33.76 -12.55 36.78
CA ILE A 1516 -34.01 -13.97 36.44
C ILE A 1516 -33.89 -14.80 37.73
N GLN A 1517 -34.85 -15.69 37.94
CA GLN A 1517 -34.99 -16.36 39.23
C GLN A 1517 -34.37 -17.77 39.30
N LYS A 1518 -34.24 -18.26 40.53
CA LYS A 1518 -33.99 -19.68 40.86
C LYS A 1518 -34.47 -19.90 42.30
N VAL A 1519 -33.77 -20.72 43.08
CA VAL A 1519 -34.09 -20.89 44.50
C VAL A 1519 -32.80 -21.11 45.32
N CYS A 1520 -32.19 -22.28 45.16
CA CYS A 1520 -30.86 -22.59 45.72
C CYS A 1520 -30.68 -22.56 47.23
N GLU A 1521 -30.38 -23.73 47.79
CA GLU A 1521 -30.16 -23.91 49.22
C GLU A 1521 -28.69 -23.72 49.62
N GLY A 1522 -28.17 -24.63 50.44
CA GLY A 1522 -26.80 -24.56 50.91
C GLY A 1522 -25.73 -24.72 49.84
N ALA A 1523 -26.08 -24.36 48.61
CA ALA A 1523 -25.18 -24.36 47.45
C ALA A 1523 -25.30 -25.59 46.54
N ALA A 1524 -25.76 -26.72 47.07
CA ALA A 1524 -25.92 -27.93 46.28
C ALA A 1524 -26.91 -27.70 45.14
N CYS A 1525 -27.41 -26.48 45.06
CA CYS A 1525 -28.35 -26.08 44.01
C CYS A 1525 -27.66 -25.63 42.71
N LYS A 1526 -26.78 -24.62 42.79
CA LYS A 1526 -26.05 -24.09 41.62
C LYS A 1526 -24.98 -25.05 41.09
N CYS A 1527 -25.23 -26.35 41.23
CA CYS A 1527 -24.28 -27.37 40.79
C CYS A 1527 -25.02 -28.54 40.17
N VAL A 1528 -26.22 -28.80 40.68
CA VAL A 1528 -27.09 -29.78 40.04
C VAL A 1528 -27.38 -29.24 38.64
N GLU A 1529 -27.12 -27.96 38.46
CA GLU A 1529 -27.11 -27.33 37.16
C GLU A 1529 -25.67 -27.03 36.74
N ALA A 1530 -25.03 -28.02 36.12
CA ALA A 1530 -23.59 -27.96 35.81
C ALA A 1530 -23.07 -26.61 35.30
N ASP A 1531 -23.78 -26.05 34.34
CA ASP A 1531 -23.25 -24.96 33.53
C ASP A 1531 -24.24 -24.89 32.38
N CYS A 1532 -25.01 -25.95 32.24
CA CYS A 1532 -25.90 -26.17 31.09
C CYS A 1532 -26.54 -24.90 30.52
N GLY A 1533 -27.00 -25.00 29.27
CA GLY A 1533 -27.32 -23.84 28.45
C GLY A 1533 -28.58 -23.04 28.71
N GLN A 1534 -28.83 -22.08 27.82
CA GLN A 1534 -29.92 -21.11 27.96
C GLN A 1534 -30.71 -20.93 26.65
N MET A 1535 -32.03 -21.00 26.71
CA MET A 1535 -32.87 -20.68 25.56
C MET A 1535 -33.48 -19.30 25.70
N GLN A 1536 -32.96 -18.33 24.97
CA GLN A 1536 -33.44 -16.95 25.08
C GLN A 1536 -34.97 -16.94 25.04
N GLU A 1537 -35.58 -15.94 25.66
CA GLU A 1537 -37.04 -15.83 25.73
C GLU A 1537 -37.68 -15.70 24.35
N GLU A 1538 -38.89 -16.24 24.17
CA GLU A 1538 -39.62 -16.09 22.90
C GLU A 1538 -39.85 -14.61 22.65
N LEU A 1539 -40.07 -14.24 21.38
CA LEU A 1539 -40.15 -12.84 20.93
C LEU A 1539 -38.86 -12.08 21.24
N ASP A 1540 -38.76 -10.82 20.83
CA ASP A 1540 -37.61 -10.02 21.26
C ASP A 1540 -37.73 -8.51 21.08
N LEU A 1541 -37.11 -7.79 22.03
CA LEU A 1541 -37.16 -6.33 22.08
C LEU A 1541 -36.10 -5.67 21.19
N THR A 1542 -36.43 -4.48 20.66
CA THR A 1542 -35.50 -3.73 19.82
C THR A 1542 -34.22 -3.31 20.58
N ILE A 1543 -33.19 -2.89 19.84
CA ILE A 1543 -31.80 -2.77 20.34
C ILE A 1543 -31.12 -4.14 20.29
N SER A 1544 -30.79 -4.61 19.07
CA SER A 1544 -30.28 -5.97 18.91
C SER A 1544 -29.44 -6.23 17.66
N ALA A 1545 -29.56 -5.42 16.62
CA ALA A 1545 -28.74 -5.64 15.44
C ALA A 1545 -27.26 -5.61 15.83
N GLU A 1546 -26.96 -4.95 16.95
CA GLU A 1546 -25.60 -4.89 17.54
C GLU A 1546 -25.27 -6.11 18.44
N THR A 1547 -26.25 -6.60 19.19
CA THR A 1547 -26.06 -7.76 20.07
C THR A 1547 -26.00 -9.09 19.31
N ARG A 1548 -26.70 -9.14 18.17
CA ARG A 1548 -26.86 -10.34 17.33
C ARG A 1548 -25.57 -10.66 16.55
N LYS A 1549 -25.04 -9.68 15.83
CA LYS A 1549 -23.74 -9.83 15.20
C LYS A 1549 -22.69 -10.29 16.23
N GLN A 1550 -22.37 -9.42 17.20
CA GLN A 1550 -21.31 -9.67 18.21
C GLN A 1550 -21.30 -11.07 18.81
N THR A 1551 -22.49 -11.65 18.99
CA THR A 1551 -22.57 -12.99 19.58
C THR A 1551 -22.02 -14.02 18.62
N ALA A 1552 -21.55 -13.56 17.47
CA ALA A 1552 -21.00 -14.45 16.44
C ALA A 1552 -19.49 -14.65 16.57
N CYS A 1553 -18.70 -13.86 15.84
CA CYS A 1553 -17.26 -14.11 15.73
C CYS A 1553 -16.45 -14.05 17.04
N LYS A 1554 -17.06 -13.63 18.15
CA LYS A 1554 -16.40 -13.66 19.45
C LYS A 1554 -15.68 -15.00 19.57
N PRO A 1555 -14.35 -14.97 19.46
CA PRO A 1555 -13.45 -16.12 19.22
C PRO A 1555 -13.77 -17.42 19.96
N GLU A 1556 -14.42 -17.34 21.12
CA GLU A 1556 -14.95 -18.54 21.77
C GLU A 1556 -16.08 -19.18 20.96
N ILE A 1557 -16.39 -18.60 19.80
CA ILE A 1557 -17.44 -19.09 18.88
C ILE A 1557 -16.85 -19.79 17.64
N ALA A 1558 -16.61 -21.09 17.81
CA ALA A 1558 -15.92 -21.90 16.83
C ALA A 1558 -16.92 -22.33 15.80
N TYR A 1559 -18.03 -21.60 15.75
CA TYR A 1559 -19.03 -21.82 14.74
C TYR A 1559 -20.27 -20.98 14.99
N ALA A 1560 -21.09 -20.84 13.97
CA ALA A 1560 -22.38 -20.24 14.16
C ALA A 1560 -23.20 -20.73 12.97
N TYR A 1561 -24.15 -21.62 13.27
CA TYR A 1561 -24.89 -22.27 12.20
C TYR A 1561 -26.31 -22.75 12.53
N LYS A 1562 -27.26 -22.25 11.73
CA LYS A 1562 -28.69 -22.48 11.87
C LYS A 1562 -29.05 -23.89 11.45
N VAL A 1563 -29.92 -24.50 12.24
CA VAL A 1563 -30.28 -25.92 12.14
C VAL A 1563 -31.63 -26.16 12.77
N SER A 1564 -32.11 -27.40 12.67
CA SER A 1564 -33.39 -27.78 13.24
C SER A 1564 -33.29 -29.20 13.78
N ILE A 1565 -33.95 -29.43 14.90
CA ILE A 1565 -33.92 -30.75 15.55
C ILE A 1565 -34.72 -31.78 14.75
N THR A 1566 -34.01 -32.79 14.22
CA THR A 1566 -34.67 -33.91 13.55
C THR A 1566 -34.81 -35.13 14.45
N SER A 1567 -34.11 -35.13 15.59
CA SER A 1567 -34.19 -36.27 16.51
C SER A 1567 -33.97 -35.93 17.98
N ILE A 1568 -35.05 -35.79 18.73
CA ILE A 1568 -34.98 -35.76 20.18
C ILE A 1568 -35.99 -36.77 20.71
N THR A 1569 -35.55 -38.02 20.79
CA THR A 1569 -36.43 -39.16 21.05
C THR A 1569 -37.42 -38.90 22.19
N VAL A 1570 -38.68 -38.67 21.82
CA VAL A 1570 -39.74 -38.38 22.79
C VAL A 1570 -39.73 -39.38 23.93
N GLU A 1571 -39.62 -40.66 23.59
CA GLU A 1571 -39.56 -41.73 24.58
C GLU A 1571 -38.62 -41.36 25.73
N ASN A 1572 -39.03 -41.69 26.95
CA ASN A 1572 -38.22 -41.45 28.14
C ASN A 1572 -37.03 -42.41 28.22
N VAL A 1573 -35.97 -42.00 28.91
CA VAL A 1573 -34.74 -42.79 29.03
C VAL A 1573 -33.87 -42.78 27.76
N PHE A 1574 -34.48 -42.42 26.63
CA PHE A 1574 -33.74 -42.29 25.36
C PHE A 1574 -32.69 -41.17 25.40
N VAL A 1575 -31.63 -41.31 24.62
CA VAL A 1575 -30.52 -40.36 24.69
C VAL A 1575 -30.65 -39.12 23.76
N LYS A 1576 -29.54 -38.41 23.61
CA LYS A 1576 -29.52 -36.96 23.30
C LYS A 1576 -29.98 -36.48 21.91
N TYR A 1577 -29.87 -35.16 21.71
CA TYR A 1577 -30.36 -34.47 20.50
C TYR A 1577 -29.56 -34.78 19.24
N LYS A 1578 -30.12 -34.40 18.10
CA LYS A 1578 -29.45 -34.46 16.81
C LYS A 1578 -30.29 -33.58 15.92
N ALA A 1579 -29.65 -32.78 15.08
CA ALA A 1579 -30.40 -31.82 14.29
C ALA A 1579 -29.86 -31.71 12.87
N THR A 1580 -30.74 -31.40 11.92
CA THR A 1580 -30.34 -31.19 10.52
C THR A 1580 -29.97 -29.73 10.24
N LEU A 1581 -28.80 -29.53 9.67
CA LEU A 1581 -28.27 -28.19 9.44
C LEU A 1581 -28.91 -27.61 8.18
N LEU A 1582 -29.19 -26.31 8.19
CA LEU A 1582 -29.90 -25.67 7.07
C LEU A 1582 -29.08 -24.69 6.21
N ASP A 1583 -28.11 -24.04 6.85
CA ASP A 1583 -27.30 -22.99 6.22
C ASP A 1583 -26.16 -22.65 7.24
N ILE A 1584 -24.88 -22.69 6.82
CA ILE A 1584 -23.71 -22.37 7.69
C ILE A 1584 -23.17 -20.95 7.55
N TYR A 1585 -23.15 -20.23 8.65
CA TYR A 1585 -22.63 -18.89 8.61
C TYR A 1585 -21.15 -18.85 8.96
N LYS A 1586 -20.79 -19.58 10.02
CA LYS A 1586 -19.39 -19.75 10.41
C LYS A 1586 -19.10 -21.25 10.43
N THR A 1587 -18.20 -21.72 9.57
CA THR A 1587 -17.97 -23.16 9.44
C THR A 1587 -17.30 -23.73 10.68
N GLY A 1588 -18.01 -24.61 11.37
CA GLY A 1588 -17.44 -25.29 12.52
C GLY A 1588 -16.13 -25.94 12.12
N GLU A 1589 -15.16 -25.93 13.02
CA GLU A 1589 -13.87 -26.59 12.79
C GLU A 1589 -14.01 -28.11 12.85
N ALA A 1590 -15.10 -28.64 12.30
CA ALA A 1590 -15.36 -30.08 12.37
C ALA A 1590 -15.99 -30.66 11.10
N VAL A 1591 -16.04 -31.99 11.02
CA VAL A 1591 -16.49 -32.70 9.81
C VAL A 1591 -18.01 -32.72 9.62
N ALA A 1592 -18.43 -32.25 8.45
CA ALA A 1592 -19.82 -32.18 8.01
C ALA A 1592 -19.96 -30.89 7.19
N GLU A 1593 -20.84 -30.88 6.20
CA GLU A 1593 -21.03 -29.67 5.40
C GLU A 1593 -22.50 -29.41 5.05
N LYS A 1594 -22.81 -28.17 4.72
CA LYS A 1594 -24.19 -27.67 4.66
C LYS A 1594 -25.20 -28.64 4.04
N ASP A 1595 -26.06 -29.18 4.91
CA ASP A 1595 -27.16 -30.10 4.58
C ASP A 1595 -27.14 -31.29 5.52
N SER A 1596 -25.95 -31.64 6.00
CA SER A 1596 -25.76 -32.80 6.86
C SER A 1596 -26.38 -32.61 8.24
N GLU A 1597 -26.63 -33.72 8.93
CA GLU A 1597 -27.07 -33.69 10.32
C GLU A 1597 -25.85 -33.67 11.22
N ILE A 1598 -25.97 -32.98 12.34
CA ILE A 1598 -24.93 -33.00 13.33
C ILE A 1598 -25.61 -32.96 14.69
N THR A 1599 -25.29 -33.94 15.51
CA THR A 1599 -25.97 -34.20 16.78
C THR A 1599 -25.69 -33.10 17.80
N PHE A 1600 -26.27 -33.19 19.00
CA PHE A 1600 -25.91 -32.33 20.13
C PHE A 1600 -26.09 -33.06 21.48
N ILE A 1601 -25.02 -33.16 22.27
CA ILE A 1601 -24.99 -33.98 23.50
C ILE A 1601 -25.09 -33.23 24.84
N LYS A 1602 -25.82 -33.83 25.80
CA LYS A 1602 -25.88 -33.37 27.20
C LYS A 1602 -26.71 -34.32 28.06
N LYS A 1603 -26.25 -34.56 29.29
CA LYS A 1603 -26.86 -35.51 30.21
C LYS A 1603 -27.24 -34.77 31.51
N VAL A 1604 -27.83 -35.48 32.46
CA VAL A 1604 -28.12 -34.91 33.78
C VAL A 1604 -29.25 -33.88 33.73
N THR A 1605 -29.81 -33.57 34.91
CA THR A 1605 -30.88 -32.59 35.03
C THR A 1605 -30.42 -31.22 34.57
N CYS A 1606 -31.14 -30.65 33.60
CA CYS A 1606 -30.90 -29.28 33.18
C CYS A 1606 -32.23 -28.57 32.94
N THR A 1607 -32.76 -27.99 34.01
CA THR A 1607 -34.09 -27.39 34.02
C THR A 1607 -34.09 -25.99 33.43
N ASN A 1608 -33.32 -25.77 32.38
CA ASN A 1608 -33.10 -24.41 31.89
C ASN A 1608 -33.00 -24.23 30.38
N ALA A 1609 -33.67 -25.10 29.61
CA ALA A 1609 -33.75 -24.95 28.16
C ALA A 1609 -34.30 -26.21 27.51
N GLU A 1610 -35.37 -26.07 26.74
CA GLU A 1610 -35.95 -27.21 26.05
C GLU A 1610 -36.23 -26.93 24.60
N LEU A 1611 -35.44 -27.52 23.72
CA LEU A 1611 -35.65 -27.35 22.30
C LEU A 1611 -36.89 -28.13 21.87
N VAL A 1612 -37.79 -27.47 21.14
CA VAL A 1612 -38.98 -28.10 20.59
C VAL A 1612 -38.67 -28.80 19.27
N LYS A 1613 -38.88 -30.11 19.24
CA LYS A 1613 -38.64 -30.89 18.02
C LYS A 1613 -39.42 -30.33 16.85
N GLY A 1614 -38.80 -30.31 15.67
CA GLY A 1614 -39.46 -29.83 14.47
C GLY A 1614 -39.35 -28.33 14.29
N ARG A 1615 -38.72 -27.67 15.25
CA ARG A 1615 -38.41 -26.27 15.11
C ARG A 1615 -36.91 -26.06 14.82
N GLN A 1616 -36.60 -24.96 14.15
CA GLN A 1616 -35.24 -24.62 13.72
C GLN A 1616 -34.55 -23.61 14.63
N TYR A 1617 -33.76 -24.12 15.56
CA TYR A 1617 -33.01 -23.27 16.49
C TYR A 1617 -31.65 -22.89 15.89
N LEU A 1618 -31.30 -21.62 16.02
CA LEU A 1618 -29.97 -21.17 15.63
C LEU A 1618 -29.03 -21.37 16.80
N ILE A 1619 -27.80 -21.73 16.48
CA ILE A 1619 -26.90 -22.34 17.46
C ILE A 1619 -25.55 -21.67 17.33
N MET A 1620 -24.86 -21.48 18.47
CA MET A 1620 -23.58 -20.78 18.49
C MET A 1620 -22.71 -21.17 19.68
N GLY A 1621 -21.54 -21.74 19.42
CA GLY A 1621 -20.58 -22.09 20.45
C GLY A 1621 -19.26 -22.63 19.91
N LYS A 1622 -18.41 -23.15 20.79
CA LYS A 1622 -17.14 -23.75 20.37
C LYS A 1622 -17.35 -24.93 19.44
N GLU A 1623 -16.27 -25.63 19.09
CA GLU A 1623 -16.38 -26.73 18.15
C GLU A 1623 -16.89 -28.00 18.83
N ALA A 1624 -16.86 -29.10 18.09
CA ALA A 1624 -17.23 -30.41 18.61
C ALA A 1624 -16.01 -31.18 19.12
N LEU A 1625 -16.20 -31.98 20.17
CA LEU A 1625 -15.08 -32.69 20.81
C LEU A 1625 -14.68 -33.98 20.09
N GLN A 1626 -13.44 -34.05 19.64
CA GLN A 1626 -12.95 -35.26 18.97
C GLN A 1626 -12.44 -36.30 19.94
N ILE A 1627 -13.13 -37.44 19.99
CA ILE A 1627 -12.52 -38.67 20.50
C ILE A 1627 -11.93 -39.35 19.26
N LYS A 1628 -10.74 -38.91 18.84
CA LYS A 1628 -10.19 -39.25 17.52
C LYS A 1628 -10.48 -40.69 17.04
N TYR A 1629 -10.02 -41.68 17.79
CA TYR A 1629 -10.19 -43.07 17.36
C TYR A 1629 -9.83 -44.14 18.40
N ASN A 1630 -10.79 -45.03 18.68
CA ASN A 1630 -10.53 -46.34 19.27
C ASN A 1630 -11.51 -47.36 18.66
N PHE A 1631 -11.52 -47.35 17.33
CA PHE A 1631 -12.42 -48.12 16.46
C PHE A 1631 -13.60 -47.31 15.88
N SER A 1632 -13.31 -46.06 15.52
CA SER A 1632 -14.10 -45.28 14.56
C SER A 1632 -15.30 -44.47 15.08
N PHE A 1633 -15.13 -43.15 15.19
CA PHE A 1633 -16.25 -42.19 15.29
C PHE A 1633 -15.94 -40.69 15.49
N ARG A 1634 -16.87 -39.98 16.14
CA ARG A 1634 -17.12 -38.55 15.87
C ARG A 1634 -16.66 -37.45 16.85
N TYR A 1635 -17.59 -36.54 17.15
CA TYR A 1635 -17.29 -35.16 17.51
C TYR A 1635 -18.18 -34.52 18.58
N ILE A 1636 -19.42 -34.28 18.18
CA ILE A 1636 -20.22 -33.11 18.58
C ILE A 1636 -20.09 -32.40 19.94
N TYR A 1637 -20.98 -31.42 20.10
CA TYR A 1637 -20.77 -30.23 20.90
C TYR A 1637 -21.32 -30.28 22.33
N PRO A 1638 -20.80 -29.41 23.20
CA PRO A 1638 -21.24 -29.16 24.59
C PRO A 1638 -22.65 -28.56 24.79
N LEU A 1639 -22.90 -27.34 24.31
CA LEU A 1639 -24.15 -26.63 24.56
C LEU A 1639 -24.13 -25.90 25.91
N ASP A 1640 -23.17 -24.97 26.06
CA ASP A 1640 -22.86 -24.30 27.34
C ASP A 1640 -23.61 -23.00 27.63
N SER A 1641 -22.95 -22.12 28.41
CA SER A 1641 -23.56 -20.88 28.90
C SER A 1641 -23.36 -19.59 28.06
N LEU A 1642 -22.44 -19.60 27.10
CA LEU A 1642 -22.45 -18.56 26.06
C LEU A 1642 -22.77 -19.10 24.66
N THR A 1643 -23.47 -20.26 24.56
CA THR A 1643 -24.11 -20.66 23.29
C THR A 1643 -25.41 -19.90 23.20
N TRP A 1644 -25.73 -19.39 22.03
CA TRP A 1644 -26.88 -18.54 21.93
C TRP A 1644 -28.13 -19.24 21.42
N ILE A 1645 -28.29 -20.53 21.73
CA ILE A 1645 -29.46 -21.28 21.26
C ILE A 1645 -30.68 -20.37 21.35
N GLU A 1646 -31.36 -20.23 20.22
CA GLU A 1646 -32.40 -19.22 20.11
C GLU A 1646 -33.35 -19.53 18.96
N TYR A 1647 -34.65 -19.57 19.29
CA TYR A 1647 -35.71 -19.90 18.35
C TYR A 1647 -35.62 -19.05 17.09
N TRP A 1648 -35.71 -19.69 15.92
CA TRP A 1648 -35.84 -19.04 14.60
C TRP A 1648 -37.31 -19.12 14.19
N PRO A 1649 -38.16 -18.28 14.80
CA PRO A 1649 -39.60 -18.33 14.51
C PRO A 1649 -39.82 -17.97 13.06
N ARG A 1650 -39.55 -18.90 12.15
CA ARG A 1650 -39.91 -18.75 10.76
C ARG A 1650 -41.43 -18.75 10.66
N ASP A 1651 -42.09 -18.41 11.77
CA ASP A 1651 -43.55 -18.43 11.86
C ASP A 1651 -44.24 -17.54 10.81
N THR A 1652 -43.53 -16.49 10.37
CA THR A 1652 -43.98 -15.59 9.30
C THR A 1652 -45.44 -15.15 9.39
N THR A 1653 -46.05 -15.44 10.54
CA THR A 1653 -47.45 -15.16 10.84
C THR A 1653 -47.93 -16.26 11.81
N CYS A 1654 -47.89 -15.94 13.10
CA CYS A 1654 -48.20 -16.89 14.18
C CYS A 1654 -48.38 -16.06 15.43
N SER A 1655 -49.43 -16.31 16.20
CA SER A 1655 -49.65 -15.55 17.42
C SER A 1655 -49.08 -14.13 17.30
N SER A 1656 -49.20 -13.57 16.09
CA SER A 1656 -48.57 -12.30 15.68
C SER A 1656 -47.10 -12.10 16.12
N CYS A 1657 -46.17 -12.71 15.40
CA CYS A 1657 -44.74 -12.53 15.64
C CYS A 1657 -44.24 -11.39 14.74
N GLN A 1658 -43.01 -10.94 14.96
CA GLN A 1658 -42.31 -10.01 14.06
C GLN A 1658 -41.29 -9.12 14.77
N ALA A 1659 -40.60 -8.27 14.03
CA ALA A 1659 -39.56 -7.42 14.61
C ALA A 1659 -38.44 -8.25 15.24
N PHE A 1660 -38.65 -9.56 15.34
CA PHE A 1660 -37.59 -10.49 15.72
C PHE A 1660 -37.12 -11.28 14.50
N LEU A 1661 -38.01 -11.40 13.52
CA LEU A 1661 -37.63 -12.03 12.25
C LEU A 1661 -36.91 -11.05 11.33
N ALA A 1662 -37.25 -9.78 11.44
CA ALA A 1662 -36.62 -8.74 10.62
C ALA A 1662 -35.12 -8.74 10.85
N ASN A 1663 -34.71 -9.15 12.05
CA ASN A 1663 -33.31 -9.13 12.47
C ASN A 1663 -32.57 -10.44 12.22
N LEU A 1664 -33.26 -11.56 12.39
CA LEU A 1664 -32.66 -12.86 12.12
C LEU A 1664 -32.61 -13.14 10.64
N ASP A 1665 -33.45 -12.43 9.91
CA ASP A 1665 -33.36 -12.43 8.47
C ASP A 1665 -32.30 -11.41 8.11
N GLU A 1666 -32.11 -10.42 8.98
CA GLU A 1666 -31.06 -9.40 8.83
C GLU A 1666 -29.68 -9.95 9.16
N PHE A 1667 -29.44 -10.17 10.44
CA PHE A 1667 -28.33 -10.96 10.90
C PHE A 1667 -27.90 -11.95 9.82
N ALA A 1668 -28.88 -12.70 9.29
CA ALA A 1668 -28.62 -13.82 8.37
C ALA A 1668 -27.77 -13.48 7.14
N GLU A 1669 -28.32 -12.67 6.25
CA GLU A 1669 -27.58 -12.29 5.05
C GLU A 1669 -26.48 -11.29 5.38
N ASP A 1670 -26.22 -11.12 6.68
CA ASP A 1670 -25.20 -10.19 7.19
C ASP A 1670 -23.92 -10.88 7.64
N ILE A 1671 -24.03 -12.14 8.07
CA ILE A 1671 -22.90 -12.84 8.67
C ILE A 1671 -21.77 -13.16 7.70
N PHE A 1672 -22.06 -14.05 6.74
CA PHE A 1672 -21.08 -14.54 5.78
C PHE A 1672 -20.25 -13.40 5.18
N LEU A 1673 -20.95 -12.32 4.82
CA LEU A 1673 -20.31 -11.19 4.16
C LEU A 1673 -19.37 -10.40 5.06
N ASN A 1674 -19.87 -9.92 6.20
CA ASN A 1674 -19.00 -9.22 7.15
C ASN A 1674 -17.94 -10.14 7.74
N GLY A 1675 -18.03 -11.43 7.42
CA GLY A 1675 -17.05 -12.39 7.88
C GLY A 1675 -16.63 -12.05 9.28
N CYS A 1676 -15.38 -12.33 9.61
CA CYS A 1676 -14.86 -12.02 10.94
C CYS A 1676 -13.40 -12.36 11.02
N LEU B 40 76.14 -24.45 24.84
CA LEU B 40 75.66 -25.53 23.99
C LEU B 40 75.35 -25.04 22.57
N HIS B 41 74.89 -23.79 22.47
CA HIS B 41 74.93 -22.98 21.25
C HIS B 41 74.22 -23.53 19.98
N ASP B 42 73.34 -22.70 19.40
CA ASP B 42 72.64 -22.99 18.13
C ASP B 42 71.40 -22.08 18.04
N ILE B 43 70.92 -21.79 16.83
CA ILE B 43 69.74 -20.95 16.69
C ILE B 43 68.42 -21.73 16.64
N ARG B 44 68.42 -22.88 15.97
CA ARG B 44 67.22 -23.70 15.87
C ARG B 44 66.69 -24.13 17.25
N ASP B 45 67.60 -24.59 18.12
CA ASP B 45 67.24 -25.10 19.44
C ASP B 45 66.70 -24.03 20.39
N LEU B 46 67.37 -22.89 20.43
CA LEU B 46 66.99 -21.81 21.36
C LEU B 46 65.57 -21.29 21.07
N HIS B 47 65.03 -21.65 19.91
CA HIS B 47 63.66 -21.31 19.52
C HIS B 47 62.66 -22.37 19.97
N ARG B 48 63.17 -23.53 20.36
CA ARG B 48 62.32 -24.65 20.76
C ARG B 48 62.22 -24.82 22.28
N TYR B 49 63.30 -24.48 22.99
CA TYR B 49 63.33 -24.63 24.43
C TYR B 49 62.57 -23.50 25.14
N TYR B 50 62.68 -22.29 24.61
CA TYR B 50 62.07 -21.12 25.25
C TYR B 50 60.63 -20.85 24.81
N SER B 51 60.15 -21.65 23.87
CA SER B 51 58.76 -21.57 23.42
C SER B 51 57.91 -22.58 24.18
N SER B 52 58.58 -23.37 25.02
CA SER B 52 57.98 -24.49 25.71
C SER B 52 56.88 -24.12 26.70
N GLU B 53 56.26 -25.15 27.27
CA GLU B 53 55.26 -24.97 28.32
C GLU B 53 55.90 -24.87 29.70
N SER B 54 55.89 -23.66 30.25
CA SER B 54 56.37 -23.40 31.61
C SER B 54 55.34 -23.83 32.66
N PHE B 55 55.81 -24.03 33.89
CA PHE B 55 54.96 -24.41 35.00
C PHE B 55 55.58 -23.91 36.29
N GLU B 56 54.77 -23.80 37.34
CA GLU B 56 55.26 -23.33 38.63
C GLU B 56 54.52 -24.05 39.76
N TYR B 57 55.21 -24.31 40.86
CA TYR B 57 54.62 -25.10 41.94
C TYR B 57 55.01 -24.55 43.32
N SER B 58 54.25 -24.96 44.34
CA SER B 58 54.48 -24.53 45.72
C SER B 58 53.93 -25.55 46.74
N ASN B 59 54.19 -25.29 48.01
CA ASN B 59 53.79 -26.22 49.07
C ASN B 59 54.54 -27.54 48.96
N VAL B 60 55.59 -27.56 48.13
CA VAL B 60 56.39 -28.76 47.94
C VAL B 60 57.61 -28.84 48.87
N SER B 61 57.56 -29.76 49.83
CA SER B 61 58.71 -30.04 50.71
C SER B 61 59.33 -31.42 50.47
N GLY B 62 60.66 -31.46 50.38
CA GLY B 62 61.37 -32.71 50.12
C GLY B 62 62.66 -32.88 50.90
N LYS B 63 63.33 -34.03 50.73
CA LYS B 63 64.55 -34.34 51.46
C LYS B 63 65.67 -34.90 50.58
N VAL B 64 66.78 -34.16 50.55
CA VAL B 64 67.91 -34.38 49.62
C VAL B 64 68.37 -35.82 49.32
N GLU B 65 68.83 -36.02 48.07
CA GLU B 65 69.70 -37.12 47.68
C GLU B 65 70.60 -36.64 46.55
N ASN B 66 71.91 -36.90 46.63
CA ASN B 66 72.80 -36.54 45.53
C ASN B 66 72.96 -37.65 44.46
N TYR B 67 72.43 -37.39 43.26
CA TYR B 67 72.63 -38.23 42.08
C TYR B 67 74.12 -38.39 41.75
N ASN B 68 74.74 -37.37 41.17
CA ASN B 68 76.21 -37.30 41.10
C ASN B 68 76.87 -36.20 41.97
N GLY B 69 77.11 -35.03 41.39
CA GLY B 69 77.92 -33.99 42.00
C GLY B 69 77.58 -33.54 43.42
N SER B 70 76.33 -33.15 43.66
CA SER B 70 75.96 -32.50 44.91
C SER B 70 74.49 -32.64 45.29
N ASN B 71 73.64 -33.06 44.37
CA ASN B 71 72.21 -32.97 44.62
C ASN B 71 71.32 -33.58 43.55
N VAL B 72 70.04 -33.73 43.89
CA VAL B 72 68.96 -34.18 42.99
C VAL B 72 67.72 -34.40 43.84
N VAL B 73 66.55 -34.10 43.29
CA VAL B 73 65.32 -34.17 44.07
C VAL B 73 64.17 -34.81 43.31
N ARG B 74 62.97 -34.77 43.87
CA ARG B 74 61.77 -35.30 43.19
C ARG B 74 60.47 -34.82 43.85
N PHE B 75 59.38 -34.88 43.11
CA PHE B 75 58.05 -34.48 43.60
C PHE B 75 56.87 -35.03 42.81
N ASN B 76 55.83 -35.41 43.54
CA ASN B 76 54.60 -35.96 42.95
C ASN B 76 53.56 -34.85 42.74
N PRO B 77 53.54 -34.28 41.52
CA PRO B 77 52.74 -33.11 41.12
C PRO B 77 51.21 -33.33 40.99
N LYS B 78 50.74 -34.58 41.02
CA LYS B 78 49.32 -34.98 40.87
C LYS B 78 49.03 -35.81 39.60
N ASP B 79 50.06 -36.10 38.81
CA ASP B 79 49.93 -36.79 37.53
C ASP B 79 51.14 -37.68 37.20
N GLN B 80 52.29 -37.39 37.82
CA GLN B 80 53.50 -38.19 37.63
C GLN B 80 54.46 -38.02 38.81
N ASN B 81 55.76 -38.10 38.53
CA ASN B 81 56.79 -37.91 39.54
C ASN B 81 58.05 -37.30 38.95
N HIS B 82 58.27 -36.01 39.21
CA HIS B 82 59.31 -35.23 38.55
C HIS B 82 60.71 -35.35 39.15
N GLN B 83 61.56 -34.40 38.79
CA GLN B 83 62.92 -34.30 39.31
C GLN B 83 63.36 -32.84 39.30
N LEU B 84 64.32 -32.50 40.15
CA LEU B 84 64.81 -31.12 40.24
C LEU B 84 66.28 -31.08 40.64
N PHE B 85 67.08 -30.38 39.84
CA PHE B 85 68.52 -30.30 40.10
C PHE B 85 68.92 -28.96 40.72
N LEU B 86 69.24 -28.99 42.01
CA LEU B 86 69.74 -27.82 42.73
C LEU B 86 71.26 -27.77 42.55
N LEU B 87 71.78 -26.65 42.07
CA LEU B 87 73.23 -26.51 41.91
C LEU B 87 73.68 -25.06 41.76
N GLY B 88 72.90 -24.14 42.33
CA GLY B 88 73.24 -22.73 42.33
C GLY B 88 74.01 -22.37 43.58
N LYS B 89 74.56 -21.17 43.63
CA LYS B 89 75.30 -20.74 44.81
C LYS B 89 74.40 -20.76 46.05
N ASP B 90 73.09 -20.76 45.80
CA ASP B 90 72.08 -20.86 46.86
C ASP B 90 71.84 -22.31 47.29
N LYS B 91 72.35 -23.26 46.51
CA LYS B 91 72.23 -24.68 46.86
C LYS B 91 73.21 -25.12 47.94
N GLU B 92 74.41 -24.53 47.95
CA GLU B 92 75.40 -24.84 48.97
C GLU B 92 74.88 -24.42 50.35
N GLN B 93 73.77 -23.69 50.34
CA GLN B 93 73.04 -23.33 51.55
C GLN B 93 71.78 -24.20 51.73
N TYR B 94 71.59 -25.15 50.81
CA TYR B 94 70.39 -25.99 50.80
C TYR B 94 70.59 -27.42 50.30
N LYS B 95 71.66 -28.07 50.75
CA LYS B 95 71.84 -29.50 50.48
C LYS B 95 70.95 -30.31 51.41
N GLU B 96 70.22 -29.63 52.27
CA GLU B 96 69.37 -30.27 53.28
C GLU B 96 68.03 -30.74 52.71
N GLY B 97 67.34 -29.82 52.02
CA GLY B 97 66.06 -30.12 51.43
C GLY B 97 65.20 -28.88 51.23
N LEU B 98 64.04 -29.06 50.60
CA LEU B 98 63.09 -27.98 50.37
C LEU B 98 61.97 -27.95 51.42
N GLN B 99 61.75 -26.79 52.02
CA GLN B 99 60.53 -26.54 52.78
C GLN B 99 59.57 -25.75 51.89
N GLY B 100 58.42 -26.35 51.58
CA GLY B 100 57.49 -25.81 50.61
C GLY B 100 57.78 -24.44 50.00
N GLN B 101 58.68 -24.42 49.02
CA GLN B 101 59.00 -23.19 48.29
C GLN B 101 58.23 -23.12 46.97
N ASN B 102 58.43 -22.02 46.23
CA ASN B 102 57.94 -21.91 44.86
C ASN B 102 58.99 -22.37 43.85
N VAL B 103 58.61 -23.28 42.98
CA VAL B 103 59.54 -23.80 41.98
C VAL B 103 58.99 -23.62 40.58
N PHE B 104 59.56 -22.64 39.88
CA PHE B 104 59.26 -22.41 38.47
C PHE B 104 59.72 -23.63 37.69
N VAL B 105 58.89 -24.68 37.71
CA VAL B 105 59.25 -25.94 37.05
C VAL B 105 58.95 -25.92 35.55
N VAL B 106 59.92 -25.45 34.77
CA VAL B 106 59.85 -25.57 33.32
C VAL B 106 60.80 -26.69 32.90
N GLN B 107 60.38 -27.49 31.93
CA GLN B 107 61.17 -28.64 31.53
C GLN B 107 62.39 -28.25 30.66
N GLU B 108 63.55 -28.83 30.99
CA GLU B 108 64.77 -28.64 30.20
C GLU B 108 65.02 -29.90 29.36
N LEU B 109 64.60 -31.05 29.90
CA LEU B 109 64.66 -32.33 29.24
C LEU B 109 63.65 -33.21 29.98
N ILE B 110 63.30 -34.37 29.42
CA ILE B 110 62.23 -35.17 30.01
C ILE B 110 62.46 -36.68 29.96
N ASP B 111 61.73 -37.40 30.81
CA ASP B 111 61.65 -38.86 30.78
C ASP B 111 60.29 -39.27 30.22
N PRO B 112 60.20 -40.45 29.57
CA PRO B 112 58.93 -40.90 28.97
C PRO B 112 57.73 -40.87 29.92
N ASN B 113 57.95 -41.02 31.22
CA ASN B 113 56.86 -41.04 32.20
C ASN B 113 56.26 -39.65 32.45
N GLY B 114 56.77 -38.64 31.77
CA GLY B 114 56.28 -37.29 31.93
C GLY B 114 57.11 -36.46 32.90
N ARG B 115 57.87 -37.13 33.76
CA ARG B 115 58.74 -36.43 34.69
C ARG B 115 59.81 -35.68 33.91
N LEU B 116 60.16 -34.50 34.39
CA LEU B 116 61.04 -33.64 33.62
C LEU B 116 62.12 -33.03 34.51
N SER B 117 63.36 -33.07 34.01
CA SER B 117 64.48 -32.43 34.70
C SER B 117 64.41 -30.91 34.56
N THR B 118 64.94 -30.19 35.54
CA THR B 118 64.92 -28.72 35.58
C THR B 118 66.04 -28.20 36.48
N VAL B 119 66.38 -26.91 36.33
CA VAL B 119 67.48 -26.35 37.10
C VAL B 119 67.15 -24.96 37.66
N GLY B 120 67.22 -24.83 38.98
CA GLY B 120 66.92 -23.58 39.64
C GLY B 120 65.44 -23.26 39.63
N GLY B 121 65.12 -21.97 39.65
CA GLY B 121 63.75 -21.52 39.57
C GLY B 121 63.02 -21.42 40.90
N VAL B 122 63.74 -21.73 41.98
CA VAL B 122 63.13 -21.75 43.30
C VAL B 122 63.08 -20.36 43.95
N THR B 123 62.00 -20.13 44.69
CA THR B 123 61.75 -18.86 45.35
C THR B 123 61.17 -19.10 46.75
N LYS B 124 60.94 -18.04 47.52
CA LYS B 124 60.65 -18.15 48.96
C LYS B 124 59.42 -18.97 49.39
N LYS B 125 58.22 -18.42 49.21
CA LYS B 125 57.00 -19.06 49.72
C LYS B 125 57.06 -19.17 51.24
N ASN B 126 56.17 -18.46 51.94
CA ASN B 126 55.11 -17.66 51.33
C ASN B 126 55.61 -16.51 50.46
N ASN B 127 55.41 -16.66 49.16
CA ASN B 127 55.83 -15.69 48.16
C ASN B 127 54.73 -14.68 47.87
N LYS B 128 54.95 -13.43 48.29
CA LYS B 128 53.98 -12.35 48.09
C LYS B 128 53.48 -12.33 46.64
N THR B 129 52.17 -12.21 46.44
CA THR B 129 51.61 -12.16 45.09
C THR B 129 51.59 -10.74 44.51
N SER B 130 52.67 -10.01 44.74
CA SER B 130 52.87 -8.70 44.13
C SER B 130 52.97 -8.79 42.60
N GLU B 131 52.59 -7.70 41.92
CA GLU B 131 52.53 -7.65 40.46
C GLU B 131 53.12 -6.34 39.95
N THR B 132 54.40 -6.36 39.57
CA THR B 132 55.02 -5.13 39.09
C THR B 132 55.01 -4.98 37.56
N ASN B 133 54.75 -3.76 37.12
CA ASN B 133 54.80 -3.41 35.70
C ASN B 133 56.14 -2.72 35.41
N THR B 134 57.14 -3.49 34.96
CA THR B 134 58.51 -2.97 34.82
C THR B 134 58.88 -2.41 33.44
N PRO B 135 59.50 -1.22 33.43
CA PRO B 135 60.12 -0.72 32.20
C PRO B 135 61.04 -1.79 31.59
N LEU B 136 61.49 -1.59 30.36
CA LEU B 136 62.12 -2.65 29.59
C LEU B 136 62.23 -2.26 28.12
N PHE B 137 63.44 -1.96 27.67
CA PHE B 137 63.61 -1.48 26.30
C PHE B 137 64.10 -2.56 25.37
N VAL B 138 64.08 -2.27 24.07
CA VAL B 138 64.53 -3.23 23.08
C VAL B 138 65.00 -2.49 21.84
N ASN B 139 66.30 -2.54 21.61
CA ASN B 139 66.92 -1.95 20.43
C ASN B 139 67.42 -3.05 19.50
N LYS B 140 66.95 -3.07 18.26
CA LYS B 140 67.50 -4.01 17.30
C LYS B 140 68.65 -3.35 16.54
N VAL B 141 69.83 -3.96 16.60
CA VAL B 141 70.95 -3.49 15.83
C VAL B 141 70.90 -4.08 14.42
N ASN B 142 71.34 -3.31 13.45
CA ASN B 142 71.53 -3.80 12.09
C ASN B 142 72.70 -3.04 11.52
N GLY B 143 73.83 -3.18 12.21
CA GLY B 143 75.02 -2.41 11.90
C GLY B 143 74.80 -0.95 12.22
N GLU B 144 74.47 -0.16 11.20
CA GLU B 144 74.22 1.26 11.40
C GLU B 144 72.77 1.50 11.76
N ASP B 145 71.95 0.47 11.57
CA ASP B 145 70.51 0.55 11.79
C ASP B 145 70.11 0.18 13.23
N LEU B 146 69.01 0.76 13.70
CA LEU B 146 68.45 0.46 15.02
C LEU B 146 66.94 0.68 15.05
N ASP B 147 66.21 -0.42 15.15
CA ASP B 147 64.77 -0.38 15.39
C ASP B 147 64.50 -0.68 16.85
N ALA B 148 64.30 0.40 17.61
CA ALA B 148 64.12 0.31 19.05
C ALA B 148 62.67 0.51 19.48
N SER B 149 62.36 0.07 20.69
CA SER B 149 61.00 0.12 21.21
C SER B 149 61.07 0.11 22.74
N ILE B 150 60.34 1.02 23.39
CA ILE B 150 60.20 0.98 24.84
C ILE B 150 59.06 0.02 25.14
N ASP B 151 59.14 -0.73 26.24
CA ASP B 151 58.11 -1.73 26.48
C ASP B 151 57.88 -1.99 27.96
N SER B 152 57.57 -3.24 28.31
CA SER B 152 57.21 -3.60 29.68
C SER B 152 57.32 -5.11 29.94
N PHE B 153 57.57 -5.45 31.20
CA PHE B 153 57.53 -6.83 31.67
C PHE B 153 56.74 -6.94 32.98
N LEU B 154 55.99 -8.03 33.13
CA LEU B 154 55.15 -8.24 34.29
C LEU B 154 55.72 -9.29 35.24
N ILE B 155 56.32 -8.82 36.33
CA ILE B 155 56.80 -9.69 37.39
C ILE B 155 55.67 -10.00 38.36
N GLN B 156 55.29 -11.26 38.44
CA GLN B 156 54.11 -11.67 39.21
C GLN B 156 54.43 -12.12 40.64
N LYS B 157 55.58 -11.71 41.17
CA LYS B 157 55.98 -12.14 42.51
C LYS B 157 56.82 -11.11 43.29
N GLU B 158 57.15 -11.47 44.53
CA GLU B 158 57.95 -10.62 45.41
C GLU B 158 59.43 -10.92 45.22
N GLU B 159 59.76 -12.21 45.17
CA GLU B 159 61.11 -12.66 44.85
C GLU B 159 61.03 -13.55 43.62
N ILE B 160 61.98 -13.40 42.71
CA ILE B 160 61.87 -14.10 41.45
C ILE B 160 63.20 -14.70 40.99
N SER B 161 63.14 -15.97 40.60
CA SER B 161 64.31 -16.73 40.18
C SER B 161 64.83 -16.25 38.83
N LEU B 162 66.15 -16.11 38.73
CA LEU B 162 66.79 -15.65 37.50
C LEU B 162 66.54 -16.61 36.34
N LYS B 163 66.27 -17.88 36.66
CA LYS B 163 65.87 -18.83 35.62
C LYS B 163 64.55 -18.38 35.04
N GLU B 164 63.55 -18.24 35.91
CA GLU B 164 62.23 -17.80 35.50
C GLU B 164 62.27 -16.39 34.92
N LEU B 165 63.16 -15.57 35.44
CA LEU B 165 63.34 -14.22 34.93
C LEU B 165 63.83 -14.29 33.49
N ASP B 166 64.74 -15.22 33.24
CA ASP B 166 65.37 -15.37 31.93
C ASP B 166 64.46 -16.07 30.93
N PHE B 167 63.62 -16.97 31.41
CA PHE B 167 62.69 -17.72 30.57
C PHE B 167 61.59 -16.82 29.98
N LYS B 168 61.04 -15.92 30.79
CA LYS B 168 60.00 -15.00 30.34
C LYS B 168 60.58 -13.79 29.56
N ILE B 169 61.80 -13.38 29.92
CA ILE B 169 62.54 -12.34 29.20
C ILE B 169 62.89 -12.73 27.77
N ARG B 170 63.03 -14.03 27.54
CA ARG B 170 63.31 -14.54 26.21
C ARG B 170 62.05 -15.08 25.49
N GLN B 171 61.11 -15.63 26.25
CA GLN B 171 59.83 -16.07 25.71
C GLN B 171 59.16 -14.92 24.99
N GLN B 172 59.29 -13.74 25.59
CA GLN B 172 58.71 -12.50 25.05
C GLN B 172 59.41 -12.00 23.79
N LEU B 173 60.74 -12.02 23.79
CA LEU B 173 61.51 -11.66 22.61
C LEU B 173 61.23 -12.61 21.43
N VAL B 174 61.06 -13.90 21.75
CA VAL B 174 60.79 -14.94 20.76
C VAL B 174 59.47 -14.74 20.04
N ASN B 175 58.49 -14.17 20.75
CA ASN B 175 57.13 -14.07 20.24
C ASN B 175 56.72 -12.67 19.82
N ASN B 176 57.58 -11.69 20.07
CA ASN B 176 57.22 -10.31 19.82
C ASN B 176 58.34 -9.42 19.25
N TYR B 177 59.57 -9.90 19.27
CA TYR B 177 60.68 -9.10 18.73
C TYR B 177 61.53 -9.83 17.71
N GLY B 178 60.97 -10.91 17.16
CA GLY B 178 61.65 -11.67 16.13
C GLY B 178 62.92 -12.35 16.63
N LEU B 179 62.88 -12.92 17.82
CA LEU B 179 64.04 -13.61 18.36
C LEU B 179 64.08 -15.08 17.96
N TYR B 180 65.30 -15.57 17.75
CA TYR B 180 65.55 -16.96 17.35
C TYR B 180 64.86 -17.35 16.03
N LYS B 181 64.84 -16.41 15.09
CA LYS B 181 64.19 -16.63 13.80
C LYS B 181 64.93 -15.83 12.72
N GLY B 182 65.91 -16.47 12.09
CA GLY B 182 66.77 -15.80 11.13
C GLY B 182 68.06 -15.29 11.75
N THR B 183 68.47 -14.08 11.39
CA THR B 183 69.68 -13.51 11.94
C THR B 183 69.54 -13.14 13.41
N SER B 184 68.38 -13.44 14.01
CA SER B 184 68.13 -13.11 15.43
C SER B 184 68.54 -14.23 16.40
N LYS B 185 69.59 -13.99 17.18
CA LYS B 185 70.12 -15.01 18.09
C LYS B 185 71.24 -14.53 19.04
N TYR B 186 71.91 -13.43 18.69
CA TYR B 186 72.96 -12.86 19.55
C TYR B 186 72.52 -11.57 20.24
N GLY B 187 72.88 -11.41 21.53
CA GLY B 187 72.55 -10.21 22.26
C GLY B 187 72.81 -10.29 23.76
N LYS B 188 72.49 -9.22 24.46
CA LYS B 188 72.79 -9.12 25.89
C LYS B 188 71.70 -8.37 26.67
N ILE B 189 71.11 -9.04 27.66
CA ILE B 189 70.07 -8.44 28.50
C ILE B 189 70.66 -7.75 29.71
N ILE B 190 70.60 -6.43 29.77
CA ILE B 190 71.12 -5.71 30.93
C ILE B 190 70.03 -5.34 31.96
N ILE B 191 69.82 -6.25 32.92
CA ILE B 191 68.87 -5.98 34.01
C ILE B 191 69.47 -4.92 34.91
N ASN B 192 68.71 -3.86 35.17
CA ASN B 192 69.13 -2.90 36.17
C ASN B 192 68.63 -3.32 37.56
N LEU B 193 69.39 -3.01 38.60
CA LEU B 193 69.06 -3.42 39.96
C LEU B 193 69.37 -2.30 40.93
N LYS B 194 70.34 -1.47 40.57
CA LYS B 194 70.65 -0.27 41.33
C LYS B 194 71.58 0.62 40.50
N ASP B 195 71.82 1.83 41.00
CA ASP B 195 72.54 2.86 40.26
C ASP B 195 73.78 2.34 39.54
N GLU B 196 74.32 1.24 40.03
CA GLU B 196 75.64 0.79 39.59
C GLU B 196 75.76 -0.71 39.36
N ASN B 197 74.64 -1.42 39.28
CA ASN B 197 74.70 -2.87 39.13
C ASN B 197 73.86 -3.38 37.97
N LYS B 198 74.27 -4.50 37.41
CA LYS B 198 73.54 -5.12 36.33
C LYS B 198 73.90 -6.60 36.14
N VAL B 199 72.88 -7.44 35.95
CA VAL B 199 73.06 -8.86 35.66
C VAL B 199 72.76 -9.21 34.19
N GLU B 200 73.80 -9.53 33.43
CA GLU B 200 73.66 -9.78 31.99
C GLU B 200 73.37 -11.24 31.64
N ILE B 201 72.81 -11.46 30.45
CA ILE B 201 72.55 -12.81 29.95
C ILE B 201 72.79 -12.90 28.45
N ASP B 202 73.91 -13.51 28.05
CA ASP B 202 74.16 -13.71 26.64
C ASP B 202 72.98 -14.47 26.08
N LEU B 203 72.61 -14.16 24.85
CA LEU B 203 71.50 -14.82 24.19
C LEU B 203 72.01 -15.91 23.26
N GLY B 204 73.32 -15.93 23.05
CA GLY B 204 73.95 -16.90 22.17
C GLY B 204 73.94 -18.33 22.68
N ASP B 205 73.60 -18.51 23.95
CA ASP B 205 73.60 -19.83 24.59
C ASP B 205 72.89 -19.79 25.94
N LYS B 206 72.28 -20.90 26.31
CA LYS B 206 71.62 -21.01 27.61
C LYS B 206 72.47 -21.83 28.58
N LEU B 207 73.77 -21.53 28.64
CA LEU B 207 74.72 -22.30 29.43
C LEU B 207 74.78 -21.89 30.92
N GLN B 208 73.79 -21.11 31.37
CA GLN B 208 73.79 -20.57 32.73
C GLN B 208 73.02 -21.44 33.75
N PHE B 209 73.39 -22.72 33.82
CA PHE B 209 72.73 -23.65 34.73
C PHE B 209 72.90 -23.26 36.21
N GLU B 210 74.10 -22.78 36.57
CA GLU B 210 74.49 -22.61 37.97
C GLU B 210 73.98 -21.32 38.66
N ARG B 211 73.75 -20.26 37.89
CA ARG B 211 73.18 -19.04 38.46
C ARG B 211 71.66 -19.10 38.45
N MET B 212 71.13 -20.09 37.74
CA MET B 212 69.69 -20.34 37.70
C MET B 212 69.15 -20.58 39.09
N GLY B 213 70.07 -20.56 40.06
CA GLY B 213 69.72 -20.65 41.46
C GLY B 213 69.57 -19.28 42.10
N ASP B 214 70.40 -18.33 41.65
CA ASP B 214 70.31 -16.94 42.10
C ASP B 214 68.83 -16.52 42.22
N VAL B 215 68.52 -15.60 43.13
CA VAL B 215 67.15 -15.08 43.30
C VAL B 215 67.13 -13.54 43.34
N LEU B 216 65.98 -12.94 43.04
CA LEU B 216 65.89 -11.49 42.89
C LEU B 216 64.73 -10.83 43.63
N ASN B 217 65.01 -9.66 44.20
CA ASN B 217 64.00 -8.85 44.86
C ASN B 217 63.18 -8.08 43.82
N SER B 218 61.88 -8.34 43.76
CA SER B 218 61.04 -7.73 42.74
C SER B 218 61.13 -6.20 42.71
N LYS B 219 60.86 -5.56 43.84
CA LYS B 219 60.82 -4.11 43.90
C LYS B 219 62.15 -3.42 43.61
N ASP B 220 63.24 -4.19 43.65
CA ASP B 220 64.57 -3.62 43.44
C ASP B 220 64.82 -3.25 41.98
N ILE B 221 64.38 -4.10 41.05
CA ILE B 221 64.67 -3.94 39.61
C ILE B 221 64.18 -2.60 39.04
N ARG B 222 65.13 -1.76 38.66
CA ARG B 222 64.82 -0.42 38.16
C ARG B 222 64.32 -0.42 36.71
N GLY B 223 64.94 -1.22 35.84
CA GLY B 223 64.50 -1.34 34.46
C GLY B 223 65.40 -2.16 33.58
N ILE B 224 64.83 -3.15 32.90
CA ILE B 224 65.54 -3.95 31.89
C ILE B 224 65.84 -3.18 30.58
N SER B 225 66.88 -3.63 29.88
CA SER B 225 67.26 -3.04 28.62
C SER B 225 68.02 -4.07 27.77
N VAL B 226 67.41 -4.49 26.65
CA VAL B 226 68.01 -5.46 25.73
C VAL B 226 68.58 -4.80 24.48
N THR B 227 69.58 -5.44 23.88
CA THR B 227 70.12 -4.99 22.61
C THR B 227 70.39 -6.21 21.74
N ILE B 228 69.68 -6.29 20.61
CA ILE B 228 69.81 -7.41 19.68
C ILE B 228 70.69 -7.10 18.47
N ASN B 229 71.80 -7.84 18.36
CA ASN B 229 72.66 -7.78 17.17
C ASN B 229 72.48 -8.98 16.22
N GLN B 230 71.97 -8.70 15.03
CA GLN B 230 71.66 -9.75 14.05
C GLN B 230 72.82 -9.97 13.08
N THR C 22 9.82 41.85 -64.44
CA THR C 22 9.65 40.41 -64.55
C THR C 22 8.23 39.99 -64.13
N TYR C 23 7.83 38.79 -64.50
CA TYR C 23 6.55 38.26 -64.07
C TYR C 23 6.69 37.14 -63.05
N VAL C 24 5.67 37.02 -62.21
CA VAL C 24 5.52 35.95 -61.23
C VAL C 24 4.11 35.40 -61.34
N ILE C 25 4.04 34.08 -61.41
CA ILE C 25 2.80 33.38 -61.59
C ILE C 25 2.83 32.20 -60.64
N SER C 26 2.27 32.38 -59.47
CA SER C 26 2.40 31.37 -58.45
C SER C 26 1.37 30.29 -58.65
N ALA C 27 1.66 29.10 -58.16
CA ALA C 27 0.66 28.05 -58.10
C ALA C 27 1.16 26.83 -57.34
N PRO C 28 0.21 26.00 -56.85
CA PRO C 28 0.51 24.83 -56.03
C PRO C 28 1.64 23.97 -56.57
N LYS C 29 2.19 23.11 -55.72
CA LYS C 29 3.20 22.16 -56.16
C LYS C 29 2.53 21.05 -57.00
N ILE C 30 1.25 20.77 -56.72
CA ILE C 30 0.50 19.74 -57.43
C ILE C 30 -0.85 20.30 -57.85
N PHE C 31 -1.46 19.72 -58.88
CA PHE C 31 -2.88 19.95 -59.12
C PHE C 31 -3.73 18.76 -58.66
N ARG C 32 -5.03 19.01 -58.65
CA ARG C 32 -5.99 18.00 -58.29
C ARG C 32 -7.15 18.09 -59.24
N VAL C 33 -7.62 16.92 -59.59
CA VAL C 33 -8.80 16.76 -60.40
C VAL C 33 -9.99 17.24 -59.61
N GLY C 34 -10.95 17.87 -60.28
CA GLY C 34 -12.11 18.43 -59.61
C GLY C 34 -11.72 19.54 -58.66
N ALA C 35 -10.45 19.93 -58.74
CA ALA C 35 -9.96 20.94 -57.84
C ALA C 35 -9.89 22.27 -58.53
N SER C 36 -10.46 23.28 -57.86
CA SER C 36 -10.39 24.66 -58.30
C SER C 36 -9.01 25.15 -58.02
N GLU C 37 -8.12 25.06 -59.00
CA GLU C 37 -6.73 25.39 -58.75
C GLU C 37 -6.48 26.91 -58.80
N ASN C 38 -6.15 27.47 -57.63
CA ASN C 38 -5.86 28.89 -57.49
C ASN C 38 -4.49 29.27 -58.01
N ILE C 39 -4.45 30.30 -58.87
CA ILE C 39 -3.23 30.77 -59.53
C ILE C 39 -3.19 32.28 -59.62
N VAL C 40 -2.44 32.93 -58.73
CA VAL C 40 -2.24 34.37 -58.84
C VAL C 40 -1.24 34.68 -59.93
N ILE C 41 -1.43 35.85 -60.52
CA ILE C 41 -0.48 36.43 -61.44
C ILE C 41 -0.36 37.86 -61.05
N GLN C 42 0.86 38.35 -61.13
CA GLN C 42 1.18 39.65 -60.63
C GLN C 42 2.51 39.89 -61.28
N VAL C 43 2.82 41.15 -61.61
CA VAL C 43 4.02 41.40 -62.41
C VAL C 43 4.52 42.83 -62.34
N TYR C 44 5.77 43.03 -62.73
CA TYR C 44 6.45 44.33 -62.67
C TYR C 44 6.42 45.14 -64.00
N GLY C 45 5.52 44.78 -64.92
CA GLY C 45 5.40 45.46 -66.20
C GLY C 45 5.12 46.94 -66.05
N TYR C 46 5.71 47.73 -66.95
CA TYR C 46 5.50 49.17 -66.99
C TYR C 46 4.02 49.58 -67.13
N THR C 47 3.80 50.83 -67.53
CA THR C 47 2.47 51.48 -67.53
C THR C 47 1.45 50.76 -68.41
N GLU C 48 1.92 50.29 -69.55
CA GLU C 48 1.03 49.69 -70.52
C GLU C 48 0.25 48.54 -69.89
N ALA C 49 -1.03 48.75 -69.59
CA ALA C 49 -1.88 47.63 -69.20
C ALA C 49 -1.61 46.46 -70.14
N PHE C 50 -2.08 45.25 -69.81
CA PHE C 50 -1.93 44.11 -70.74
C PHE C 50 -2.62 42.79 -70.35
N ASP C 51 -3.41 42.24 -71.27
CA ASP C 51 -4.18 41.03 -71.03
C ASP C 51 -3.35 39.84 -70.56
N ALA C 52 -4.04 38.90 -69.90
CA ALA C 52 -3.44 37.71 -69.29
C ALA C 52 -4.44 36.53 -69.26
N THR C 53 -4.22 35.51 -70.09
CA THR C 53 -5.04 34.31 -70.11
C THR C 53 -4.25 33.07 -69.69
N ILE C 54 -4.85 32.21 -68.91
CA ILE C 54 -4.15 31.03 -68.43
C ILE C 54 -5.01 29.85 -68.81
N SER C 55 -4.46 28.64 -68.66
CA SER C 55 -5.20 27.43 -68.98
C SER C 55 -4.37 26.17 -68.76
N ILE C 56 -5.04 25.03 -68.86
CA ILE C 56 -4.44 23.74 -68.53
C ILE C 56 -4.34 22.83 -69.76
N LYS C 57 -3.11 22.45 -70.13
CA LYS C 57 -2.84 21.73 -71.40
C LYS C 57 -1.88 20.54 -71.26
N SER C 58 -2.13 19.51 -72.07
CA SER C 58 -1.77 18.12 -71.76
C SER C 58 -0.39 17.60 -72.22
N TYR C 59 0.46 17.26 -71.26
CA TYR C 59 1.85 16.88 -71.52
C TYR C 59 2.48 17.49 -72.81
N PRO C 60 3.14 16.69 -73.69
CA PRO C 60 3.90 17.44 -74.71
C PRO C 60 3.08 18.05 -75.89
N ASP C 61 1.82 17.67 -76.03
CA ASP C 61 0.95 18.25 -77.06
C ASP C 61 0.03 19.29 -76.43
N LYS C 62 0.21 20.55 -76.78
CA LYS C 62 -0.66 21.60 -76.24
C LYS C 62 -2.04 21.61 -76.92
N LYS C 63 -2.59 20.43 -77.17
CA LYS C 63 -3.89 20.30 -77.83
C LYS C 63 -5.08 20.45 -76.89
N PHE C 64 -5.25 19.52 -75.94
CA PHE C 64 -6.34 19.64 -74.99
C PHE C 64 -6.11 20.82 -74.06
N SER C 65 -7.13 21.66 -73.89
CA SER C 65 -7.09 22.73 -72.89
C SER C 65 -8.41 22.76 -72.11
N TYR C 66 -8.39 22.12 -70.93
CA TYR C 66 -9.60 21.81 -70.19
C TYR C 66 -10.33 23.09 -69.83
N SER C 67 -9.58 24.05 -69.30
CA SER C 67 -10.12 25.35 -68.99
C SER C 67 -9.04 26.42 -68.93
N SER C 68 -9.50 27.65 -68.70
CA SER C 68 -8.67 28.83 -68.86
C SER C 68 -9.29 30.03 -68.16
N GLY C 69 -8.77 31.23 -68.42
CA GLY C 69 -9.32 32.42 -67.82
C GLY C 69 -8.74 33.71 -68.37
N HIS C 70 -9.63 34.61 -68.77
CA HIS C 70 -9.24 35.89 -69.36
C HIS C 70 -9.22 36.97 -68.28
N VAL C 71 -8.11 37.04 -67.56
CA VAL C 71 -8.00 37.93 -66.41
C VAL C 71 -7.02 39.09 -66.65
N HIS C 72 -7.56 40.25 -66.98
CA HIS C 72 -6.76 41.35 -67.50
C HIS C 72 -6.26 42.33 -66.45
N LEU C 73 -5.00 42.20 -66.07
CA LEU C 73 -4.42 43.14 -65.12
C LEU C 73 -4.19 44.51 -65.75
N SER C 74 -3.63 45.42 -64.95
CA SER C 74 -3.38 46.80 -65.37
C SER C 74 -2.74 47.52 -64.19
N SER C 75 -2.36 48.78 -64.37
CA SER C 75 -1.83 49.58 -63.26
C SER C 75 -2.90 49.81 -62.18
N GLU C 76 -4.14 49.46 -62.50
CA GLU C 76 -5.28 49.63 -61.60
C GLU C 76 -5.39 48.45 -60.64
N ASN C 77 -5.09 47.27 -61.16
CA ASN C 77 -5.04 46.03 -60.41
C ASN C 77 -3.59 45.74 -60.00
N LYS C 78 -2.79 46.78 -59.91
CA LYS C 78 -1.36 46.65 -59.66
C LYS C 78 -0.74 45.49 -60.41
N PHE C 79 -1.35 45.15 -61.53
CA PHE C 79 -0.87 44.08 -62.37
C PHE C 79 -0.81 42.84 -61.54
N GLN C 80 -2.00 42.35 -61.16
CA GLN C 80 -2.17 41.15 -60.33
C GLN C 80 -3.58 40.60 -60.52
N ASN C 81 -3.74 39.28 -60.51
CA ASN C 81 -5.06 38.71 -60.80
C ASN C 81 -5.16 37.22 -60.49
N SER C 82 -6.33 36.65 -60.64
CA SER C 82 -6.53 35.28 -60.25
C SER C 82 -7.48 34.53 -61.14
N ALA C 83 -7.30 33.22 -61.23
CA ALA C 83 -8.11 32.41 -62.12
C ALA C 83 -8.39 31.04 -61.54
N ILE C 84 -9.62 30.56 -61.70
CA ILE C 84 -9.95 29.20 -61.33
C ILE C 84 -9.91 28.25 -62.55
N LEU C 85 -8.71 27.80 -62.89
CA LEU C 85 -8.52 26.71 -63.85
C LEU C 85 -9.14 25.51 -63.21
N THR C 86 -9.04 24.36 -63.85
CA THR C 86 -9.61 23.18 -63.22
C THR C 86 -9.66 21.97 -64.15
N ILE C 87 -8.76 21.03 -63.87
CA ILE C 87 -8.66 19.79 -64.62
C ILE C 87 -9.73 18.83 -64.17
N GLN C 88 -10.77 18.66 -64.98
CA GLN C 88 -11.80 17.67 -64.68
C GLN C 88 -11.33 16.32 -65.19
N PRO C 89 -12.21 15.30 -65.11
CA PRO C 89 -12.06 13.97 -65.76
C PRO C 89 -11.91 13.90 -67.32
N LYS C 90 -10.79 13.34 -67.78
CA LYS C 90 -10.50 13.17 -69.20
C LYS C 90 -10.05 11.74 -69.47
N GLN C 91 -8.77 11.47 -69.22
CA GLN C 91 -8.27 10.11 -69.36
C GLN C 91 -8.81 9.16 -68.27
N LEU C 92 -9.69 8.26 -68.69
CA LEU C 92 -10.26 7.25 -67.79
C LEU C 92 -9.70 5.82 -67.95
N PRO C 93 -8.81 5.58 -68.94
CA PRO C 93 -8.43 4.19 -69.16
C PRO C 93 -7.69 3.59 -67.97
N GLY C 94 -8.31 2.62 -67.31
CA GLY C 94 -7.66 1.91 -66.23
C GLY C 94 -6.46 1.16 -66.79
N GLY C 95 -5.34 1.24 -66.08
CA GLY C 95 -4.11 0.61 -66.56
C GLY C 95 -3.17 1.62 -67.20
N GLN C 96 -3.63 2.32 -68.22
CA GLN C 96 -2.82 3.40 -68.77
C GLN C 96 -2.45 4.22 -67.57
N ASN C 97 -1.19 4.61 -67.46
CA ASN C 97 -0.79 5.55 -66.44
C ASN C 97 -1.21 6.92 -66.91
N PRO C 98 -2.51 7.24 -66.77
CA PRO C 98 -3.03 8.42 -67.45
C PRO C 98 -2.65 9.62 -66.62
N VAL C 99 -2.87 10.81 -67.14
CA VAL C 99 -2.95 11.95 -66.26
C VAL C 99 -1.59 12.31 -65.62
N SER C 100 -0.70 11.33 -65.47
CA SER C 100 0.59 11.60 -64.84
C SER C 100 1.28 12.73 -65.58
N TYR C 101 1.32 13.92 -64.98
CA TYR C 101 1.95 15.07 -65.63
C TYR C 101 1.02 15.87 -66.54
N VAL C 102 1.04 17.19 -66.41
CA VAL C 102 0.33 18.07 -67.32
C VAL C 102 1.10 19.36 -67.43
N TYR C 103 0.51 20.29 -68.19
CA TYR C 103 1.17 21.54 -68.54
C TYR C 103 0.35 22.76 -68.14
N LEU C 104 0.96 23.60 -67.31
CA LEU C 104 0.37 24.88 -66.90
C LEU C 104 0.80 25.86 -67.95
N GLU C 105 -0.10 26.75 -68.34
CA GLU C 105 0.23 27.73 -69.36
C GLU C 105 -0.36 29.07 -69.02
N VAL C 106 0.37 30.11 -69.40
CA VAL C 106 -0.10 31.47 -69.24
C VAL C 106 0.18 32.21 -70.54
N VAL C 107 -0.60 33.25 -70.81
CA VAL C 107 -0.55 33.93 -72.09
C VAL C 107 -0.67 35.44 -71.88
N SER C 108 -0.03 36.24 -72.72
CA SER C 108 -0.11 37.69 -72.63
C SER C 108 0.23 38.31 -73.97
N LYS C 109 0.56 39.61 -74.00
CA LYS C 109 1.10 40.22 -75.21
C LYS C 109 2.63 40.16 -75.25
N HIS C 110 3.25 40.10 -74.06
CA HIS C 110 4.69 40.28 -73.91
C HIS C 110 5.52 39.01 -73.75
N PHE C 111 4.94 37.98 -73.16
CA PHE C 111 5.61 36.68 -73.11
C PHE C 111 4.59 35.54 -73.08
N SER C 112 5.09 34.33 -73.24
CA SER C 112 4.29 33.18 -72.92
C SER C 112 5.20 32.12 -72.31
N LYS C 113 4.69 31.48 -71.25
CA LYS C 113 5.42 30.46 -70.51
C LYS C 113 4.53 29.44 -69.82
N SER C 114 5.07 28.26 -69.61
CA SER C 114 4.31 27.13 -69.13
C SER C 114 5.18 26.22 -68.25
N LYS C 115 4.67 25.06 -67.83
CA LYS C 115 5.41 24.19 -66.90
C LYS C 115 4.96 22.75 -66.91
N ARG C 116 5.94 21.83 -66.76
CA ARG C 116 5.66 20.42 -66.53
C ARG C 116 5.62 20.15 -65.03
N MET C 117 4.49 19.65 -64.53
CA MET C 117 4.34 19.53 -63.08
C MET C 117 3.26 18.53 -62.68
N PRO C 118 3.67 17.49 -61.92
CA PRO C 118 2.82 16.34 -61.56
C PRO C 118 1.47 16.71 -60.97
N ILE C 119 0.50 15.79 -61.15
CA ILE C 119 -0.86 15.99 -60.64
C ILE C 119 -1.45 14.72 -60.03
N THR C 120 -2.57 14.87 -59.33
CA THR C 120 -3.14 13.75 -58.59
C THR C 120 -4.65 13.70 -58.50
N TYR C 121 -5.11 12.55 -58.03
CA TYR C 121 -6.50 12.14 -58.07
C TYR C 121 -7.15 12.22 -56.73
N ASP C 122 -6.39 12.66 -55.73
CA ASP C 122 -6.95 12.91 -54.41
C ASP C 122 -7.76 14.19 -54.38
N ASN C 123 -9.09 14.11 -54.40
CA ASN C 123 -9.87 15.32 -54.23
C ASN C 123 -10.83 15.20 -53.07
N GLY C 124 -10.56 16.01 -52.03
CA GLY C 124 -11.40 16.09 -50.85
C GLY C 124 -11.01 15.17 -49.72
N PHE C 125 -12.01 14.80 -48.91
CA PHE C 125 -11.81 14.13 -47.65
C PHE C 125 -12.98 13.22 -47.29
N LEU C 126 -12.72 11.97 -46.94
CA LEU C 126 -13.81 11.10 -46.46
C LEU C 126 -13.76 10.92 -44.93
N PHE C 127 -14.86 11.26 -44.24
CA PHE C 127 -14.90 11.24 -42.77
C PHE C 127 -15.88 10.21 -42.25
N ILE C 128 -15.40 9.08 -41.72
CA ILE C 128 -16.31 7.97 -41.36
C ILE C 128 -16.81 7.93 -39.92
N HIS C 129 -18.04 8.38 -39.73
CA HIS C 129 -18.59 8.54 -38.38
C HIS C 129 -19.39 7.32 -37.89
N THR C 130 -18.67 6.36 -37.35
CA THR C 130 -19.36 5.23 -36.77
C THR C 130 -19.91 5.78 -35.47
N ASP C 131 -21.04 5.26 -35.00
CA ASP C 131 -21.66 5.89 -33.84
C ASP C 131 -20.81 5.75 -32.57
N LYS C 132 -20.39 4.52 -32.25
CA LYS C 132 -19.47 4.34 -31.13
C LYS C 132 -18.32 3.41 -31.52
N PRO C 133 -17.28 3.28 -30.69
CA PRO C 133 -16.12 2.67 -31.30
C PRO C 133 -15.92 1.30 -30.72
N VAL C 134 -16.92 0.74 -30.04
CA VAL C 134 -16.78 -0.65 -29.63
C VAL C 134 -18.11 -1.37 -29.56
N TYR C 135 -18.12 -2.56 -30.19
CA TYR C 135 -19.33 -3.38 -30.28
C TYR C 135 -19.19 -4.79 -29.77
N THR C 136 -20.33 -5.35 -29.42
CA THR C 136 -20.40 -6.70 -28.92
C THR C 136 -21.34 -7.47 -29.82
N PRO C 137 -21.07 -8.76 -30.00
CA PRO C 137 -21.88 -9.61 -30.85
C PRO C 137 -23.33 -9.15 -30.93
N ASP C 138 -23.77 -8.86 -32.15
CA ASP C 138 -25.19 -8.64 -32.48
C ASP C 138 -25.69 -7.21 -32.40
N GLN C 139 -24.84 -6.29 -31.94
CA GLN C 139 -25.23 -4.88 -31.92
C GLN C 139 -25.29 -4.47 -33.39
N SER C 140 -25.94 -3.35 -33.68
CA SER C 140 -25.93 -2.86 -35.05
C SER C 140 -25.15 -1.58 -35.14
N VAL C 141 -24.05 -1.63 -35.88
CA VAL C 141 -23.18 -0.48 -36.06
C VAL C 141 -23.91 0.63 -36.79
N LYS C 142 -24.14 1.76 -36.15
CA LYS C 142 -24.65 2.90 -36.87
C LYS C 142 -23.49 3.51 -37.65
N VAL C 143 -23.74 4.02 -38.85
CA VAL C 143 -22.68 4.68 -39.63
C VAL C 143 -23.14 5.76 -40.61
N ARG C 144 -22.31 6.79 -40.75
CA ARG C 144 -22.48 7.77 -41.82
C ARG C 144 -21.12 8.31 -42.24
N VAL C 145 -21.10 9.11 -43.30
CA VAL C 145 -19.87 9.64 -43.87
C VAL C 145 -20.07 11.10 -44.10
N TYR C 146 -19.17 11.91 -43.55
CA TYR C 146 -19.06 13.33 -43.91
C TYR C 146 -18.00 13.41 -44.97
N SER C 147 -18.35 13.96 -46.13
CA SER C 147 -17.39 14.03 -47.23
C SER C 147 -17.31 15.44 -47.81
N LEU C 148 -16.09 15.92 -48.01
CA LEU C 148 -15.84 17.25 -48.52
C LEU C 148 -14.91 17.15 -49.71
N ASN C 149 -14.94 18.17 -50.57
CA ASN C 149 -14.01 18.27 -51.70
C ASN C 149 -12.92 19.32 -51.43
N ASP C 150 -11.84 19.28 -52.21
CA ASP C 150 -10.75 20.25 -52.12
C ASP C 150 -11.13 21.58 -51.49
N ASP C 151 -12.38 21.98 -51.63
CA ASP C 151 -12.84 23.29 -51.21
C ASP C 151 -13.66 23.20 -49.94
N LEU C 152 -13.52 22.09 -49.23
CA LEU C 152 -14.22 21.89 -47.96
C LEU C 152 -15.70 22.30 -48.00
N LYS C 153 -16.36 22.04 -49.12
CA LYS C 153 -17.81 22.23 -49.25
C LYS C 153 -18.49 20.89 -49.55
N PRO C 154 -19.82 20.82 -49.35
CA PRO C 154 -20.58 19.57 -49.36
C PRO C 154 -19.90 18.46 -50.14
N ALA C 155 -19.49 18.74 -51.37
CA ALA C 155 -18.75 17.78 -52.18
C ALA C 155 -19.60 16.62 -52.73
N LYS C 156 -20.86 16.88 -53.04
CA LYS C 156 -21.80 15.81 -53.39
C LYS C 156 -21.17 14.88 -54.39
N ARG C 157 -21.33 13.58 -54.17
CA ARG C 157 -20.73 12.56 -55.01
C ARG C 157 -21.30 11.24 -54.55
N GLU C 158 -21.06 10.17 -55.29
CA GLU C 158 -21.44 8.86 -54.75
C GLU C 158 -20.22 8.09 -54.22
N THR C 159 -20.32 7.65 -52.96
CA THR C 159 -19.21 7.06 -52.23
C THR C 159 -19.44 5.60 -51.89
N VAL C 160 -18.36 4.85 -51.65
CA VAL C 160 -18.50 3.44 -51.40
C VAL C 160 -17.56 2.83 -50.39
N LEU C 161 -18.14 2.34 -49.30
CA LEU C 161 -17.35 1.72 -48.25
C LEU C 161 -17.43 0.21 -48.29
N THR C 162 -16.60 -0.40 -47.45
CA THR C 162 -16.30 -1.81 -47.54
C THR C 162 -15.66 -2.31 -46.25
N PHE C 163 -16.50 -2.73 -45.29
CA PHE C 163 -16.05 -3.27 -44.00
C PHE C 163 -15.04 -4.40 -44.10
N ILE C 164 -14.04 -4.39 -43.24
CA ILE C 164 -13.01 -5.40 -43.37
C ILE C 164 -12.74 -6.08 -42.07
N ASP C 165 -13.03 -7.37 -42.02
CA ASP C 165 -12.95 -8.09 -40.76
C ASP C 165 -11.55 -8.02 -40.18
N PRO C 166 -11.43 -8.32 -38.90
CA PRO C 166 -10.18 -8.20 -38.15
C PRO C 166 -9.08 -9.07 -38.71
N GLU C 167 -9.27 -9.68 -39.87
CA GLU C 167 -8.21 -10.49 -40.41
C GLU C 167 -7.83 -9.95 -41.75
N GLY C 168 -8.65 -9.05 -42.26
CA GLY C 168 -8.25 -8.32 -43.44
C GLY C 168 -8.80 -8.92 -44.70
N SER C 169 -9.91 -9.63 -44.57
CA SER C 169 -10.70 -9.93 -45.76
C SER C 169 -11.93 -9.05 -45.74
N GLU C 170 -12.34 -8.61 -46.92
CA GLU C 170 -13.55 -7.81 -47.04
C GLU C 170 -14.68 -8.64 -46.45
N VAL C 171 -15.84 -8.04 -46.27
CA VAL C 171 -16.98 -8.81 -45.78
C VAL C 171 -18.29 -8.23 -46.25
N ASP C 172 -18.25 -7.01 -46.77
CA ASP C 172 -19.48 -6.37 -47.24
C ASP C 172 -19.09 -5.22 -48.19
N MET C 173 -20.06 -4.40 -48.55
CA MET C 173 -19.80 -3.29 -49.42
C MET C 173 -21.14 -2.61 -49.60
N VAL C 174 -21.11 -1.32 -49.89
CA VAL C 174 -22.33 -0.61 -50.27
C VAL C 174 -22.07 0.85 -50.67
N GLU C 175 -22.72 1.30 -51.74
CA GLU C 175 -22.64 2.68 -52.18
C GLU C 175 -23.88 3.43 -51.74
N GLU C 176 -23.90 4.75 -51.89
CA GLU C 176 -25.08 5.57 -51.53
C GLU C 176 -24.89 6.99 -52.09
N ILE C 177 -25.99 7.74 -52.23
CA ILE C 177 -25.96 9.03 -52.93
C ILE C 177 -25.74 10.20 -51.99
N ASP C 178 -25.05 11.25 -52.46
CA ASP C 178 -24.69 12.39 -51.60
C ASP C 178 -25.56 13.62 -51.81
N HIS C 179 -26.69 13.65 -51.10
CA HIS C 179 -27.63 14.74 -51.25
C HIS C 179 -27.14 16.03 -50.59
N ILE C 180 -26.39 15.90 -49.49
CA ILE C 180 -25.93 17.11 -48.80
C ILE C 180 -24.47 17.12 -48.32
N GLY C 181 -23.91 15.94 -48.07
CA GLY C 181 -22.53 15.85 -47.64
C GLY C 181 -22.48 14.92 -46.46
N ILE C 182 -23.67 14.58 -45.95
CA ILE C 182 -23.83 13.65 -44.85
C ILE C 182 -24.40 12.32 -45.36
N ILE C 183 -23.68 11.68 -46.27
CA ILE C 183 -24.04 10.36 -46.74
C ILE C 183 -24.44 9.43 -45.61
N SER C 184 -25.65 8.89 -45.68
CA SER C 184 -26.19 8.03 -44.63
C SER C 184 -26.35 6.54 -45.01
N PHE C 185 -25.39 5.73 -44.59
CA PHE C 185 -25.34 4.30 -44.93
C PHE C 185 -26.19 3.44 -44.03
N PRO C 186 -26.31 2.15 -44.38
CA PRO C 186 -27.22 1.29 -43.65
C PRO C 186 -26.46 0.58 -42.55
N ASP C 187 -27.08 0.44 -41.38
CA ASP C 187 -26.49 -0.23 -40.22
C ASP C 187 -25.90 -1.60 -40.59
N PHE C 188 -24.79 -1.94 -39.92
CA PHE C 188 -24.04 -3.17 -40.18
C PHE C 188 -24.10 -4.05 -38.95
N LYS C 189 -24.93 -5.09 -39.01
CA LYS C 189 -25.21 -5.94 -37.87
C LYS C 189 -24.03 -6.86 -37.57
N ILE C 190 -23.45 -6.70 -36.38
CA ILE C 190 -22.39 -7.57 -35.93
C ILE C 190 -22.92 -9.01 -35.83
N PRO C 191 -22.23 -9.99 -36.44
CA PRO C 191 -22.57 -11.42 -36.43
C PRO C 191 -22.96 -11.98 -35.06
N SER C 192 -23.78 -13.03 -35.08
CA SER C 192 -24.22 -13.71 -33.86
C SER C 192 -23.01 -14.10 -33.02
N ASN C 193 -21.98 -14.56 -33.73
CA ASN C 193 -20.72 -14.96 -33.14
C ASN C 193 -19.59 -14.54 -34.10
N PRO C 194 -19.18 -13.26 -34.01
CA PRO C 194 -18.30 -12.62 -34.97
C PRO C 194 -16.86 -13.03 -34.84
N ARG C 195 -16.06 -12.48 -35.76
CA ARG C 195 -14.61 -12.59 -35.79
C ARG C 195 -14.10 -11.45 -34.91
N TYR C 196 -13.67 -11.76 -33.69
CA TYR C 196 -13.53 -10.74 -32.68
C TYR C 196 -12.25 -9.99 -32.85
N GLY C 197 -12.33 -8.66 -32.87
CA GLY C 197 -11.13 -7.84 -32.97
C GLY C 197 -11.22 -6.54 -33.74
N MET C 198 -10.11 -6.13 -34.33
CA MET C 198 -10.02 -4.82 -34.94
C MET C 198 -10.68 -4.73 -36.33
N TRP C 199 -11.88 -4.17 -36.38
CA TRP C 199 -12.53 -3.96 -37.67
C TRP C 199 -11.98 -2.73 -38.40
N THR C 200 -12.20 -2.61 -39.70
CA THR C 200 -11.72 -1.45 -40.42
C THR C 200 -12.78 -1.10 -41.41
N ILE C 201 -13.22 0.14 -41.45
CA ILE C 201 -14.11 0.53 -42.54
C ILE C 201 -13.37 1.49 -43.48
N LYS C 202 -13.08 1.08 -44.72
CA LYS C 202 -12.51 2.01 -45.70
C LYS C 202 -13.60 2.64 -46.56
N ALA C 203 -13.31 3.77 -47.21
CA ALA C 203 -14.28 4.39 -48.10
C ALA C 203 -13.62 5.13 -49.27
N LYS C 204 -14.12 4.90 -50.49
CA LYS C 204 -13.57 5.49 -51.71
C LYS C 204 -14.64 6.10 -52.58
N TYR C 205 -14.26 7.04 -53.43
CA TYR C 205 -15.26 7.72 -54.22
C TYR C 205 -15.64 6.78 -55.36
N LYS C 206 -16.95 6.51 -55.55
CA LYS C 206 -17.33 5.53 -56.56
C LYS C 206 -16.64 5.89 -57.86
N GLU C 207 -17.02 7.05 -58.39
CA GLU C 207 -16.42 7.57 -59.59
C GLU C 207 -14.92 7.85 -59.45
N ASP C 208 -14.37 8.68 -60.34
CA ASP C 208 -12.94 8.97 -60.30
C ASP C 208 -12.65 9.79 -59.08
N PHE C 209 -11.36 9.86 -58.73
CA PHE C 209 -10.88 10.42 -57.47
C PHE C 209 -10.33 9.31 -56.57
N SER C 210 -9.06 9.44 -56.16
CA SER C 210 -8.40 8.40 -55.35
C SER C 210 -8.64 8.53 -53.84
N THR C 211 -9.33 9.60 -53.48
CA THR C 211 -9.48 9.99 -52.08
C THR C 211 -10.02 8.85 -51.21
N THR C 212 -9.41 8.70 -50.03
CA THR C 212 -9.64 7.56 -49.15
C THR C 212 -10.10 7.95 -47.76
N GLY C 213 -11.16 7.31 -47.31
CA GLY C 213 -11.51 7.41 -45.91
C GLY C 213 -11.15 6.11 -45.21
N THR C 214 -10.80 6.19 -43.94
CA THR C 214 -10.64 5.00 -43.16
C THR C 214 -11.10 5.30 -41.75
N ALA C 215 -11.58 4.27 -41.09
CA ALA C 215 -12.09 4.41 -39.75
C ALA C 215 -11.84 3.09 -39.07
N TYR C 216 -12.12 2.98 -37.78
CA TYR C 216 -12.10 1.65 -37.18
C TYR C 216 -13.17 1.51 -36.15
N PHE C 217 -13.42 0.25 -35.77
CA PHE C 217 -14.16 -0.13 -34.57
C PHE C 217 -13.69 -1.49 -34.10
N GLU C 218 -13.85 -1.76 -32.81
CA GLU C 218 -13.40 -3.03 -32.26
C GLU C 218 -14.59 -3.85 -31.82
N VAL C 219 -14.65 -5.09 -32.28
CA VAL C 219 -15.68 -6.01 -31.89
C VAL C 219 -15.07 -6.83 -30.80
N LYS C 220 -15.61 -6.64 -29.60
CA LYS C 220 -15.21 -7.44 -28.46
C LYS C 220 -16.38 -8.29 -27.96
N GLU C 221 -16.02 -9.39 -27.32
CA GLU C 221 -16.96 -10.41 -26.85
C GLU C 221 -17.46 -10.20 -25.43
N TYR C 222 -18.71 -9.79 -25.29
CA TYR C 222 -19.24 -9.45 -23.98
C TYR C 222 -19.37 -10.69 -23.10
N VAL C 223 -18.99 -10.54 -21.83
CA VAL C 223 -19.13 -11.59 -20.82
C VAL C 223 -19.76 -11.01 -19.60
N LEU C 224 -20.68 -11.76 -19.00
CA LEU C 224 -21.35 -11.35 -17.79
C LEU C 224 -20.35 -11.38 -16.63
N PRO C 225 -20.34 -10.30 -15.84
CA PRO C 225 -19.37 -10.17 -14.75
C PRO C 225 -19.93 -10.75 -13.46
N HIS C 226 -19.08 -11.46 -12.72
CA HIS C 226 -19.51 -12.06 -11.46
C HIS C 226 -19.35 -11.11 -10.27
N PHE C 227 -18.30 -10.29 -10.33
CA PHE C 227 -18.00 -9.36 -9.26
C PHE C 227 -17.01 -8.37 -9.76
N SER C 228 -17.19 -7.13 -9.35
CA SER C 228 -16.36 -6.05 -9.85
C SER C 228 -14.87 -6.21 -9.48
N VAL C 229 -14.00 -6.45 -10.47
CA VAL C 229 -12.57 -6.40 -10.23
C VAL C 229 -12.02 -5.08 -10.77
N SER C 230 -11.39 -4.32 -9.89
CA SER C 230 -10.70 -3.05 -10.24
C SER C 230 -9.21 -3.21 -10.18
N ILE C 231 -8.50 -2.39 -10.95
CA ILE C 231 -7.06 -2.47 -10.90
C ILE C 231 -6.41 -1.10 -11.13
N GLU C 232 -5.67 -0.64 -10.11
CA GLU C 232 -5.11 0.71 -10.09
C GLU C 232 -3.59 0.70 -9.89
N PRO C 233 -2.88 1.46 -10.69
CA PRO C 233 -1.44 1.36 -10.84
C PRO C 233 -0.78 2.46 -10.04
N GLU C 234 0.46 2.28 -9.57
CA GLU C 234 1.04 3.29 -8.70
C GLU C 234 0.89 4.68 -9.28
N TYR C 235 1.38 4.91 -10.48
CA TYR C 235 1.09 6.17 -11.18
C TYR C 235 0.79 5.88 -12.65
N ASN C 236 0.55 6.93 -13.42
CA ASN C 236 0.08 6.77 -14.79
C ASN C 236 1.15 6.66 -15.87
N PHE C 237 2.39 6.90 -15.49
CA PHE C 237 3.48 6.60 -16.39
C PHE C 237 4.54 6.03 -15.53
N ILE C 238 5.48 5.33 -16.13
CA ILE C 238 6.66 4.93 -15.42
C ILE C 238 7.88 5.77 -15.79
N GLY C 239 8.62 6.17 -14.74
CA GLY C 239 9.63 7.22 -14.81
C GLY C 239 10.81 6.81 -13.94
N TYR C 240 11.99 7.39 -14.17
CA TYR C 240 13.17 6.70 -13.66
C TYR C 240 12.96 6.40 -12.21
N LYS C 241 12.21 7.27 -11.54
CA LYS C 241 12.01 7.18 -10.10
C LYS C 241 11.61 5.76 -9.69
N ASN C 242 10.46 5.29 -10.18
CA ASN C 242 10.07 3.89 -10.01
C ASN C 242 10.28 3.11 -11.29
N PHE C 243 10.90 1.95 -11.15
CA PHE C 243 11.36 1.17 -12.29
C PHE C 243 12.16 0.07 -11.67
N LYS C 244 12.35 0.19 -10.37
CA LYS C 244 12.67 -0.97 -9.58
C LYS C 244 11.42 -1.30 -8.77
N ASN C 245 10.39 -0.45 -8.91
CA ASN C 245 9.09 -0.75 -8.29
C ASN C 245 7.91 0.12 -8.78
N PHE C 246 6.68 -0.42 -8.60
CA PHE C 246 5.41 0.14 -9.11
C PHE C 246 4.22 -0.47 -8.39
N GLU C 247 3.73 0.16 -7.31
CA GLU C 247 2.69 -0.45 -6.41
C GLU C 247 1.31 -0.55 -7.15
N ILE C 248 1.04 -1.71 -7.78
CA ILE C 248 -0.24 -1.97 -8.47
C ILE C 248 -1.24 -2.54 -7.50
N THR C 249 -2.29 -1.79 -7.19
CA THR C 249 -3.30 -2.24 -6.20
C THR C 249 -4.61 -2.77 -6.84
N ILE C 250 -4.94 -4.04 -6.65
CA ILE C 250 -6.17 -4.57 -7.21
C ILE C 250 -7.22 -4.79 -6.12
N LYS C 251 -8.49 -4.50 -6.41
CA LYS C 251 -9.52 -4.51 -5.36
C LYS C 251 -10.85 -5.17 -5.81
N ALA C 252 -11.16 -6.33 -5.20
CA ALA C 252 -12.26 -7.18 -5.64
C ALA C 252 -13.47 -7.14 -4.70
N ARG C 253 -14.66 -7.19 -5.27
CA ARG C 253 -15.88 -6.97 -4.49
C ARG C 253 -17.15 -7.35 -5.25
N TYR C 254 -18.09 -8.00 -4.58
CA TYR C 254 -19.36 -8.38 -5.19
C TYR C 254 -20.33 -7.19 -5.30
N PHE C 255 -21.31 -7.31 -6.18
CA PHE C 255 -22.19 -6.19 -6.47
C PHE C 255 -23.08 -5.89 -5.29
N TYR C 256 -23.10 -6.82 -4.33
CA TYR C 256 -23.94 -6.69 -3.14
C TYR C 256 -23.26 -5.96 -1.98
N ASN C 257 -22.44 -4.95 -2.33
CA ASN C 257 -21.69 -4.12 -1.36
C ASN C 257 -20.88 -4.87 -0.30
N LYS C 258 -20.23 -5.94 -0.71
CA LYS C 258 -19.54 -6.81 0.21
C LYS C 258 -18.30 -7.42 -0.42
N VAL C 259 -17.14 -6.94 -0.02
CA VAL C 259 -15.89 -7.28 -0.69
C VAL C 259 -15.60 -8.77 -0.77
N VAL C 260 -14.89 -9.18 -1.81
CA VAL C 260 -14.38 -10.52 -1.89
C VAL C 260 -13.59 -10.81 -0.64
N THR C 261 -13.49 -12.07 -0.22
CA THR C 261 -12.63 -12.39 0.91
C THR C 261 -11.33 -13.03 0.44
N GLU C 262 -11.24 -14.35 0.50
CA GLU C 262 -10.09 -14.99 -0.11
C GLU C 262 -10.37 -15.00 -1.60
N ALA C 263 -9.30 -14.96 -2.39
CA ALA C 263 -9.42 -15.02 -3.83
C ALA C 263 -8.08 -15.40 -4.38
N ASP C 264 -8.08 -15.95 -5.59
CA ASP C 264 -6.82 -16.28 -6.25
C ASP C 264 -6.55 -15.24 -7.36
N VAL C 265 -5.43 -14.49 -7.24
CA VAL C 265 -5.08 -13.44 -8.21
C VAL C 265 -3.99 -13.83 -9.18
N TYR C 266 -4.20 -13.56 -10.46
CA TYR C 266 -3.21 -13.88 -11.48
C TYR C 266 -2.90 -12.71 -12.43
N ILE C 267 -1.81 -11.99 -12.15
CA ILE C 267 -1.42 -10.85 -12.96
C ILE C 267 -0.24 -11.09 -13.86
N THR C 268 -0.42 -10.80 -15.15
CA THR C 268 0.60 -11.01 -16.15
C THR C 268 0.82 -9.70 -16.88
N PHE C 269 2.09 -9.35 -17.10
CA PHE C 269 2.43 -8.08 -17.76
C PHE C 269 2.88 -8.23 -19.18
N GLY C 270 3.15 -7.09 -19.82
CA GLY C 270 3.60 -7.12 -21.20
C GLY C 270 3.87 -5.74 -21.76
N ILE C 271 4.76 -5.67 -22.76
CA ILE C 271 5.11 -4.39 -23.39
C ILE C 271 4.10 -4.06 -24.44
N ARG C 272 4.33 -3.02 -25.21
CA ARG C 272 3.32 -2.58 -26.16
C ARG C 272 3.78 -1.38 -26.98
N GLU C 273 3.68 -1.51 -28.29
CA GLU C 273 4.04 -0.40 -29.16
C GLU C 273 3.13 0.79 -28.91
N ASP C 274 1.81 0.54 -28.91
CA ASP C 274 0.83 1.61 -28.86
C ASP C 274 -0.53 1.15 -28.34
N LEU C 275 -1.53 2.00 -28.51
CA LEU C 275 -2.88 1.61 -28.16
C LEU C 275 -3.82 1.37 -29.36
N LYS C 276 -3.25 1.19 -30.55
CA LYS C 276 -4.00 0.68 -31.72
C LYS C 276 -3.47 -0.71 -32.07
N ASP C 277 -2.61 -1.23 -31.20
CA ASP C 277 -1.95 -2.53 -31.40
C ASP C 277 -2.70 -3.60 -30.60
N ASP C 278 -3.45 -4.43 -31.31
CA ASP C 278 -4.18 -5.55 -30.70
C ASP C 278 -3.24 -6.53 -30.02
N GLN C 279 -1.94 -6.41 -30.32
CA GLN C 279 -0.95 -7.38 -29.87
C GLN C 279 0.20 -6.76 -29.12
N LYS C 280 0.69 -7.53 -28.16
CA LYS C 280 1.68 -7.04 -27.25
C LYS C 280 2.45 -8.21 -26.66
N GLU C 281 3.77 -8.15 -26.76
CA GLU C 281 4.62 -9.22 -26.31
C GLU C 281 4.59 -9.38 -24.80
N MET C 282 3.78 -10.31 -24.30
CA MET C 282 3.75 -10.57 -22.87
C MET C 282 5.14 -10.88 -22.36
N MET C 283 5.23 -11.27 -21.11
CA MET C 283 6.53 -11.48 -20.50
C MET C 283 6.41 -12.55 -19.42
N GLN C 284 7.28 -13.56 -19.50
CA GLN C 284 7.34 -14.62 -18.50
C GLN C 284 7.53 -14.05 -17.11
N THR C 285 7.51 -14.94 -16.12
CA THR C 285 7.77 -14.52 -14.76
C THR C 285 6.94 -13.26 -14.49
N ALA C 286 5.66 -13.35 -14.80
CA ALA C 286 4.66 -12.38 -14.38
C ALA C 286 3.98 -12.88 -13.11
N MET C 287 4.34 -12.27 -11.98
CA MET C 287 3.93 -12.72 -10.66
C MET C 287 2.60 -13.43 -10.60
N GLN C 288 2.59 -14.51 -9.82
CA GLN C 288 1.38 -15.27 -9.56
C GLN C 288 0.97 -15.13 -8.10
N ASN C 289 -0.34 -15.21 -7.88
CA ASN C 289 -0.89 -15.28 -6.54
C ASN C 289 -0.25 -14.35 -5.54
N THR C 290 -0.95 -13.30 -5.19
CA THR C 290 -0.80 -12.68 -3.89
C THR C 290 -2.24 -12.68 -3.44
N MET C 291 -2.79 -13.89 -3.45
CA MET C 291 -4.18 -14.11 -3.13
C MET C 291 -4.84 -12.85 -2.58
N LEU C 292 -5.83 -12.34 -3.30
CA LEU C 292 -6.64 -11.24 -2.81
C LEU C 292 -7.04 -11.58 -1.40
N ILE C 293 -7.14 -10.57 -0.55
CA ILE C 293 -7.41 -10.83 0.84
C ILE C 293 -8.14 -9.64 1.42
N ASN C 294 -9.41 -9.85 1.73
CA ASN C 294 -10.25 -8.79 2.23
C ASN C 294 -10.48 -7.59 1.29
N GLY C 295 -10.43 -7.85 0.00
CA GLY C 295 -10.85 -6.87 -0.98
C GLY C 295 -9.67 -6.17 -1.61
N ILE C 296 -8.47 -6.60 -1.21
CA ILE C 296 -7.22 -6.03 -1.73
C ILE C 296 -6.09 -7.05 -1.87
N ALA C 297 -5.22 -6.79 -2.84
CA ALA C 297 -3.91 -7.39 -2.93
C ALA C 297 -3.06 -6.38 -3.68
N GLN C 298 -1.75 -6.58 -3.62
CA GLN C 298 -0.81 -5.61 -4.13
C GLN C 298 0.44 -6.35 -4.53
N VAL C 299 1.16 -5.83 -5.52
CA VAL C 299 2.52 -6.29 -5.75
C VAL C 299 3.17 -5.14 -6.42
N THR C 300 4.46 -4.96 -6.17
CA THR C 300 5.25 -3.97 -6.90
C THR C 300 6.01 -4.67 -8.03
N PHE C 301 6.22 -3.95 -9.11
CA PHE C 301 6.69 -4.59 -10.33
C PHE C 301 8.05 -4.01 -10.72
N ASP C 302 9.12 -4.79 -10.51
CA ASP C 302 10.48 -4.37 -10.88
C ASP C 302 10.61 -4.49 -12.39
N SER C 303 10.46 -3.34 -13.06
CA SER C 303 10.46 -3.30 -14.51
C SER C 303 11.84 -3.66 -15.10
N GLU C 304 12.89 -3.34 -14.36
CA GLU C 304 14.25 -3.56 -14.85
C GLU C 304 14.47 -5.02 -15.12
N THR C 305 14.33 -5.82 -14.06
CA THR C 305 14.32 -7.26 -14.15
C THR C 305 13.40 -7.69 -15.27
N ALA C 306 12.13 -7.42 -15.03
CA ALA C 306 11.02 -7.96 -15.79
C ALA C 306 10.97 -7.61 -17.28
N VAL C 307 12.10 -7.23 -17.87
CA VAL C 307 12.10 -6.90 -19.29
C VAL C 307 13.39 -7.41 -19.90
N LYS C 308 14.47 -7.20 -19.17
CA LYS C 308 15.81 -7.46 -19.70
C LYS C 308 15.79 -8.74 -20.53
N GLU C 309 16.11 -9.87 -19.90
CA GLU C 309 16.21 -11.13 -20.65
C GLU C 309 14.86 -11.50 -21.24
N LEU C 310 13.83 -10.77 -20.84
CA LEU C 310 12.49 -11.12 -21.26
C LEU C 310 12.05 -10.35 -22.52
N SER C 311 12.97 -9.62 -23.13
CA SER C 311 12.70 -8.92 -24.39
C SER C 311 13.94 -8.19 -24.86
N TYR C 312 13.88 -7.53 -26.02
CA TYR C 312 14.99 -6.70 -26.51
C TYR C 312 15.35 -5.51 -25.60
N TYR C 313 14.62 -5.36 -24.48
CA TYR C 313 14.73 -4.18 -23.62
C TYR C 313 15.62 -4.31 -22.36
N SER C 314 16.84 -3.80 -22.48
CA SER C 314 17.87 -3.90 -21.45
C SER C 314 18.21 -2.56 -20.77
N LEU C 315 18.15 -1.48 -21.54
CA LEU C 315 18.19 -0.15 -20.95
C LEU C 315 16.75 0.37 -20.91
N GLU C 316 16.36 1.02 -19.80
CA GLU C 316 15.04 1.64 -19.68
C GLU C 316 14.92 2.73 -20.73
N ASP C 317 16.02 3.46 -20.91
CA ASP C 317 16.30 4.30 -22.06
C ASP C 317 15.45 3.80 -23.23
N LEU C 318 15.93 2.69 -23.82
CA LEU C 318 15.27 1.82 -24.81
C LEU C 318 13.86 1.41 -24.38
N ASN C 319 12.91 2.33 -24.46
CA ASN C 319 11.59 2.05 -23.96
C ASN C 319 10.83 3.33 -23.71
N ASN C 320 10.12 3.84 -24.71
CA ASN C 320 9.20 4.96 -24.47
C ASN C 320 7.84 4.62 -25.02
N LYS C 321 7.59 3.31 -24.95
CA LYS C 321 6.34 2.61 -25.27
C LYS C 321 5.59 2.19 -24.02
N TYR C 322 4.64 1.27 -24.15
CA TYR C 322 3.67 1.03 -23.07
C TYR C 322 3.95 -0.16 -22.15
N LEU C 323 3.38 -0.13 -20.95
CA LEU C 323 3.39 -1.30 -20.07
C LEU C 323 1.95 -1.80 -19.88
N TYR C 324 1.70 -3.07 -20.21
CA TYR C 324 0.34 -3.65 -20.17
C TYR C 324 0.12 -4.55 -18.95
N ILE C 325 -0.95 -4.27 -18.21
CA ILE C 325 -1.29 -5.02 -17.00
C ILE C 325 -2.69 -5.55 -17.11
N ALA C 326 -2.85 -6.78 -16.64
CA ALA C 326 -4.13 -7.48 -16.72
C ALA C 326 -4.18 -8.59 -15.66
N VAL C 327 -5.11 -8.41 -14.74
CA VAL C 327 -5.25 -9.29 -13.62
C VAL C 327 -6.34 -10.29 -13.95
N THR C 328 -6.27 -11.47 -13.31
CA THR C 328 -7.40 -12.40 -13.24
C THR C 328 -7.63 -12.85 -11.79
N VAL C 329 -8.78 -12.45 -11.23
CA VAL C 329 -9.11 -12.68 -9.83
C VAL C 329 -10.16 -13.74 -9.74
N ILE C 330 -9.77 -14.96 -9.38
CA ILE C 330 -10.74 -16.05 -9.25
C ILE C 330 -11.22 -16.24 -7.80
N GLU C 331 -12.52 -16.06 -7.59
CA GLU C 331 -13.06 -16.05 -6.25
C GLU C 331 -12.89 -17.39 -5.59
N SER C 332 -12.40 -17.38 -4.35
CA SER C 332 -12.07 -18.60 -3.64
C SER C 332 -13.29 -19.41 -3.19
N THR C 333 -14.32 -18.73 -2.72
CA THR C 333 -15.53 -19.40 -2.26
C THR C 333 -16.30 -20.11 -3.38
N GLY C 334 -16.92 -19.33 -4.26
CA GLY C 334 -17.73 -19.91 -5.33
C GLY C 334 -16.95 -20.62 -6.42
N GLY C 335 -15.69 -20.24 -6.60
CA GLY C 335 -14.87 -20.79 -7.68
C GLY C 335 -15.08 -20.07 -9.00
N PHE C 336 -15.82 -18.96 -8.96
CA PHE C 336 -16.10 -18.18 -10.15
C PHE C 336 -14.82 -17.79 -10.82
N SER C 337 -14.88 -16.74 -11.62
CA SER C 337 -13.68 -16.10 -12.15
C SER C 337 -13.96 -14.78 -12.83
N GLU C 338 -13.03 -13.86 -12.65
CA GLU C 338 -13.18 -12.52 -13.15
C GLU C 338 -11.85 -11.98 -13.61
N GLU C 339 -11.86 -11.37 -14.80
CA GLU C 339 -10.68 -10.79 -15.41
C GLU C 339 -10.83 -9.28 -15.51
N ALA C 340 -9.68 -8.60 -15.54
CA ALA C 340 -9.59 -7.14 -15.69
C ALA C 340 -8.24 -6.78 -16.28
N GLU C 341 -8.18 -5.68 -17.04
CA GLU C 341 -6.89 -5.25 -17.63
C GLU C 341 -6.66 -3.71 -17.67
N ILE C 342 -5.40 -3.28 -17.65
CA ILE C 342 -5.04 -1.92 -18.00
C ILE C 342 -4.34 -1.94 -19.33
N PRO C 343 -4.85 -1.18 -20.30
CA PRO C 343 -4.41 -1.36 -21.68
C PRO C 343 -2.92 -1.13 -21.77
N GLY C 344 -2.51 0.04 -21.29
CA GLY C 344 -1.11 0.44 -21.29
C GLY C 344 -0.83 1.59 -20.33
N ILE C 345 0.45 1.82 -20.07
CA ILE C 345 0.91 2.78 -19.09
C ILE C 345 2.19 3.22 -19.74
N LYS C 346 2.26 4.45 -20.22
CA LYS C 346 3.43 4.85 -21.01
C LYS C 346 4.70 4.82 -20.17
N TYR C 347 5.82 4.28 -20.66
CA TYR C 347 7.10 4.43 -19.95
C TYR C 347 7.65 5.79 -20.33
N VAL C 348 8.41 6.41 -19.44
CA VAL C 348 9.00 7.71 -19.77
C VAL C 348 10.44 7.86 -19.33
N LEU C 349 11.30 8.28 -20.24
CA LEU C 349 12.66 8.62 -19.84
C LEU C 349 12.66 9.90 -18.99
N SER C 350 12.08 10.95 -19.54
CA SER C 350 12.19 12.26 -18.96
C SER C 350 10.85 12.92 -18.95
N PRO C 351 10.45 13.44 -17.80
CA PRO C 351 9.05 13.82 -17.73
C PRO C 351 8.74 15.12 -18.44
N TYR C 352 9.72 15.76 -19.10
CA TYR C 352 9.39 16.89 -19.97
C TYR C 352 9.64 16.47 -21.41
N LYS C 353 9.14 17.26 -22.37
CA LYS C 353 9.43 17.07 -23.79
C LYS C 353 9.51 18.42 -24.52
N LEU C 354 10.71 18.72 -25.02
CA LEU C 354 10.98 19.94 -25.77
C LEU C 354 10.57 19.81 -27.22
N ASN C 355 10.13 20.92 -27.80
CA ASN C 355 9.89 20.98 -29.20
C ASN C 355 9.90 22.41 -29.63
N LEU C 356 10.73 22.71 -30.63
CA LEU C 356 10.89 24.05 -31.13
C LEU C 356 9.50 24.58 -31.48
N VAL C 357 9.33 25.89 -31.51
CA VAL C 357 8.01 26.48 -31.76
C VAL C 357 8.09 27.62 -32.75
N ALA C 358 7.47 27.46 -33.92
CA ALA C 358 7.59 28.46 -34.96
C ALA C 358 8.97 29.14 -34.93
N THR C 359 10.00 28.30 -35.05
CA THR C 359 11.38 28.75 -35.23
C THR C 359 12.11 28.03 -36.37
N PRO C 360 12.00 28.59 -37.59
CA PRO C 360 12.47 28.15 -38.90
C PRO C 360 13.89 27.69 -38.81
N LEU C 361 14.24 26.67 -39.57
CA LEU C 361 15.53 26.03 -39.40
C LEU C 361 16.60 26.43 -40.40
N PHE C 362 16.49 27.65 -40.87
CA PHE C 362 17.39 28.20 -41.85
C PHE C 362 17.80 29.55 -41.37
N LEU C 363 19.10 29.80 -41.39
CA LEU C 363 19.57 31.12 -41.02
C LEU C 363 19.76 31.98 -42.24
N LYS C 364 19.16 33.16 -42.20
CA LYS C 364 19.55 34.27 -43.05
C LYS C 364 20.77 34.84 -42.33
N PRO C 365 21.80 35.31 -43.08
CA PRO C 365 23.00 35.81 -42.41
C PRO C 365 22.93 37.31 -42.12
N GLY C 366 23.73 37.75 -41.17
CA GLY C 366 23.58 39.10 -40.67
C GLY C 366 22.36 39.26 -39.78
N ILE C 367 21.36 38.40 -39.96
CA ILE C 367 20.22 38.47 -39.07
C ILE C 367 20.48 37.56 -37.88
N PRO C 368 19.97 37.93 -36.69
CA PRO C 368 20.28 37.09 -35.54
C PRO C 368 19.27 35.95 -35.51
N TYR C 369 19.74 34.72 -35.34
CA TYR C 369 18.88 33.54 -35.36
C TYR C 369 18.23 33.35 -33.98
N PRO C 370 16.88 33.31 -33.93
CA PRO C 370 15.93 33.03 -32.84
C PRO C 370 15.66 31.54 -32.62
N ILE C 371 15.48 31.05 -31.40
CA ILE C 371 15.25 29.62 -31.20
C ILE C 371 14.26 29.32 -30.07
N LYS C 372 13.01 29.81 -30.10
CA LYS C 372 12.02 29.51 -29.01
C LYS C 372 11.72 28.03 -28.80
N VAL C 373 12.36 27.34 -27.86
CA VAL C 373 11.98 25.95 -27.53
C VAL C 373 10.75 25.93 -26.60
N GLN C 374 10.14 24.77 -26.38
CA GLN C 374 8.89 24.80 -25.61
C GLN C 374 8.67 23.53 -24.78
N VAL C 375 8.70 23.64 -23.46
CA VAL C 375 8.68 22.43 -22.62
C VAL C 375 7.29 21.96 -22.34
N LYS C 376 7.13 20.63 -22.26
CA LYS C 376 5.83 19.99 -22.03
C LYS C 376 6.02 18.80 -21.14
N ASP C 377 4.98 18.43 -20.39
CA ASP C 377 5.08 17.30 -19.49
C ASP C 377 4.52 16.07 -20.11
N SER C 378 4.89 14.96 -19.49
CA SER C 378 4.41 13.66 -19.91
C SER C 378 2.88 13.63 -20.15
N LEU C 379 2.23 14.79 -20.05
CA LEU C 379 0.81 14.92 -20.34
C LEU C 379 0.54 16.00 -21.35
N ASP C 380 1.58 16.39 -22.07
CA ASP C 380 1.44 17.41 -23.09
C ASP C 380 0.70 18.69 -22.68
N GLN C 381 0.77 19.12 -21.42
CA GLN C 381 0.46 20.53 -21.12
C GLN C 381 1.77 21.31 -21.12
N LEU C 382 1.66 22.63 -21.27
CA LEU C 382 2.83 23.46 -21.29
C LEU C 382 3.31 23.54 -19.88
N VAL C 383 4.61 23.59 -19.66
CA VAL C 383 5.10 23.77 -18.30
C VAL C 383 6.18 24.84 -18.24
N GLY C 384 5.91 25.85 -17.43
CA GLY C 384 6.79 27.00 -17.35
C GLY C 384 7.76 26.89 -16.20
N GLY C 385 8.77 27.75 -16.23
CA GLY C 385 9.75 27.82 -15.16
C GLY C 385 10.72 26.66 -15.15
N VAL C 386 10.93 26.04 -16.30
CA VAL C 386 11.97 25.04 -16.40
C VAL C 386 13.18 25.73 -17.00
N PRO C 387 14.35 25.45 -16.45
CA PRO C 387 15.50 26.05 -17.11
C PRO C 387 15.84 25.17 -18.33
N VAL C 388 16.32 25.78 -19.40
CA VAL C 388 16.63 25.06 -20.63
C VAL C 388 17.98 25.50 -21.24
N THR C 389 19.02 24.66 -21.18
CA THR C 389 20.30 25.04 -21.84
C THR C 389 20.31 24.86 -23.39
N LEU C 390 21.11 25.65 -24.09
CA LEU C 390 21.12 25.58 -25.54
C LEU C 390 22.53 25.59 -26.07
N ASN C 391 23.15 24.43 -26.19
CA ASN C 391 24.49 24.35 -26.78
C ASN C 391 24.37 24.32 -28.28
N ALA C 392 25.23 25.06 -28.98
CA ALA C 392 25.12 25.13 -30.45
C ALA C 392 26.47 25.14 -31.09
N GLN C 393 26.54 24.80 -32.37
CA GLN C 393 27.84 24.54 -32.98
C GLN C 393 27.86 24.82 -34.49
N THR C 394 29.00 25.32 -34.95
CA THR C 394 29.01 26.13 -36.15
C THR C 394 30.29 26.01 -37.00
N ILE C 395 30.13 26.01 -38.32
CA ILE C 395 31.29 26.15 -39.18
C ILE C 395 31.16 27.29 -40.17
N ASP C 396 32.32 27.84 -40.53
CA ASP C 396 32.44 29.03 -41.35
C ASP C 396 32.23 28.60 -42.78
N VAL C 397 31.98 29.56 -43.66
CA VAL C 397 32.07 29.24 -45.07
C VAL C 397 33.54 28.95 -45.38
N ASN C 398 34.41 29.50 -44.54
CA ASN C 398 35.84 29.31 -44.61
C ASN C 398 36.24 27.92 -44.12
N GLN C 399 35.23 27.11 -43.82
CA GLN C 399 35.47 25.74 -43.35
C GLN C 399 36.13 25.63 -41.96
N GLU C 400 35.95 26.68 -41.15
CA GLU C 400 36.41 26.71 -39.76
C GLU C 400 35.22 26.45 -38.83
N THR C 401 35.44 25.81 -37.67
CA THR C 401 34.33 25.60 -36.73
C THR C 401 34.34 26.58 -35.59
N SER C 402 33.35 26.40 -34.73
CA SER C 402 33.18 27.21 -33.54
C SER C 402 32.31 26.46 -32.50
N ASP C 403 32.87 26.21 -31.34
CA ASP C 403 32.09 25.62 -30.27
C ASP C 403 31.54 26.67 -29.33
N LEU C 404 30.39 27.21 -29.73
CA LEU C 404 29.65 28.18 -28.95
C LEU C 404 29.70 27.99 -27.43
N ASP C 405 29.45 29.10 -26.75
CA ASP C 405 29.24 29.07 -25.32
C ASP C 405 27.76 28.81 -25.14
N PRO C 406 27.41 28.02 -24.12
CA PRO C 406 26.08 27.47 -23.88
C PRO C 406 25.29 28.50 -23.23
N SER C 407 24.05 28.63 -23.67
CA SER C 407 23.21 29.66 -23.10
C SER C 407 22.16 28.93 -22.31
N LYS C 408 21.53 29.62 -21.37
CA LYS C 408 20.44 29.03 -20.60
C LYS C 408 19.38 30.08 -20.42
N SER C 409 18.14 29.70 -20.60
CA SER C 409 17.07 30.62 -20.28
C SER C 409 16.11 29.78 -19.50
N VAL C 410 14.93 30.34 -19.29
CA VAL C 410 13.94 29.59 -18.60
C VAL C 410 12.59 29.75 -19.24
N THR C 411 11.78 28.72 -19.07
CA THR C 411 10.62 28.55 -19.89
C THR C 411 9.60 29.49 -19.31
N ARG C 412 9.01 30.34 -20.13
CA ARG C 412 8.05 31.33 -19.62
C ARG C 412 6.90 30.67 -18.89
N VAL C 413 6.13 31.44 -18.11
CA VAL C 413 5.09 30.85 -17.28
C VAL C 413 3.76 30.70 -18.00
N ASP C 414 3.41 31.72 -18.77
CA ASP C 414 2.14 31.78 -19.50
C ASP C 414 2.34 31.16 -20.84
N ASP C 415 3.59 30.97 -21.20
CA ASP C 415 3.98 30.75 -22.57
C ASP C 415 4.31 29.28 -22.77
N GLY C 416 4.94 28.70 -21.76
CA GLY C 416 5.56 27.40 -21.85
C GLY C 416 6.83 27.47 -22.67
N VAL C 417 7.18 28.65 -23.17
CA VAL C 417 8.28 28.75 -24.12
C VAL C 417 9.59 29.23 -23.52
N ALA C 418 10.68 28.60 -23.92
CA ALA C 418 11.98 29.09 -23.51
C ALA C 418 12.67 29.65 -24.72
N SER C 419 12.66 30.97 -24.88
CA SER C 419 13.15 31.61 -26.11
C SER C 419 14.65 31.91 -26.12
N PHE C 420 15.37 31.50 -27.16
CA PHE C 420 16.76 31.97 -27.30
C PHE C 420 17.04 32.91 -28.48
N VAL C 421 18.31 33.33 -28.58
CA VAL C 421 18.84 33.97 -29.78
C VAL C 421 20.33 33.97 -29.71
N LEU C 422 20.97 33.59 -30.81
CA LEU C 422 22.41 33.65 -30.92
C LEU C 422 22.69 34.49 -32.12
N ASN C 423 23.75 35.29 -32.02
CA ASN C 423 24.10 36.20 -33.10
C ASN C 423 25.17 35.61 -34.00
N LEU C 424 24.81 35.36 -35.25
CA LEU C 424 25.62 34.50 -36.08
C LEU C 424 26.56 35.20 -37.07
N PRO C 425 27.84 34.84 -36.98
CA PRO C 425 28.85 35.48 -37.80
C PRO C 425 28.48 35.34 -39.25
N SER C 426 28.06 36.42 -39.91
CA SER C 426 27.74 36.38 -41.34
C SER C 426 28.24 35.13 -42.13
N GLY C 427 29.54 34.85 -42.07
CA GLY C 427 30.08 33.67 -42.72
C GLY C 427 29.69 32.31 -42.13
N VAL C 428 28.52 32.25 -41.51
CA VAL C 428 28.07 30.99 -40.95
C VAL C 428 27.19 30.31 -41.97
N THR C 429 26.98 29.01 -41.78
CA THR C 429 26.61 28.10 -42.86
C THR C 429 25.56 27.04 -42.44
N VAL C 430 26.07 26.04 -41.72
CA VAL C 430 25.29 25.12 -40.95
C VAL C 430 25.61 25.48 -39.50
N LEU C 431 24.54 25.66 -38.74
CA LEU C 431 24.52 25.68 -37.28
C LEU C 431 23.87 24.36 -36.78
N GLU C 432 24.52 23.68 -35.86
CA GLU C 432 23.92 22.50 -35.25
C GLU C 432 23.54 22.70 -33.76
N PHE C 433 22.26 22.65 -33.38
CA PHE C 433 21.98 22.78 -31.94
C PHE C 433 21.33 21.62 -31.19
N ASN C 434 21.77 21.44 -29.94
CA ASN C 434 21.14 20.55 -28.95
C ASN C 434 20.50 21.43 -27.89
N VAL C 435 19.42 20.95 -27.29
CA VAL C 435 18.62 21.81 -26.47
C VAL C 435 18.17 20.94 -25.36
N LYS C 436 18.37 21.33 -24.12
CA LYS C 436 17.85 20.49 -23.06
C LYS C 436 17.28 21.23 -21.87
N THR C 437 16.52 20.48 -21.06
CA THR C 437 16.05 20.93 -19.75
C THR C 437 17.14 20.75 -18.71
N ASP C 438 17.27 21.77 -17.87
CA ASP C 438 18.15 21.61 -16.72
C ASP C 438 17.46 21.53 -15.36
N ALA C 439 16.28 20.91 -15.32
CA ALA C 439 15.71 20.44 -14.07
C ALA C 439 16.82 20.18 -13.09
N PRO C 440 16.76 20.86 -11.96
CA PRO C 440 17.86 20.85 -11.00
C PRO C 440 17.75 19.58 -10.21
N ASP C 441 16.53 19.06 -10.16
CA ASP C 441 16.16 17.87 -9.41
C ASP C 441 15.97 16.70 -10.36
N LEU C 442 16.04 16.94 -11.65
CA LEU C 442 16.12 15.81 -12.58
C LEU C 442 17.57 15.35 -12.73
N PRO C 443 17.79 14.04 -12.65
CA PRO C 443 19.13 13.48 -12.80
C PRO C 443 19.52 13.60 -14.26
N GLU C 444 20.81 13.61 -14.56
CA GLU C 444 21.24 14.02 -15.88
C GLU C 444 20.54 13.22 -16.95
N GLU C 445 20.66 11.89 -16.84
CA GLU C 445 20.00 10.92 -17.73
C GLU C 445 18.62 11.35 -18.15
N ASN C 446 17.70 11.31 -17.20
CA ASN C 446 16.30 11.62 -17.44
C ASN C 446 15.96 13.07 -17.76
N GLN C 447 16.97 13.92 -17.93
CA GLN C 447 16.74 15.24 -18.50
C GLN C 447 16.27 15.16 -19.95
N ALA C 448 15.37 16.02 -20.33
CA ALA C 448 14.84 15.94 -21.68
C ALA C 448 15.60 16.72 -22.78
N ARG C 449 15.93 16.05 -23.90
CA ARG C 449 16.72 16.66 -24.97
C ARG C 449 16.26 16.44 -26.42
N GLU C 450 16.69 17.34 -27.29
CA GLU C 450 16.31 17.36 -28.69
C GLU C 450 17.42 18.07 -29.40
N GLY C 451 17.56 17.78 -30.68
CA GLY C 451 18.61 18.38 -31.48
C GLY C 451 18.06 18.79 -32.83
N TYR C 452 18.68 19.80 -33.43
CA TYR C 452 18.18 20.38 -34.66
C TYR C 452 19.38 20.89 -35.50
N ARG C 453 19.16 21.20 -36.80
CA ARG C 453 20.21 21.76 -37.66
C ARG C 453 19.71 22.88 -38.61
N ALA C 454 20.47 23.96 -38.76
CA ALA C 454 19.99 25.09 -39.53
C ALA C 454 20.98 25.47 -40.57
N ILE C 455 20.49 25.96 -41.71
CA ILE C 455 21.34 26.15 -42.91
C ILE C 455 21.02 27.43 -43.67
N ALA C 456 22.04 28.06 -44.22
CA ALA C 456 21.87 29.42 -44.74
C ALA C 456 21.19 29.54 -46.12
N TYR C 457 20.22 30.45 -46.20
CA TYR C 457 19.61 30.87 -47.46
C TYR C 457 20.76 31.36 -48.30
N SER C 458 21.31 30.44 -49.06
CA SER C 458 22.40 30.72 -49.96
C SER C 458 21.84 31.54 -51.15
N SER C 459 22.42 32.72 -51.38
CA SER C 459 22.06 33.54 -52.55
C SER C 459 23.25 34.38 -53.01
N LEU C 460 23.67 34.18 -54.25
CA LEU C 460 24.92 34.75 -54.74
C LEU C 460 24.83 36.26 -54.87
N SER C 461 23.61 36.79 -54.98
CA SER C 461 23.41 38.23 -54.92
C SER C 461 23.78 38.75 -53.55
N GLN C 462 24.20 37.84 -52.68
CA GLN C 462 24.50 38.17 -51.30
C GLN C 462 23.23 38.67 -50.64
N SER C 463 22.13 38.56 -51.39
CA SER C 463 20.85 39.12 -50.99
C SER C 463 20.06 38.10 -50.19
N TYR C 464 19.38 38.52 -49.13
CA TYR C 464 18.48 37.62 -48.42
C TYR C 464 17.25 38.36 -47.98
N LEU C 465 16.36 37.65 -47.29
CA LEU C 465 15.17 38.27 -46.70
C LEU C 465 14.70 37.56 -45.43
N TYR C 466 14.14 38.34 -44.48
CA TYR C 466 13.68 37.86 -43.17
C TYR C 466 12.37 38.52 -42.70
N ILE C 467 11.29 37.75 -42.61
CA ILE C 467 10.07 38.31 -42.03
C ILE C 467 9.58 37.62 -40.76
N ASP C 468 9.01 38.40 -39.86
CA ASP C 468 8.58 37.85 -38.61
C ASP C 468 7.42 38.70 -38.24
N TRP C 469 6.91 38.53 -37.04
CA TRP C 469 5.79 39.29 -36.56
C TRP C 469 5.67 38.94 -35.11
N THR C 470 5.09 39.78 -34.26
CA THR C 470 4.73 39.25 -32.93
C THR C 470 3.30 39.47 -32.47
N ASP C 471 2.90 38.58 -31.56
CA ASP C 471 1.58 38.52 -30.98
C ASP C 471 1.77 37.60 -29.75
N ASN C 472 1.35 38.04 -28.58
CA ASN C 472 1.64 37.31 -27.32
C ASN C 472 0.87 36.00 -27.06
N HIS C 473 -0.14 35.70 -27.86
CA HIS C 473 -0.93 34.47 -27.66
C HIS C 473 -0.79 33.41 -28.75
N LYS C 474 -0.97 32.17 -28.34
CA LYS C 474 -0.64 31.01 -29.15
C LYS C 474 -1.48 30.85 -30.42
N ALA C 475 -2.45 31.73 -30.61
CA ALA C 475 -3.32 31.57 -31.77
C ALA C 475 -3.80 32.92 -32.22
N LEU C 476 -3.74 33.16 -33.52
CA LEU C 476 -4.20 34.43 -34.06
C LEU C 476 -5.68 34.34 -34.21
N LEU C 477 -6.40 35.17 -33.47
CA LEU C 477 -7.85 35.19 -33.59
C LEU C 477 -8.19 35.82 -34.91
N VAL C 478 -9.17 35.22 -35.60
CA VAL C 478 -9.65 35.77 -36.84
C VAL C 478 -10.29 37.08 -36.47
N GLY C 479 -10.17 38.08 -37.34
CA GLY C 479 -10.56 39.42 -36.98
C GLY C 479 -9.36 40.28 -36.59
N GLU C 480 -8.31 39.65 -36.08
CA GLU C 480 -7.10 40.39 -35.69
C GLU C 480 -6.35 40.93 -36.92
N HIS C 481 -5.24 41.61 -36.67
CA HIS C 481 -4.49 42.23 -37.76
C HIS C 481 -3.01 42.00 -37.52
N LEU C 482 -2.40 41.27 -38.45
CA LEU C 482 -1.03 40.81 -38.28
C LEU C 482 0.02 41.82 -38.76
N ASN C 483 0.69 42.46 -37.81
CA ASN C 483 1.80 43.33 -38.19
C ASN C 483 3.07 42.52 -38.30
N ILE C 484 3.60 42.44 -39.51
CA ILE C 484 4.68 41.51 -39.85
C ILE C 484 5.89 42.19 -40.50
N ILE C 485 7.06 41.99 -39.91
CA ILE C 485 8.23 42.83 -40.15
C ILE C 485 9.19 42.39 -41.24
N VAL C 486 9.21 43.16 -42.32
CA VAL C 486 9.95 42.78 -43.51
C VAL C 486 11.33 43.37 -43.45
N THR C 487 12.33 42.58 -43.05
CA THR C 487 13.71 43.05 -43.01
C THR C 487 14.54 42.39 -44.13
N PRO C 488 14.84 43.14 -45.21
CA PRO C 488 15.58 42.69 -46.39
C PRO C 488 17.07 42.60 -46.17
N LYS C 489 17.55 43.04 -45.01
CA LYS C 489 18.96 42.95 -44.62
C LYS C 489 19.86 42.17 -45.58
N SER C 490 21.03 42.75 -45.84
CA SER C 490 22.13 42.13 -46.59
C SER C 490 22.24 42.57 -48.06
N PRO C 491 21.25 42.22 -48.89
CA PRO C 491 21.31 42.55 -50.32
C PRO C 491 22.25 43.69 -50.57
N TYR C 492 23.30 43.36 -51.31
CA TYR C 492 24.32 44.29 -51.56
C TYR C 492 23.62 45.57 -51.80
N ILE C 493 22.38 45.55 -52.29
CA ILE C 493 21.68 46.82 -52.39
C ILE C 493 20.18 46.89 -52.04
N ASP C 494 19.71 48.15 -51.96
CA ASP C 494 18.40 48.58 -51.48
C ASP C 494 17.47 49.05 -52.59
N LYS C 495 17.78 48.74 -53.84
CA LYS C 495 16.97 49.23 -54.97
C LYS C 495 15.63 48.51 -55.11
N ILE C 496 15.04 48.21 -53.96
CA ILE C 496 13.79 47.48 -53.91
C ILE C 496 12.61 48.36 -54.33
N THR C 497 11.84 47.87 -55.28
CA THR C 497 10.65 48.56 -55.74
C THR C 497 9.48 48.28 -54.80
N HIS C 498 8.98 47.05 -54.83
CA HIS C 498 7.83 46.63 -54.05
C HIS C 498 8.13 45.34 -53.28
N TYR C 499 7.57 45.24 -52.07
CA TYR C 499 7.49 43.96 -51.40
C TYR C 499 6.21 43.29 -51.84
N ASN C 500 6.27 41.99 -52.10
CA ASN C 500 5.10 41.21 -52.49
C ASN C 500 4.89 39.96 -51.62
N TYR C 501 3.68 39.79 -51.07
CA TYR C 501 3.40 38.63 -50.28
C TYR C 501 2.46 37.68 -51.00
N LEU C 502 2.10 36.60 -50.32
CA LEU C 502 1.42 35.48 -50.93
C LEU C 502 0.99 34.48 -49.83
N ILE C 503 -0.32 34.38 -49.58
CA ILE C 503 -0.82 33.60 -48.45
C ILE C 503 -1.68 32.41 -48.88
N LEU C 504 -1.22 31.20 -48.54
CA LEU C 504 -1.93 29.95 -48.84
C LEU C 504 -2.69 29.45 -47.62
N SER C 505 -3.57 28.49 -47.82
CA SER C 505 -4.30 27.86 -46.71
C SER C 505 -5.20 26.72 -47.16
N LYS C 506 -4.97 25.56 -46.58
CA LYS C 506 -5.64 24.37 -47.07
C LYS C 506 -5.28 24.28 -48.52
N GLY C 507 -3.97 24.13 -48.76
CA GLY C 507 -3.45 23.82 -50.08
C GLY C 507 -3.64 24.85 -51.19
N LYS C 508 -4.22 26.00 -50.83
CA LYS C 508 -4.61 27.02 -51.81
C LYS C 508 -4.18 28.44 -51.42
N ILE C 509 -3.58 29.13 -52.38
CA ILE C 509 -3.36 30.56 -52.26
C ILE C 509 -4.71 31.27 -52.16
N ILE C 510 -4.83 32.19 -51.22
CA ILE C 510 -6.10 32.89 -51.02
C ILE C 510 -5.95 34.43 -50.97
N HIS C 511 -4.73 34.88 -50.69
CA HIS C 511 -4.45 36.29 -50.70
C HIS C 511 -3.10 36.49 -51.35
N PHE C 512 -2.88 37.70 -51.83
CA PHE C 512 -1.61 38.07 -52.45
C PHE C 512 -1.69 39.56 -52.73
N GLY C 513 -0.55 40.23 -52.73
CA GLY C 513 -0.57 41.67 -52.86
C GLY C 513 0.79 42.36 -52.88
N THR C 514 0.76 43.68 -52.77
CA THR C 514 1.98 44.45 -52.86
C THR C 514 1.96 45.74 -52.04
N ARG C 515 2.99 45.94 -51.24
CA ARG C 515 3.20 47.21 -50.57
C ARG C 515 4.38 47.90 -51.23
N GLU C 516 4.26 49.20 -51.45
CA GLU C 516 5.39 49.94 -51.98
C GLU C 516 6.46 50.02 -50.90
N LYS C 517 7.73 49.89 -51.31
CA LYS C 517 8.83 49.94 -50.36
C LYS C 517 9.18 51.36 -49.95
N PHE C 518 9.33 51.59 -48.64
CA PHE C 518 9.67 52.91 -48.15
C PHE C 518 11.06 53.35 -48.53
N SER C 519 11.11 54.21 -49.55
CA SER C 519 12.32 54.58 -50.25
C SER C 519 13.49 54.75 -49.32
N ASP C 520 13.29 55.54 -48.28
CA ASP C 520 14.31 55.75 -47.28
C ASP C 520 14.67 54.44 -46.58
N ALA C 521 14.10 54.21 -45.40
CA ALA C 521 14.59 53.20 -44.46
C ALA C 521 14.54 51.75 -44.94
N SER C 522 15.22 50.89 -44.18
CA SER C 522 15.30 49.46 -44.44
C SER C 522 13.93 48.76 -44.41
N TYR C 523 13.54 48.32 -43.21
CA TYR C 523 12.36 47.50 -43.03
C TYR C 523 11.10 48.30 -42.85
N GLN C 524 9.99 47.74 -43.32
CA GLN C 524 8.72 48.23 -42.84
C GLN C 524 7.78 47.13 -42.37
N SER C 525 6.53 47.50 -42.09
CA SER C 525 5.55 46.55 -41.63
C SER C 525 4.59 46.32 -42.77
N ILE C 526 4.09 45.08 -42.87
CA ILE C 526 2.98 44.74 -43.78
C ILE C 526 1.81 44.32 -42.91
N ASN C 527 0.69 44.99 -43.05
CA ASN C 527 -0.40 44.63 -42.17
C ASN C 527 -1.52 43.83 -42.81
N ILE C 528 -1.48 42.52 -42.63
CA ILE C 528 -2.50 41.64 -43.15
C ILE C 528 -3.57 41.33 -42.12
N PRO C 529 -4.82 41.67 -42.44
CA PRO C 529 -5.93 41.11 -41.67
C PRO C 529 -5.81 39.58 -41.62
N VAL C 530 -6.16 38.95 -40.50
CA VAL C 530 -6.36 37.52 -40.50
C VAL C 530 -7.81 37.27 -40.93
N THR C 531 -8.02 36.55 -42.03
CA THR C 531 -9.37 36.27 -42.52
C THR C 531 -9.86 34.87 -42.23
N GLN C 532 -11.19 34.76 -42.16
CA GLN C 532 -11.83 33.50 -41.91
C GLN C 532 -11.40 32.42 -42.91
N ASN C 533 -10.86 32.83 -44.05
CA ASN C 533 -10.35 31.85 -45.01
C ASN C 533 -9.04 31.22 -44.58
N MET C 534 -8.38 31.83 -43.61
CA MET C 534 -7.09 31.36 -43.14
C MET C 534 -7.28 30.35 -42.02
N VAL C 535 -8.54 30.08 -41.69
CA VAL C 535 -8.96 29.51 -40.41
C VAL C 535 -8.24 28.33 -39.76
N PRO C 536 -7.83 27.31 -40.51
CA PRO C 536 -7.18 26.32 -39.65
C PRO C 536 -5.74 26.70 -39.39
N SER C 537 -5.11 27.24 -40.43
CA SER C 537 -3.75 27.72 -40.41
C SER C 537 -3.58 28.30 -41.81
N SER C 538 -2.36 28.73 -42.14
CA SER C 538 -2.05 29.29 -43.45
C SER C 538 -0.53 29.37 -43.53
N ARG C 539 0.01 29.66 -44.70
CA ARG C 539 1.38 30.16 -44.73
C ARG C 539 1.43 31.40 -45.57
N LEU C 540 2.39 32.27 -45.24
CA LEU C 540 2.69 33.35 -46.16
C LEU C 540 4.18 33.39 -46.49
N LEU C 541 4.46 33.97 -47.65
CA LEU C 541 5.79 34.06 -48.20
C LEU C 541 5.86 35.43 -48.84
N VAL C 542 7.01 36.05 -48.76
CA VAL C 542 7.15 37.44 -49.12
C VAL C 542 8.41 37.56 -49.92
N TYR C 543 8.33 38.25 -51.05
CA TYR C 543 9.47 38.42 -51.92
C TYR C 543 9.58 39.80 -52.54
N TYR C 544 10.81 40.31 -52.57
CA TYR C 544 11.16 41.46 -53.40
C TYR C 544 11.97 40.95 -54.59
N ILE C 545 11.84 41.63 -55.73
CA ILE C 545 12.58 41.27 -56.93
C ILE C 545 13.81 42.19 -57.08
N VAL C 546 15.00 41.59 -56.94
CA VAL C 546 16.28 42.32 -56.86
C VAL C 546 17.09 42.32 -58.15
N THR C 547 17.33 43.50 -58.71
CA THR C 547 18.08 43.60 -59.96
C THR C 547 19.60 43.61 -59.75
N GLY C 548 20.18 42.45 -59.43
CA GLY C 548 21.62 42.31 -59.50
C GLY C 548 22.02 42.62 -60.92
N GLU C 549 23.18 43.25 -61.12
CA GLU C 549 23.61 43.64 -62.47
C GLU C 549 23.71 42.45 -63.43
N GLN C 550 24.14 41.31 -62.91
CA GLN C 550 24.34 40.11 -63.72
C GLN C 550 23.03 39.43 -64.14
N THR C 551 22.10 39.29 -63.20
CA THR C 551 20.88 38.52 -63.42
C THR C 551 19.79 38.83 -62.38
N ALA C 552 18.54 38.87 -62.82
CA ALA C 552 17.42 39.17 -61.93
C ALA C 552 17.26 38.13 -60.82
N GLU C 553 17.30 38.60 -59.55
CA GLU C 553 17.06 37.75 -58.36
C GLU C 553 15.70 37.89 -57.67
N LEU C 554 14.94 36.80 -57.66
CA LEU C 554 13.80 36.69 -56.78
C LEU C 554 14.38 36.27 -55.46
N VAL C 555 13.82 36.82 -54.40
CA VAL C 555 14.29 36.47 -53.07
C VAL C 555 13.10 36.56 -52.12
N SER C 556 13.01 35.61 -51.20
CA SER C 556 11.89 35.62 -50.29
C SER C 556 12.14 34.69 -49.13
N ASP C 557 11.44 34.95 -48.04
CA ASP C 557 11.36 34.07 -46.88
C ASP C 557 9.87 33.85 -46.65
N SER C 558 9.53 33.00 -45.67
CA SER C 558 8.14 32.59 -45.44
C SER C 558 7.95 32.01 -44.02
N VAL C 559 6.72 32.03 -43.51
CA VAL C 559 6.41 31.65 -42.12
C VAL C 559 5.07 30.91 -41.99
N TRP C 560 5.01 29.88 -41.16
CA TRP C 560 3.77 29.13 -40.99
C TRP C 560 2.90 29.81 -39.96
N LEU C 561 1.65 30.10 -40.29
CA LEU C 561 0.81 30.85 -39.35
C LEU C 561 -0.32 30.06 -38.69
N ASN C 562 -0.09 29.54 -37.48
CA ASN C 562 -1.17 28.78 -36.81
C ASN C 562 -2.24 29.71 -36.29
N ILE C 563 -3.47 29.46 -36.68
CA ILE C 563 -4.49 30.36 -36.23
C ILE C 563 -5.65 29.61 -35.58
N GLU C 564 -6.54 30.39 -34.98
CA GLU C 564 -7.59 29.87 -34.13
C GLU C 564 -8.55 28.95 -34.87
N GLU C 565 -8.89 27.83 -34.25
CA GLU C 565 -9.91 26.96 -34.81
C GLU C 565 -11.31 27.55 -34.73
N LYS C 566 -11.48 28.78 -35.18
CA LYS C 566 -12.80 29.32 -35.38
C LYS C 566 -13.47 28.53 -36.47
N CYS C 567 -14.71 28.09 -36.22
CA CYS C 567 -15.52 27.39 -37.22
C CYS C 567 -15.99 28.35 -38.33
N GLY C 568 -16.67 27.83 -39.34
CA GLY C 568 -17.35 28.68 -40.30
C GLY C 568 -18.81 28.85 -39.91
N ASN C 569 -19.45 27.75 -39.52
CA ASN C 569 -20.83 27.76 -39.00
C ASN C 569 -20.87 27.36 -37.54
N GLN C 570 -20.92 28.33 -36.64
CA GLN C 570 -20.94 27.98 -35.24
C GLN C 570 -22.23 27.21 -34.99
N LEU C 571 -22.12 25.89 -34.91
CA LEU C 571 -23.23 25.09 -34.47
C LEU C 571 -23.10 24.85 -32.99
N GLN C 572 -24.17 25.12 -32.25
CA GLN C 572 -24.14 24.89 -30.82
C GLN C 572 -25.44 24.28 -30.35
N VAL C 573 -25.32 23.11 -29.75
CA VAL C 573 -26.45 22.35 -29.25
C VAL C 573 -26.68 22.54 -27.72
N HIS C 574 -27.94 22.65 -27.29
CA HIS C 574 -28.26 22.82 -25.88
C HIS C 574 -29.50 22.05 -25.42
N LEU C 575 -29.46 21.54 -24.19
CA LEU C 575 -30.62 20.87 -23.60
C LEU C 575 -31.53 21.85 -22.85
N SER C 576 -32.85 21.65 -22.96
CA SER C 576 -33.84 22.59 -22.40
C SER C 576 -33.71 22.78 -20.88
N PRO C 577 -33.94 21.70 -20.12
CA PRO C 577 -33.52 21.82 -18.72
C PRO C 577 -31.99 21.72 -18.66
N ASP C 578 -31.27 22.81 -18.47
CA ASP C 578 -29.81 22.74 -18.52
C ASP C 578 -29.27 21.99 -17.30
N ALA C 579 -30.15 21.44 -16.47
CA ALA C 579 -29.71 20.71 -15.28
C ALA C 579 -28.73 19.58 -15.63
N ASP C 580 -27.82 19.30 -14.69
CA ASP C 580 -26.70 18.40 -14.93
C ASP C 580 -27.02 16.97 -14.55
N ALA C 581 -28.31 16.69 -14.41
CA ALA C 581 -28.77 15.34 -14.15
C ALA C 581 -30.25 15.29 -14.52
N TYR C 582 -30.67 14.20 -15.15
CA TYR C 582 -32.05 14.07 -15.62
C TYR C 582 -32.71 12.81 -15.09
N SER C 583 -34.03 12.86 -15.10
CA SER C 583 -34.85 11.73 -14.70
C SER C 583 -34.96 10.69 -15.82
N PRO C 584 -34.86 9.40 -15.47
CA PRO C 584 -34.90 8.32 -16.45
C PRO C 584 -36.24 8.25 -17.16
N GLY C 585 -36.60 9.25 -17.94
CA GLY C 585 -37.81 9.18 -18.71
C GLY C 585 -38.28 10.56 -19.09
N GLN C 586 -37.59 11.56 -18.57
CA GLN C 586 -37.98 12.94 -18.78
C GLN C 586 -38.13 13.27 -20.25
N THR C 587 -39.24 13.91 -20.57
CA THR C 587 -39.40 14.56 -21.85
C THR C 587 -38.52 15.79 -21.76
N VAL C 588 -37.80 16.11 -22.84
CA VAL C 588 -36.87 17.24 -22.82
C VAL C 588 -36.47 17.73 -24.21
N SER C 589 -36.57 19.03 -24.41
CA SER C 589 -36.33 19.64 -25.71
C SER C 589 -34.85 19.95 -25.95
N LEU C 590 -34.31 19.52 -27.08
CA LEU C 590 -32.93 19.87 -27.48
C LEU C 590 -32.94 20.95 -28.57
N ASN C 591 -32.00 21.89 -28.47
CA ASN C 591 -31.88 23.01 -29.42
C ASN C 591 -30.65 22.95 -30.35
N MET C 592 -30.85 23.25 -31.64
CA MET C 592 -29.73 23.47 -32.55
C MET C 592 -29.47 24.97 -32.70
N ALA C 593 -28.28 25.33 -33.20
CA ALA C 593 -27.89 26.74 -33.34
C ALA C 593 -26.84 26.98 -34.42
N THR C 594 -27.03 28.04 -35.21
CA THR C 594 -26.08 28.41 -36.26
C THR C 594 -26.21 29.86 -36.71
N GLY C 595 -25.08 30.44 -37.09
CA GLY C 595 -25.06 31.79 -37.62
C GLY C 595 -25.43 31.82 -39.08
N MET C 596 -25.66 30.65 -39.64
CA MET C 596 -26.03 30.53 -41.03
C MET C 596 -26.72 29.20 -41.20
N ASP C 597 -27.76 29.18 -42.03
CA ASP C 597 -28.47 27.96 -42.33
C ASP C 597 -27.48 26.81 -42.48
N SER C 598 -27.80 25.65 -41.90
CA SER C 598 -26.84 24.55 -41.89
C SER C 598 -27.43 23.16 -41.72
N TRP C 599 -26.66 22.15 -42.15
CA TRP C 599 -26.96 20.75 -41.84
C TRP C 599 -26.35 20.35 -40.50
N VAL C 600 -27.11 19.59 -39.71
CA VAL C 600 -26.67 19.13 -38.40
C VAL C 600 -26.39 17.66 -38.56
N ALA C 601 -26.11 16.94 -37.48
CA ALA C 601 -26.11 15.48 -37.47
C ALA C 601 -25.91 14.91 -36.07
N LEU C 602 -27.01 14.77 -35.34
CA LEU C 602 -26.96 14.34 -33.94
C LEU C 602 -26.50 12.89 -33.76
N ALA C 603 -26.31 12.52 -32.50
CA ALA C 603 -25.88 11.19 -32.11
C ALA C 603 -25.84 11.24 -30.59
N ALA C 604 -26.14 10.13 -29.96
CA ALA C 604 -26.19 10.09 -28.51
C ALA C 604 -25.59 8.77 -28.10
N VAL C 605 -24.31 8.80 -27.76
CA VAL C 605 -23.59 7.60 -27.41
C VAL C 605 -23.62 7.42 -25.91
N ASP C 606 -23.66 6.18 -25.44
CA ASP C 606 -23.38 5.98 -24.03
C ASP C 606 -21.94 6.42 -23.89
N SER C 607 -21.77 7.61 -23.33
CA SER C 607 -20.45 8.20 -23.15
C SER C 607 -19.39 7.23 -22.59
N ALA C 608 -19.81 6.08 -22.08
CA ALA C 608 -18.88 5.21 -21.35
C ALA C 608 -17.84 4.46 -22.21
N VAL C 609 -18.09 4.33 -23.52
CA VAL C 609 -17.14 3.63 -24.37
C VAL C 609 -15.74 4.23 -24.25
N TYR C 610 -15.58 5.44 -24.77
CA TYR C 610 -14.37 6.22 -24.56
C TYR C 610 -13.95 6.23 -23.06
N GLY C 611 -14.67 7.00 -22.27
CA GLY C 611 -14.54 7.00 -20.83
C GLY C 611 -13.15 7.01 -20.24
N VAL C 612 -12.64 5.83 -19.85
CA VAL C 612 -11.41 5.72 -19.05
C VAL C 612 -10.29 6.57 -19.61
N GLN C 613 -9.89 7.58 -18.84
CA GLN C 613 -9.03 8.65 -19.36
C GLN C 613 -9.27 8.89 -20.85
N ARG C 614 -10.27 9.71 -21.15
CA ARG C 614 -10.50 10.12 -22.52
C ARG C 614 -9.36 11.06 -22.89
N GLY C 615 -8.28 10.48 -23.39
CA GLY C 615 -7.06 11.22 -23.66
C GLY C 615 -7.34 12.62 -24.13
N ALA C 616 -6.66 13.59 -23.53
CA ALA C 616 -6.89 14.99 -23.84
C ALA C 616 -6.96 15.22 -25.35
N LYS C 617 -5.87 14.88 -26.05
CA LYS C 617 -5.78 15.12 -27.50
C LYS C 617 -6.61 16.33 -27.86
N LYS C 618 -7.79 16.08 -28.44
CA LYS C 618 -8.82 17.10 -28.68
C LYS C 618 -10.08 16.46 -29.27
N PRO C 619 -11.23 17.16 -29.18
CA PRO C 619 -12.49 16.71 -29.80
C PRO C 619 -12.65 17.18 -31.27
N LEU C 620 -12.82 18.49 -31.48
CA LEU C 620 -12.96 19.11 -32.82
C LEU C 620 -11.63 19.32 -33.55
N GLU C 621 -10.53 19.23 -32.80
CA GLU C 621 -9.17 19.26 -33.37
C GLU C 621 -8.85 17.89 -33.99
N ARG C 622 -9.53 16.84 -33.53
CA ARG C 622 -9.40 15.52 -34.15
C ARG C 622 -9.56 15.70 -35.66
N VAL C 623 -10.67 16.32 -36.08
CA VAL C 623 -10.89 16.57 -37.50
C VAL C 623 -9.92 17.62 -38.07
N PHE C 624 -9.83 18.78 -37.44
CA PHE C 624 -8.95 19.81 -37.98
C PHE C 624 -7.54 19.29 -38.24
N GLN C 625 -7.04 18.43 -37.37
CA GLN C 625 -5.68 17.93 -37.52
C GLN C 625 -5.57 17.26 -38.87
N PHE C 626 -6.36 16.21 -39.04
CA PHE C 626 -6.47 15.47 -40.29
C PHE C 626 -6.73 16.42 -41.48
N LEU C 627 -7.87 17.07 -41.46
CA LEU C 627 -8.39 17.82 -42.60
C LEU C 627 -7.47 18.93 -43.11
N GLU C 628 -6.27 19.03 -42.55
CA GLU C 628 -5.32 20.02 -43.02
C GLU C 628 -3.96 19.37 -43.18
N LYS C 629 -3.98 18.15 -43.71
CA LYS C 629 -2.77 17.57 -44.25
C LYS C 629 -2.79 17.79 -45.77
N SER C 630 -3.79 18.54 -46.20
CA SER C 630 -3.85 19.05 -47.54
C SER C 630 -2.99 20.29 -47.59
N ASP C 631 -2.35 20.61 -46.47
CA ASP C 631 -1.31 21.65 -46.45
C ASP C 631 -0.11 21.03 -47.15
N LEU C 632 0.08 21.46 -48.40
CA LEU C 632 1.12 20.91 -49.26
C LEU C 632 2.50 21.22 -48.69
N GLY C 633 2.66 22.46 -48.21
CA GLY C 633 3.93 22.95 -47.66
C GLY C 633 4.60 22.13 -46.57
N CYS C 634 5.41 22.78 -45.76
CA CYS C 634 6.14 22.09 -44.70
C CYS C 634 7.03 23.06 -43.93
N GLY C 635 7.37 22.71 -42.69
CA GLY C 635 8.28 23.51 -41.88
C GLY C 635 7.69 24.73 -41.14
N ALA C 636 8.54 25.45 -40.41
CA ALA C 636 8.13 26.62 -39.64
C ALA C 636 8.08 27.78 -40.58
N GLY C 637 8.78 27.60 -41.69
CA GLY C 637 8.78 28.53 -42.79
C GLY C 637 10.13 28.55 -43.47
N GLY C 638 10.26 29.41 -44.47
CA GLY C 638 11.55 29.76 -45.06
C GLY C 638 12.32 28.63 -45.69
N GLY C 639 12.73 28.86 -46.93
CA GLY C 639 13.50 27.88 -47.66
C GLY C 639 15.01 27.94 -47.50
N LEU C 640 15.71 28.01 -48.65
CA LEU C 640 17.14 27.74 -48.75
C LEU C 640 17.67 28.31 -50.08
N ASN C 641 16.75 28.37 -51.04
CA ASN C 641 16.87 29.07 -52.30
C ASN C 641 15.51 29.71 -52.39
N ASN C 642 15.36 30.73 -53.21
CA ASN C 642 14.03 31.29 -53.45
C ASN C 642 13.15 30.17 -53.97
N ALA C 643 13.80 29.17 -54.54
CA ALA C 643 13.10 27.97 -54.89
C ALA C 643 12.61 27.33 -53.60
N ASN C 644 13.50 26.61 -52.93
CA ASN C 644 13.19 25.95 -51.68
C ASN C 644 12.11 26.73 -50.93
N VAL C 645 12.40 27.98 -50.56
CA VAL C 645 11.43 28.87 -49.90
C VAL C 645 10.03 28.73 -50.48
N PHE C 646 9.91 28.90 -51.80
CA PHE C 646 8.65 28.73 -52.49
C PHE C 646 8.17 27.29 -52.39
N HIS C 647 9.11 26.35 -52.43
CA HIS C 647 8.80 24.92 -52.38
C HIS C 647 8.05 24.56 -51.09
N LEU C 648 8.78 24.47 -50.00
CA LEU C 648 8.22 24.25 -48.68
C LEU C 648 6.93 25.06 -48.40
N ALA C 649 6.76 26.18 -49.10
CA ALA C 649 5.53 26.93 -49.01
C ALA C 649 4.36 26.10 -49.48
N GLY C 650 4.64 25.06 -50.26
CA GLY C 650 3.62 24.27 -50.91
C GLY C 650 3.44 24.62 -52.39
N LEU C 651 4.31 25.53 -52.85
CA LEU C 651 4.19 26.08 -54.19
C LEU C 651 5.29 25.63 -55.14
N THR C 652 4.97 25.62 -56.43
CA THR C 652 6.00 25.90 -57.41
C THR C 652 5.49 27.00 -58.35
N PHE C 653 6.41 27.86 -58.77
CA PHE C 653 5.99 29.11 -59.33
C PHE C 653 6.47 29.21 -60.73
N LEU C 654 6.06 30.30 -61.39
CA LEU C 654 6.17 30.44 -62.81
C LEU C 654 6.71 31.79 -63.15
N THR C 655 8.03 31.95 -63.11
CA THR C 655 8.68 33.27 -63.17
C THR C 655 10.03 33.27 -63.89
N ASN C 656 10.06 33.80 -65.10
CA ASN C 656 11.32 33.75 -65.81
C ASN C 656 12.30 34.80 -65.31
N ALA C 657 13.28 34.28 -64.59
CA ALA C 657 14.31 35.04 -63.91
C ALA C 657 15.04 34.03 -63.04
N ASN C 658 14.37 33.62 -61.96
CA ASN C 658 14.89 32.57 -61.11
C ASN C 658 14.40 31.19 -61.49
N ALA C 659 15.26 30.19 -61.31
CA ALA C 659 14.87 28.83 -61.55
C ALA C 659 13.71 28.49 -60.65
N ASP C 660 12.51 28.40 -61.22
CA ASP C 660 11.31 28.05 -60.44
C ASP C 660 11.31 26.58 -59.96
N ASP C 661 12.46 25.94 -60.16
CA ASP C 661 12.64 24.51 -59.98
C ASP C 661 12.22 23.97 -58.61
N SER C 662 12.32 22.65 -58.45
CA SER C 662 11.76 21.95 -57.29
C SER C 662 12.46 20.60 -57.14
N GLN C 663 13.76 20.68 -56.90
CA GLN C 663 14.64 19.51 -56.90
C GLN C 663 13.96 18.15 -56.82
N GLU C 664 13.86 17.51 -57.99
CA GLU C 664 13.40 16.12 -58.18
C GLU C 664 12.33 15.57 -57.23
N ASN C 665 11.34 14.89 -57.80
CA ASN C 665 10.37 14.20 -56.97
C ASN C 665 9.78 15.24 -56.03
N ASP C 666 9.31 14.84 -54.84
CA ASP C 666 8.92 15.84 -53.84
C ASP C 666 8.82 15.41 -52.36
N GLU C 667 9.83 15.78 -51.60
CA GLU C 667 9.74 16.06 -50.17
C GLU C 667 8.64 15.39 -49.35
N PRO C 668 8.77 14.07 -49.06
CA PRO C 668 7.75 13.43 -48.22
C PRO C 668 7.62 14.00 -46.78
N CYS C 669 7.81 15.30 -46.63
CA CYS C 669 7.77 16.01 -45.34
C CYS C 669 6.97 15.29 -44.26
N LYS C 670 7.45 15.40 -43.02
CA LYS C 670 6.86 14.68 -41.90
C LYS C 670 7.20 15.36 -40.57
N GLU C 671 6.26 16.14 -40.05
CA GLU C 671 6.36 16.70 -38.69
C GLU C 671 7.59 17.57 -38.34
N ILE C 672 7.95 18.50 -39.24
CA ILE C 672 8.98 19.54 -38.97
C ILE C 672 8.38 20.94 -38.76
N LEU C 673 7.13 21.11 -39.18
CA LEU C 673 6.50 22.43 -39.10
C LEU C 673 6.49 22.91 -37.68
N LEU C 679 7.08 -21.01 -10.12
CA LEU C 679 6.91 -22.44 -10.35
C LEU C 679 6.26 -22.73 -11.71
N GLN C 680 5.50 -21.75 -12.21
CA GLN C 680 4.97 -21.83 -13.58
C GLN C 680 6.00 -21.29 -14.57
N LYS C 681 7.03 -20.62 -14.04
CA LYS C 681 8.13 -20.10 -14.86
C LYS C 681 9.01 -21.25 -15.33
N LYS C 682 9.04 -22.32 -14.54
CA LYS C 682 9.82 -23.53 -14.82
C LYS C 682 9.31 -24.26 -16.07
N ILE C 683 8.02 -24.08 -16.36
CA ILE C 683 7.47 -24.60 -17.59
C ILE C 683 7.70 -23.57 -18.71
N GLU C 684 7.57 -22.28 -18.38
CA GLU C 684 7.61 -21.20 -19.38
C GLU C 684 8.95 -21.04 -20.08
N GLU C 685 9.96 -21.74 -19.56
CA GLU C 685 11.27 -21.78 -20.20
C GLU C 685 11.25 -22.75 -21.36
N ILE C 686 10.37 -23.74 -21.28
CA ILE C 686 10.23 -24.77 -22.30
C ILE C 686 9.48 -24.30 -23.56
N ALA C 687 9.47 -22.98 -23.78
CA ALA C 687 9.13 -22.40 -25.08
C ALA C 687 10.37 -22.59 -25.95
N ALA C 688 11.36 -23.25 -25.34
CA ALA C 688 12.60 -23.63 -25.98
C ALA C 688 12.37 -24.60 -27.11
N LYS C 689 11.15 -25.12 -27.21
CA LYS C 689 10.79 -25.93 -28.37
C LYS C 689 9.88 -25.17 -29.33
N TYR C 690 10.10 -23.86 -29.44
CA TYR C 690 9.49 -23.09 -30.51
C TYR C 690 10.02 -23.59 -31.87
N LYS C 691 9.11 -23.68 -32.83
CA LYS C 691 9.38 -24.21 -34.16
C LYS C 691 8.07 -24.04 -34.90
N HIS C 692 7.18 -23.30 -34.25
CA HIS C 692 5.85 -22.98 -34.73
C HIS C 692 5.03 -22.47 -33.54
N SER C 693 4.08 -21.58 -33.79
CA SER C 693 3.23 -21.08 -32.72
C SER C 693 2.53 -22.25 -32.05
N VAL C 694 1.84 -23.03 -32.86
CA VAL C 694 0.91 -24.08 -32.42
C VAL C 694 1.54 -25.05 -31.40
N VAL C 695 2.85 -25.16 -31.40
CA VAL C 695 3.50 -25.97 -30.39
C VAL C 695 3.56 -25.19 -29.07
N LYS C 696 3.75 -23.87 -29.16
CA LYS C 696 3.71 -23.06 -27.95
C LYS C 696 2.40 -23.35 -27.23
N LYS C 697 1.30 -23.00 -27.88
CA LYS C 697 -0.03 -23.32 -27.38
C LYS C 697 -0.07 -24.79 -26.95
N CYS C 698 0.60 -25.66 -27.69
CA CYS C 698 0.67 -27.07 -27.35
C CYS C 698 1.17 -27.29 -25.91
N CYS C 699 2.34 -26.77 -25.57
CA CYS C 699 2.81 -26.95 -24.21
C CYS C 699 2.00 -26.12 -23.24
N TYR C 700 1.79 -24.86 -23.61
CA TYR C 700 1.14 -23.89 -22.73
C TYR C 700 -0.17 -24.46 -22.16
N ASP C 701 -1.19 -24.58 -23.01
CA ASP C 701 -2.44 -25.22 -22.61
C ASP C 701 -2.22 -26.72 -22.43
N GLY C 702 -0.99 -27.14 -22.72
CA GLY C 702 -0.57 -28.51 -22.55
C GLY C 702 -0.52 -28.92 -21.09
N ALA C 703 0.08 -28.07 -20.27
CA ALA C 703 0.15 -28.39 -18.87
C ALA C 703 -1.16 -28.05 -18.22
N CYS C 704 -1.86 -27.09 -18.82
CA CYS C 704 -2.90 -26.34 -18.13
C CYS C 704 -3.24 -26.96 -16.79
N VAL C 705 -4.20 -27.90 -16.74
CA VAL C 705 -4.64 -28.45 -15.47
C VAL C 705 -5.61 -29.58 -15.61
N ASN C 706 -5.14 -30.79 -15.85
CA ASN C 706 -6.12 -31.85 -16.06
C ASN C 706 -5.86 -33.13 -15.30
N ASN C 707 -6.56 -33.26 -14.19
CA ASN C 707 -6.31 -34.33 -13.25
C ASN C 707 -7.25 -35.52 -13.37
N ASP C 708 -8.17 -35.47 -14.31
CA ASP C 708 -9.11 -36.58 -14.48
C ASP C 708 -8.64 -37.59 -15.51
N GLU C 709 -7.58 -37.25 -16.22
CA GLU C 709 -6.95 -38.19 -17.13
C GLU C 709 -5.45 -37.99 -17.20
N THR C 710 -4.71 -39.06 -17.53
CA THR C 710 -3.25 -39.03 -17.64
C THR C 710 -2.75 -37.99 -18.63
N CYS C 711 -1.44 -37.77 -18.67
CA CYS C 711 -0.93 -36.89 -19.69
C CYS C 711 -1.15 -37.52 -21.04
N GLU C 712 -0.73 -38.76 -21.21
CA GLU C 712 -0.86 -39.42 -22.50
C GLU C 712 -2.29 -39.85 -22.86
N GLN C 713 -3.23 -39.74 -21.92
CA GLN C 713 -4.66 -39.91 -22.27
C GLN C 713 -5.09 -38.67 -23.02
N ARG C 714 -4.66 -37.53 -22.53
CA ARG C 714 -4.92 -36.27 -23.19
C ARG C 714 -4.19 -36.21 -24.53
N ALA C 715 -2.93 -36.61 -24.55
CA ALA C 715 -2.12 -36.54 -25.76
C ALA C 715 -2.77 -37.36 -26.86
N ALA C 716 -3.43 -38.44 -26.46
CA ALA C 716 -4.14 -39.25 -27.43
C ALA C 716 -5.07 -38.37 -28.27
N ARG C 717 -5.89 -37.60 -27.58
CA ARG C 717 -6.92 -36.78 -28.23
C ARG C 717 -6.32 -35.69 -29.09
N ILE C 718 -5.00 -35.60 -29.13
CA ILE C 718 -4.32 -34.56 -29.88
C ILE C 718 -4.31 -34.90 -31.35
N SER C 719 -4.67 -33.93 -32.17
CA SER C 719 -4.61 -34.13 -33.61
C SER C 719 -3.51 -33.26 -34.22
N LEU C 720 -3.49 -32.00 -33.81
CA LEU C 720 -2.69 -30.96 -34.46
C LEU C 720 -1.36 -31.39 -35.09
N GLY C 721 -0.73 -32.41 -34.54
CA GLY C 721 0.50 -32.92 -35.12
C GLY C 721 1.47 -33.49 -34.11
N PRO C 722 1.86 -34.76 -34.27
CA PRO C 722 2.86 -35.42 -33.43
C PRO C 722 4.10 -34.54 -33.20
N ARG C 723 4.13 -33.40 -33.89
CA ARG C 723 5.18 -32.42 -33.75
C ARG C 723 5.12 -31.77 -32.36
N CYS C 724 3.90 -31.63 -31.82
CA CYS C 724 3.69 -30.96 -30.55
C CYS C 724 3.24 -31.92 -29.43
N ILE C 725 2.95 -33.16 -29.77
CA ILE C 725 2.56 -34.13 -28.76
C ILE C 725 3.59 -34.21 -27.64
N LYS C 726 4.87 -34.12 -28.01
CA LYS C 726 5.96 -34.11 -27.04
C LYS C 726 5.86 -32.83 -26.22
N ALA C 727 5.72 -31.71 -26.91
CA ALA C 727 5.58 -30.43 -26.25
C ALA C 727 4.43 -30.47 -25.25
N PHE C 728 3.49 -31.38 -25.48
CA PHE C 728 2.33 -31.54 -24.61
C PHE C 728 2.64 -32.42 -23.39
N THR C 729 3.06 -33.66 -23.65
CA THR C 729 3.37 -34.62 -22.58
C THR C 729 4.53 -34.13 -21.73
N GLU C 730 5.51 -33.50 -22.38
CA GLU C 730 6.63 -32.95 -21.66
C GLU C 730 6.13 -31.96 -20.62
N CYS C 731 5.70 -30.81 -21.10
CA CYS C 731 5.32 -29.70 -20.23
C CYS C 731 4.23 -30.13 -19.26
N CYS C 732 3.41 -31.12 -19.67
CA CYS C 732 2.32 -31.57 -18.82
C CYS C 732 2.84 -32.27 -17.58
N VAL C 733 3.73 -33.24 -17.79
CA VAL C 733 4.33 -33.97 -16.66
C VAL C 733 5.01 -32.95 -15.76
N VAL C 734 5.85 -32.11 -16.36
CA VAL C 734 6.54 -31.05 -15.61
C VAL C 734 5.60 -30.35 -14.63
N ALA C 735 4.42 -29.97 -15.12
CA ALA C 735 3.47 -29.22 -14.29
C ALA C 735 2.63 -30.14 -13.40
N SER C 736 2.70 -31.45 -13.63
CA SER C 736 1.91 -32.39 -12.84
C SER C 736 2.62 -32.82 -11.56
N GLN C 737 3.92 -33.07 -11.67
CA GLN C 737 4.75 -33.42 -10.52
C GLN C 737 4.88 -32.17 -9.66
N LEU C 738 4.88 -31.02 -10.31
CA LEU C 738 5.02 -29.76 -9.62
C LEU C 738 3.86 -29.50 -8.66
N ARG C 739 2.67 -29.98 -8.99
CA ARG C 739 1.53 -29.69 -8.12
C ARG C 739 1.57 -30.53 -6.85
N ALA C 740 2.46 -31.53 -6.85
CA ALA C 740 2.66 -32.35 -5.66
C ALA C 740 3.53 -31.62 -4.65
N ASN C 741 4.22 -30.58 -5.12
CA ASN C 741 5.25 -29.89 -4.34
C ASN C 741 4.93 -28.47 -3.86
N ILE C 742 4.12 -27.73 -4.61
CA ILE C 742 3.71 -26.40 -4.18
C ILE C 742 2.80 -26.54 -2.97
N SER C 743 2.28 -27.75 -2.79
CA SER C 743 1.30 -28.05 -1.76
C SER C 743 1.35 -29.52 -1.37
N LEU C 749 -6.42 -28.20 4.55
CA LEU C 749 -7.46 -28.08 3.54
C LEU C 749 -7.06 -28.82 2.26
N GLY C 750 -7.92 -28.75 1.25
CA GLY C 750 -7.69 -29.47 0.02
C GLY C 750 -7.77 -28.57 -1.20
N ARG C 751 -7.40 -27.31 -1.02
CA ARG C 751 -7.40 -26.33 -2.12
C ARG C 751 -6.05 -26.23 -2.85
N LEU C 752 -5.98 -26.83 -4.05
CA LEU C 752 -4.84 -26.68 -4.96
C LEU C 752 -5.30 -26.59 -6.43
N HIS C 753 -4.80 -25.60 -7.14
CA HIS C 753 -5.20 -25.31 -8.51
C HIS C 753 -4.06 -24.62 -9.25
N MET C 754 -3.29 -25.38 -10.02
CA MET C 754 -2.20 -24.79 -10.78
C MET C 754 -2.77 -23.78 -11.73
N LYS C 755 -1.89 -23.08 -12.46
CA LYS C 755 -2.31 -22.25 -13.59
C LYS C 755 -1.13 -21.65 -14.34
N THR C 756 -1.43 -21.05 -15.49
CA THR C 756 -0.52 -20.20 -16.24
C THR C 756 -1.36 -19.36 -17.22
N LEU C 757 -1.87 -18.25 -16.73
CA LEU C 757 -2.85 -17.43 -17.45
C LEU C 757 -2.39 -17.04 -18.85
N LEU C 758 -3.35 -16.94 -19.76
CA LEU C 758 -3.16 -16.36 -21.08
C LEU C 758 -4.53 -16.38 -21.73
N PRO C 759 -5.25 -15.25 -21.68
CA PRO C 759 -6.58 -15.13 -22.28
C PRO C 759 -6.60 -15.55 -23.74
N VAL C 760 -5.47 -16.05 -24.24
CA VAL C 760 -5.33 -16.50 -25.63
C VAL C 760 -5.44 -15.33 -26.61
N SER C 761 -5.36 -14.11 -26.07
CA SER C 761 -5.43 -12.89 -26.86
C SER C 761 -6.84 -12.57 -27.36
N LYS C 762 -7.86 -13.04 -26.63
CA LYS C 762 -9.26 -12.79 -27.00
C LYS C 762 -9.80 -11.51 -26.37
N PRO C 763 -10.40 -10.65 -27.20
CA PRO C 763 -11.03 -9.43 -26.70
C PRO C 763 -12.35 -9.72 -25.99
N GLU C 764 -12.31 -9.97 -24.69
CA GLU C 764 -13.53 -10.04 -23.90
C GLU C 764 -13.76 -8.67 -23.29
N ILE C 765 -14.96 -8.43 -22.78
CA ILE C 765 -15.28 -7.09 -22.27
C ILE C 765 -16.48 -7.09 -21.33
N ARG C 766 -16.23 -7.07 -20.02
CA ARG C 766 -17.29 -7.34 -19.04
C ARG C 766 -18.29 -6.20 -18.80
N SER C 767 -18.43 -5.28 -19.74
CA SER C 767 -19.43 -4.23 -19.59
C SER C 767 -20.12 -3.94 -20.91
N TYR C 768 -21.43 -3.82 -20.86
CA TYR C 768 -22.21 -3.62 -22.08
C TYR C 768 -22.33 -2.14 -22.36
N PHE C 769 -22.56 -1.80 -23.63
CA PHE C 769 -22.80 -0.40 -23.99
C PHE C 769 -23.99 -0.34 -24.90
N PRO C 770 -25.06 0.31 -24.44
CA PRO C 770 -26.40 0.44 -25.03
C PRO C 770 -26.40 0.98 -26.45
N GLU C 771 -27.30 0.49 -27.28
CA GLU C 771 -27.43 1.03 -28.63
C GLU C 771 -27.58 2.54 -28.50
N SER C 772 -26.99 3.28 -29.44
CA SER C 772 -27.05 4.76 -29.49
C SER C 772 -28.35 5.28 -30.10
N TRP C 773 -28.54 6.60 -30.07
CA TRP C 773 -29.80 7.22 -30.52
C TRP C 773 -29.70 8.71 -30.85
N LEU C 774 -30.79 9.29 -31.34
CA LEU C 774 -30.76 10.65 -31.88
C LEU C 774 -29.84 10.76 -33.09
N TRP C 775 -29.73 9.64 -33.81
CA TRP C 775 -28.86 9.47 -34.98
C TRP C 775 -29.46 10.08 -36.25
N GLU C 776 -30.36 11.03 -36.07
CA GLU C 776 -31.02 11.74 -37.17
C GLU C 776 -30.22 12.91 -37.75
N VAL C 777 -30.39 13.19 -39.05
CA VAL C 777 -29.92 14.44 -39.64
C VAL C 777 -31.02 15.48 -39.47
N HIS C 778 -30.74 16.75 -39.66
CA HIS C 778 -31.77 17.78 -39.55
C HIS C 778 -31.37 18.99 -40.37
N LEU C 779 -32.37 19.78 -40.77
CA LEU C 779 -32.10 21.05 -41.45
C LEU C 779 -32.35 22.25 -40.56
N VAL C 780 -31.31 22.74 -39.91
CA VAL C 780 -31.49 23.82 -38.96
C VAL C 780 -31.10 25.18 -39.50
N PRO C 781 -32.11 25.99 -39.85
CA PRO C 781 -31.87 27.36 -40.27
C PRO C 781 -31.71 28.21 -39.04
N ARG C 782 -30.48 28.33 -38.53
CA ARG C 782 -30.18 29.19 -37.39
C ARG C 782 -30.91 28.80 -36.10
N ARG C 783 -31.87 27.87 -36.20
CA ARG C 783 -32.66 27.43 -35.04
C ARG C 783 -33.46 26.18 -35.39
N LYS C 784 -33.68 25.35 -34.37
CA LYS C 784 -34.62 24.23 -34.44
C LYS C 784 -34.58 23.52 -33.11
N GLN C 785 -35.75 23.13 -32.62
CA GLN C 785 -35.86 22.54 -31.29
C GLN C 785 -36.75 21.33 -31.38
N LEU C 786 -36.34 20.23 -30.78
CA LEU C 786 -37.05 18.98 -31.04
C LEU C 786 -37.15 18.06 -29.84
N GLN C 787 -38.11 18.35 -28.99
CA GLN C 787 -38.31 17.59 -27.76
C GLN C 787 -38.35 16.06 -27.97
N PHE C 788 -38.22 15.34 -26.86
CA PHE C 788 -38.28 13.89 -26.78
C PHE C 788 -37.91 13.52 -25.33
N ALA C 789 -38.43 12.41 -24.81
CA ALA C 789 -37.98 11.99 -23.48
C ALA C 789 -36.85 10.98 -23.63
N LEU C 790 -35.80 11.12 -22.82
CA LEU C 790 -34.65 10.24 -22.98
C LEU C 790 -34.89 8.87 -22.36
N PRO C 791 -34.13 7.86 -22.82
CA PRO C 791 -34.45 6.44 -22.61
C PRO C 791 -34.37 6.05 -21.15
N ASP C 792 -35.30 5.24 -20.71
CA ASP C 792 -35.23 4.66 -19.38
C ASP C 792 -33.93 3.87 -19.28
N SER C 793 -32.86 4.48 -18.79
CA SER C 793 -31.63 3.74 -18.55
C SER C 793 -30.51 4.53 -17.91
N LEU C 794 -29.88 3.92 -16.91
CA LEU C 794 -28.70 4.46 -16.22
C LEU C 794 -27.56 4.58 -17.22
N THR C 795 -27.45 5.73 -17.89
CA THR C 795 -26.35 5.97 -18.83
C THR C 795 -26.00 7.46 -18.90
N THR C 796 -24.72 7.80 -19.01
CA THR C 796 -24.35 9.19 -19.28
C THR C 796 -24.30 9.43 -20.78
N TRP C 797 -25.40 9.94 -21.31
CA TRP C 797 -25.53 10.12 -22.75
C TRP C 797 -24.68 11.29 -23.18
N GLU C 798 -23.54 11.01 -23.79
CA GLU C 798 -22.84 12.11 -24.44
C GLU C 798 -23.48 12.35 -25.80
N ILE C 799 -24.22 13.43 -25.93
CA ILE C 799 -24.90 13.70 -27.18
C ILE C 799 -24.15 14.73 -28.04
N GLN C 800 -23.28 14.21 -28.90
CA GLN C 800 -22.52 15.02 -29.86
C GLN C 800 -23.38 15.39 -31.07
N GLY C 801 -22.88 16.32 -31.89
CA GLY C 801 -23.64 16.79 -33.04
C GLY C 801 -22.83 17.65 -34.00
N ILE C 802 -22.20 17.02 -34.98
CA ILE C 802 -21.47 17.71 -36.03
C ILE C 802 -22.44 18.42 -36.97
N GLY C 803 -21.95 19.42 -37.69
CA GLY C 803 -22.73 20.05 -38.75
C GLY C 803 -21.93 20.33 -40.01
N ILE C 804 -22.56 20.30 -41.17
CA ILE C 804 -21.87 20.69 -42.38
C ILE C 804 -22.74 21.50 -43.30
N SER C 805 -22.13 22.58 -43.79
CA SER C 805 -22.74 23.52 -44.70
C SER C 805 -21.68 24.19 -45.56
N ASN C 806 -22.06 25.26 -46.24
CA ASN C 806 -21.20 25.83 -47.28
C ASN C 806 -19.92 26.50 -46.74
N THR C 807 -19.76 26.48 -45.43
CA THR C 807 -18.55 26.99 -44.84
C THR C 807 -17.53 25.85 -44.68
N GLY C 808 -18.04 24.63 -44.47
CA GLY C 808 -17.25 23.45 -44.15
C GLY C 808 -17.82 22.56 -43.03
N ILE C 809 -16.96 21.79 -42.38
CA ILE C 809 -17.34 20.91 -41.28
C ILE C 809 -17.06 21.54 -39.91
N CYS C 810 -18.06 21.54 -39.02
CA CYS C 810 -17.91 22.10 -37.65
C CYS C 810 -18.60 21.27 -36.56
N VAL C 811 -17.84 20.36 -35.97
CA VAL C 811 -18.25 19.63 -34.77
C VAL C 811 -18.49 20.60 -33.64
N ALA C 812 -19.57 20.38 -32.89
CA ALA C 812 -19.87 21.28 -31.80
C ALA C 812 -19.41 20.71 -30.49
N ASP C 813 -19.35 21.60 -29.50
CA ASP C 813 -18.98 21.20 -28.17
C ASP C 813 -20.08 20.26 -27.73
N THR C 814 -19.66 19.07 -27.29
CA THR C 814 -20.55 17.98 -26.91
C THR C 814 -21.58 18.46 -25.90
N VAL C 815 -22.49 17.59 -25.49
CA VAL C 815 -23.35 17.92 -24.35
C VAL C 815 -23.79 16.68 -23.57
N LYS C 816 -22.99 16.30 -22.58
CA LYS C 816 -23.29 15.13 -21.74
C LYS C 816 -24.68 15.32 -21.13
N ALA C 817 -25.40 14.23 -20.95
CA ALA C 817 -26.74 14.30 -20.39
C ALA C 817 -27.07 13.03 -19.63
N LYS C 818 -26.29 12.76 -18.58
CA LYS C 818 -26.53 11.58 -17.76
C LYS C 818 -27.93 11.62 -17.20
N VAL C 819 -28.66 10.52 -17.36
CA VAL C 819 -29.93 10.35 -16.70
C VAL C 819 -29.68 9.34 -15.61
N PHE C 820 -30.59 9.32 -14.63
CA PHE C 820 -30.43 8.38 -13.54
C PHE C 820 -31.43 8.57 -12.41
N LYS C 821 -31.95 7.44 -11.89
CA LYS C 821 -32.89 7.44 -10.78
C LYS C 821 -32.16 7.16 -9.47
N ASP C 822 -32.52 7.92 -8.44
CA ASP C 822 -31.79 8.01 -7.16
C ASP C 822 -31.68 6.68 -6.42
N VAL C 823 -32.84 6.13 -6.06
CA VAL C 823 -32.93 4.79 -5.50
C VAL C 823 -33.91 3.95 -6.29
N PHE C 824 -33.51 2.70 -6.55
CA PHE C 824 -34.31 1.79 -7.36
C PHE C 824 -34.00 0.34 -6.99
N LEU C 825 -35.02 -0.52 -7.05
CA LEU C 825 -34.81 -1.93 -6.80
C LEU C 825 -34.85 -2.77 -8.07
N GLU C 826 -34.01 -3.81 -8.07
CA GLU C 826 -34.05 -4.85 -9.09
C GLU C 826 -34.25 -6.19 -8.37
N MET C 827 -35.04 -7.07 -8.99
CA MET C 827 -35.23 -8.41 -8.48
C MET C 827 -34.66 -9.39 -9.47
N ASN C 828 -33.91 -10.37 -9.00
CA ASN C 828 -33.43 -11.40 -9.91
C ASN C 828 -34.36 -12.64 -10.03
N ILE C 829 -35.23 -12.65 -11.05
CA ILE C 829 -36.09 -13.79 -11.33
C ILE C 829 -35.29 -14.76 -12.17
N PRO C 830 -35.56 -16.06 -12.05
CA PRO C 830 -34.86 -17.10 -12.78
C PRO C 830 -35.48 -17.22 -14.13
N TYR C 831 -34.87 -18.01 -15.00
CA TYR C 831 -35.57 -18.34 -16.20
C TYR C 831 -36.79 -19.07 -15.70
N SER C 832 -36.61 -20.29 -15.23
CA SER C 832 -37.79 -21.07 -15.02
C SER C 832 -37.71 -21.84 -13.73
N VAL C 833 -38.89 -22.18 -13.20
CA VAL C 833 -39.05 -22.96 -11.99
C VAL C 833 -40.07 -24.06 -12.21
N VAL C 834 -39.80 -25.25 -11.66
CA VAL C 834 -40.77 -26.34 -11.69
C VAL C 834 -41.91 -26.13 -10.69
N ARG C 835 -43.08 -26.67 -11.01
CA ARG C 835 -44.23 -26.61 -10.11
C ARG C 835 -43.93 -27.32 -8.80
N GLY C 836 -44.20 -26.64 -7.69
CA GLY C 836 -44.02 -27.20 -6.36
C GLY C 836 -42.56 -27.35 -5.92
N GLU C 837 -41.68 -26.57 -6.55
CA GLU C 837 -40.29 -26.40 -6.15
C GLU C 837 -40.37 -25.09 -5.35
N GLN C 838 -39.75 -25.01 -4.17
CA GLN C 838 -39.79 -23.79 -3.35
C GLN C 838 -38.62 -22.85 -3.63
N ILE C 839 -38.91 -21.71 -4.24
CA ILE C 839 -37.86 -20.89 -4.85
C ILE C 839 -37.46 -19.65 -4.03
N GLN C 840 -36.18 -19.30 -4.01
CA GLN C 840 -35.73 -18.09 -3.33
C GLN C 840 -35.44 -16.92 -4.29
N LEU C 841 -36.31 -15.93 -4.24
CA LEU C 841 -36.29 -14.82 -5.19
C LEU C 841 -35.53 -13.60 -4.68
N LYS C 842 -34.26 -13.50 -5.05
CA LYS C 842 -33.44 -12.39 -4.58
C LYS C 842 -33.54 -11.12 -5.41
N GLY C 843 -32.69 -10.17 -5.07
CA GLY C 843 -32.70 -8.83 -5.64
C GLY C 843 -31.88 -7.93 -4.74
N THR C 844 -31.47 -6.78 -5.26
CA THR C 844 -30.73 -5.82 -4.45
C THR C 844 -31.36 -4.41 -4.64
N VAL C 845 -31.39 -3.58 -3.59
CA VAL C 845 -32.07 -2.27 -3.69
C VAL C 845 -31.09 -1.11 -3.68
N TYR C 846 -31.16 -0.27 -4.70
CA TYR C 846 -30.08 0.66 -4.98
C TYR C 846 -30.25 2.04 -4.38
N ASN C 847 -29.33 2.36 -3.47
CA ASN C 847 -29.18 3.70 -2.90
C ASN C 847 -27.99 4.36 -3.56
N TYR C 848 -28.26 5.52 -4.11
CA TYR C 848 -27.27 6.24 -4.87
C TYR C 848 -27.30 7.70 -4.42
N ARG C 849 -28.25 8.00 -3.54
CA ARG C 849 -28.27 9.25 -2.81
C ARG C 849 -27.00 9.27 -1.94
N THR C 850 -26.44 10.45 -1.70
CA THR C 850 -25.18 10.59 -0.97
C THR C 850 -25.29 10.12 0.48
N SER C 851 -26.46 10.32 1.06
CA SER C 851 -26.78 9.81 2.38
C SER C 851 -27.55 8.48 2.29
N GLY C 852 -27.72 7.83 3.44
CA GLY C 852 -28.49 6.59 3.47
C GLY C 852 -29.97 6.89 3.54
N MET C 853 -30.79 5.85 3.60
CA MET C 853 -32.22 6.01 3.83
C MET C 853 -32.97 4.74 4.25
N GLN C 854 -34.25 4.89 4.54
CA GLN C 854 -35.07 3.75 4.91
C GLN C 854 -35.92 3.33 3.73
N PHE C 855 -35.97 2.03 3.47
CA PHE C 855 -36.91 1.46 2.50
C PHE C 855 -37.93 0.50 3.13
N CYS C 856 -38.57 -0.31 2.30
CA CYS C 856 -39.57 -1.28 2.77
C CYS C 856 -40.16 -2.03 1.57
N VAL C 857 -39.46 -3.05 1.08
CA VAL C 857 -39.90 -3.75 -0.13
C VAL C 857 -40.92 -4.83 0.15
N LYS C 858 -42.01 -4.84 -0.60
CA LYS C 858 -43.05 -5.84 -0.41
C LYS C 858 -43.47 -6.47 -1.73
N MET C 859 -43.66 -7.78 -1.71
CA MET C 859 -44.03 -8.56 -2.89
C MET C 859 -45.51 -8.90 -2.94
N SER C 860 -46.08 -8.90 -4.13
CA SER C 860 -47.51 -9.08 -4.30
C SER C 860 -47.98 -10.53 -4.47
N ALA C 861 -48.79 -10.99 -3.51
CA ALA C 861 -49.35 -12.33 -3.54
C ALA C 861 -50.24 -12.56 -4.76
N VAL C 862 -49.71 -13.22 -5.78
CA VAL C 862 -50.50 -13.52 -6.96
C VAL C 862 -51.09 -14.92 -6.91
N GLU C 863 -52.35 -15.04 -7.32
CA GLU C 863 -53.19 -16.20 -7.03
C GLU C 863 -52.48 -17.54 -6.79
N GLY C 864 -51.62 -17.96 -7.71
CA GLY C 864 -51.14 -19.32 -7.72
C GLY C 864 -49.86 -19.56 -6.96
N ILE C 865 -49.45 -18.55 -6.19
CA ILE C 865 -48.14 -18.59 -5.56
C ILE C 865 -48.18 -18.46 -4.05
N CYS C 866 -47.63 -19.45 -3.37
CA CYS C 866 -47.54 -19.46 -1.92
C CYS C 866 -46.54 -18.44 -1.41
N THR C 867 -46.71 -18.06 -0.15
CA THR C 867 -45.88 -17.05 0.47
C THR C 867 -46.14 -16.95 1.96
N SER C 868 -45.28 -16.19 2.63
CA SER C 868 -45.28 -16.09 4.09
C SER C 868 -46.34 -15.14 4.66
N GLU C 869 -46.90 -14.26 3.82
CA GLU C 869 -47.99 -13.38 4.27
C GLU C 869 -49.33 -14.12 4.17
N SER C 870 -50.27 -13.74 5.03
CA SER C 870 -51.56 -14.43 5.11
C SER C 870 -52.30 -14.45 3.77
N LYS C 882 -46.11 -7.45 3.37
CA LYS C 882 -45.86 -6.88 4.70
C LYS C 882 -44.74 -5.83 4.68
N CYS C 883 -44.90 -4.76 5.45
CA CYS C 883 -43.91 -3.66 5.43
C CYS C 883 -42.70 -3.85 6.35
N VAL C 884 -41.79 -4.74 5.94
CA VAL C 884 -40.53 -4.97 6.64
C VAL C 884 -39.53 -3.86 6.32
N ARG C 885 -39.57 -2.75 7.07
CA ARG C 885 -38.77 -1.57 6.71
C ARG C 885 -37.33 -1.61 7.20
N GLN C 886 -36.42 -1.54 6.24
CA GLN C 886 -35.01 -1.71 6.49
C GLN C 886 -34.30 -0.38 6.34
N LYS C 887 -32.97 -0.41 6.39
CA LYS C 887 -32.15 0.79 6.24
C LYS C 887 -31.01 0.55 5.25
N VAL C 888 -30.97 1.34 4.18
CA VAL C 888 -29.89 1.24 3.20
C VAL C 888 -28.81 2.27 3.43
N GLU C 889 -27.62 1.79 3.74
CA GLU C 889 -26.48 2.69 3.90
C GLU C 889 -26.21 3.47 2.60
N GLY C 890 -25.84 4.74 2.73
CA GLY C 890 -25.73 5.65 1.61
C GLY C 890 -24.79 5.18 0.51
N SER C 891 -25.15 5.45 -0.73
CA SER C 891 -24.34 5.09 -1.89
C SER C 891 -24.01 3.61 -1.94
N SER C 892 -24.96 2.78 -1.52
CA SER C 892 -24.77 1.34 -1.44
C SER C 892 -26.05 0.61 -1.83
N SER C 893 -26.23 -0.58 -1.27
CA SER C 893 -27.40 -1.40 -1.57
C SER C 893 -27.65 -2.50 -0.54
N HIS C 894 -28.92 -2.69 -0.20
CA HIS C 894 -29.30 -3.75 0.75
C HIS C 894 -30.00 -4.92 0.09
N LEU C 895 -29.38 -6.09 0.20
CA LEU C 895 -29.97 -7.31 -0.33
C LEU C 895 -31.41 -7.44 0.08
N VAL C 896 -32.20 -8.00 -0.82
CA VAL C 896 -33.57 -8.30 -0.51
C VAL C 896 -33.74 -9.74 -0.92
N THR C 897 -34.75 -10.39 -0.37
CA THR C 897 -35.10 -11.72 -0.80
C THR C 897 -36.53 -12.02 -0.43
N PHE C 898 -37.08 -13.03 -1.08
CA PHE C 898 -38.39 -13.57 -0.78
C PHE C 898 -38.34 -15.04 -1.14
N THR C 899 -39.04 -15.86 -0.38
CA THR C 899 -39.24 -17.23 -0.78
C THR C 899 -40.68 -17.37 -1.28
N VAL C 900 -40.87 -18.10 -2.37
CA VAL C 900 -42.18 -18.40 -3.00
C VAL C 900 -42.23 -19.86 -3.40
N LEU C 901 -43.34 -20.25 -4.01
CA LEU C 901 -43.47 -21.64 -4.43
C LEU C 901 -44.77 -21.87 -5.21
N PRO C 902 -44.65 -21.96 -6.56
CA PRO C 902 -45.84 -21.94 -7.39
C PRO C 902 -46.39 -23.36 -7.54
N LEU C 903 -47.71 -23.48 -7.55
CA LEU C 903 -48.36 -24.77 -7.85
C LEU C 903 -49.03 -24.70 -9.24
N GLU C 904 -49.42 -23.49 -9.61
CA GLU C 904 -50.01 -23.29 -10.90
C GLU C 904 -48.94 -23.07 -11.97
N ILE C 905 -48.95 -23.97 -12.97
CA ILE C 905 -47.94 -24.00 -14.02
C ILE C 905 -48.12 -22.79 -14.90
N GLY C 906 -47.02 -22.37 -15.54
CA GLY C 906 -47.00 -21.26 -16.48
C GLY C 906 -47.27 -19.89 -15.88
N LEU C 907 -48.15 -19.87 -14.88
CA LEU C 907 -48.57 -18.68 -14.15
C LEU C 907 -47.44 -17.72 -13.89
N HIS C 908 -47.72 -16.44 -13.94
CA HIS C 908 -46.64 -15.49 -13.91
C HIS C 908 -47.04 -14.32 -13.06
N ASN C 909 -46.30 -13.23 -13.18
CA ASN C 909 -46.62 -11.96 -12.54
C ASN C 909 -46.45 -11.92 -11.03
N ILE C 910 -45.60 -10.99 -10.59
CA ILE C 910 -45.42 -10.69 -9.20
C ILE C 910 -45.05 -9.19 -9.17
N ASN C 911 -45.88 -8.39 -8.52
CA ASN C 911 -45.60 -6.97 -8.35
C ASN C 911 -44.59 -6.85 -7.20
N PHE C 912 -43.63 -5.94 -7.30
CA PHE C 912 -42.70 -5.66 -6.21
C PHE C 912 -42.78 -4.18 -5.93
N SER C 913 -42.72 -3.81 -4.66
CA SER C 913 -42.89 -2.41 -4.27
C SER C 913 -41.82 -2.03 -3.23
N LEU C 914 -41.42 -0.77 -3.20
CA LEU C 914 -40.64 -0.29 -2.06
C LEU C 914 -41.06 1.11 -1.60
N GLU C 915 -40.75 1.42 -0.34
CA GLU C 915 -41.21 2.68 0.27
C GLU C 915 -40.08 3.50 0.88
N THR C 916 -39.99 4.75 0.43
CA THR C 916 -39.02 5.71 0.93
C THR C 916 -39.75 7.02 1.19
N TRP C 917 -39.28 7.74 2.19
CA TRP C 917 -39.87 9.00 2.63
C TRP C 917 -40.46 9.79 1.46
N PHE C 918 -39.67 9.96 0.41
CA PHE C 918 -40.11 10.73 -0.74
C PHE C 918 -40.34 9.90 -2.00
N GLY C 919 -40.36 8.58 -1.85
CA GLY C 919 -40.59 7.72 -3.00
C GLY C 919 -41.25 6.38 -2.68
N LYS C 920 -42.25 6.03 -3.48
CA LYS C 920 -42.88 4.71 -3.43
C LYS C 920 -43.08 4.19 -4.87
N GLU C 921 -42.37 3.11 -5.18
CA GLU C 921 -42.18 2.70 -6.57
C GLU C 921 -42.59 1.24 -6.77
N ILE C 922 -43.22 0.94 -7.92
CA ILE C 922 -43.65 -0.43 -8.20
C ILE C 922 -43.06 -1.06 -9.47
N LEU C 923 -42.38 -2.18 -9.25
CA LEU C 923 -41.72 -2.95 -10.30
C LEU C 923 -42.47 -4.26 -10.52
N VAL C 924 -42.88 -4.52 -11.76
CA VAL C 924 -43.49 -5.83 -12.10
C VAL C 924 -42.58 -6.78 -12.87
N LYS C 925 -42.80 -8.06 -12.63
CA LYS C 925 -41.90 -9.14 -12.99
C LYS C 925 -42.81 -10.30 -13.36
N THR C 926 -42.34 -11.31 -14.10
CA THR C 926 -43.19 -12.48 -14.44
C THR C 926 -42.47 -13.86 -14.39
N LEU C 927 -43.10 -14.84 -13.77
CA LEU C 927 -42.41 -16.07 -13.36
C LEU C 927 -42.74 -17.32 -14.18
N ARG C 928 -41.82 -17.75 -15.03
CA ARG C 928 -42.00 -18.98 -15.81
C ARG C 928 -42.01 -20.21 -14.89
N VAL C 929 -43.17 -20.88 -14.80
CA VAL C 929 -43.29 -22.13 -14.07
C VAL C 929 -43.51 -23.29 -15.03
N VAL C 930 -42.97 -24.46 -14.71
CA VAL C 930 -42.86 -25.57 -15.66
C VAL C 930 -43.27 -26.90 -15.03
N PRO C 931 -43.29 -27.98 -15.81
CA PRO C 931 -43.38 -29.33 -15.24
C PRO C 931 -42.09 -30.17 -15.35
N GLU C 932 -42.13 -31.45 -15.71
CA GLU C 932 -40.95 -32.34 -15.52
C GLU C 932 -40.72 -33.50 -16.56
N GLY C 933 -39.79 -33.29 -17.53
CA GLY C 933 -39.47 -34.26 -18.61
C GLY C 933 -40.30 -34.20 -19.90
N VAL C 934 -39.83 -33.47 -20.91
CA VAL C 934 -40.74 -32.97 -21.99
C VAL C 934 -40.66 -33.52 -23.42
N LYS C 935 -41.60 -34.39 -23.73
CA LYS C 935 -41.67 -35.01 -25.03
C LYS C 935 -42.79 -34.30 -25.83
N ARG C 936 -42.60 -34.12 -27.14
CA ARG C 936 -43.70 -33.64 -27.97
C ARG C 936 -43.84 -34.55 -29.19
N GLU C 937 -45.07 -35.07 -29.35
CA GLU C 937 -45.43 -36.03 -30.41
C GLU C 937 -46.40 -35.39 -31.41
N SER C 938 -45.91 -35.23 -32.63
CA SER C 938 -46.53 -34.36 -33.62
C SER C 938 -47.09 -35.12 -34.79
N TYR C 939 -46.70 -36.39 -34.90
CA TYR C 939 -46.92 -37.18 -36.12
C TYR C 939 -48.29 -37.01 -36.80
N SER C 940 -49.21 -36.33 -36.11
CA SER C 940 -50.51 -36.06 -36.67
C SER C 940 -50.40 -34.92 -37.68
N GLY C 941 -51.20 -35.04 -38.73
CA GLY C 941 -51.25 -34.09 -39.81
C GLY C 941 -52.15 -34.67 -40.89
N VAL C 942 -52.49 -33.87 -41.91
CA VAL C 942 -53.21 -34.33 -43.10
C VAL C 942 -52.78 -33.55 -44.29
N THR C 943 -53.00 -34.09 -45.48
CA THR C 943 -53.05 -33.16 -46.61
C THR C 943 -54.47 -32.97 -47.09
N LEU C 944 -55.00 -31.76 -46.86
CA LEU C 944 -56.34 -31.46 -47.29
C LEU C 944 -56.29 -31.39 -48.81
N ASP C 945 -57.06 -32.31 -49.43
CA ASP C 945 -57.14 -32.44 -50.90
C ASP C 945 -58.56 -32.64 -51.28
N PRO C 946 -59.24 -31.57 -51.66
CA PRO C 946 -60.69 -31.73 -51.75
C PRO C 946 -61.04 -32.36 -53.09
N ARG C 947 -60.06 -32.23 -53.98
CA ARG C 947 -60.22 -32.45 -55.39
C ARG C 947 -59.46 -33.69 -55.71
N GLY C 948 -59.19 -34.52 -54.71
CA GLY C 948 -58.51 -35.78 -54.94
C GLY C 948 -57.20 -35.82 -55.76
N ILE C 949 -56.73 -34.66 -56.23
CA ILE C 949 -55.48 -34.55 -56.98
C ILE C 949 -54.42 -35.59 -56.67
N TYR C 950 -54.31 -35.94 -55.39
CA TYR C 950 -53.14 -36.63 -54.85
C TYR C 950 -53.33 -38.12 -54.66
N GLY C 951 -54.51 -38.60 -55.01
CA GLY C 951 -54.75 -40.03 -55.07
C GLY C 951 -56.02 -40.44 -54.36
N THR C 952 -56.57 -39.50 -53.59
CA THR C 952 -57.88 -39.67 -52.99
C THR C 952 -58.37 -38.37 -52.39
N ILE C 953 -59.59 -38.40 -51.91
CA ILE C 953 -60.20 -37.18 -51.44
C ILE C 953 -60.08 -37.01 -49.91
N SER C 954 -59.33 -35.98 -49.52
CA SER C 954 -59.07 -35.66 -48.11
C SER C 954 -59.97 -34.51 -47.74
N ARG C 955 -61.11 -34.77 -47.12
CA ARG C 955 -61.89 -33.67 -46.59
C ARG C 955 -62.15 -33.85 -45.11
N ARG C 956 -61.33 -34.68 -44.49
CA ARG C 956 -61.42 -34.88 -43.06
C ARG C 956 -60.26 -35.65 -42.58
N LYS C 957 -59.79 -35.25 -41.40
CA LYS C 957 -58.94 -36.05 -40.53
C LYS C 957 -59.38 -35.70 -39.15
N GLU C 958 -59.50 -36.72 -38.32
CA GLU C 958 -59.74 -36.55 -36.91
C GLU C 958 -58.43 -36.77 -36.16
N PHE C 959 -57.98 -35.78 -35.37
CA PHE C 959 -56.93 -35.99 -34.38
C PHE C 959 -57.64 -36.03 -33.03
N PRO C 960 -57.40 -37.10 -32.24
CA PRO C 960 -58.15 -37.22 -31.00
C PRO C 960 -57.25 -36.97 -29.79
N TYR C 961 -57.79 -37.24 -28.61
CA TYR C 961 -57.00 -37.36 -27.42
C TYR C 961 -56.28 -38.70 -27.36
N ARG C 962 -54.99 -38.65 -27.11
CA ARG C 962 -54.30 -39.83 -26.63
C ARG C 962 -53.38 -39.41 -25.48
N ILE C 963 -53.80 -39.78 -24.27
CA ILE C 963 -53.06 -39.50 -23.06
C ILE C 963 -52.16 -40.67 -22.79
N PRO C 964 -50.86 -40.42 -22.80
CA PRO C 964 -49.82 -41.42 -22.59
C PRO C 964 -49.73 -41.74 -21.11
N LEU C 965 -49.74 -43.00 -20.73
CA LEU C 965 -49.87 -43.30 -19.31
C LEU C 965 -48.63 -42.86 -18.47
N ASP C 966 -47.78 -42.04 -19.09
CA ASP C 966 -46.63 -41.47 -18.39
C ASP C 966 -46.82 -39.98 -18.13
N LEU C 967 -48.01 -39.48 -18.38
CA LEU C 967 -48.27 -38.06 -18.25
C LEU C 967 -48.11 -37.57 -16.82
N VAL C 968 -47.39 -36.46 -16.67
CA VAL C 968 -47.24 -35.81 -15.36
C VAL C 968 -48.58 -35.26 -14.84
N PRO C 969 -49.03 -35.75 -13.69
CA PRO C 969 -50.28 -35.37 -13.03
C PRO C 969 -50.56 -33.87 -13.03
N LYS C 970 -51.85 -33.53 -13.07
CA LYS C 970 -52.33 -32.15 -13.09
C LYS C 970 -51.58 -31.26 -14.04
N THR C 971 -51.34 -31.80 -15.24
CA THR C 971 -50.77 -31.02 -16.34
C THR C 971 -51.53 -31.32 -17.61
N GLU C 972 -52.07 -30.27 -18.21
CA GLU C 972 -52.91 -30.37 -19.39
C GLU C 972 -52.09 -30.72 -20.62
N ILE C 973 -52.74 -31.29 -21.63
CA ILE C 973 -52.06 -31.62 -22.86
C ILE C 973 -52.20 -30.52 -23.86
N LYS C 974 -51.07 -29.88 -24.16
CA LYS C 974 -50.99 -28.82 -25.15
C LYS C 974 -50.81 -29.45 -26.54
N ARG C 975 -51.43 -28.85 -27.55
CA ARG C 975 -51.18 -29.22 -28.94
C ARG C 975 -51.66 -28.13 -29.88
N ILE C 976 -50.86 -27.89 -30.90
CA ILE C 976 -51.10 -26.79 -31.82
C ILE C 976 -51.50 -27.30 -33.18
N LEU C 977 -52.37 -26.54 -33.86
CA LEU C 977 -52.88 -26.86 -35.18
C LEU C 977 -52.43 -25.81 -36.20
N SER C 978 -51.73 -26.21 -37.26
CA SER C 978 -51.22 -25.23 -38.24
C SER C 978 -51.66 -25.49 -39.69
N VAL C 979 -52.81 -24.93 -40.04
CA VAL C 979 -53.47 -25.13 -41.34
C VAL C 979 -53.04 -24.11 -42.41
N LYS C 980 -52.45 -24.54 -43.52
CA LYS C 980 -52.12 -23.56 -44.57
C LYS C 980 -52.23 -24.04 -46.03
N GLY C 981 -52.55 -23.11 -46.91
CA GLY C 981 -52.62 -23.43 -48.31
C GLY C 981 -51.21 -23.62 -48.81
N LEU C 982 -51.06 -24.42 -49.86
CA LEU C 982 -49.78 -24.67 -50.54
C LEU C 982 -48.84 -25.66 -49.86
N LEU C 983 -48.21 -26.50 -50.68
CA LEU C 983 -47.30 -27.52 -50.18
C LEU C 983 -46.10 -26.80 -49.63
N VAL C 984 -45.95 -25.57 -50.08
CA VAL C 984 -44.82 -24.74 -49.72
C VAL C 984 -45.29 -23.61 -48.77
N GLY C 985 -46.37 -23.88 -48.05
CA GLY C 985 -46.96 -22.90 -47.13
C GLY C 985 -46.43 -22.84 -45.70
N GLU C 986 -45.97 -23.94 -45.12
CA GLU C 986 -45.29 -23.81 -43.86
C GLU C 986 -44.07 -23.01 -44.19
N ILE C 987 -43.28 -23.45 -45.17
CA ILE C 987 -42.01 -22.80 -45.41
C ILE C 987 -42.18 -21.36 -45.74
N LEU C 988 -43.40 -20.97 -46.08
CA LEU C 988 -43.66 -19.57 -46.34
C LEU C 988 -44.01 -18.86 -45.06
N SER C 989 -44.91 -19.44 -44.27
CA SER C 989 -45.35 -18.81 -43.01
C SER C 989 -44.15 -18.62 -42.08
N ALA C 990 -43.22 -19.56 -42.13
CA ALA C 990 -42.07 -19.44 -41.27
C ALA C 990 -41.19 -18.23 -41.60
N VAL C 991 -41.15 -17.82 -42.85
CA VAL C 991 -40.26 -16.71 -43.20
C VAL C 991 -41.01 -15.38 -43.24
N LEU C 992 -42.33 -15.44 -43.20
CA LEU C 992 -43.07 -14.21 -43.25
C LEU C 992 -44.08 -14.16 -42.13
N SER C 993 -43.64 -14.43 -40.91
CA SER C 993 -44.51 -14.30 -39.74
C SER C 993 -43.64 -13.93 -38.55
N GLN C 994 -42.38 -14.33 -38.65
CA GLN C 994 -41.36 -13.96 -37.68
C GLN C 994 -40.34 -13.12 -38.42
N GLU C 995 -39.84 -12.06 -37.76
CA GLU C 995 -38.73 -11.28 -38.34
C GLU C 995 -37.42 -11.96 -38.00
N GLY C 996 -36.34 -11.45 -38.59
CA GLY C 996 -35.01 -11.98 -38.31
C GLY C 996 -34.89 -13.47 -38.58
N ILE C 997 -33.91 -13.83 -39.41
CA ILE C 997 -33.70 -15.22 -39.81
C ILE C 997 -33.58 -16.17 -38.61
N ASN C 998 -34.00 -17.41 -38.78
CA ASN C 998 -34.12 -18.36 -37.68
C ASN C 998 -34.00 -19.82 -38.12
N ILE C 999 -33.37 -20.67 -37.29
CA ILE C 999 -33.25 -22.12 -37.53
C ILE C 999 -34.59 -22.85 -37.38
N LEU C 1000 -34.71 -24.00 -38.04
CA LEU C 1000 -36.00 -24.63 -38.15
C LEU C 1000 -36.18 -25.85 -37.24
N THR C 1001 -35.32 -25.93 -36.25
CA THR C 1001 -35.50 -27.00 -35.30
C THR C 1001 -35.14 -26.53 -33.91
N HIS C 1002 -35.03 -27.46 -32.97
CA HIS C 1002 -34.46 -27.10 -31.69
C HIS C 1002 -32.91 -27.22 -31.76
N LEU C 1003 -32.38 -27.57 -32.94
CA LEU C 1003 -30.94 -27.85 -33.08
C LEU C 1003 -29.97 -26.68 -32.80
N PRO C 1004 -29.14 -26.85 -31.75
CA PRO C 1004 -28.10 -26.04 -31.10
C PRO C 1004 -27.09 -25.38 -32.04
N LYS C 1005 -26.79 -24.13 -31.79
CA LYS C 1005 -26.13 -23.31 -32.80
C LYS C 1005 -24.61 -23.49 -33.03
N GLY C 1006 -23.97 -24.49 -32.41
CA GLY C 1006 -22.50 -24.52 -32.44
C GLY C 1006 -21.76 -24.55 -33.77
N SER C 1007 -22.22 -25.45 -34.62
CA SER C 1007 -21.59 -25.70 -35.89
C SER C 1007 -21.62 -24.46 -36.76
N ALA C 1008 -20.78 -24.46 -37.78
CA ALA C 1008 -20.91 -23.53 -38.88
C ALA C 1008 -22.15 -23.92 -39.64
N GLU C 1009 -22.47 -25.21 -39.57
CA GLU C 1009 -23.62 -25.72 -40.28
C GLU C 1009 -24.90 -25.01 -39.79
N ALA C 1010 -24.93 -24.58 -38.54
CA ALA C 1010 -26.17 -24.03 -38.04
C ALA C 1010 -26.30 -22.59 -38.48
N GLU C 1011 -25.16 -22.04 -38.81
CA GLU C 1011 -25.14 -20.65 -39.22
C GLU C 1011 -25.63 -20.63 -40.65
N LEU C 1012 -25.24 -21.65 -41.41
CA LEU C 1012 -25.62 -21.78 -42.81
C LEU C 1012 -27.10 -22.06 -42.96
N MET C 1013 -27.59 -23.05 -42.21
CA MET C 1013 -28.98 -23.46 -42.23
C MET C 1013 -29.97 -22.35 -41.89
N SER C 1014 -29.46 -21.19 -41.50
CA SER C 1014 -30.27 -20.04 -41.15
C SER C 1014 -30.69 -19.28 -42.40
N VAL C 1015 -29.75 -19.13 -43.32
CA VAL C 1015 -30.02 -18.48 -44.56
C VAL C 1015 -31.07 -19.32 -45.35
N VAL C 1016 -31.09 -20.63 -45.13
CA VAL C 1016 -31.91 -21.56 -45.94
C VAL C 1016 -33.36 -21.15 -46.21
N PRO C 1017 -34.24 -21.20 -45.19
CA PRO C 1017 -35.67 -20.94 -45.38
C PRO C 1017 -36.02 -19.59 -45.99
N VAL C 1018 -35.14 -18.62 -45.87
CA VAL C 1018 -35.36 -17.40 -46.62
C VAL C 1018 -35.01 -17.72 -48.07
N PHE C 1019 -33.83 -18.27 -48.30
CA PHE C 1019 -33.42 -18.54 -49.68
C PHE C 1019 -34.50 -19.28 -50.45
N TYR C 1020 -34.93 -20.42 -49.94
CA TYR C 1020 -35.96 -21.16 -50.63
C TYR C 1020 -37.22 -20.33 -50.81
N VAL C 1021 -37.67 -19.64 -49.75
CA VAL C 1021 -38.84 -18.79 -49.90
C VAL C 1021 -38.61 -17.74 -50.97
N PHE C 1022 -37.48 -17.08 -50.92
CA PHE C 1022 -37.23 -16.05 -51.92
C PHE C 1022 -37.13 -16.64 -53.32
N HIS C 1023 -36.67 -17.90 -53.40
CA HIS C 1023 -36.55 -18.58 -54.69
C HIS C 1023 -37.89 -18.97 -55.26
N TYR C 1024 -38.71 -19.61 -54.44
CA TYR C 1024 -40.09 -19.85 -54.82
C TYR C 1024 -40.89 -18.58 -55.05
N LEU C 1025 -40.58 -17.52 -54.32
CA LEU C 1025 -41.37 -16.30 -54.44
C LEU C 1025 -41.10 -15.61 -55.75
N GLU C 1026 -39.82 -15.60 -56.11
CA GLU C 1026 -39.32 -14.84 -57.24
C GLU C 1026 -39.36 -15.70 -58.49
N THR C 1027 -38.85 -16.91 -58.39
CA THR C 1027 -38.73 -17.67 -59.60
C THR C 1027 -40.03 -18.27 -60.05
N GLY C 1028 -41.10 -18.05 -59.31
CA GLY C 1028 -42.40 -18.49 -59.80
C GLY C 1028 -43.35 -17.31 -59.75
N ASN C 1029 -42.83 -16.12 -60.02
CA ASN C 1029 -43.47 -14.90 -59.56
C ASN C 1029 -44.77 -15.17 -58.79
N HIS C 1030 -44.68 -14.93 -57.49
CA HIS C 1030 -45.79 -15.08 -56.57
C HIS C 1030 -45.84 -13.87 -55.61
N TRP C 1031 -44.97 -12.90 -55.90
CA TRP C 1031 -44.89 -11.70 -55.11
C TRP C 1031 -46.25 -11.03 -54.91
N ASN C 1032 -47.22 -11.44 -55.70
CA ASN C 1032 -48.53 -10.86 -55.56
C ASN C 1032 -49.30 -11.52 -54.44
N ILE C 1033 -48.62 -12.35 -53.65
CA ILE C 1033 -49.27 -12.92 -52.48
C ILE C 1033 -49.68 -11.77 -51.61
N PHE C 1034 -48.85 -10.72 -51.64
CA PHE C 1034 -48.85 -9.66 -50.64
C PHE C 1034 -49.91 -8.63 -50.85
N HIS C 1035 -50.72 -8.45 -49.84
CA HIS C 1035 -51.75 -7.46 -49.92
C HIS C 1035 -51.01 -6.15 -49.88
N SER C 1036 -49.90 -6.15 -49.14
CA SER C 1036 -49.04 -4.97 -48.96
C SER C 1036 -48.23 -4.61 -50.21
N ASP C 1037 -47.22 -3.77 -50.03
CA ASP C 1037 -46.35 -3.46 -51.15
C ASP C 1037 -45.34 -4.57 -51.28
N PRO C 1038 -45.31 -5.22 -52.43
CA PRO C 1038 -44.50 -6.41 -52.69
C PRO C 1038 -43.05 -6.06 -52.92
N LEU C 1039 -42.83 -4.91 -53.52
CA LEU C 1039 -41.49 -4.50 -53.91
C LEU C 1039 -40.59 -4.32 -52.68
N ILE C 1040 -41.23 -3.93 -51.59
CA ILE C 1040 -40.56 -3.65 -50.33
C ILE C 1040 -40.53 -4.87 -49.42
N GLU C 1041 -41.50 -5.76 -49.60
CA GLU C 1041 -41.48 -7.05 -48.94
C GLU C 1041 -40.35 -7.86 -49.51
N LYS C 1042 -39.94 -7.50 -50.74
CA LYS C 1042 -38.84 -8.14 -51.41
C LYS C 1042 -37.50 -7.59 -50.95
N GLN C 1043 -37.44 -6.28 -50.67
CA GLN C 1043 -36.23 -5.69 -50.09
C GLN C 1043 -35.87 -6.44 -48.84
N LYS C 1044 -36.89 -6.62 -47.99
CA LYS C 1044 -36.75 -7.25 -46.69
C LYS C 1044 -36.05 -8.59 -46.84
N LEU C 1045 -36.47 -9.39 -47.80
CA LEU C 1045 -35.94 -10.74 -47.93
C LEU C 1045 -34.55 -10.76 -48.49
N LYS C 1046 -34.27 -9.86 -49.44
CA LYS C 1046 -32.91 -9.75 -49.91
C LYS C 1046 -32.05 -9.54 -48.66
N LYS C 1047 -32.46 -8.58 -47.83
CA LYS C 1047 -31.75 -8.27 -46.58
C LYS C 1047 -31.56 -9.50 -45.73
N LYS C 1048 -32.67 -10.03 -45.23
CA LYS C 1048 -32.66 -11.21 -44.36
C LYS C 1048 -31.67 -12.19 -44.91
N LEU C 1049 -31.67 -12.25 -46.24
CA LEU C 1049 -30.82 -13.15 -46.96
C LEU C 1049 -29.35 -12.76 -46.84
N LYS C 1050 -29.07 -11.46 -46.83
CA LYS C 1050 -27.70 -11.02 -46.74
C LYS C 1050 -27.21 -11.11 -45.30
N GLU C 1051 -27.96 -10.51 -44.38
CA GLU C 1051 -27.41 -10.44 -43.06
C GLU C 1051 -27.11 -11.87 -42.68
N GLY C 1052 -27.98 -12.78 -43.11
CA GLY C 1052 -27.81 -14.18 -42.79
C GLY C 1052 -26.63 -14.82 -43.49
N MET C 1053 -26.22 -14.25 -44.60
CA MET C 1053 -25.14 -14.83 -45.37
C MET C 1053 -23.82 -14.57 -44.68
N LEU C 1054 -23.66 -13.35 -44.19
CA LEU C 1054 -22.45 -12.94 -43.48
C LEU C 1054 -22.29 -13.78 -42.21
N SER C 1055 -23.41 -13.99 -41.53
CA SER C 1055 -23.47 -14.79 -40.31
C SER C 1055 -22.41 -15.87 -40.37
N ILE C 1056 -22.18 -16.44 -41.53
CA ILE C 1056 -21.29 -17.60 -41.58
C ILE C 1056 -19.79 -17.23 -41.56
N MET C 1057 -19.49 -16.05 -42.06
CA MET C 1057 -18.10 -15.64 -42.30
C MET C 1057 -17.04 -16.02 -41.24
N SER C 1058 -17.45 -16.00 -39.97
CA SER C 1058 -16.56 -16.28 -38.84
C SER C 1058 -15.91 -17.65 -39.03
N TYR C 1059 -16.68 -18.55 -39.63
CA TYR C 1059 -16.22 -19.88 -39.91
C TYR C 1059 -15.54 -19.93 -41.27
N ARG C 1060 -15.31 -18.80 -41.91
CA ARG C 1060 -14.51 -18.84 -43.14
C ARG C 1060 -13.08 -18.70 -42.75
N ASN C 1061 -12.27 -19.68 -43.14
CA ASN C 1061 -10.85 -19.60 -42.84
C ASN C 1061 -10.08 -18.64 -43.76
N ALA C 1062 -8.76 -18.58 -43.58
CA ALA C 1062 -7.93 -17.63 -44.31
C ALA C 1062 -7.75 -18.04 -45.76
N ASP C 1063 -7.67 -19.34 -46.00
CA ASP C 1063 -7.43 -19.88 -47.32
C ASP C 1063 -8.70 -19.95 -48.17
N TYR C 1064 -9.79 -19.46 -47.60
CA TYR C 1064 -11.09 -19.49 -48.24
C TYR C 1064 -11.81 -20.78 -47.94
N SER C 1065 -11.12 -21.68 -47.25
CA SER C 1065 -11.76 -22.89 -46.78
C SER C 1065 -12.60 -22.58 -45.54
N TYR C 1066 -13.89 -22.94 -45.59
CA TYR C 1066 -14.72 -22.81 -44.41
C TYR C 1066 -14.45 -23.97 -43.49
N SER C 1067 -14.92 -23.86 -42.26
CA SER C 1067 -14.59 -24.86 -41.27
C SER C 1067 -15.72 -25.06 -40.26
N VAL C 1068 -16.03 -26.32 -39.99
CA VAL C 1068 -17.17 -26.69 -39.20
C VAL C 1068 -17.45 -25.79 -37.97
N TRP C 1069 -16.57 -25.77 -36.96
CA TRP C 1069 -16.65 -24.75 -35.88
C TRP C 1069 -15.48 -23.76 -35.90
N LYS C 1070 -15.57 -22.69 -35.10
CA LYS C 1070 -14.59 -21.61 -35.17
C LYS C 1070 -13.16 -21.99 -34.84
N GLY C 1071 -12.29 -21.80 -35.81
CA GLY C 1071 -10.87 -22.03 -35.61
C GLY C 1071 -10.55 -23.48 -35.74
N GLY C 1072 -11.57 -24.26 -36.06
CA GLY C 1072 -11.43 -25.68 -36.31
C GLY C 1072 -10.85 -25.98 -37.67
N SER C 1073 -10.00 -27.00 -37.72
CA SER C 1073 -9.29 -27.32 -38.94
C SER C 1073 -10.29 -27.38 -40.08
N ALA C 1074 -9.85 -26.96 -41.27
CA ALA C 1074 -10.72 -26.85 -42.42
C ALA C 1074 -11.41 -28.16 -42.59
N SER C 1075 -12.72 -28.10 -42.83
CA SER C 1075 -13.44 -29.32 -43.15
C SER C 1075 -13.78 -29.25 -44.60
N THR C 1076 -13.40 -30.30 -45.31
CA THR C 1076 -13.65 -30.44 -46.72
C THR C 1076 -15.14 -30.44 -46.88
N TRP C 1077 -15.83 -30.99 -45.88
CA TRP C 1077 -17.27 -31.17 -45.90
C TRP C 1077 -18.02 -29.84 -45.89
N LEU C 1078 -17.74 -29.04 -44.87
CA LEU C 1078 -18.49 -27.81 -44.68
C LEU C 1078 -18.16 -26.83 -45.78
N THR C 1079 -16.94 -26.89 -46.26
CA THR C 1079 -16.57 -26.07 -47.41
C THR C 1079 -17.51 -26.35 -48.60
N ALA C 1080 -17.75 -27.62 -48.88
CA ALA C 1080 -18.67 -27.96 -49.95
C ALA C 1080 -20.00 -27.31 -49.64
N PHE C 1081 -20.59 -27.74 -48.53
CA PHE C 1081 -21.93 -27.33 -48.11
C PHE C 1081 -22.07 -25.81 -48.09
N ALA C 1082 -20.99 -25.13 -47.77
CA ALA C 1082 -20.99 -23.67 -47.79
C ALA C 1082 -21.11 -23.18 -49.23
N LEU C 1083 -20.21 -23.63 -50.09
CA LEU C 1083 -20.39 -23.51 -51.53
C LEU C 1083 -21.82 -23.80 -51.99
N ARG C 1084 -22.30 -25.02 -51.76
CA ARG C 1084 -23.70 -25.35 -52.05
C ARG C 1084 -24.66 -24.25 -51.66
N VAL C 1085 -24.64 -23.80 -50.40
CA VAL C 1085 -25.64 -22.80 -49.99
C VAL C 1085 -25.36 -21.39 -50.52
N LEU C 1086 -24.09 -21.14 -50.81
CA LEU C 1086 -23.65 -19.87 -51.37
C LEU C 1086 -24.08 -19.81 -52.82
N GLY C 1087 -23.81 -20.91 -53.55
CA GLY C 1087 -24.15 -20.99 -54.96
C GLY C 1087 -25.64 -20.73 -55.09
N GLN C 1088 -26.41 -21.49 -54.33
CA GLN C 1088 -27.82 -21.26 -54.22
C GLN C 1088 -28.22 -19.79 -54.06
N VAL C 1089 -27.61 -19.09 -53.10
CA VAL C 1089 -28.08 -17.73 -52.74
C VAL C 1089 -27.49 -16.67 -53.68
N ASN C 1090 -26.52 -17.09 -54.48
CA ASN C 1090 -25.97 -16.20 -55.47
C ASN C 1090 -26.98 -15.77 -56.54
N LYS C 1091 -27.97 -16.61 -56.80
CA LYS C 1091 -29.00 -16.24 -57.76
C LYS C 1091 -29.49 -14.87 -57.41
N TYR C 1092 -29.85 -14.69 -56.14
CA TYR C 1092 -30.51 -13.48 -55.71
C TYR C 1092 -29.66 -12.49 -54.92
N VAL C 1093 -28.51 -12.93 -54.43
CA VAL C 1093 -27.58 -12.01 -53.80
C VAL C 1093 -26.15 -12.34 -54.24
N GLU C 1094 -25.57 -11.50 -55.11
CA GLU C 1094 -24.31 -11.83 -55.77
C GLU C 1094 -23.30 -12.10 -54.68
N GLN C 1095 -22.55 -13.17 -54.75
CA GLN C 1095 -21.53 -13.39 -53.73
C GLN C 1095 -20.21 -13.09 -54.38
N ASN C 1096 -19.20 -12.82 -53.56
CA ASN C 1096 -17.88 -12.38 -54.02
C ASN C 1096 -17.26 -13.43 -54.92
N GLN C 1097 -16.91 -13.06 -56.15
CA GLN C 1097 -16.42 -14.11 -57.05
C GLN C 1097 -15.11 -14.71 -56.55
N ASN C 1098 -14.09 -13.88 -56.49
CA ASN C 1098 -12.76 -14.27 -55.99
C ASN C 1098 -12.77 -15.22 -54.76
N SER C 1099 -13.53 -14.88 -53.72
CA SER C 1099 -13.74 -15.78 -52.60
C SER C 1099 -14.17 -17.12 -53.16
N ILE C 1100 -15.36 -17.17 -53.75
CA ILE C 1100 -15.95 -18.44 -54.17
C ILE C 1100 -15.02 -19.27 -55.04
N CYS C 1101 -14.16 -18.59 -55.82
CA CYS C 1101 -13.21 -19.29 -56.68
C CYS C 1101 -12.25 -20.11 -55.81
N ASN C 1102 -11.54 -19.41 -54.91
CA ASN C 1102 -10.58 -20.02 -53.99
C ASN C 1102 -11.20 -21.01 -53.03
N SER C 1103 -12.43 -20.74 -52.59
CA SER C 1103 -13.16 -21.69 -51.77
C SER C 1103 -13.30 -22.97 -52.59
N LEU C 1104 -13.73 -22.83 -53.85
CA LEU C 1104 -13.83 -23.95 -54.82
C LEU C 1104 -12.48 -24.57 -55.11
N LEU C 1105 -11.52 -23.72 -55.50
CA LEU C 1105 -10.14 -24.10 -55.84
C LEU C 1105 -9.40 -24.75 -54.68
N TRP C 1106 -10.02 -24.73 -53.51
CA TRP C 1106 -9.41 -25.34 -52.35
C TRP C 1106 -9.70 -26.82 -52.34
N LEU C 1107 -10.97 -27.18 -52.52
CA LEU C 1107 -11.35 -28.58 -52.43
C LEU C 1107 -10.60 -29.33 -53.50
N VAL C 1108 -10.71 -28.83 -54.72
CA VAL C 1108 -10.27 -29.55 -55.90
C VAL C 1108 -8.74 -29.66 -56.04
N GLU C 1109 -7.99 -28.65 -55.61
CA GLU C 1109 -6.53 -28.72 -55.74
C GLU C 1109 -5.85 -29.54 -54.62
N ASN C 1110 -6.49 -29.64 -53.46
CA ASN C 1110 -5.87 -30.33 -52.32
C ASN C 1110 -6.57 -31.63 -51.93
N TYR C 1111 -7.86 -31.73 -52.23
CA TYR C 1111 -8.69 -32.75 -51.60
C TYR C 1111 -9.47 -33.67 -52.56
N GLN C 1112 -8.87 -33.95 -53.70
CA GLN C 1112 -9.43 -34.88 -54.67
C GLN C 1112 -8.35 -35.89 -54.97
N LEU C 1113 -8.61 -37.14 -54.59
CA LEU C 1113 -7.64 -38.20 -54.75
C LEU C 1113 -7.39 -38.52 -56.22
N ASP C 1114 -6.30 -39.25 -56.48
CA ASP C 1114 -5.92 -39.66 -57.83
C ASP C 1114 -6.86 -40.68 -58.39
N ASN C 1115 -8.13 -40.60 -57.99
CA ASN C 1115 -9.19 -41.39 -58.59
C ASN C 1115 -10.37 -40.49 -58.87
N GLY C 1116 -10.28 -39.27 -58.38
CA GLY C 1116 -11.35 -38.31 -58.54
C GLY C 1116 -12.25 -38.18 -57.32
N SER C 1117 -12.11 -39.05 -56.33
CA SER C 1117 -12.90 -38.94 -55.10
C SER C 1117 -12.29 -37.87 -54.17
N PHE C 1118 -13.07 -37.39 -53.19
CA PHE C 1118 -12.60 -36.32 -52.33
C PHE C 1118 -12.28 -36.79 -50.91
N LYS C 1119 -11.14 -36.40 -50.35
CA LYS C 1119 -10.83 -36.75 -48.96
C LYS C 1119 -11.33 -35.69 -48.02
N GLU C 1120 -11.84 -36.10 -46.87
CA GLU C 1120 -12.12 -35.09 -45.85
C GLU C 1120 -10.82 -34.84 -45.11
N ASN C 1121 -10.62 -33.59 -44.70
CA ASN C 1121 -9.42 -33.14 -44.01
C ASN C 1121 -9.48 -33.37 -42.51
N SER C 1122 -10.32 -32.58 -41.82
CA SER C 1122 -10.48 -32.68 -40.37
C SER C 1122 -11.11 -34.00 -39.96
N GLN C 1123 -11.27 -34.18 -38.67
CA GLN C 1123 -11.81 -35.42 -38.15
C GLN C 1123 -13.35 -35.44 -38.16
N TYR C 1124 -13.97 -34.31 -38.51
CA TYR C 1124 -15.42 -34.18 -38.39
C TYR C 1124 -16.13 -35.34 -39.06
N GLN C 1125 -16.81 -36.15 -38.26
CA GLN C 1125 -17.68 -37.18 -38.77
C GLN C 1125 -19.05 -36.57 -38.90
N PRO C 1126 -19.56 -36.48 -40.13
CA PRO C 1126 -20.83 -35.78 -40.27
C PRO C 1126 -21.95 -36.80 -40.12
N ILE C 1127 -21.87 -37.90 -40.86
CA ILE C 1127 -22.79 -39.03 -40.71
C ILE C 1127 -22.07 -40.26 -40.16
N LYS C 1128 -22.85 -41.13 -39.56
CA LYS C 1128 -22.40 -42.49 -39.28
C LYS C 1128 -23.09 -43.35 -40.32
N LEU C 1129 -22.33 -44.02 -41.19
CA LEU C 1129 -22.95 -44.92 -42.16
C LEU C 1129 -22.87 -46.38 -41.66
N GLN C 1130 -23.67 -47.27 -42.23
CA GLN C 1130 -23.58 -48.67 -41.84
C GLN C 1130 -22.48 -49.33 -42.65
N GLY C 1131 -21.99 -50.46 -42.17
CA GLY C 1131 -20.97 -51.18 -42.91
C GLY C 1131 -19.89 -51.79 -42.05
N THR C 1132 -18.99 -52.54 -42.70
CA THR C 1132 -17.84 -53.11 -42.04
C THR C 1132 -16.76 -52.04 -42.01
N LEU C 1133 -15.75 -52.17 -41.17
CA LEU C 1133 -14.75 -51.14 -41.16
C LEU C 1133 -14.25 -50.74 -42.54
N PRO C 1134 -14.14 -51.70 -43.47
CA PRO C 1134 -13.78 -51.49 -44.87
C PRO C 1134 -14.92 -50.89 -45.69
N VAL C 1135 -16.06 -51.58 -45.69
CA VAL C 1135 -17.29 -51.07 -46.33
C VAL C 1135 -17.47 -49.60 -46.02
N GLU C 1136 -17.62 -49.29 -44.73
CA GLU C 1136 -17.78 -47.92 -44.28
C GLU C 1136 -16.88 -46.98 -45.07
N ALA C 1137 -15.57 -47.14 -44.93
CA ALA C 1137 -14.64 -46.24 -45.61
C ALA C 1137 -14.97 -46.12 -47.10
N ARG C 1138 -15.33 -47.24 -47.72
CA ARG C 1138 -15.78 -47.20 -49.09
C ARG C 1138 -16.98 -46.26 -49.14
N GLU C 1139 -18.07 -46.67 -48.51
CA GLU C 1139 -19.30 -45.89 -48.41
C GLU C 1139 -19.02 -44.44 -48.11
N ASN C 1140 -18.37 -44.25 -46.97
CA ASN C 1140 -18.08 -42.92 -46.47
C ASN C 1140 -17.51 -42.08 -47.58
N SER C 1141 -16.58 -42.66 -48.34
CA SER C 1141 -15.95 -41.97 -49.44
C SER C 1141 -16.97 -41.49 -50.49
N LEU C 1142 -17.80 -42.42 -50.97
CA LEU C 1142 -18.87 -42.06 -51.90
C LEU C 1142 -19.51 -40.84 -51.28
N TYR C 1143 -20.03 -41.02 -50.05
CA TYR C 1143 -20.87 -40.00 -49.42
C TYR C 1143 -20.25 -38.61 -49.50
N LEU C 1144 -18.95 -38.51 -49.20
CA LEU C 1144 -18.28 -37.23 -49.35
C LEU C 1144 -18.24 -36.82 -50.82
N THR C 1145 -17.61 -37.64 -51.65
CA THR C 1145 -17.45 -37.28 -53.05
C THR C 1145 -18.81 -36.88 -53.69
N ALA C 1146 -19.88 -37.62 -53.43
CA ALA C 1146 -21.17 -37.19 -53.95
C ALA C 1146 -21.54 -35.78 -53.46
N PHE C 1147 -21.49 -35.62 -52.14
CA PHE C 1147 -21.77 -34.36 -51.43
C PHE C 1147 -20.96 -33.20 -51.96
N THR C 1148 -19.64 -33.35 -51.92
CA THR C 1148 -18.77 -32.30 -52.40
C THR C 1148 -18.99 -32.02 -53.92
N VAL C 1149 -19.55 -32.99 -54.66
CA VAL C 1149 -19.91 -32.66 -56.04
C VAL C 1149 -21.06 -31.65 -55.99
N ILE C 1150 -22.22 -32.06 -55.46
CA ILE C 1150 -23.40 -31.22 -55.32
C ILE C 1150 -23.04 -29.81 -54.93
N GLY C 1151 -22.01 -29.67 -54.12
CA GLY C 1151 -21.54 -28.35 -53.74
C GLY C 1151 -20.88 -27.61 -54.89
N ILE C 1152 -19.83 -28.20 -55.46
CA ILE C 1152 -19.09 -27.56 -56.56
C ILE C 1152 -20.05 -27.34 -57.69
N ARG C 1153 -20.80 -28.39 -57.96
CA ARG C 1153 -21.91 -28.35 -58.86
C ARG C 1153 -22.83 -27.19 -58.55
N LYS C 1154 -23.25 -27.06 -57.29
CA LYS C 1154 -24.30 -26.10 -56.95
C LYS C 1154 -23.88 -24.67 -57.22
N ALA C 1155 -22.57 -24.45 -57.11
CA ALA C 1155 -22.00 -23.11 -57.07
C ALA C 1155 -21.09 -22.88 -58.25
N PHE C 1156 -20.82 -23.92 -59.04
CA PHE C 1156 -19.83 -23.85 -60.12
C PHE C 1156 -20.01 -22.64 -61.01
N ASP C 1157 -21.26 -22.20 -61.11
CA ASP C 1157 -21.59 -21.19 -62.10
C ASP C 1157 -20.97 -19.79 -61.92
N ILE C 1158 -20.46 -19.44 -60.73
CA ILE C 1158 -19.87 -18.12 -60.51
C ILE C 1158 -18.41 -18.19 -60.74
N CYS C 1159 -17.95 -19.39 -61.01
CA CYS C 1159 -16.55 -19.58 -61.28
C CYS C 1159 -16.30 -20.74 -62.24
N PRO C 1160 -17.12 -20.87 -63.30
CA PRO C 1160 -16.72 -21.86 -64.30
C PRO C 1160 -15.24 -21.65 -64.60
N LEU C 1161 -14.46 -22.69 -64.36
CA LEU C 1161 -13.02 -22.53 -64.33
C LEU C 1161 -12.46 -23.79 -64.93
N VAL C 1162 -11.73 -23.67 -66.02
CA VAL C 1162 -11.31 -24.84 -66.74
C VAL C 1162 -10.90 -25.85 -65.70
N LYS C 1163 -9.99 -25.44 -64.83
CA LYS C 1163 -9.35 -26.36 -63.94
C LYS C 1163 -10.34 -27.14 -63.09
N ILE C 1164 -11.46 -26.52 -62.76
CA ILE C 1164 -12.40 -27.17 -61.87
C ILE C 1164 -13.50 -27.89 -62.62
N ASP C 1165 -13.51 -27.76 -63.95
CA ASP C 1165 -14.44 -28.54 -64.78
C ASP C 1165 -13.91 -29.95 -64.91
N THR C 1166 -12.63 -30.03 -65.28
CA THR C 1166 -11.86 -31.26 -65.19
C THR C 1166 -12.14 -31.98 -63.87
N ALA C 1167 -11.86 -31.29 -62.77
CA ALA C 1167 -12.09 -31.86 -61.45
C ALA C 1167 -13.53 -32.39 -61.33
N LEU C 1168 -14.50 -31.57 -61.74
CA LEU C 1168 -15.90 -31.95 -61.60
C LEU C 1168 -16.14 -33.29 -62.27
N ILE C 1169 -15.46 -33.48 -63.38
CA ILE C 1169 -15.60 -34.69 -64.17
C ILE C 1169 -14.90 -35.86 -63.49
N LYS C 1170 -13.59 -35.74 -63.29
CA LYS C 1170 -12.84 -36.76 -62.57
C LYS C 1170 -13.63 -37.21 -61.37
N ALA C 1171 -14.33 -36.26 -60.76
CA ALA C 1171 -15.20 -36.55 -59.64
C ALA C 1171 -16.42 -37.32 -60.12
N ASP C 1172 -17.21 -36.70 -60.99
CA ASP C 1172 -18.39 -37.33 -61.57
C ASP C 1172 -18.08 -38.75 -62.00
N ASN C 1173 -16.89 -38.93 -62.57
CA ASN C 1173 -16.41 -40.21 -63.08
C ASN C 1173 -16.43 -41.26 -61.98
N PHE C 1174 -15.68 -41.01 -60.91
CA PHE C 1174 -15.63 -41.92 -59.77
C PHE C 1174 -17.02 -42.41 -59.37
N LEU C 1175 -17.98 -41.50 -59.32
CA LEU C 1175 -19.32 -41.85 -58.88
C LEU C 1175 -20.03 -42.83 -59.82
N LEU C 1176 -20.05 -42.52 -61.12
CA LEU C 1176 -20.51 -43.47 -62.11
C LEU C 1176 -19.83 -44.81 -61.91
N GLU C 1177 -18.50 -44.74 -61.87
CA GLU C 1177 -17.65 -45.91 -61.83
C GLU C 1177 -17.65 -46.61 -60.48
N ASN C 1178 -18.29 -46.02 -59.45
CA ASN C 1178 -18.18 -46.55 -58.08
C ASN C 1178 -19.43 -46.61 -57.18
N THR C 1179 -20.59 -46.27 -57.72
CA THR C 1179 -21.84 -46.38 -57.01
C THR C 1179 -22.38 -47.80 -57.02
N LEU C 1180 -22.55 -48.32 -58.24
CA LEU C 1180 -23.75 -49.10 -58.57
C LEU C 1180 -24.04 -50.43 -57.93
N PRO C 1181 -22.99 -51.22 -57.61
CA PRO C 1181 -23.23 -52.31 -56.66
C PRO C 1181 -23.55 -51.60 -55.36
N ALA C 1182 -24.78 -51.07 -55.28
CA ALA C 1182 -25.17 -50.09 -54.28
C ALA C 1182 -25.08 -50.67 -52.86
N GLN C 1183 -24.44 -49.92 -51.96
CA GLN C 1183 -24.22 -50.38 -50.59
C GLN C 1183 -25.28 -49.88 -49.62
N SER C 1184 -25.69 -48.63 -49.77
CA SER C 1184 -26.91 -48.14 -49.12
C SER C 1184 -27.80 -47.24 -49.98
N THR C 1185 -29.11 -47.39 -49.82
CA THR C 1185 -30.08 -46.48 -50.43
C THR C 1185 -29.73 -45.01 -50.25
N PHE C 1186 -29.43 -44.62 -49.01
CA PHE C 1186 -28.87 -43.30 -48.71
C PHE C 1186 -27.65 -42.95 -49.57
N THR C 1187 -26.58 -43.74 -49.48
CA THR C 1187 -25.42 -43.55 -50.35
C THR C 1187 -25.86 -43.40 -51.82
N LEU C 1188 -26.70 -44.31 -52.27
CA LEU C 1188 -27.15 -44.35 -53.65
C LEU C 1188 -27.75 -43.02 -54.01
N ALA C 1189 -28.77 -42.67 -53.26
CA ALA C 1189 -29.54 -41.45 -53.51
C ALA C 1189 -28.70 -40.17 -53.68
N ILE C 1190 -27.69 -39.97 -52.83
CA ILE C 1190 -26.84 -38.80 -53.02
C ILE C 1190 -26.10 -39.00 -54.33
N SER C 1191 -25.37 -40.10 -54.42
CA SER C 1191 -24.73 -40.43 -55.68
C SER C 1191 -25.66 -40.07 -56.82
N ALA C 1192 -26.90 -40.56 -56.77
CA ALA C 1192 -27.88 -40.23 -57.79
C ALA C 1192 -28.05 -38.72 -57.94
N TYR C 1193 -28.55 -38.05 -56.89
CA TYR C 1193 -28.86 -36.62 -56.99
C TYR C 1193 -27.63 -35.84 -57.50
N ALA C 1194 -26.43 -36.35 -57.23
CA ALA C 1194 -25.24 -35.59 -57.55
C ALA C 1194 -24.93 -35.62 -59.04
N LEU C 1195 -25.23 -36.76 -59.66
CA LEU C 1195 -25.01 -36.93 -61.08
C LEU C 1195 -26.10 -36.13 -61.75
N SER C 1196 -27.32 -36.40 -61.31
CA SER C 1196 -28.49 -35.61 -61.67
C SER C 1196 -28.13 -34.15 -62.01
N LEU C 1197 -27.09 -33.65 -61.37
CA LEU C 1197 -26.67 -32.28 -61.60
C LEU C 1197 -25.48 -32.19 -62.54
N GLY C 1198 -25.57 -32.87 -63.67
CA GLY C 1198 -24.48 -32.89 -64.60
C GLY C 1198 -24.98 -33.36 -65.94
N ASP C 1199 -24.39 -34.46 -66.43
CA ASP C 1199 -24.96 -35.17 -67.58
C ASP C 1199 -25.93 -36.23 -67.11
N LYS C 1200 -27.21 -36.02 -67.37
CA LYS C 1200 -28.21 -36.95 -66.90
C LYS C 1200 -28.64 -37.87 -68.05
N THR C 1201 -27.67 -38.29 -68.88
CA THR C 1201 -27.97 -39.28 -69.91
C THR C 1201 -26.90 -40.35 -70.03
N HIS C 1202 -25.77 -40.14 -69.37
CA HIS C 1202 -24.80 -41.22 -69.33
C HIS C 1202 -25.60 -42.45 -68.98
N PRO C 1203 -25.41 -43.50 -69.75
CA PRO C 1203 -26.14 -44.77 -69.67
C PRO C 1203 -26.08 -45.25 -68.24
N GLN C 1204 -24.86 -45.25 -67.74
CA GLN C 1204 -24.54 -45.55 -66.36
C GLN C 1204 -25.40 -44.79 -65.33
N PHE C 1205 -25.45 -43.45 -65.42
CA PHE C 1205 -26.37 -42.68 -64.58
C PHE C 1205 -27.75 -43.33 -64.60
N ARG C 1206 -28.30 -43.57 -65.81
CA ARG C 1206 -29.63 -44.17 -65.95
C ARG C 1206 -29.74 -45.54 -65.25
N SER C 1207 -28.60 -46.21 -65.14
CA SER C 1207 -28.48 -47.48 -64.40
C SER C 1207 -28.71 -47.17 -62.93
N ILE C 1208 -27.96 -46.18 -62.43
CA ILE C 1208 -27.99 -45.83 -61.02
C ILE C 1208 -29.39 -45.39 -60.63
N VAL C 1209 -29.97 -44.49 -61.44
CA VAL C 1209 -31.33 -44.07 -61.24
C VAL C 1209 -32.29 -45.25 -61.28
N SER C 1210 -31.95 -46.24 -62.11
CA SER C 1210 -32.65 -47.52 -62.07
C SER C 1210 -32.47 -48.12 -60.68
N ALA C 1211 -31.23 -48.44 -60.34
CA ALA C 1211 -30.91 -48.91 -59.01
C ALA C 1211 -31.84 -48.26 -58.00
N LEU C 1212 -31.67 -46.94 -57.88
CA LEU C 1212 -32.37 -46.17 -56.86
C LEU C 1212 -33.86 -46.41 -56.94
N LYS C 1213 -34.36 -46.33 -58.17
CA LYS C 1213 -35.79 -46.24 -58.37
C LYS C 1213 -36.41 -47.57 -58.05
N ARG C 1214 -35.56 -48.58 -58.09
CA ARG C 1214 -35.98 -49.92 -57.81
C ARG C 1214 -36.01 -50.06 -56.29
N GLU C 1215 -35.22 -49.24 -55.60
CA GLU C 1215 -35.09 -49.43 -54.15
C GLU C 1215 -36.30 -48.97 -53.34
N ALA C 1216 -37.08 -48.07 -53.93
CA ALA C 1216 -38.13 -47.33 -53.24
C ALA C 1216 -39.27 -48.19 -52.67
N LEU C 1217 -40.18 -47.53 -51.93
CA LEU C 1217 -41.36 -48.20 -51.33
C LEU C 1217 -42.62 -47.35 -51.44
N VAL C 1218 -43.78 -47.97 -51.22
CA VAL C 1218 -45.02 -47.33 -51.59
C VAL C 1218 -46.11 -47.69 -50.64
N LYS C 1219 -47.01 -46.75 -50.39
CA LYS C 1219 -48.06 -46.99 -49.44
C LYS C 1219 -49.38 -46.93 -50.21
N GLY C 1220 -50.17 -48.00 -50.05
CA GLY C 1220 -51.49 -48.12 -50.66
C GLY C 1220 -51.44 -48.45 -52.13
N ASN C 1221 -52.47 -49.14 -52.63
CA ASN C 1221 -52.47 -49.48 -54.06
C ASN C 1221 -53.54 -48.77 -54.87
N PRO C 1222 -53.12 -48.00 -55.89
CA PRO C 1222 -51.74 -47.86 -56.38
C PRO C 1222 -50.95 -47.01 -55.41
N PRO C 1223 -49.70 -46.62 -55.77
CA PRO C 1223 -48.99 -45.67 -54.92
C PRO C 1223 -49.88 -44.52 -54.60
N ILE C 1224 -50.11 -44.29 -53.31
CA ILE C 1224 -50.51 -42.97 -52.86
C ILE C 1224 -49.34 -42.24 -52.19
N TYR C 1225 -48.44 -43.03 -51.59
CA TYR C 1225 -47.21 -42.54 -50.98
C TYR C 1225 -46.06 -43.32 -51.48
N ARG C 1226 -44.96 -42.66 -51.76
CA ARG C 1226 -43.69 -43.32 -52.01
C ARG C 1226 -42.67 -42.66 -51.11
N PHE C 1227 -41.59 -43.37 -50.75
CA PHE C 1227 -40.41 -42.80 -50.07
C PHE C 1227 -39.38 -43.90 -50.06
N TRP C 1228 -38.12 -43.56 -49.82
CA TRP C 1228 -37.11 -44.62 -49.56
C TRP C 1228 -36.69 -44.78 -48.07
N LYS C 1229 -36.21 -45.96 -47.73
CA LYS C 1229 -35.76 -46.25 -46.40
C LYS C 1229 -34.25 -46.20 -46.49
N ASP C 1230 -33.56 -45.96 -45.38
CA ASP C 1230 -32.10 -45.77 -45.38
C ASP C 1230 -31.28 -46.99 -45.78
N ASN C 1231 -31.54 -48.11 -45.12
CA ASN C 1231 -31.04 -49.43 -45.50
C ASN C 1231 -30.98 -49.62 -47.01
N LEU C 1232 -30.64 -50.82 -47.46
CA LEU C 1232 -30.66 -51.16 -48.87
C LEU C 1232 -31.07 -52.61 -49.07
N GLN C 1233 -32.30 -52.83 -49.55
CA GLN C 1233 -32.85 -54.18 -49.79
C GLN C 1233 -32.63 -55.25 -48.69
N HIS C 1234 -32.25 -54.81 -47.47
CA HIS C 1234 -32.09 -55.69 -46.31
C HIS C 1234 -33.39 -55.77 -45.55
N LYS C 1235 -34.36 -55.05 -46.09
CA LYS C 1235 -35.77 -55.25 -45.81
C LYS C 1235 -36.10 -55.86 -44.45
N ASP C 1236 -35.54 -55.32 -43.37
CA ASP C 1236 -36.05 -55.70 -42.06
C ASP C 1236 -37.47 -55.13 -42.00
N SER C 1237 -37.71 -54.11 -42.82
CA SER C 1237 -39.03 -53.51 -43.02
C SER C 1237 -39.58 -52.77 -41.80
N SER C 1238 -38.74 -52.60 -40.79
CA SER C 1238 -39.11 -51.74 -39.67
C SER C 1238 -39.12 -50.29 -40.13
N VAL C 1239 -40.23 -49.86 -40.71
CA VAL C 1239 -40.47 -48.46 -41.01
C VAL C 1239 -41.40 -47.94 -39.92
N PRO C 1240 -41.15 -48.39 -38.67
CA PRO C 1240 -42.13 -48.52 -37.58
C PRO C 1240 -43.04 -47.31 -37.44
N ASN C 1241 -43.93 -47.11 -38.40
CA ASN C 1241 -44.86 -46.00 -38.32
C ASN C 1241 -44.11 -44.72 -37.99
N THR C 1242 -42.86 -44.61 -38.40
CA THR C 1242 -42.07 -43.44 -38.01
C THR C 1242 -40.97 -43.03 -38.97
N GLY C 1243 -41.00 -41.75 -39.30
CA GLY C 1243 -40.02 -41.14 -40.17
C GLY C 1243 -38.71 -40.89 -39.45
N THR C 1244 -37.79 -40.18 -40.10
CA THR C 1244 -36.43 -40.20 -39.66
C THR C 1244 -35.62 -39.21 -40.42
N ALA C 1245 -34.74 -38.50 -39.72
CA ALA C 1245 -33.78 -37.59 -40.35
C ALA C 1245 -33.18 -38.13 -41.64
N ARG C 1246 -32.68 -39.38 -41.61
CA ARG C 1246 -32.06 -40.02 -42.79
C ARG C 1246 -33.09 -40.55 -43.77
N MET C 1247 -34.18 -41.09 -43.25
CA MET C 1247 -35.30 -41.42 -44.11
C MET C 1247 -35.67 -40.25 -44.99
N VAL C 1248 -36.16 -39.18 -44.37
CA VAL C 1248 -36.52 -37.95 -45.10
C VAL C 1248 -35.33 -37.45 -45.92
N GLU C 1249 -34.12 -37.74 -45.48
CA GLU C 1249 -33.01 -37.30 -46.27
C GLU C 1249 -32.97 -38.03 -47.58
N THR C 1250 -32.90 -39.36 -47.52
CA THR C 1250 -32.70 -40.14 -48.75
C THR C 1250 -33.84 -39.89 -49.75
N THR C 1251 -35.06 -39.97 -49.25
CA THR C 1251 -36.19 -39.76 -50.14
C THR C 1251 -36.15 -38.36 -50.76
N ALA C 1252 -35.63 -37.37 -50.04
CA ALA C 1252 -35.42 -36.09 -50.68
C ALA C 1252 -34.37 -36.23 -51.80
N TYR C 1253 -33.33 -37.02 -51.58
CA TYR C 1253 -32.36 -37.26 -52.65
C TYR C 1253 -32.95 -37.94 -53.89
N ALA C 1254 -33.80 -38.95 -53.70
CA ALA C 1254 -34.60 -39.49 -54.79
C ALA C 1254 -35.48 -38.40 -55.41
N LEU C 1255 -36.42 -37.90 -54.62
CA LEU C 1255 -37.28 -36.79 -55.07
C LEU C 1255 -36.55 -35.68 -55.81
N LEU C 1256 -35.32 -35.41 -55.40
CA LEU C 1256 -34.58 -34.31 -55.98
C LEU C 1256 -33.98 -34.73 -57.31
N THR C 1257 -33.47 -35.98 -57.36
CA THR C 1257 -32.97 -36.59 -58.61
C THR C 1257 -34.11 -36.61 -59.62
N SER C 1258 -35.16 -37.34 -59.29
CA SER C 1258 -36.38 -37.29 -60.08
C SER C 1258 -36.84 -35.88 -60.50
N LEU C 1259 -37.06 -34.97 -59.54
CA LEU C 1259 -37.50 -33.62 -59.88
C LEU C 1259 -36.63 -33.00 -60.97
N ASN C 1260 -35.38 -33.46 -61.03
CA ASN C 1260 -34.46 -33.01 -62.05
C ASN C 1260 -34.85 -33.53 -63.44
N LEU C 1261 -35.11 -34.84 -63.49
CA LEU C 1261 -35.49 -35.51 -64.73
C LEU C 1261 -36.99 -35.32 -65.05
N LYS C 1262 -37.53 -34.16 -64.69
CA LYS C 1262 -38.95 -33.84 -64.80
C LYS C 1262 -39.85 -35.06 -64.72
N ASP C 1263 -39.45 -35.98 -63.85
CA ASP C 1263 -40.08 -37.28 -63.67
C ASP C 1263 -41.48 -37.17 -63.10
N ILE C 1264 -42.10 -36.03 -63.34
CA ILE C 1264 -43.34 -35.59 -62.70
C ILE C 1264 -44.34 -36.53 -62.05
N ASN C 1265 -44.85 -37.51 -62.77
CA ASN C 1265 -45.80 -38.40 -62.12
C ASN C 1265 -45.20 -39.20 -61.00
N TYR C 1266 -43.98 -39.72 -61.20
CA TYR C 1266 -43.32 -40.61 -60.24
C TYR C 1266 -43.41 -40.00 -58.88
N VAL C 1267 -43.16 -38.69 -58.92
CA VAL C 1267 -42.75 -37.86 -57.81
C VAL C 1267 -43.93 -37.47 -56.97
N ASN C 1268 -45.09 -37.30 -57.56
CA ASN C 1268 -46.26 -36.93 -56.77
C ASN C 1268 -46.35 -37.58 -55.39
N PRO C 1269 -46.52 -38.91 -55.30
CA PRO C 1269 -46.71 -39.62 -54.01
C PRO C 1269 -45.50 -39.46 -53.11
N VAL C 1270 -44.36 -39.20 -53.72
CA VAL C 1270 -43.22 -38.77 -52.98
C VAL C 1270 -43.53 -37.47 -52.23
N ILE C 1271 -43.85 -36.39 -52.93
CA ILE C 1271 -44.15 -35.19 -52.18
C ILE C 1271 -45.42 -35.34 -51.35
N LYS C 1272 -46.37 -36.19 -51.71
CA LYS C 1272 -47.51 -36.30 -50.81
C LYS C 1272 -46.99 -36.66 -49.39
N TRP C 1273 -45.91 -37.44 -49.35
CA TRP C 1273 -45.33 -37.95 -48.10
C TRP C 1273 -44.36 -36.97 -47.43
N LEU C 1274 -43.56 -36.21 -48.19
CA LEU C 1274 -42.90 -35.08 -47.55
C LEU C 1274 -43.89 -34.04 -46.97
N SER C 1275 -44.71 -33.42 -47.79
CA SER C 1275 -45.67 -32.41 -47.32
C SER C 1275 -46.65 -32.95 -46.29
N GLU C 1276 -46.24 -34.00 -45.59
CA GLU C 1276 -47.04 -34.68 -44.57
C GLU C 1276 -46.08 -35.34 -43.63
N GLU C 1277 -44.81 -34.95 -43.75
CA GLU C 1277 -43.73 -35.45 -42.93
C GLU C 1277 -43.16 -34.31 -42.11
N GLN C 1278 -42.64 -33.32 -42.83
CA GLN C 1278 -42.23 -32.03 -42.27
C GLN C 1278 -43.24 -31.62 -41.17
N ARG C 1279 -42.73 -31.02 -40.10
CA ARG C 1279 -43.53 -30.77 -38.90
C ARG C 1279 -43.95 -29.35 -38.94
N TYR C 1280 -44.86 -28.94 -38.08
CA TYR C 1280 -45.27 -27.54 -38.01
C TYR C 1280 -44.10 -26.51 -38.03
N GLY C 1281 -44.13 -25.52 -38.91
CA GLY C 1281 -42.97 -24.65 -39.03
C GLY C 1281 -41.89 -25.01 -40.05
N GLY C 1282 -41.25 -26.18 -39.97
CA GLY C 1282 -40.26 -26.58 -40.98
C GLY C 1282 -39.83 -28.05 -40.86
N GLY C 1283 -38.75 -28.42 -41.55
CA GLY C 1283 -38.42 -29.83 -41.76
C GLY C 1283 -38.20 -30.92 -40.69
N PHE C 1284 -38.78 -30.70 -39.52
CA PHE C 1284 -38.43 -31.43 -38.28
C PHE C 1284 -37.13 -32.25 -38.19
N TYR C 1285 -36.96 -33.30 -38.98
CA TYR C 1285 -35.84 -34.15 -38.65
C TYR C 1285 -34.53 -33.42 -38.92
N SER C 1286 -33.76 -33.11 -37.88
CA SER C 1286 -32.42 -32.54 -38.08
C SER C 1286 -32.29 -31.47 -39.19
N THR C 1287 -31.10 -31.35 -39.78
CA THR C 1287 -30.80 -30.24 -40.65
C THR C 1287 -30.75 -30.73 -42.07
N GLN C 1288 -29.78 -31.61 -42.29
CA GLN C 1288 -29.34 -32.00 -43.62
C GLN C 1288 -30.46 -32.48 -44.51
N ASP C 1289 -31.38 -33.28 -43.96
CA ASP C 1289 -32.54 -33.63 -44.75
C ASP C 1289 -33.31 -32.33 -44.99
N THR C 1290 -33.61 -31.62 -43.91
CA THR C 1290 -34.50 -30.48 -44.03
C THR C 1290 -34.13 -29.48 -45.13
N ILE C 1291 -32.85 -29.37 -45.49
CA ILE C 1291 -32.55 -28.46 -46.58
C ILE C 1291 -32.99 -29.07 -47.89
N ASN C 1292 -32.76 -30.37 -48.02
CA ASN C 1292 -33.06 -31.08 -49.26
C ASN C 1292 -34.54 -31.17 -49.43
N ALA C 1293 -35.20 -31.79 -48.48
CA ALA C 1293 -36.64 -31.84 -48.49
C ALA C 1293 -37.27 -30.46 -48.71
N ILE C 1294 -36.69 -29.41 -48.13
CA ILE C 1294 -37.25 -28.10 -48.45
C ILE C 1294 -37.03 -27.78 -49.93
N GLU C 1295 -35.79 -27.90 -50.38
CA GLU C 1295 -35.51 -27.63 -51.77
C GLU C 1295 -36.49 -28.39 -52.61
N GLY C 1296 -36.59 -29.69 -52.37
CA GLY C 1296 -37.59 -30.50 -53.05
C GLY C 1296 -38.97 -29.87 -53.08
N LEU C 1297 -39.67 -29.93 -51.96
CA LEU C 1297 -40.91 -29.20 -51.83
C LEU C 1297 -41.01 -27.87 -52.60
N THR C 1298 -39.93 -27.10 -52.65
CA THR C 1298 -40.03 -25.79 -53.30
C THR C 1298 -40.04 -26.08 -54.76
N GLU C 1299 -38.91 -26.67 -55.18
CA GLU C 1299 -38.54 -26.88 -56.57
C GLU C 1299 -39.64 -27.59 -57.39
N TYR C 1300 -40.32 -28.54 -56.75
CA TYR C 1300 -41.51 -29.17 -57.29
C TYR C 1300 -42.73 -28.27 -57.38
N SER C 1301 -42.92 -27.34 -56.46
CA SER C 1301 -44.15 -26.53 -56.50
C SER C 1301 -43.92 -25.49 -57.55
N LEU C 1302 -42.65 -25.43 -57.92
CA LEU C 1302 -42.15 -24.66 -59.05
C LEU C 1302 -42.32 -25.37 -60.37
N LEU C 1303 -41.85 -26.63 -60.44
CA LEU C 1303 -42.01 -27.51 -61.62
C LEU C 1303 -43.46 -27.88 -61.99
N VAL C 1304 -44.28 -28.25 -61.03
CA VAL C 1304 -45.72 -28.50 -61.25
C VAL C 1304 -46.52 -27.21 -61.07
N LYS C 1305 -47.60 -26.97 -61.80
CA LYS C 1305 -48.31 -25.70 -61.56
C LYS C 1305 -49.00 -25.55 -60.20
N GLN C 1306 -49.17 -24.31 -59.72
CA GLN C 1306 -49.86 -24.09 -58.43
C GLN C 1306 -51.32 -24.48 -58.59
N LEU C 1307 -52.15 -24.35 -57.57
CA LEU C 1307 -53.58 -24.54 -57.79
C LEU C 1307 -54.44 -23.66 -56.90
N ARG C 1308 -54.89 -22.57 -57.48
CA ARG C 1308 -55.80 -21.63 -56.85
C ARG C 1308 -56.54 -22.24 -55.66
N LEU C 1309 -56.14 -21.81 -54.47
CA LEU C 1309 -56.77 -22.22 -53.21
C LEU C 1309 -58.19 -21.69 -53.01
N SER C 1310 -59.08 -22.56 -52.60
CA SER C 1310 -60.41 -22.11 -52.24
C SER C 1310 -61.21 -23.17 -51.53
N MET C 1311 -60.57 -23.79 -50.55
CA MET C 1311 -61.29 -24.51 -49.51
C MET C 1311 -62.08 -23.62 -48.57
N ASP C 1312 -62.65 -24.27 -47.56
CA ASP C 1312 -63.59 -23.66 -46.63
C ASP C 1312 -63.48 -24.42 -45.32
N ILE C 1313 -62.28 -24.37 -44.77
CA ILE C 1313 -61.90 -25.27 -43.70
C ILE C 1313 -62.69 -25.07 -42.45
N ASP C 1314 -62.74 -26.10 -41.65
CA ASP C 1314 -63.47 -26.00 -40.41
C ASP C 1314 -62.84 -26.89 -39.40
N VAL C 1315 -62.22 -26.25 -38.42
CA VAL C 1315 -61.63 -26.96 -37.31
C VAL C 1315 -62.68 -26.99 -36.21
N SER C 1316 -62.83 -28.12 -35.51
CA SER C 1316 -63.98 -28.33 -34.63
C SER C 1316 -63.83 -29.50 -33.65
N TYR C 1317 -64.36 -29.34 -32.43
CA TYR C 1317 -64.23 -30.39 -31.44
C TYR C 1317 -65.30 -31.44 -31.64
N LYS C 1318 -64.91 -32.71 -31.62
CA LYS C 1318 -65.87 -33.80 -31.80
C LYS C 1318 -67.15 -33.69 -30.96
N HIS C 1319 -67.05 -33.37 -29.67
CA HIS C 1319 -68.24 -33.21 -28.83
C HIS C 1319 -68.51 -31.77 -28.39
N LYS C 1320 -67.46 -31.03 -28.05
CA LYS C 1320 -67.62 -29.61 -27.74
C LYS C 1320 -68.08 -28.81 -28.95
N GLY C 1321 -68.80 -27.72 -28.69
CA GLY C 1321 -69.23 -26.82 -29.75
C GLY C 1321 -68.13 -26.52 -30.75
N ALA C 1322 -68.51 -26.03 -31.91
CA ALA C 1322 -67.56 -25.75 -32.97
C ALA C 1322 -66.51 -24.73 -32.52
N LEU C 1323 -65.26 -25.04 -32.80
CA LEU C 1323 -64.24 -24.03 -32.76
C LEU C 1323 -64.22 -23.39 -34.14
N HIS C 1324 -63.21 -22.59 -34.44
CA HIS C 1324 -63.18 -21.78 -35.66
C HIS C 1324 -63.23 -22.55 -37.00
N ASN C 1325 -63.56 -21.83 -38.06
CA ASN C 1325 -63.72 -22.41 -39.40
C ASN C 1325 -63.73 -21.31 -40.44
N TYR C 1326 -62.76 -21.36 -41.34
CA TYR C 1326 -62.53 -20.20 -42.20
C TYR C 1326 -62.33 -20.46 -43.67
N LYS C 1327 -62.94 -19.60 -44.48
CA LYS C 1327 -62.73 -19.59 -45.91
C LYS C 1327 -61.27 -19.29 -46.26
N MET C 1328 -60.56 -20.32 -46.75
CA MET C 1328 -59.18 -20.24 -47.27
C MET C 1328 -59.18 -19.82 -48.73
N THR C 1329 -58.19 -19.03 -49.14
CA THR C 1329 -58.15 -18.41 -50.47
C THR C 1329 -56.74 -17.96 -50.78
N ASP C 1330 -56.46 -17.51 -51.99
CA ASP C 1330 -55.08 -17.11 -52.18
C ASP C 1330 -54.81 -15.79 -51.44
N LYS C 1331 -55.84 -15.21 -50.85
CA LYS C 1331 -55.68 -13.95 -50.12
C LYS C 1331 -54.89 -14.21 -48.84
N ASN C 1332 -55.53 -14.88 -47.89
CA ASN C 1332 -54.86 -15.49 -46.75
C ASN C 1332 -54.76 -16.97 -46.94
N PHE C 1333 -53.57 -17.55 -46.82
CA PHE C 1333 -53.54 -19.01 -46.63
C PHE C 1333 -52.65 -19.28 -45.47
N LEU C 1334 -51.70 -18.37 -45.21
CA LEU C 1334 -50.77 -18.57 -44.12
C LEU C 1334 -51.36 -17.94 -42.87
N GLY C 1335 -52.63 -18.24 -42.63
CA GLY C 1335 -53.26 -17.94 -41.36
C GLY C 1335 -52.56 -18.25 -40.03
N ARG C 1336 -53.25 -17.88 -38.97
CA ARG C 1336 -52.77 -18.02 -37.61
C ARG C 1336 -52.68 -19.49 -37.29
N PRO C 1337 -51.77 -19.87 -36.37
CA PRO C 1337 -51.93 -21.19 -35.72
C PRO C 1337 -53.03 -21.09 -34.71
N VAL C 1338 -53.27 -22.15 -33.95
CA VAL C 1338 -54.38 -22.19 -33.00
C VAL C 1338 -54.11 -23.27 -31.97
N GLU C 1339 -54.05 -22.90 -30.69
CA GLU C 1339 -53.84 -23.91 -29.66
C GLU C 1339 -55.15 -24.51 -29.32
N VAL C 1340 -55.23 -25.82 -29.45
CA VAL C 1340 -56.50 -26.49 -29.29
C VAL C 1340 -56.62 -26.65 -27.82
N LEU C 1341 -57.58 -25.95 -27.22
CA LEU C 1341 -57.66 -25.94 -25.77
C LEU C 1341 -58.35 -27.19 -25.24
N LEU C 1342 -59.60 -27.36 -25.64
CA LEU C 1342 -60.47 -28.24 -24.89
C LEU C 1342 -60.06 -29.70 -24.94
N ASN C 1343 -60.61 -30.46 -24.01
CA ASN C 1343 -60.35 -31.89 -23.88
C ASN C 1343 -61.32 -32.71 -24.72
N ASP C 1344 -61.07 -32.79 -26.03
CA ASP C 1344 -61.98 -33.42 -26.97
C ASP C 1344 -61.20 -33.88 -28.18
N ASP C 1345 -61.76 -34.79 -28.96
CA ASP C 1345 -61.13 -35.12 -30.23
C ASP C 1345 -61.35 -33.94 -31.21
N LEU C 1346 -60.29 -33.51 -31.91
CA LEU C 1346 -60.41 -32.41 -32.88
C LEU C 1346 -60.76 -32.93 -34.29
N ILE C 1347 -61.34 -32.06 -35.14
CA ILE C 1347 -61.61 -32.40 -36.55
C ILE C 1347 -61.53 -31.28 -37.61
N VAL C 1348 -60.40 -31.17 -38.29
CA VAL C 1348 -60.26 -30.38 -39.51
C VAL C 1348 -61.14 -31.00 -40.63
N SER C 1349 -61.77 -30.21 -41.50
CA SER C 1349 -62.75 -30.78 -42.45
C SER C 1349 -63.33 -29.86 -43.54
N THR C 1350 -62.46 -29.39 -44.43
CA THR C 1350 -62.83 -28.64 -45.64
C THR C 1350 -64.03 -29.14 -46.45
N GLY C 1351 -64.76 -28.17 -46.99
CA GLY C 1351 -65.89 -28.43 -47.85
C GLY C 1351 -65.47 -29.03 -49.18
N PHE C 1352 -66.27 -28.80 -50.22
CA PHE C 1352 -65.81 -29.22 -51.53
C PHE C 1352 -64.58 -28.37 -51.91
N GLY C 1353 -64.75 -27.32 -52.72
CA GLY C 1353 -63.66 -26.39 -53.02
C GLY C 1353 -62.49 -26.93 -53.84
N SER C 1354 -61.28 -26.38 -53.62
CA SER C 1354 -60.13 -26.58 -54.50
C SER C 1354 -58.81 -26.07 -53.93
N GLY C 1355 -57.70 -26.65 -54.38
CA GLY C 1355 -56.36 -26.27 -53.89
C GLY C 1355 -55.75 -27.32 -52.96
N LEU C 1356 -54.72 -26.93 -52.22
CA LEU C 1356 -54.07 -27.87 -51.33
C LEU C 1356 -53.65 -27.25 -49.99
N ALA C 1357 -54.33 -27.62 -48.90
CA ALA C 1357 -54.01 -27.03 -47.59
C ALA C 1357 -53.38 -28.05 -46.65
N THR C 1358 -52.19 -27.74 -46.14
CA THR C 1358 -51.51 -28.62 -45.19
C THR C 1358 -51.89 -28.39 -43.71
N VAL C 1359 -52.64 -29.34 -43.16
CA VAL C 1359 -52.85 -29.46 -41.72
C VAL C 1359 -51.69 -30.17 -41.00
N HIS C 1360 -50.97 -29.46 -40.14
CA HIS C 1360 -50.13 -30.10 -39.12
C HIS C 1360 -50.64 -29.80 -37.74
N VAL C 1361 -50.35 -30.69 -36.80
CA VAL C 1361 -50.90 -30.54 -35.47
C VAL C 1361 -49.95 -31.08 -34.43
N THR C 1362 -49.07 -30.20 -33.98
CA THR C 1362 -47.89 -30.62 -33.23
C THR C 1362 -48.15 -30.54 -31.74
N THR C 1363 -48.20 -31.72 -31.13
CA THR C 1363 -48.75 -31.90 -29.76
C THR C 1363 -47.69 -32.20 -28.70
N VAL C 1364 -47.55 -31.28 -27.75
CA VAL C 1364 -46.56 -31.36 -26.68
C VAL C 1364 -47.09 -31.94 -25.39
N VAL C 1365 -46.30 -32.78 -24.75
CA VAL C 1365 -46.76 -33.30 -23.50
C VAL C 1365 -45.56 -33.57 -22.59
N HIS C 1366 -45.76 -33.55 -21.27
CA HIS C 1366 -44.67 -33.86 -20.35
C HIS C 1366 -44.90 -35.21 -19.73
N LYS C 1367 -43.90 -36.07 -19.81
CA LYS C 1367 -44.03 -37.36 -19.13
C LYS C 1367 -43.11 -37.49 -17.93
N THR C 1368 -43.34 -38.50 -17.11
CA THR C 1368 -42.54 -38.68 -15.90
C THR C 1368 -41.40 -39.64 -16.12
N SER C 1369 -41.28 -40.22 -17.32
CA SER C 1369 -40.36 -41.33 -17.51
C SER C 1369 -39.81 -41.53 -18.90
N THR C 1370 -38.63 -42.15 -18.94
CA THR C 1370 -38.02 -42.51 -20.18
C THR C 1370 -38.08 -44.03 -20.35
N SER C 1371 -38.25 -44.75 -19.25
CA SER C 1371 -38.21 -46.22 -19.28
C SER C 1371 -38.68 -46.80 -20.62
N GLU C 1372 -39.80 -46.28 -21.11
CA GLU C 1372 -40.35 -46.67 -22.41
C GLU C 1372 -39.33 -46.53 -23.55
N GLU C 1373 -38.94 -45.29 -23.85
CA GLU C 1373 -38.13 -44.92 -25.02
C GLU C 1373 -36.94 -45.81 -25.38
N VAL C 1374 -36.39 -45.59 -26.57
CA VAL C 1374 -35.30 -46.40 -27.09
C VAL C 1374 -33.95 -45.75 -26.89
N CYS C 1375 -33.10 -46.39 -26.09
CA CYS C 1375 -31.78 -45.78 -25.82
C CYS C 1375 -30.65 -46.19 -26.79
N SER C 1376 -30.13 -45.19 -27.51
CA SER C 1376 -29.14 -45.39 -28.53
C SER C 1376 -27.75 -45.05 -27.97
N PHE C 1377 -27.72 -44.56 -26.72
CA PHE C 1377 -26.50 -44.17 -25.99
C PHE C 1377 -26.49 -44.66 -24.53
N TYR C 1378 -25.39 -45.25 -24.09
CA TYR C 1378 -25.29 -45.69 -22.70
C TYR C 1378 -24.88 -44.48 -21.86
N LEU C 1379 -25.67 -44.16 -20.84
CA LEU C 1379 -25.34 -42.99 -20.04
C LEU C 1379 -25.11 -43.26 -18.56
N LYS C 1380 -24.42 -42.32 -17.93
CA LYS C 1380 -24.29 -42.29 -16.49
C LYS C 1380 -24.03 -40.84 -16.14
N ILE C 1381 -24.53 -40.44 -14.97
CA ILE C 1381 -24.36 -39.09 -14.49
C ILE C 1381 -24.55 -39.09 -12.97
N ASP C 1382 -23.85 -38.20 -12.28
CA ASP C 1382 -24.14 -37.95 -10.86
C ASP C 1382 -23.39 -36.72 -10.35
N THR C 1383 -23.71 -36.31 -9.12
CA THR C 1383 -23.03 -35.18 -8.47
C THR C 1383 -21.96 -35.61 -7.44
N GLN C 1384 -20.72 -35.29 -7.76
CA GLN C 1384 -19.60 -35.52 -6.87
C GLN C 1384 -19.37 -34.33 -5.96
N ASP C 1385 -18.68 -34.56 -4.84
CA ASP C 1385 -18.33 -33.48 -3.93
C ASP C 1385 -16.86 -33.02 -4.08
N ILE C 1386 -15.98 -33.95 -4.43
CA ILE C 1386 -14.55 -33.66 -4.59
C ILE C 1386 -14.28 -32.58 -5.66
N TYR C 1399 -16.69 -28.41 -3.61
CA TYR C 1399 -18.04 -28.02 -3.18
C TYR C 1399 -19.03 -29.04 -3.73
N LYS C 1400 -19.26 -28.99 -5.04
CA LYS C 1400 -20.01 -30.03 -5.75
C LYS C 1400 -19.76 -29.91 -7.26
N ARG C 1401 -19.84 -31.03 -7.97
CA ARG C 1401 -19.50 -31.08 -9.39
C ARG C 1401 -20.20 -32.23 -10.16
N ILE C 1402 -20.59 -31.97 -11.42
CA ILE C 1402 -21.26 -32.99 -12.23
C ILE C 1402 -20.35 -33.79 -13.15
N VAL C 1403 -20.54 -35.10 -13.14
CA VAL C 1403 -19.74 -35.98 -14.00
C VAL C 1403 -20.67 -36.80 -14.90
N ALA C 1404 -20.90 -36.28 -16.10
CA ALA C 1404 -21.74 -36.94 -17.09
C ALA C 1404 -20.89 -37.71 -18.10
N CYS C 1405 -21.36 -38.90 -18.46
CA CYS C 1405 -20.67 -39.76 -19.41
C CYS C 1405 -21.65 -40.33 -20.40
N ALA C 1406 -21.09 -40.95 -21.44
CA ALA C 1406 -21.88 -41.63 -22.46
C ALA C 1406 -21.03 -42.62 -23.25
N SER C 1407 -21.67 -43.63 -23.82
CA SER C 1407 -21.04 -44.44 -24.86
C SER C 1407 -22.06 -44.67 -25.94
N TYR C 1408 -21.59 -44.80 -27.17
CA TYR C 1408 -22.51 -44.99 -28.28
C TYR C 1408 -22.82 -46.46 -28.46
N LYS C 1409 -24.11 -46.80 -28.47
CA LYS C 1409 -24.54 -48.18 -28.71
C LYS C 1409 -24.65 -48.38 -30.23
N PRO C 1410 -23.72 -49.14 -30.84
CA PRO C 1410 -23.86 -49.29 -32.30
C PRO C 1410 -25.09 -50.10 -32.71
N SER C 1411 -25.75 -49.62 -33.75
CA SER C 1411 -26.88 -50.31 -34.32
C SER C 1411 -26.29 -51.46 -35.11
N ARG C 1412 -27.08 -52.52 -35.28
CA ARG C 1412 -26.64 -53.68 -36.05
C ARG C 1412 -26.08 -53.21 -37.38
N GLU C 1413 -25.09 -53.95 -37.88
CA GLU C 1413 -24.45 -53.61 -39.15
C GLU C 1413 -23.43 -52.49 -38.99
N GLU C 1414 -23.47 -51.81 -37.85
CA GLU C 1414 -22.64 -50.61 -37.67
C GLU C 1414 -21.22 -50.86 -37.23
N SER C 1415 -20.35 -49.94 -37.61
CA SER C 1415 -18.93 -49.97 -37.27
C SER C 1415 -18.64 -49.66 -35.80
N SER C 1416 -17.57 -50.25 -35.27
CA SER C 1416 -17.19 -50.06 -33.87
C SER C 1416 -16.55 -48.71 -33.51
N SER C 1417 -16.49 -47.80 -34.46
CA SER C 1417 -15.73 -46.56 -34.31
C SER C 1417 -16.41 -45.57 -33.35
N GLY C 1418 -17.72 -45.68 -33.26
CA GLY C 1418 -18.50 -44.77 -32.44
C GLY C 1418 -19.21 -43.70 -33.25
N SER C 1419 -19.94 -42.84 -32.57
CA SER C 1419 -20.91 -41.99 -33.23
C SER C 1419 -20.37 -40.95 -34.20
N SER C 1420 -21.32 -40.28 -34.84
CA SER C 1420 -21.09 -39.13 -35.71
C SER C 1420 -21.16 -37.89 -34.87
N HIS C 1421 -20.96 -36.74 -35.50
CA HIS C 1421 -21.07 -35.49 -34.77
C HIS C 1421 -22.33 -35.51 -33.92
N ALA C 1422 -22.13 -35.37 -32.61
CA ALA C 1422 -23.22 -35.52 -31.64
C ALA C 1422 -23.13 -34.53 -30.50
N VAL C 1423 -24.26 -34.37 -29.80
CA VAL C 1423 -24.32 -33.42 -28.71
C VAL C 1423 -24.82 -34.12 -27.47
N MET C 1424 -24.33 -33.67 -26.30
CA MET C 1424 -24.86 -33.97 -24.96
C MET C 1424 -25.51 -32.70 -24.41
N ASP C 1425 -26.62 -32.86 -23.70
CA ASP C 1425 -27.42 -31.71 -23.31
C ASP C 1425 -27.87 -31.93 -21.88
N ILE C 1426 -27.21 -31.24 -20.95
CA ILE C 1426 -27.57 -31.29 -19.55
C ILE C 1426 -28.41 -30.11 -19.09
N SER C 1427 -29.65 -30.41 -18.70
CA SER C 1427 -30.55 -29.49 -18.05
C SER C 1427 -29.95 -29.29 -16.65
N LEU C 1428 -29.85 -28.04 -16.19
CA LEU C 1428 -29.41 -27.79 -14.81
C LEU C 1428 -30.63 -27.63 -13.95
N PRO C 1429 -30.58 -28.20 -12.72
CA PRO C 1429 -31.64 -28.08 -11.71
C PRO C 1429 -31.86 -26.64 -11.32
N THR C 1430 -33.07 -26.34 -10.89
CA THR C 1430 -33.51 -24.96 -10.76
C THR C 1430 -32.56 -24.21 -9.82
N GLY C 1431 -31.93 -23.18 -10.36
CA GLY C 1431 -30.91 -22.40 -9.66
C GLY C 1431 -29.65 -23.16 -9.25
N ILE C 1432 -28.78 -23.46 -10.22
CA ILE C 1432 -27.57 -24.22 -10.00
C ILE C 1432 -26.59 -23.95 -11.13
N SER C 1433 -26.12 -22.71 -11.27
CA SER C 1433 -25.21 -22.29 -12.36
C SER C 1433 -24.06 -23.26 -12.62
N ALA C 1434 -23.67 -23.45 -13.86
CA ALA C 1434 -22.55 -24.34 -14.14
C ALA C 1434 -21.29 -23.53 -14.21
N ASN C 1435 -20.14 -24.21 -14.24
CA ASN C 1435 -18.85 -23.53 -14.17
C ASN C 1435 -18.24 -23.10 -15.51
N GLU C 1436 -18.75 -22.02 -16.08
CA GLU C 1436 -18.33 -21.60 -17.40
C GLU C 1436 -16.87 -21.93 -17.67
N GLU C 1437 -16.00 -21.63 -16.71
CA GLU C 1437 -14.55 -21.77 -16.91
C GLU C 1437 -14.18 -23.23 -17.08
N ASP C 1438 -14.79 -24.10 -16.28
CA ASP C 1438 -14.49 -25.52 -16.35
C ASP C 1438 -14.70 -26.02 -17.78
N LEU C 1439 -15.80 -25.57 -18.39
CA LEU C 1439 -16.22 -26.03 -19.71
C LEU C 1439 -15.32 -25.47 -20.79
N LYS C 1440 -15.05 -24.16 -20.70
CA LYS C 1440 -14.05 -23.51 -21.54
C LYS C 1440 -12.82 -24.38 -21.54
N ALA C 1441 -12.51 -24.95 -20.38
CA ALA C 1441 -11.34 -25.78 -20.20
C ALA C 1441 -11.35 -26.95 -21.14
N LEU C 1442 -12.54 -27.49 -21.40
CA LEU C 1442 -12.65 -28.73 -22.12
C LEU C 1442 -12.49 -28.56 -23.62
N VAL C 1443 -13.12 -27.52 -24.16
CA VAL C 1443 -13.13 -27.30 -25.61
C VAL C 1443 -11.93 -26.48 -26.14
N GLU C 1444 -11.29 -25.73 -25.25
CA GLU C 1444 -10.44 -24.64 -25.69
C GLU C 1444 -9.00 -25.05 -25.88
N GLY C 1445 -8.74 -26.34 -25.79
CA GLY C 1445 -7.35 -26.80 -25.81
C GLY C 1445 -7.06 -27.88 -26.81
N VAL C 1446 -5.81 -27.96 -27.25
CA VAL C 1446 -5.38 -28.99 -28.19
C VAL C 1446 -5.81 -30.37 -27.72
N ASP C 1447 -5.93 -30.51 -26.40
CA ASP C 1447 -6.43 -31.74 -25.83
C ASP C 1447 -7.96 -31.75 -25.89
N GLN C 1448 -8.52 -30.89 -26.73
CA GLN C 1448 -9.95 -30.66 -26.68
C GLN C 1448 -10.72 -31.96 -26.61
N LEU C 1449 -11.50 -32.09 -25.56
CA LEU C 1449 -12.38 -33.24 -25.39
C LEU C 1449 -13.69 -32.95 -26.10
N PHE C 1450 -14.20 -31.73 -25.91
CA PHE C 1450 -15.35 -31.25 -26.65
C PHE C 1450 -14.91 -30.19 -27.64
N THR C 1451 -15.83 -29.78 -28.51
CA THR C 1451 -15.48 -28.85 -29.55
C THR C 1451 -16.37 -27.65 -29.39
N ASP C 1452 -17.37 -27.80 -28.53
CA ASP C 1452 -18.29 -26.69 -28.36
C ASP C 1452 -19.29 -26.78 -27.22
N TYR C 1453 -19.12 -25.87 -26.26
CA TYR C 1453 -20.02 -25.74 -25.11
C TYR C 1453 -20.87 -24.48 -25.26
N GLN C 1454 -21.96 -24.42 -24.49
CA GLN C 1454 -22.79 -23.23 -24.42
C GLN C 1454 -23.87 -23.42 -23.36
N ILE C 1455 -24.07 -22.39 -22.52
CA ILE C 1455 -25.18 -22.43 -21.57
C ILE C 1455 -26.34 -21.57 -22.05
N LYS C 1456 -27.27 -22.20 -22.77
CA LYS C 1456 -28.53 -21.55 -23.12
C LYS C 1456 -29.65 -22.03 -22.24
N ASP C 1457 -30.49 -21.09 -21.85
CA ASP C 1457 -31.73 -21.39 -21.14
C ASP C 1457 -31.68 -22.57 -20.17
N GLY C 1458 -30.70 -22.57 -19.28
CA GLY C 1458 -30.70 -23.51 -18.20
C GLY C 1458 -30.18 -24.86 -18.62
N HIS C 1459 -29.41 -24.88 -19.71
CA HIS C 1459 -28.90 -26.12 -20.29
C HIS C 1459 -27.45 -25.95 -20.68
N VAL C 1460 -26.57 -26.80 -20.16
CA VAL C 1460 -25.21 -26.87 -20.71
C VAL C 1460 -25.28 -27.76 -21.92
N ILE C 1461 -24.64 -27.34 -23.02
CA ILE C 1461 -24.82 -28.01 -24.31
C ILE C 1461 -23.52 -28.23 -25.08
N LEU C 1462 -23.06 -29.47 -25.03
CA LEU C 1462 -21.77 -29.86 -25.58
C LEU C 1462 -21.93 -30.54 -26.94
N GLN C 1463 -20.90 -30.44 -27.77
CA GLN C 1463 -20.93 -30.98 -29.12
C GLN C 1463 -19.53 -31.49 -29.47
N LEU C 1464 -19.43 -32.74 -29.92
CA LEU C 1464 -18.18 -33.29 -30.46
C LEU C 1464 -18.46 -34.19 -31.67
N ASN C 1465 -17.41 -34.57 -32.39
CA ASN C 1465 -17.55 -35.37 -33.60
C ASN C 1465 -17.93 -36.84 -33.42
N SER C 1466 -17.83 -37.36 -32.20
CA SER C 1466 -18.07 -38.77 -31.92
C SER C 1466 -18.22 -39.07 -30.44
N ILE C 1467 -18.85 -40.20 -30.11
CA ILE C 1467 -18.94 -40.63 -28.73
C ILE C 1467 -18.51 -42.09 -28.57
N PRO C 1468 -17.24 -42.38 -28.92
CA PRO C 1468 -16.65 -43.72 -29.02
C PRO C 1468 -17.44 -44.79 -28.28
N SER C 1469 -17.54 -45.99 -28.85
CA SER C 1469 -18.19 -47.08 -28.17
C SER C 1469 -17.19 -47.87 -27.40
N SER C 1470 -15.92 -47.70 -27.75
CA SER C 1470 -14.83 -48.36 -27.06
C SER C 1470 -15.04 -48.32 -25.56
N ASP C 1471 -15.40 -47.14 -25.09
CA ASP C 1471 -15.63 -46.92 -23.67
C ASP C 1471 -16.53 -45.70 -23.53
N PHE C 1472 -16.50 -45.08 -22.37
CA PHE C 1472 -17.29 -43.90 -22.14
C PHE C 1472 -16.56 -42.63 -22.47
N LEU C 1473 -17.34 -41.57 -22.56
CA LEU C 1473 -16.78 -40.26 -22.76
C LEU C 1473 -17.43 -39.37 -21.73
N CYS C 1474 -16.60 -38.69 -20.94
CA CYS C 1474 -17.08 -37.95 -19.77
C CYS C 1474 -16.76 -36.47 -19.79
N VAL C 1475 -17.78 -35.65 -19.63
CA VAL C 1475 -17.60 -34.23 -19.33
C VAL C 1475 -17.72 -34.16 -17.83
N ARG C 1476 -16.93 -33.28 -17.21
CA ARG C 1476 -17.15 -32.90 -15.81
C ARG C 1476 -17.06 -31.39 -15.65
N PHE C 1477 -17.81 -30.86 -14.70
CA PHE C 1477 -17.86 -29.41 -14.46
C PHE C 1477 -18.60 -29.10 -13.14
N ARG C 1478 -18.26 -27.97 -12.53
CA ARG C 1478 -18.73 -27.68 -11.19
C ARG C 1478 -19.88 -26.72 -11.22
N ILE C 1479 -20.70 -26.74 -10.17
CA ILE C 1479 -21.97 -25.99 -10.12
C ILE C 1479 -22.24 -25.27 -8.80
N PHE C 1480 -22.62 -23.99 -8.86
CA PHE C 1480 -22.87 -23.23 -7.62
C PHE C 1480 -24.33 -22.85 -7.36
N GLU C 1481 -24.85 -23.32 -6.24
CA GLU C 1481 -26.23 -23.05 -5.86
C GLU C 1481 -26.55 -21.56 -5.90
N LEU C 1482 -26.87 -21.05 -7.09
CA LEU C 1482 -27.12 -19.63 -7.23
C LEU C 1482 -28.13 -19.10 -6.21
N PHE C 1483 -29.15 -19.91 -5.93
CA PHE C 1483 -30.11 -19.56 -4.88
C PHE C 1483 -30.75 -20.80 -4.26
N GLU C 1484 -31.46 -20.60 -3.16
CA GLU C 1484 -31.99 -21.73 -2.43
C GLU C 1484 -33.26 -22.35 -2.97
N VAL C 1485 -33.16 -23.61 -3.43
CA VAL C 1485 -34.31 -24.35 -3.94
C VAL C 1485 -34.81 -25.39 -2.98
N GLY C 1486 -36.16 -25.42 -2.95
CA GLY C 1486 -36.93 -26.34 -2.14
C GLY C 1486 -37.38 -27.54 -2.93
N PHE C 1487 -37.67 -28.60 -2.26
CA PHE C 1487 -38.06 -29.79 -2.99
C PHE C 1487 -37.77 -29.63 -4.49
N LEU C 1488 -36.50 -29.52 -4.89
CA LEU C 1488 -36.19 -29.39 -6.31
C LEU C 1488 -36.44 -30.68 -7.11
N SER C 1489 -37.11 -30.58 -8.29
CA SER C 1489 -37.34 -31.76 -9.17
C SER C 1489 -36.16 -31.83 -10.13
N PRO C 1490 -35.88 -33.00 -10.72
CA PRO C 1490 -34.68 -33.22 -11.52
C PRO C 1490 -34.80 -32.63 -12.87
N ALA C 1491 -33.66 -32.21 -13.35
CA ALA C 1491 -33.51 -31.88 -14.74
C ALA C 1491 -33.06 -33.17 -15.39
N THR C 1492 -32.53 -33.04 -16.60
CA THR C 1492 -32.36 -34.15 -17.52
C THR C 1492 -31.05 -34.11 -18.27
N PHE C 1493 -30.52 -35.29 -18.53
CA PHE C 1493 -29.28 -35.41 -19.25
C PHE C 1493 -29.54 -36.22 -20.48
N THR C 1494 -29.68 -35.51 -21.58
CA THR C 1494 -30.01 -36.12 -22.86
C THR C 1494 -28.81 -36.02 -23.85
N VAL C 1495 -28.61 -37.07 -24.64
CA VAL C 1495 -27.56 -37.08 -25.68
C VAL C 1495 -27.99 -37.87 -26.92
N TYR C 1496 -28.11 -37.13 -28.03
CA TYR C 1496 -28.50 -37.62 -29.35
C TYR C 1496 -27.41 -37.24 -30.38
N GLU C 1497 -27.53 -37.81 -31.58
CA GLU C 1497 -26.63 -37.51 -32.71
C GLU C 1497 -27.18 -36.36 -33.56
N TYR C 1498 -26.33 -35.39 -33.87
CA TYR C 1498 -26.82 -34.16 -34.48
C TYR C 1498 -27.66 -34.43 -35.72
N HIS C 1499 -27.07 -35.18 -36.65
CA HIS C 1499 -27.72 -35.42 -37.92
C HIS C 1499 -28.78 -36.53 -37.88
N ARG C 1500 -28.77 -37.33 -36.83
CA ARG C 1500 -29.86 -38.27 -36.63
C ARG C 1500 -30.29 -38.33 -35.16
N PRO C 1501 -31.06 -37.33 -34.75
CA PRO C 1501 -31.78 -37.13 -33.49
C PRO C 1501 -32.65 -38.31 -33.13
N ASP C 1502 -32.64 -39.34 -33.97
CA ASP C 1502 -33.52 -40.49 -33.75
C ASP C 1502 -32.80 -41.28 -32.68
N LYS C 1503 -31.64 -40.78 -32.27
CA LYS C 1503 -30.81 -41.45 -31.28
C LYS C 1503 -30.81 -40.84 -29.81
N GLN C 1504 -31.98 -40.35 -29.37
CA GLN C 1504 -32.15 -39.62 -28.11
C GLN C 1504 -32.29 -40.56 -26.96
N CYS C 1505 -31.14 -40.87 -26.37
CA CYS C 1505 -31.13 -41.38 -24.99
C CYS C 1505 -31.27 -40.25 -23.97
N THR C 1506 -32.26 -40.40 -23.10
CA THR C 1506 -32.59 -39.33 -22.20
C THR C 1506 -32.66 -39.96 -20.84
N MET C 1507 -32.26 -39.18 -19.83
CA MET C 1507 -32.19 -39.63 -18.44
C MET C 1507 -32.45 -38.49 -17.44
N PHE C 1508 -33.34 -38.73 -16.48
CA PHE C 1508 -33.49 -37.83 -15.34
C PHE C 1508 -32.31 -38.05 -14.37
N TYR C 1509 -31.87 -36.99 -13.70
CA TYR C 1509 -30.91 -37.14 -12.60
C TYR C 1509 -31.17 -35.98 -11.67
N SER C 1510 -30.59 -36.03 -10.48
CA SER C 1510 -30.76 -34.91 -9.58
C SER C 1510 -29.42 -34.48 -9.05
N THR C 1511 -29.39 -33.24 -8.59
CA THR C 1511 -28.16 -32.60 -8.24
C THR C 1511 -28.02 -32.61 -6.75
N SER C 1512 -28.78 -33.48 -6.09
CA SER C 1512 -28.69 -33.59 -4.64
C SER C 1512 -29.32 -34.87 -4.09
N ASN C 1513 -28.81 -35.35 -2.95
CA ASN C 1513 -29.28 -36.59 -2.34
C ASN C 1513 -30.29 -36.42 -1.22
N ILE C 1514 -30.54 -35.22 -0.81
CA ILE C 1514 -31.44 -34.93 0.28
C ILE C 1514 -32.78 -35.61 0.26
N LYS C 1515 -33.27 -35.74 1.48
CA LYS C 1515 -34.62 -36.15 1.81
C LYS C 1515 -35.00 -35.20 2.97
N ILE C 1516 -35.59 -34.03 2.70
CA ILE C 1516 -36.01 -33.06 3.75
C ILE C 1516 -37.45 -33.19 4.13
N GLN C 1517 -37.58 -33.18 5.44
CA GLN C 1517 -38.79 -33.27 6.21
C GLN C 1517 -38.98 -32.01 7.08
N LYS C 1518 -40.20 -31.40 7.08
CA LYS C 1518 -40.48 -30.16 7.85
C LYS C 1518 -41.84 -30.22 8.56
N VAL C 1519 -41.97 -29.54 9.71
CA VAL C 1519 -43.18 -29.61 10.56
C VAL C 1519 -44.35 -28.74 10.10
N CYS C 1520 -44.29 -27.45 10.43
CA CYS C 1520 -45.20 -26.45 9.84
C CYS C 1520 -44.62 -25.05 10.00
N GLU C 1521 -43.61 -24.76 9.19
CA GLU C 1521 -42.95 -23.47 9.18
C GLU C 1521 -43.50 -22.58 8.08
N GLY C 1522 -43.20 -21.29 8.19
CA GLY C 1522 -43.63 -20.34 7.19
C GLY C 1522 -42.90 -20.54 5.88
N ALA C 1523 -43.39 -19.88 4.84
CA ALA C 1523 -42.76 -19.94 3.55
C ALA C 1523 -42.63 -21.40 3.12
N ALA C 1524 -43.43 -22.27 3.69
CA ALA C 1524 -43.35 -23.68 3.30
C ALA C 1524 -44.65 -24.45 3.55
N CYS C 1525 -44.79 -25.05 4.73
CA CYS C 1525 -45.97 -25.87 5.02
C CYS C 1525 -47.27 -25.10 4.82
N LYS C 1526 -48.39 -25.79 5.06
CA LYS C 1526 -49.73 -25.24 4.90
C LYS C 1526 -49.91 -24.72 3.48
N CYS C 1527 -49.16 -25.30 2.55
CA CYS C 1527 -49.21 -24.85 1.19
C CYS C 1527 -48.36 -25.71 0.26
N VAL C 1528 -47.75 -26.78 0.78
CA VAL C 1528 -47.16 -27.80 -0.09
C VAL C 1528 -47.81 -29.19 0.12
N GLU C 1529 -47.72 -29.69 1.34
CA GLU C 1529 -48.46 -30.88 1.75
C GLU C 1529 -49.95 -30.56 1.70
N ALA C 1530 -50.23 -29.27 1.64
CA ALA C 1530 -51.59 -28.77 1.56
C ALA C 1530 -52.02 -28.62 0.11
N ASP C 1531 -51.90 -29.70 -0.65
CA ASP C 1531 -52.45 -29.78 -2.01
C ASP C 1531 -52.42 -31.20 -2.59
N CYS C 1532 -51.84 -32.13 -1.85
CA CYS C 1532 -51.72 -33.54 -2.25
C CYS C 1532 -53.06 -34.28 -2.37
N LEU D 40 -27.79 59.05 -52.93
CA LEU D 40 -28.15 59.53 -51.59
C LEU D 40 -26.90 59.72 -50.71
N HIS D 41 -25.91 58.84 -50.92
CA HIS D 41 -24.51 59.04 -50.52
C HIS D 41 -24.19 59.33 -49.02
N ASP D 42 -23.29 58.54 -48.46
CA ASP D 42 -22.78 58.70 -47.08
C ASP D 42 -22.13 57.39 -46.64
N ILE D 43 -21.19 57.42 -45.69
CA ILE D 43 -20.56 56.19 -45.23
C ILE D 43 -21.24 55.55 -44.01
N ARG D 44 -21.72 56.37 -43.09
CA ARG D 44 -22.40 55.86 -41.90
C ARG D 44 -23.65 55.03 -42.26
N ASP D 45 -24.47 55.56 -43.17
CA ASP D 45 -25.73 54.91 -43.57
C ASP D 45 -25.52 53.57 -44.30
N LEU D 46 -24.60 53.55 -45.26
CA LEU D 46 -24.40 52.36 -46.08
C LEU D 46 -23.94 51.16 -45.23
N HIS D 47 -23.54 51.44 -43.99
CA HIS D 47 -23.15 50.40 -43.04
C HIS D 47 -24.34 49.91 -42.21
N ARG D 48 -25.44 50.64 -42.28
CA ARG D 48 -26.64 50.33 -41.50
C ARG D 48 -27.73 49.62 -42.34
N TYR D 49 -27.81 50.00 -43.61
CA TYR D 49 -28.83 49.44 -44.50
C TYR D 49 -28.47 48.02 -44.97
N TYR D 50 -27.19 47.79 -45.24
CA TYR D 50 -26.74 46.51 -45.77
C TYR D 50 -26.40 45.47 -44.71
N SER D 51 -26.47 45.88 -43.45
CA SER D 51 -26.24 44.99 -42.32
C SER D 51 -27.58 44.44 -41.82
N SER D 52 -28.64 44.93 -42.43
CA SER D 52 -30.01 44.67 -42.00
C SER D 52 -30.43 43.21 -42.10
N GLU D 53 -31.64 42.94 -41.61
CA GLU D 53 -32.25 41.62 -41.73
C GLU D 53 -32.99 41.45 -43.06
N SER D 54 -32.38 40.65 -43.94
CA SER D 54 -32.99 40.28 -45.21
C SER D 54 -34.08 39.22 -45.05
N PHE D 55 -34.95 39.13 -46.04
CA PHE D 55 -36.02 38.13 -46.04
C PHE D 55 -36.39 37.82 -47.48
N GLU D 56 -37.04 36.68 -47.69
CA GLU D 56 -37.43 36.25 -49.02
C GLU D 56 -38.76 35.50 -48.96
N TYR D 57 -39.59 35.66 -49.99
CA TYR D 57 -40.92 35.07 -49.96
C TYR D 57 -41.34 34.50 -51.32
N SER D 58 -42.36 33.64 -51.33
CA SER D 58 -42.87 33.00 -52.53
C SER D 58 -44.33 32.60 -52.39
N ASN D 59 -44.92 32.09 -53.47
CA ASN D 59 -46.32 31.74 -53.48
C ASN D 59 -47.21 32.95 -53.31
N VAL D 60 -46.62 34.14 -53.43
CA VAL D 60 -47.34 35.39 -53.28
C VAL D 60 -47.89 35.95 -54.61
N SER D 61 -49.21 35.90 -54.79
CA SER D 61 -49.87 36.50 -55.95
C SER D 61 -50.73 37.72 -55.59
N GLY D 62 -50.59 38.81 -56.35
CA GLY D 62 -51.33 40.03 -56.08
C GLY D 62 -51.83 40.76 -57.32
N LYS D 63 -52.55 41.86 -57.12
CA LYS D 63 -53.15 42.61 -58.23
C LYS D 63 -52.93 44.13 -58.12
N VAL D 64 -52.25 44.67 -59.12
CA VAL D 64 -51.73 46.04 -59.17
C VAL D 64 -52.60 47.19 -58.62
N GLU D 65 -51.93 48.17 -58.03
CA GLU D 65 -52.45 49.52 -57.85
C GLU D 65 -51.30 50.54 -57.87
N ASN D 66 -51.43 51.60 -58.65
CA ASN D 66 -50.40 52.64 -58.67
C ASN D 66 -50.58 53.73 -57.59
N TYR D 67 -49.66 53.75 -56.62
CA TYR D 67 -49.57 54.81 -55.61
C TYR D 67 -49.35 56.18 -56.27
N ASN D 68 -48.14 56.45 -56.77
CA ASN D 68 -47.91 57.58 -57.68
C ASN D 68 -47.55 57.21 -59.15
N GLY D 69 -46.26 57.09 -59.43
CA GLY D 69 -45.75 56.98 -60.80
C GLY D 69 -46.32 55.88 -61.69
N SER D 70 -46.26 54.63 -61.22
CA SER D 70 -46.57 53.50 -62.07
C SER D 70 -47.07 52.27 -61.32
N ASN D 71 -46.88 52.23 -60.01
CA ASN D 71 -47.12 50.97 -59.31
C ASN D 71 -47.01 51.04 -57.78
N VAL D 72 -47.44 49.97 -57.13
CA VAL D 72 -47.34 49.76 -55.68
C VAL D 72 -48.17 48.51 -55.33
N VAL D 73 -47.74 47.77 -54.32
CA VAL D 73 -48.25 46.42 -54.09
C VAL D 73 -48.46 46.21 -52.58
N ARG D 74 -48.89 45.01 -52.20
CA ARG D 74 -48.97 44.63 -50.78
C ARG D 74 -49.14 43.12 -50.59
N PHE D 75 -48.80 42.64 -49.39
CA PHE D 75 -48.92 41.21 -49.05
C PHE D 75 -48.96 40.90 -47.55
N ASN D 76 -49.81 39.94 -47.18
CA ASN D 76 -49.98 39.51 -45.80
C ASN D 76 -49.08 38.31 -45.49
N PRO D 77 -47.89 38.57 -44.96
CA PRO D 77 -46.79 37.60 -44.71
C PRO D 77 -47.01 36.60 -43.57
N LYS D 78 -48.04 36.79 -42.74
CA LYS D 78 -48.38 35.94 -41.57
C LYS D 78 -48.27 36.66 -40.21
N ASP D 79 -47.89 37.93 -40.24
CA ASP D 79 -47.64 38.73 -39.02
C ASP D 79 -48.04 40.21 -39.19
N GLN D 80 -48.08 40.68 -40.43
CA GLN D 80 -48.49 42.06 -40.73
C GLN D 80 -49.00 42.20 -42.16
N ASN D 81 -48.77 43.36 -42.76
CA ASN D 81 -49.16 43.61 -44.15
C ASN D 81 -48.20 44.58 -44.83
N HIS D 82 -47.36 44.04 -45.70
CA HIS D 82 -46.24 44.79 -46.28
C HIS D 82 -46.58 45.64 -47.50
N GLN D 83 -45.53 46.04 -48.22
CA GLN D 83 -45.66 46.81 -49.46
C GLN D 83 -44.48 46.50 -50.36
N LEU D 84 -44.66 46.70 -51.67
CA LEU D 84 -43.61 46.40 -52.65
C LEU D 84 -43.70 47.34 -53.84
N PHE D 85 -42.59 48.00 -54.16
CA PHE D 85 -42.55 48.96 -55.26
C PHE D 85 -41.87 48.38 -56.50
N LEU D 86 -42.67 48.06 -57.51
CA LEU D 86 -42.16 47.59 -58.80
C LEU D 86 -41.88 48.82 -59.68
N LEU D 87 -40.67 48.94 -60.20
CA LEU D 87 -40.32 50.06 -61.08
C LEU D 87 -39.05 49.81 -61.89
N GLY D 88 -38.78 48.54 -62.16
CA GLY D 88 -37.66 48.16 -63.00
C GLY D 88 -38.09 48.03 -64.44
N LYS D 89 -37.14 47.89 -65.37
CA LYS D 89 -37.48 47.74 -66.77
C LYS D 89 -38.34 46.50 -66.98
N ASP D 90 -38.31 45.60 -65.99
CA ASP D 90 -39.14 44.39 -65.98
C ASP D 90 -40.56 44.66 -65.48
N LYS D 91 -40.76 45.84 -64.88
CA LYS D 91 -42.09 46.24 -64.40
C LYS D 91 -43.03 46.70 -65.52
N GLU D 92 -42.46 47.35 -66.54
CA GLU D 92 -43.26 47.79 -67.68
C GLU D 92 -43.84 46.58 -68.41
N GLN D 93 -43.36 45.40 -68.02
CA GLN D 93 -43.91 44.14 -68.50
C GLN D 93 -44.80 43.49 -67.44
N TYR D 94 -44.99 44.18 -66.32
CA TYR D 94 -45.74 43.64 -65.17
C TYR D 94 -46.51 44.66 -64.35
N LYS D 95 -47.20 45.58 -65.02
CA LYS D 95 -48.12 46.48 -64.34
C LYS D 95 -49.42 45.75 -64.01
N GLU D 96 -49.50 44.49 -64.40
CA GLU D 96 -50.70 43.67 -64.23
C GLU D 96 -50.82 43.11 -62.81
N GLY D 97 -49.74 42.48 -62.34
CA GLY D 97 -49.72 41.89 -61.01
C GLY D 97 -48.71 40.74 -60.89
N LEU D 98 -48.56 40.23 -59.68
CA LEU D 98 -47.67 39.10 -59.41
C LEU D 98 -48.40 37.76 -59.39
N GLN D 99 -47.90 36.80 -60.15
CA GLN D 99 -48.29 35.40 -59.97
C GLN D 99 -47.20 34.71 -59.14
N GLY D 100 -47.58 34.22 -57.96
CA GLY D 100 -46.64 33.70 -56.97
C GLY D 100 -45.17 33.58 -57.38
N GLN D 101 -44.46 34.70 -57.35
CA GLN D 101 -43.02 34.72 -57.61
C GLN D 101 -42.21 34.69 -56.31
N ASN D 102 -40.89 34.69 -56.45
CA ASN D 102 -39.97 34.87 -55.32
C ASN D 102 -39.61 36.34 -55.14
N VAL D 103 -39.81 36.85 -53.94
CA VAL D 103 -39.50 38.25 -53.66
C VAL D 103 -38.53 38.38 -52.50
N PHE D 104 -37.29 38.69 -52.85
CA PHE D 104 -36.26 38.98 -51.86
C PHE D 104 -36.68 40.24 -51.10
N VAL D 105 -37.56 40.08 -50.13
CA VAL D 105 -38.10 41.21 -49.39
C VAL D 105 -37.18 41.64 -48.25
N VAL D 106 -36.24 42.54 -48.57
CA VAL D 106 -35.44 43.18 -47.55
C VAL D 106 -35.95 44.61 -47.38
N GLN D 107 -36.00 45.09 -46.15
CA GLN D 107 -36.57 46.41 -45.88
C GLN D 107 -35.62 47.54 -46.28
N GLU D 108 -36.17 48.56 -46.97
CA GLU D 108 -35.41 49.76 -47.32
C GLU D 108 -35.85 50.92 -46.39
N LEU D 109 -37.11 50.86 -45.96
CA LEU D 109 -37.67 51.77 -44.99
C LEU D 109 -38.91 51.08 -44.44
N ILE D 110 -39.50 51.58 -43.36
CA ILE D 110 -40.58 50.85 -42.70
C ILE D 110 -41.70 51.73 -42.16
N ASP D 111 -42.86 51.11 -41.92
CA ASP D 111 -43.98 51.74 -41.21
C ASP D 111 -44.06 51.12 -39.81
N PRO D 112 -44.58 51.86 -38.83
CA PRO D 112 -44.68 51.37 -37.45
C PRO D 112 -45.35 50.00 -37.31
N ASN D 113 -46.27 49.66 -38.21
CA ASN D 113 -46.98 48.38 -38.13
C ASN D 113 -46.13 47.17 -38.53
N GLY D 114 -44.87 47.42 -38.86
CA GLY D 114 -43.96 46.37 -39.25
C GLY D 114 -43.85 46.18 -40.75
N ARG D 115 -44.84 46.69 -41.49
CA ARG D 115 -44.80 46.62 -42.94
C ARG D 115 -43.64 47.46 -43.44
N LEU D 116 -42.98 46.99 -44.49
CA LEU D 116 -41.76 47.61 -44.95
C LEU D 116 -41.75 47.77 -46.45
N SER D 117 -41.35 48.96 -46.91
CA SER D 117 -41.19 49.23 -48.33
C SER D 117 -39.92 48.55 -48.86
N THR D 118 -39.94 48.20 -50.15
CA THR D 118 -38.83 47.50 -50.80
C THR D 118 -38.88 47.72 -52.31
N VAL D 119 -37.77 47.47 -53.00
CA VAL D 119 -37.71 47.71 -54.44
C VAL D 119 -37.01 46.59 -55.19
N GLY D 120 -37.73 45.99 -56.14
CA GLY D 120 -37.20 44.90 -56.92
C GLY D 120 -37.09 43.61 -56.13
N GLY D 121 -36.13 42.78 -56.51
CA GLY D 121 -35.84 41.54 -55.79
C GLY D 121 -36.67 40.35 -56.22
N VAL D 122 -37.53 40.56 -57.22
CA VAL D 122 -38.42 39.49 -57.68
C VAL D 122 -37.75 38.54 -58.67
N THR D 123 -38.13 37.27 -58.56
CA THR D 123 -37.58 36.21 -59.39
C THR D 123 -38.69 35.23 -59.81
N LYS D 124 -38.36 34.23 -60.63
CA LYS D 124 -39.38 33.41 -61.32
C LYS D 124 -40.40 32.65 -60.44
N LYS D 125 -39.98 31.55 -59.82
CA LYS D 125 -40.89 30.68 -59.09
C LYS D 125 -41.93 30.08 -60.05
N ASN D 126 -41.89 28.77 -60.25
CA ASN D 126 -40.98 27.86 -59.54
C ASN D 126 -39.50 28.12 -59.81
N ASN D 127 -38.82 28.60 -58.78
CA ASN D 127 -37.41 28.94 -58.85
C ASN D 127 -36.55 27.77 -58.42
N LYS D 128 -35.82 27.19 -59.37
CA LYS D 128 -34.95 26.05 -59.11
C LYS D 128 -34.06 26.31 -57.88
N THR D 129 -33.97 25.34 -56.97
CA THR D 129 -33.13 25.48 -55.77
C THR D 129 -31.68 25.09 -56.02
N SER D 130 -31.16 25.50 -57.17
CA SER D 130 -29.74 25.33 -57.49
C SER D 130 -28.84 26.13 -56.54
N GLU D 131 -27.61 25.66 -56.35
CA GLU D 131 -26.66 26.24 -55.39
C GLU D 131 -25.27 26.32 -56.01
N THR D 132 -24.93 27.48 -56.57
CA THR D 132 -23.62 27.62 -57.20
C THR D 132 -22.56 28.23 -56.29
N ASN D 133 -21.35 27.68 -56.38
CA ASN D 133 -20.20 28.20 -55.66
C ASN D 133 -19.35 29.04 -56.63
N THR D 134 -19.58 30.36 -56.63
CA THR D 134 -18.97 31.25 -57.65
C THR D 134 -17.65 31.92 -57.25
N PRO D 135 -16.65 31.86 -58.16
CA PRO D 135 -15.44 32.67 -57.99
C PRO D 135 -15.81 34.12 -57.71
N LEU D 136 -14.84 34.93 -57.28
CA LEU D 136 -15.12 36.26 -56.71
C LEU D 136 -13.89 36.82 -56.02
N PHE D 137 -13.27 37.82 -56.63
CA PHE D 137 -12.02 38.33 -56.08
C PHE D 137 -12.22 39.63 -55.31
N VAL D 138 -11.20 40.05 -54.60
CA VAL D 138 -11.28 41.28 -53.83
C VAL D 138 -9.89 41.87 -53.64
N ASN D 139 -9.67 43.01 -54.31
CA ASN D 139 -8.42 43.74 -54.22
C ASN D 139 -8.65 45.05 -53.45
N LYS D 140 -7.92 45.25 -52.35
CA LYS D 140 -8.00 46.53 -51.68
C LYS D 140 -6.91 47.45 -52.21
N VAL D 141 -7.32 48.61 -52.73
CA VAL D 141 -6.38 49.61 -53.15
C VAL D 141 -5.97 50.48 -51.95
N ASN D 142 -4.71 50.92 -51.95
CA ASN D 142 -4.23 51.88 -50.98
C ASN D 142 -3.18 52.69 -51.70
N GLY D 143 -3.61 53.32 -52.78
CA GLY D 143 -2.72 54.02 -53.68
C GLY D 143 -1.81 53.04 -54.39
N GLU D 144 -0.59 52.89 -53.89
CA GLU D 144 0.37 51.97 -54.48
C GLU D 144 0.19 50.59 -53.90
N ASP D 145 -0.57 50.51 -52.80
CA ASP D 145 -0.76 49.26 -52.07
C ASP D 145 -1.98 48.48 -52.57
N LEU D 146 -1.92 47.15 -52.43
CA LEU D 146 -3.04 46.26 -52.78
C LEU D 146 -3.01 44.99 -51.95
N ASP D 147 -4.00 44.87 -51.07
CA ASP D 147 -4.24 43.64 -50.34
C ASP D 147 -5.41 42.91 -50.98
N ALA D 148 -5.08 41.94 -51.82
CA ALA D 148 -6.06 41.19 -52.58
C ALA D 148 -6.30 39.78 -52.01
N SER D 149 -7.44 39.20 -52.39
CA SER D 149 -7.85 37.90 -51.90
C SER D 149 -8.79 37.27 -52.93
N ILE D 150 -8.57 36.01 -53.27
CA ILE D 150 -9.53 35.26 -54.08
C ILE D 150 -10.56 34.68 -53.13
N ASP D 151 -11.81 34.57 -53.55
CA ASP D 151 -12.83 34.12 -52.61
C ASP D 151 -13.98 33.39 -53.29
N SER D 152 -15.18 33.58 -52.76
CA SER D 152 -16.36 32.86 -53.25
C SER D 152 -17.68 33.51 -52.82
N PHE D 153 -18.71 33.29 -53.64
CA PHE D 153 -20.08 33.67 -53.31
C PHE D 153 -21.06 32.51 -53.59
N LEU D 154 -22.05 32.37 -52.72
CA LEU D 154 -23.03 31.30 -52.85
C LEU D 154 -24.38 31.79 -53.36
N ILE D 155 -24.66 31.54 -54.63
CA ILE D 155 -25.95 31.83 -55.23
C ILE D 155 -26.89 30.66 -55.00
N GLN D 156 -27.96 30.90 -54.26
CA GLN D 156 -28.85 29.83 -53.83
C GLN D 156 -30.06 29.65 -54.74
N LYS D 157 -29.98 30.10 -55.98
CA LYS D 157 -31.12 30.01 -56.89
C LYS D 157 -30.74 29.84 -58.37
N GLU D 158 -31.75 29.69 -59.22
CA GLU D 158 -31.57 29.52 -60.65
C GLU D 158 -31.56 30.89 -61.34
N GLU D 159 -32.49 31.75 -60.95
CA GLU D 159 -32.52 33.14 -61.40
C GLU D 159 -32.46 34.02 -60.17
N ILE D 160 -31.68 35.09 -60.25
CA ILE D 160 -31.44 35.90 -59.07
C ILE D 160 -31.49 37.41 -59.36
N SER D 161 -32.24 38.11 -58.51
CA SER D 161 -32.46 39.54 -58.64
C SER D 161 -31.20 40.34 -58.33
N LEU D 162 -30.91 41.32 -59.16
CA LEU D 162 -29.72 42.17 -58.97
C LEU D 162 -29.77 42.94 -57.65
N LYS D 163 -30.97 43.16 -57.12
CA LYS D 163 -31.11 43.74 -55.80
C LYS D 163 -30.51 42.79 -54.79
N GLU D 164 -31.03 41.55 -54.78
CA GLU D 164 -30.55 40.52 -53.87
C GLU D 164 -29.09 40.18 -54.15
N LEU D 165 -28.70 40.25 -55.41
CA LEU D 165 -27.32 40.01 -55.80
C LEU D 165 -26.43 41.06 -55.15
N ASP D 166 -26.92 42.31 -55.14
CA ASP D 166 -26.15 43.44 -54.65
C ASP D 166 -26.15 43.50 -53.13
N PHE D 167 -27.24 43.05 -52.51
CA PHE D 167 -27.37 43.06 -51.06
C PHE D 167 -26.41 42.07 -50.38
N LYS D 168 -26.26 40.87 -50.95
CA LYS D 168 -25.35 39.85 -50.40
C LYS D 168 -23.88 40.11 -50.81
N ILE D 169 -23.68 40.70 -51.99
CA ILE D 169 -22.35 41.13 -52.47
C ILE D 169 -21.73 42.21 -51.59
N ARG D 170 -22.58 43.01 -50.97
CA ARG D 170 -22.13 44.06 -50.06
C ARG D 170 -22.21 43.66 -48.59
N GLN D 171 -23.20 42.83 -48.24
CA GLN D 171 -23.32 42.30 -46.87
C GLN D 171 -22.02 41.59 -46.50
N GLN D 172 -21.47 40.87 -47.49
CA GLN D 172 -20.24 40.11 -47.33
C GLN D 172 -18.99 40.99 -47.17
N LEU D 173 -18.89 42.02 -48.01
CA LEU D 173 -17.80 42.99 -47.91
C LEU D 173 -17.83 43.72 -46.56
N VAL D 174 -19.03 44.04 -46.09
CA VAL D 174 -19.25 44.75 -44.82
C VAL D 174 -18.77 43.96 -43.61
N ASN D 175 -18.85 42.63 -43.70
CA ASN D 175 -18.57 41.77 -42.56
C ASN D 175 -17.26 41.02 -42.65
N ASN D 176 -16.59 41.11 -43.80
CA ASN D 176 -15.38 40.33 -44.01
C ASN D 176 -14.24 41.04 -44.75
N TYR D 177 -14.52 42.21 -45.34
CA TYR D 177 -13.47 42.94 -46.04
C TYR D 177 -13.32 44.39 -45.60
N GLY D 178 -13.86 44.69 -44.42
CA GLY D 178 -13.76 46.02 -43.85
C GLY D 178 -14.47 47.09 -44.67
N LEU D 179 -15.66 46.77 -45.16
CA LEU D 179 -16.42 47.73 -45.94
C LEU D 179 -17.30 48.62 -45.05
N TYR D 180 -17.44 49.87 -45.47
CA TYR D 180 -18.25 50.86 -44.76
C TYR D 180 -17.79 51.10 -43.32
N LYS D 181 -16.48 51.08 -43.11
CA LYS D 181 -15.89 51.26 -41.79
C LYS D 181 -14.54 51.95 -41.91
N GLY D 182 -14.54 53.28 -41.85
CA GLY D 182 -13.35 54.07 -42.08
C GLY D 182 -13.23 54.57 -43.51
N THR D 183 -12.03 54.50 -44.07
CA THR D 183 -11.82 54.93 -45.45
C THR D 183 -12.48 53.99 -46.46
N SER D 184 -13.19 52.96 -45.97
CA SER D 184 -13.84 51.98 -46.87
C SER D 184 -15.27 52.37 -47.25
N LYS D 185 -15.49 52.72 -48.51
CA LYS D 185 -16.80 53.17 -48.98
C LYS D 185 -16.91 53.37 -50.50
N TYR D 186 -15.78 53.55 -51.19
CA TYR D 186 -15.78 53.72 -52.64
C TYR D 186 -15.25 52.48 -53.39
N GLY D 187 -15.89 52.12 -54.50
CA GLY D 187 -15.45 50.99 -55.30
C GLY D 187 -16.43 50.56 -56.38
N LYS D 188 -16.07 49.50 -57.10
CA LYS D 188 -16.85 49.05 -58.25
C LYS D 188 -16.86 47.53 -58.39
N ILE D 189 -18.05 46.92 -58.34
CA ILE D 189 -18.20 45.48 -58.48
C ILE D 189 -18.38 45.07 -59.94
N ILE D 190 -17.39 44.40 -60.52
CA ILE D 190 -17.51 43.95 -61.91
C ILE D 190 -17.98 42.49 -62.03
N ILE D 191 -19.30 42.31 -62.12
CA ILE D 191 -19.86 40.97 -62.33
C ILE D 191 -19.54 40.54 -63.75
N ASN D 192 -18.95 39.36 -63.91
CA ASN D 192 -18.80 38.80 -65.24
C ASN D 192 -20.04 37.98 -65.61
N LEU D 193 -20.37 37.95 -66.90
CA LEU D 193 -21.57 37.28 -67.37
C LEU D 193 -21.29 36.56 -68.69
N LYS D 194 -20.34 37.11 -69.43
CA LYS D 194 -19.84 36.47 -70.64
C LYS D 194 -18.56 37.15 -71.09
N ASP D 195 -17.92 36.56 -72.09
CA ASP D 195 -16.58 36.98 -72.54
C ASP D 195 -16.43 38.50 -72.63
N GLU D 196 -17.55 39.20 -72.80
CA GLU D 196 -17.49 40.61 -73.14
C GLU D 196 -18.50 41.49 -72.41
N ASN D 197 -19.10 40.97 -71.35
CA ASN D 197 -20.12 41.75 -70.65
C ASN D 197 -19.87 41.84 -69.16
N LYS D 198 -20.34 42.93 -68.56
CA LYS D 198 -20.22 43.14 -67.13
C LYS D 198 -21.22 44.17 -66.59
N VAL D 199 -21.83 43.85 -65.45
CA VAL D 199 -22.75 44.77 -64.75
C VAL D 199 -22.13 45.33 -63.47
N GLU D 200 -21.80 46.63 -63.50
CA GLU D 200 -21.11 47.28 -62.39
C GLU D 200 -22.05 47.88 -61.34
N ILE D 201 -21.53 48.09 -60.13
CA ILE D 201 -22.29 48.73 -59.06
C ILE D 201 -21.40 49.61 -58.21
N ASP D 202 -21.52 50.93 -58.39
CA ASP D 202 -20.77 51.86 -57.56
C ASP D 202 -21.12 51.53 -56.12
N LEU D 203 -20.14 51.66 -55.23
CA LEU D 203 -20.34 51.40 -53.83
C LEU D 203 -20.56 52.70 -53.08
N GLY D 204 -20.33 53.81 -53.76
CA GLY D 204 -20.47 55.14 -53.16
C GLY D 204 -21.90 55.55 -52.86
N ASP D 205 -22.86 54.79 -53.36
CA ASP D 205 -24.27 55.12 -53.20
C ASP D 205 -25.14 53.94 -53.63
N LYS D 206 -26.31 53.80 -52.99
CA LYS D 206 -27.26 52.77 -53.35
C LYS D 206 -28.42 53.35 -54.15
N LEU D 207 -28.11 54.18 -55.14
CA LEU D 207 -29.12 54.91 -55.91
C LEU D 207 -29.74 54.10 -57.07
N GLN D 208 -29.50 52.78 -57.08
CA GLN D 208 -29.93 51.93 -58.18
C GLN D 208 -31.31 51.28 -57.96
N PHE D 209 -32.31 52.09 -57.67
CA PHE D 209 -33.67 51.60 -57.43
C PHE D 209 -34.27 50.90 -58.65
N GLU D 210 -34.01 51.45 -59.85
CA GLU D 210 -34.72 51.03 -61.07
C GLU D 210 -34.21 49.74 -61.76
N ARG D 211 -32.92 49.44 -61.60
CA ARG D 211 -32.38 48.19 -62.15
C ARG D 211 -32.56 47.06 -61.14
N MET D 212 -32.94 47.41 -59.92
CA MET D 212 -33.22 46.44 -58.88
C MET D 212 -34.35 45.50 -59.32
N GLY D 213 -34.85 45.76 -60.52
CA GLY D 213 -35.83 44.90 -61.15
C GLY D 213 -35.17 43.89 -62.06
N ASP D 214 -34.09 44.29 -62.71
CA ASP D 214 -33.29 43.39 -63.57
C ASP D 214 -33.17 42.01 -62.90
N VAL D 215 -33.06 40.94 -63.69
CA VAL D 215 -32.88 39.58 -63.16
C VAL D 215 -31.72 38.85 -63.86
N LEU D 216 -31.18 37.82 -63.20
CA LEU D 216 -29.96 37.17 -63.70
C LEU D 216 -30.02 35.64 -63.73
N ASN D 217 -29.44 35.07 -64.78
CA ASN D 217 -29.30 33.63 -64.91
C ASN D 217 -28.13 33.11 -64.08
N SER D 218 -28.41 32.27 -63.10
CA SER D 218 -27.39 31.80 -62.18
C SER D 218 -26.17 31.19 -62.89
N LYS D 219 -26.41 30.19 -63.74
CA LYS D 219 -25.32 29.47 -64.39
C LYS D 219 -24.48 30.32 -65.35
N ASP D 220 -25.02 31.48 -65.72
CA ASP D 220 -24.33 32.35 -66.67
C ASP D 220 -23.09 33.03 -66.06
N ILE D 221 -23.21 33.49 -64.82
CA ILE D 221 -22.16 34.29 -64.14
C ILE D 221 -20.81 33.56 -64.07
N ARG D 222 -19.83 34.09 -64.80
CA ARG D 222 -18.51 33.46 -64.88
C ARG D 222 -17.64 33.72 -63.63
N GLY D 223 -17.67 34.95 -63.13
CA GLY D 223 -16.94 35.29 -61.90
C GLY D 223 -16.94 36.76 -61.55
N ILE D 224 -17.35 37.07 -60.32
CA ILE D 224 -17.27 38.43 -59.77
C ILE D 224 -15.83 38.90 -59.48
N SER D 225 -15.65 40.22 -59.48
CA SER D 225 -14.36 40.83 -59.19
C SER D 225 -14.57 42.26 -58.66
N VAL D 226 -14.24 42.47 -57.38
CA VAL D 226 -14.37 43.80 -56.74
C VAL D 226 -13.02 44.49 -56.59
N THR D 227 -13.04 45.82 -56.57
CA THR D 227 -11.85 46.61 -56.29
C THR D 227 -12.22 47.76 -55.36
N ILE D 228 -11.65 47.76 -54.16
CA ILE D 228 -11.93 48.79 -53.15
C ILE D 228 -10.85 49.87 -53.08
N ASN D 229 -11.25 51.10 -53.37
CA ASN D 229 -10.40 52.28 -53.19
C ASN D 229 -10.74 53.10 -51.94
N GLN D 230 -9.83 53.11 -50.97
CA GLN D 230 -10.05 53.80 -49.70
C GLN D 230 -9.52 55.22 -49.71
#